data_2YUJ
#
_entry.id   2YUJ
#
_entity_poly.entity_id   1
_entity_poly.type   'polypeptide(L)'
_entity_poly.pdbx_seq_one_letter_code
;GSSGSSGIPRVFQNRFSTQYRCFSVSMLAGPNDRSDVEKGGKIIMPPSALDQLSRLNITYPMLFKLTNKNSDRMTHCGVL
EFVADEGICYLPHWMMQNLLLEEGGLVQVESVNLQVATYSKFQPQSPDFLDITNPKAVLENALRNFACLTTGDVIAINYN
EKIYELRVMETKPDKAVSIIECDMNVDFDA
;
_entity_poly.pdbx_strand_id   A
#
# COMPACT_ATOMS: atom_id res chain seq x y z
N GLY A 1 18.65 -20.13 -7.53
CA GLY A 1 19.26 -21.44 -7.88
C GLY A 1 18.99 -22.51 -6.83
N SER A 2 17.76 -23.00 -6.81
CA SER A 2 17.37 -24.03 -5.86
C SER A 2 16.49 -25.09 -6.53
N SER A 3 16.45 -26.28 -5.94
CA SER A 3 15.65 -27.38 -6.48
C SER A 3 14.40 -27.59 -5.64
N GLY A 4 13.31 -26.91 -6.02
CA GLY A 4 12.06 -27.03 -5.30
C GLY A 4 11.01 -26.07 -5.78
N SER A 5 11.25 -24.78 -5.60
CA SER A 5 10.32 -23.75 -6.02
C SER A 5 8.97 -23.92 -5.32
N SER A 6 8.86 -23.36 -4.12
CA SER A 6 7.62 -23.44 -3.35
C SER A 6 6.55 -22.55 -3.95
N GLY A 7 6.90 -21.31 -4.21
CA GLY A 7 5.94 -20.37 -4.79
C GLY A 7 6.26 -20.02 -6.23
N ILE A 8 7.13 -20.80 -6.86
CA ILE A 8 7.52 -20.55 -8.24
C ILE A 8 8.08 -19.15 -8.42
N PRO A 9 9.31 -18.91 -7.94
CA PRO A 9 9.97 -17.61 -8.05
C PRO A 9 9.99 -17.09 -9.49
N ARG A 10 10.38 -15.83 -9.65
CA ARG A 10 10.45 -15.21 -10.97
C ARG A 10 11.26 -13.93 -10.93
N VAL A 11 12.27 -13.90 -10.06
CA VAL A 11 13.13 -12.73 -9.93
C VAL A 11 14.53 -13.00 -10.48
N PHE A 12 14.96 -12.18 -11.44
CA PHE A 12 16.28 -12.34 -12.04
C PHE A 12 16.99 -10.99 -12.14
N GLN A 13 16.29 -9.98 -12.63
CA GLN A 13 16.87 -8.65 -12.78
C GLN A 13 17.28 -8.10 -11.42
N ASN A 14 17.77 -6.86 -11.42
CA ASN A 14 18.21 -6.21 -10.19
C ASN A 14 17.10 -5.37 -9.59
N ARG A 15 16.58 -5.79 -8.45
CA ARG A 15 15.51 -5.07 -7.77
C ARG A 15 15.22 -5.67 -6.40
N PHE A 16 14.59 -4.89 -5.54
CA PHE A 16 14.25 -5.35 -4.20
C PHE A 16 13.16 -6.42 -4.24
N SER A 17 13.47 -7.60 -3.73
CA SER A 17 12.52 -8.71 -3.71
C SER A 17 12.80 -9.65 -2.55
N THR A 18 12.00 -9.52 -1.49
CA THR A 18 12.15 -10.36 -0.31
C THR A 18 10.92 -10.28 0.58
N GLN A 19 10.88 -11.13 1.60
CA GLN A 19 9.76 -11.15 2.54
C GLN A 19 10.07 -10.33 3.78
N TYR A 20 9.02 -9.88 4.46
CA TYR A 20 9.18 -9.09 5.67
C TYR A 20 8.07 -9.39 6.68
N ARG A 21 8.39 -9.30 7.96
CA ARG A 21 7.42 -9.56 9.02
C ARG A 21 6.48 -8.37 9.21
N CYS A 22 5.22 -8.57 8.85
CA CYS A 22 4.22 -7.50 8.99
C CYS A 22 3.78 -7.35 10.44
N PHE A 23 3.81 -6.13 10.94
CA PHE A 23 3.41 -5.85 12.32
C PHE A 23 2.54 -4.60 12.39
N SER A 24 1.98 -4.34 13.56
CA SER A 24 1.11 -3.19 13.76
C SER A 24 1.94 -1.92 13.96
N VAL A 25 1.29 -0.77 13.79
CA VAL A 25 1.95 0.52 13.95
C VAL A 25 2.08 0.90 15.43
N SER A 26 1.10 0.48 16.23
CA SER A 26 1.09 0.78 17.66
C SER A 26 2.30 0.16 18.34
N MET A 27 2.78 -0.96 17.81
CA MET A 27 3.94 -1.65 18.37
C MET A 27 5.16 -0.74 18.40
N LEU A 28 5.19 0.23 17.49
CA LEU A 28 6.31 1.17 17.41
C LEU A 28 6.49 1.91 18.74
N ALA A 29 7.70 2.40 18.99
CA ALA A 29 8.01 3.12 20.21
C ALA A 29 7.12 4.34 20.36
N GLY A 30 7.28 5.05 21.48
CA GLY A 30 6.49 6.24 21.72
C GLY A 30 5.48 6.04 22.85
N PRO A 31 5.14 7.12 23.58
CA PRO A 31 4.18 7.05 24.69
C PRO A 31 2.75 6.79 24.21
N ASN A 32 2.39 7.42 23.10
CA ASN A 32 1.06 7.26 22.52
C ASN A 32 1.12 6.55 21.18
N ASP A 33 -0.04 6.15 20.67
CA ASP A 33 -0.12 5.46 19.40
C ASP A 33 -0.63 6.40 18.29
N ARG A 34 0.10 6.45 17.19
CA ARG A 34 -0.27 7.30 16.07
C ARG A 34 -1.49 6.73 15.33
N SER A 35 -2.47 7.59 15.07
CA SER A 35 -3.68 7.16 14.37
C SER A 35 -3.71 7.70 12.95
N ASP A 36 -3.06 8.86 12.74
CA ASP A 36 -3.02 9.48 11.43
C ASP A 36 -2.40 8.54 10.40
N VAL A 37 -1.42 7.75 10.83
CA VAL A 37 -0.75 6.80 9.95
C VAL A 37 -1.74 5.79 9.39
N GLU A 38 -2.55 5.21 10.27
CA GLU A 38 -3.54 4.22 9.87
C GLU A 38 -4.53 4.80 8.86
N LYS A 39 -4.79 6.11 8.99
CA LYS A 39 -5.71 6.79 8.10
C LYS A 39 -5.02 7.19 6.80
N GLY A 40 -4.52 6.19 6.08
CA GLY A 40 -3.84 6.45 4.82
C GLY A 40 -3.12 5.23 4.28
N GLY A 41 -2.29 5.43 3.27
CA GLY A 41 -1.57 4.32 2.67
C GLY A 41 -0.06 4.50 2.78
N LYS A 42 0.44 4.60 4.00
CA LYS A 42 1.87 4.78 4.23
C LYS A 42 2.38 3.78 5.27
N ILE A 43 3.56 3.24 5.05
CA ILE A 43 4.15 2.27 5.97
C ILE A 43 5.57 2.70 6.37
N ILE A 44 6.20 1.89 7.20
CA ILE A 44 7.56 2.17 7.67
C ILE A 44 8.46 0.96 7.51
N MET A 45 9.51 1.10 6.70
CA MET A 45 10.45 0.02 6.46
C MET A 45 11.78 0.28 7.15
N PRO A 46 12.52 -0.78 7.52
CA PRO A 46 13.81 -0.65 8.19
C PRO A 46 14.78 0.25 7.41
N PRO A 47 15.71 0.92 8.12
CA PRO A 47 16.70 1.81 7.49
C PRO A 47 17.48 1.10 6.38
N SER A 48 17.65 -0.21 6.51
CA SER A 48 18.38 -0.99 5.52
C SER A 48 17.71 -0.89 4.15
N ALA A 49 16.39 -0.73 4.15
CA ALA A 49 15.64 -0.61 2.91
C ALA A 49 16.11 0.58 2.08
N LEU A 50 16.43 1.67 2.75
CA LEU A 50 16.90 2.88 2.07
C LEU A 50 18.24 2.62 1.38
N ASP A 51 19.14 1.94 2.08
CA ASP A 51 20.45 1.64 1.53
C ASP A 51 20.34 0.70 0.33
N GLN A 52 19.45 -0.29 0.45
CA GLN A 52 19.25 -1.25 -0.63
C GLN A 52 18.68 -0.57 -1.87
N LEU A 53 17.56 0.13 -1.70
CA LEU A 53 16.92 0.83 -2.81
C LEU A 53 17.87 1.82 -3.46
N SER A 54 18.79 2.36 -2.67
CA SER A 54 19.76 3.33 -3.17
C SER A 54 20.75 2.66 -4.12
N ARG A 55 21.00 1.38 -3.91
CA ARG A 55 21.93 0.62 -4.74
C ARG A 55 21.20 -0.08 -5.88
N LEU A 56 19.89 -0.28 -5.72
CA LEU A 56 19.07 -0.94 -6.73
C LEU A 56 18.75 0.01 -7.88
N ASN A 57 19.18 1.26 -7.77
CA ASN A 57 18.92 2.26 -8.81
C ASN A 57 17.43 2.55 -8.93
N ILE A 58 16.72 2.44 -7.82
CA ILE A 58 15.27 2.69 -7.81
C ILE A 58 14.97 4.11 -7.31
N THR A 59 14.19 4.84 -8.08
CA THR A 59 13.81 6.21 -7.72
C THR A 59 12.31 6.32 -7.50
N TYR A 60 11.87 7.51 -7.12
CA TYR A 60 10.45 7.76 -6.86
C TYR A 60 9.64 7.65 -8.16
N PRO A 61 8.44 7.05 -8.11
CA PRO A 61 7.87 6.48 -6.87
C PRO A 61 8.50 5.16 -6.50
N MET A 62 8.24 4.71 -5.27
CA MET A 62 8.79 3.45 -4.78
C MET A 62 7.72 2.63 -4.08
N LEU A 63 6.90 1.94 -4.86
CA LEU A 63 5.83 1.11 -4.31
C LEU A 63 6.24 -0.36 -4.27
N PHE A 64 5.66 -1.10 -3.34
CA PHE A 64 5.97 -2.52 -3.20
C PHE A 64 4.75 -3.38 -3.51
N LYS A 65 4.99 -4.64 -3.84
CA LYS A 65 3.91 -5.56 -4.17
C LYS A 65 3.77 -6.65 -3.11
N LEU A 66 2.86 -6.42 -2.16
CA LEU A 66 2.64 -7.39 -1.08
C LEU A 66 1.74 -8.52 -1.55
N THR A 67 2.35 -9.66 -1.84
CA THR A 67 1.61 -10.84 -2.29
C THR A 67 1.40 -11.82 -1.16
N ASN A 68 0.18 -11.89 -0.65
CA ASN A 68 -0.15 -12.80 0.44
C ASN A 68 -0.29 -14.24 -0.06
N LYS A 69 0.50 -15.15 0.51
CA LYS A 69 0.46 -16.54 0.11
C LYS A 69 -0.39 -17.36 1.08
N ASN A 70 -1.41 -16.72 1.65
CA ASN A 70 -2.29 -17.39 2.60
C ASN A 70 -3.70 -17.52 2.03
N SER A 71 -4.12 -16.49 1.30
CA SER A 71 -5.46 -16.48 0.70
C SER A 71 -5.42 -15.88 -0.70
N ASP A 72 -4.26 -15.96 -1.35
CA ASP A 72 -4.09 -15.43 -2.70
C ASP A 72 -4.45 -13.95 -2.75
N ARG A 73 -4.12 -13.23 -1.68
CA ARG A 73 -4.42 -11.79 -1.60
C ARG A 73 -3.29 -10.98 -2.22
N MET A 74 -3.63 -9.79 -2.69
CA MET A 74 -2.64 -8.90 -3.31
C MET A 74 -2.95 -7.44 -2.98
N THR A 75 -1.93 -6.71 -2.56
CA THR A 75 -2.09 -5.29 -2.21
C THR A 75 -0.79 -4.53 -2.44
N HIS A 76 -0.89 -3.39 -3.11
CA HIS A 76 0.27 -2.56 -3.40
C HIS A 76 0.26 -1.30 -2.56
N CYS A 77 1.25 -1.16 -1.68
CA CYS A 77 1.35 0.00 -0.81
C CYS A 77 2.61 0.80 -1.12
N GLY A 78 2.78 1.93 -0.44
CA GLY A 78 3.95 2.76 -0.64
C GLY A 78 4.62 3.15 0.66
N VAL A 79 5.94 3.07 0.68
CA VAL A 79 6.71 3.43 1.87
C VAL A 79 6.71 4.94 2.09
N LEU A 80 6.72 5.35 3.35
CA LEU A 80 6.74 6.77 3.70
C LEU A 80 7.99 7.13 4.49
N GLU A 81 8.13 6.54 5.67
CA GLU A 81 9.29 6.81 6.51
C GLU A 81 10.15 5.55 6.66
N PHE A 82 11.47 5.74 6.61
CA PHE A 82 12.40 4.62 6.73
C PHE A 82 13.03 4.59 8.12
N VAL A 83 12.24 4.20 9.11
CA VAL A 83 12.73 4.14 10.50
C VAL A 83 12.03 3.02 11.26
N ALA A 84 12.39 1.78 10.97
CA ALA A 84 11.80 0.63 11.63
C ALA A 84 12.87 -0.34 12.11
N ASP A 85 12.45 -1.37 12.83
CA ASP A 85 13.38 -2.37 13.35
C ASP A 85 13.68 -3.44 12.31
N GLU A 86 14.77 -4.15 12.49
CA GLU A 86 15.17 -5.21 11.56
C GLU A 86 14.24 -6.41 11.67
N GLY A 87 13.79 -6.90 10.51
CA GLY A 87 12.90 -8.04 10.49
C GLY A 87 11.56 -7.74 11.14
N ILE A 88 11.17 -6.47 11.15
CA ILE A 88 9.91 -6.06 11.74
C ILE A 88 9.33 -4.85 11.02
N CYS A 89 8.65 -5.10 9.91
CA CYS A 89 8.05 -4.03 9.13
C CYS A 89 6.73 -3.58 9.74
N TYR A 90 6.58 -2.27 9.91
CA TYR A 90 5.37 -1.71 10.49
C TYR A 90 4.39 -1.28 9.41
N LEU A 91 3.17 -1.80 9.48
CA LEU A 91 2.13 -1.47 8.50
C LEU A 91 0.82 -1.11 9.19
N PRO A 92 -0.05 -0.34 8.51
CA PRO A 92 -1.34 0.08 9.07
C PRO A 92 -2.15 -1.10 9.58
N HIS A 93 -3.38 -0.83 10.02
CA HIS A 93 -4.25 -1.86 10.54
C HIS A 93 -5.19 -2.37 9.45
N TRP A 94 -5.60 -1.48 8.56
CA TRP A 94 -6.49 -1.83 7.47
C TRP A 94 -5.85 -2.84 6.53
N MET A 95 -4.53 -2.74 6.38
CA MET A 95 -3.78 -3.64 5.51
C MET A 95 -3.69 -5.03 6.13
N MET A 96 -3.66 -5.08 7.45
CA MET A 96 -3.58 -6.35 8.16
C MET A 96 -4.90 -7.11 8.10
N GLN A 97 -5.99 -6.40 8.37
CA GLN A 97 -7.32 -7.00 8.35
C GLN A 97 -7.68 -7.46 6.94
N ASN A 98 -7.34 -6.65 5.94
CA ASN A 98 -7.62 -6.97 4.55
C ASN A 98 -6.88 -8.24 4.12
N LEU A 99 -5.62 -8.34 4.54
CA LEU A 99 -4.80 -9.50 4.20
C LEU A 99 -5.05 -10.65 5.18
N LEU A 100 -5.65 -10.35 6.32
CA LEU A 100 -5.94 -11.37 7.32
C LEU A 100 -4.66 -12.01 7.83
N LEU A 101 -3.59 -11.22 7.90
CA LEU A 101 -2.30 -11.72 8.36
C LEU A 101 -2.22 -11.69 9.89
N GLU A 102 -1.08 -12.11 10.43
CA GLU A 102 -0.88 -12.13 11.87
C GLU A 102 0.38 -11.36 12.25
N GLU A 103 0.55 -11.13 13.55
CA GLU A 103 1.72 -10.42 14.06
C GLU A 103 3.01 -11.14 13.69
N GLY A 104 3.79 -10.54 12.82
CA GLY A 104 5.04 -11.15 12.40
C GLY A 104 4.87 -12.09 11.23
N GLY A 105 3.97 -11.73 10.31
CA GLY A 105 3.72 -12.56 9.15
C GLY A 105 4.57 -12.17 7.96
N LEU A 106 5.30 -13.13 7.41
CA LEU A 106 6.16 -12.88 6.26
C LEU A 106 5.35 -12.80 4.98
N VAL A 107 5.57 -11.73 4.21
CA VAL A 107 4.85 -11.54 2.96
C VAL A 107 5.81 -11.17 1.83
N GLN A 108 5.64 -11.80 0.68
CA GLN A 108 6.49 -11.53 -0.48
C GLN A 108 6.39 -10.06 -0.90
N VAL A 109 7.53 -9.38 -0.91
CA VAL A 109 7.57 -7.97 -1.29
C VAL A 109 8.39 -7.77 -2.56
N GLU A 110 7.88 -6.97 -3.48
CA GLU A 110 8.56 -6.70 -4.73
C GLU A 110 8.45 -5.22 -5.10
N SER A 111 9.58 -4.62 -5.47
CA SER A 111 9.60 -3.20 -5.85
C SER A 111 9.12 -3.02 -7.28
N VAL A 112 7.84 -2.70 -7.43
CA VAL A 112 7.25 -2.49 -8.75
C VAL A 112 6.93 -1.03 -8.99
N ASN A 113 7.07 -0.59 -10.23
CA ASN A 113 6.79 0.80 -10.60
C ASN A 113 5.51 0.90 -11.41
N LEU A 114 4.47 1.49 -10.81
CA LEU A 114 3.18 1.65 -11.48
C LEU A 114 2.97 3.10 -11.90
N GLN A 115 1.82 3.36 -12.52
CA GLN A 115 1.49 4.71 -12.96
C GLN A 115 0.14 5.15 -12.40
N VAL A 116 -0.19 6.42 -12.59
CA VAL A 116 -1.46 6.96 -12.11
C VAL A 116 -2.64 6.23 -12.73
N ALA A 117 -3.81 6.36 -12.11
CA ALA A 117 -5.01 5.71 -12.61
C ALA A 117 -5.92 6.70 -13.34
N THR A 118 -6.64 6.21 -14.33
CA THR A 118 -7.55 7.05 -15.11
C THR A 118 -9.01 6.79 -14.70
N TYR A 119 -9.29 5.56 -14.31
CA TYR A 119 -10.65 5.18 -13.90
C TYR A 119 -10.60 4.25 -12.70
N SER A 120 -11.06 4.75 -11.55
CA SER A 120 -11.08 3.96 -10.33
C SER A 120 -12.49 3.85 -9.77
N LYS A 121 -12.98 2.62 -9.64
CA LYS A 121 -14.32 2.37 -9.13
C LYS A 121 -14.27 1.92 -7.67
N PHE A 122 -15.17 2.46 -6.85
CA PHE A 122 -15.22 2.10 -5.44
C PHE A 122 -16.58 1.53 -5.07
N GLN A 123 -16.59 0.67 -4.05
CA GLN A 123 -17.83 0.04 -3.61
C GLN A 123 -17.91 0.02 -2.08
N PRO A 124 -18.54 1.03 -1.48
CA PRO A 124 -18.68 1.11 -0.02
C PRO A 124 -19.19 -0.19 0.60
N GLN A 125 -18.39 -0.77 1.47
CA GLN A 125 -18.76 -2.02 2.13
C GLN A 125 -19.83 -1.78 3.19
N SER A 126 -19.77 -0.61 3.83
CA SER A 126 -20.73 -0.26 4.87
C SER A 126 -21.75 0.75 4.34
N PRO A 127 -23.00 0.69 4.84
CA PRO A 127 -24.07 1.60 4.42
C PRO A 127 -23.85 3.02 4.93
N ASP A 128 -23.01 3.16 5.95
CA ASP A 128 -22.73 4.47 6.54
C ASP A 128 -22.24 5.45 5.48
N PHE A 129 -21.33 4.99 4.63
CA PHE A 129 -20.77 5.83 3.58
C PHE A 129 -21.82 6.12 2.51
N LEU A 130 -22.55 5.09 2.10
CA LEU A 130 -23.59 5.23 1.08
C LEU A 130 -24.66 6.23 1.54
N ASP A 131 -24.88 6.28 2.85
CA ASP A 131 -25.88 7.19 3.41
C ASP A 131 -25.46 8.65 3.22
N ILE A 132 -24.14 8.88 3.11
CA ILE A 132 -23.62 10.23 2.93
C ILE A 132 -24.17 10.86 1.65
N THR A 133 -24.55 12.12 1.74
CA THR A 133 -25.09 12.84 0.59
C THR A 133 -24.00 13.09 -0.45
N ASN A 134 -22.78 13.29 0.02
CA ASN A 134 -21.66 13.55 -0.87
C ASN A 134 -20.52 12.56 -0.62
N PRO A 135 -20.65 11.33 -1.15
CA PRO A 135 -19.63 10.29 -0.98
C PRO A 135 -18.36 10.58 -1.77
N LYS A 136 -18.51 11.31 -2.87
CA LYS A 136 -17.37 11.66 -3.71
C LYS A 136 -16.42 12.58 -2.98
N ALA A 137 -16.96 13.59 -2.31
CA ALA A 137 -16.16 14.55 -1.56
C ALA A 137 -15.41 13.87 -0.42
N VAL A 138 -16.07 12.91 0.23
CA VAL A 138 -15.46 12.19 1.34
C VAL A 138 -14.40 11.23 0.85
N LEU A 139 -14.68 10.55 -0.27
CA LEU A 139 -13.75 9.59 -0.85
C LEU A 139 -12.57 10.31 -1.50
N GLU A 140 -12.83 11.48 -2.06
CA GLU A 140 -11.79 12.27 -2.72
C GLU A 140 -10.90 12.97 -1.69
N ASN A 141 -11.48 13.29 -0.54
CA ASN A 141 -10.74 13.96 0.52
C ASN A 141 -9.81 12.98 1.25
N ALA A 142 -10.22 11.72 1.30
CA ALA A 142 -9.44 10.69 1.96
C ALA A 142 -8.44 10.06 1.00
N LEU A 143 -8.83 9.94 -0.27
CA LEU A 143 -7.97 9.36 -1.29
C LEU A 143 -6.67 10.14 -1.42
N ARG A 144 -6.73 11.44 -1.11
CA ARG A 144 -5.55 12.30 -1.19
C ARG A 144 -4.41 11.76 -0.33
N ASN A 145 -4.76 11.06 0.74
CA ASN A 145 -3.76 10.49 1.64
C ASN A 145 -3.17 9.21 1.06
N PHE A 146 -4.00 8.42 0.38
CA PHE A 146 -3.57 7.18 -0.22
C PHE A 146 -2.60 7.44 -1.38
N ALA A 147 -1.60 6.57 -1.52
CA ALA A 147 -0.61 6.71 -2.57
C ALA A 147 -0.76 5.61 -3.62
N CYS A 148 -1.33 4.48 -3.21
CA CYS A 148 -1.53 3.36 -4.12
C CYS A 148 -2.91 2.74 -3.92
N LEU A 149 -3.39 2.02 -4.94
CA LEU A 149 -4.69 1.37 -4.88
C LEU A 149 -4.72 0.12 -5.74
N THR A 150 -5.34 -0.94 -5.23
CA THR A 150 -5.43 -2.20 -5.96
C THR A 150 -6.89 -2.61 -6.13
N THR A 151 -7.13 -3.50 -7.10
CA THR A 151 -8.48 -3.98 -7.37
C THR A 151 -8.94 -4.95 -6.27
N GLY A 152 -9.79 -4.45 -5.39
CA GLY A 152 -10.30 -5.29 -4.31
C GLY A 152 -9.54 -5.08 -3.01
N ASP A 153 -9.16 -3.84 -2.75
CA ASP A 153 -8.41 -3.51 -1.54
C ASP A 153 -9.32 -2.80 -0.53
N VAL A 154 -9.66 -3.51 0.54
CA VAL A 154 -10.51 -2.95 1.58
C VAL A 154 -9.79 -1.87 2.37
N ILE A 155 -9.84 -0.64 1.86
CA ILE A 155 -9.19 0.49 2.51
C ILE A 155 -10.16 1.22 3.44
N ALA A 156 -9.72 1.48 4.67
CA ALA A 156 -10.54 2.17 5.65
C ALA A 156 -10.16 3.64 5.75
N ILE A 157 -11.16 4.50 5.93
CA ILE A 157 -10.94 5.93 6.04
C ILE A 157 -11.59 6.50 7.30
N ASN A 158 -11.03 7.59 7.80
CA ASN A 158 -11.55 8.23 9.00
C ASN A 158 -11.42 9.75 8.91
N TYR A 159 -12.47 10.45 9.31
CA TYR A 159 -12.46 11.91 9.27
C TYR A 159 -13.37 12.48 10.36
N ASN A 160 -14.60 11.98 10.43
CA ASN A 160 -15.56 12.45 11.42
C ASN A 160 -15.58 11.52 12.63
N GLU A 161 -14.40 11.14 13.09
CA GLU A 161 -14.28 10.25 14.25
C GLU A 161 -14.96 8.91 13.97
N LYS A 162 -14.96 8.50 12.72
CA LYS A 162 -15.58 7.23 12.33
C LYS A 162 -14.79 6.57 11.20
N ILE A 163 -14.62 5.25 11.30
CA ILE A 163 -13.88 4.50 10.29
C ILE A 163 -14.83 3.92 9.25
N TYR A 164 -14.83 4.51 8.07
CA TYR A 164 -15.69 4.05 6.98
C TYR A 164 -14.96 3.04 6.10
N GLU A 165 -15.51 1.82 6.04
CA GLU A 165 -14.90 0.77 5.23
C GLU A 165 -15.20 0.97 3.74
N LEU A 166 -14.15 1.01 2.94
CA LEU A 166 -14.29 1.20 1.50
C LEU A 166 -13.43 0.21 0.73
N ARG A 167 -14.04 -0.50 -0.22
CA ARG A 167 -13.32 -1.48 -1.03
C ARG A 167 -13.42 -1.14 -2.51
N VAL A 168 -12.29 -1.19 -3.21
CA VAL A 168 -12.27 -0.90 -4.64
C VAL A 168 -12.77 -2.08 -5.45
N MET A 169 -13.55 -1.79 -6.48
CA MET A 169 -14.10 -2.83 -7.35
C MET A 169 -13.30 -2.96 -8.63
N GLU A 170 -13.04 -1.83 -9.28
CA GLU A 170 -12.29 -1.82 -10.53
C GLU A 170 -11.32 -0.64 -10.57
N THR A 171 -10.23 -0.80 -11.33
CA THR A 171 -9.23 0.25 -11.45
C THR A 171 -8.57 0.20 -12.83
N LYS A 172 -7.99 1.33 -13.24
CA LYS A 172 -7.33 1.42 -14.54
C LYS A 172 -6.01 2.18 -14.42
N PRO A 173 -5.05 1.91 -15.33
CA PRO A 173 -5.21 0.92 -16.40
C PRO A 173 -5.06 -0.50 -15.90
N ASP A 174 -4.19 -0.70 -14.92
CA ASP A 174 -3.96 -2.02 -14.35
C ASP A 174 -4.58 -2.13 -12.95
N LYS A 175 -4.46 -3.30 -12.35
CA LYS A 175 -4.99 -3.54 -11.01
C LYS A 175 -4.37 -2.59 -10.00
N ALA A 176 -3.05 -2.49 -10.03
CA ALA A 176 -2.32 -1.61 -9.12
C ALA A 176 -1.96 -0.29 -9.79
N VAL A 177 -2.26 0.82 -9.12
CA VAL A 177 -1.98 2.14 -9.65
C VAL A 177 -1.34 3.03 -8.59
N SER A 178 -0.70 4.11 -9.04
CA SER A 178 -0.05 5.05 -8.13
C SER A 178 -0.65 6.44 -8.26
N ILE A 179 -1.63 6.75 -7.40
CA ILE A 179 -2.28 8.04 -7.43
C ILE A 179 -1.45 9.10 -6.70
N ILE A 180 -0.48 9.68 -7.41
CA ILE A 180 0.39 10.69 -6.83
C ILE A 180 0.20 12.03 -7.54
N GLU A 181 -0.79 12.79 -7.11
CA GLU A 181 -1.08 14.10 -7.70
C GLU A 181 -1.44 13.95 -9.17
N CYS A 182 -2.72 13.73 -9.44
CA CYS A 182 -3.19 13.58 -10.82
C CYS A 182 -4.69 13.84 -10.91
N ASP A 183 -5.23 13.80 -12.12
CA ASP A 183 -6.65 14.03 -12.34
C ASP A 183 -7.31 12.80 -12.98
N MET A 184 -8.09 12.09 -12.18
CA MET A 184 -8.78 10.89 -12.66
C MET A 184 -10.28 10.98 -12.38
N ASN A 185 -11.00 9.94 -12.79
CA ASN A 185 -12.45 9.90 -12.59
C ASN A 185 -12.83 8.73 -11.69
N VAL A 186 -13.49 9.04 -10.58
CA VAL A 186 -13.92 8.03 -9.63
C VAL A 186 -15.39 7.67 -9.83
N ASP A 187 -15.66 6.40 -10.08
CA ASP A 187 -17.02 5.92 -10.29
C ASP A 187 -17.55 5.21 -9.05
N PHE A 188 -18.79 4.74 -9.13
CA PHE A 188 -19.40 4.04 -8.01
C PHE A 188 -20.03 2.72 -8.48
N ASP A 189 -20.22 1.79 -7.55
CA ASP A 189 -20.81 0.50 -7.86
C ASP A 189 -21.67 0.01 -6.71
N ALA A 190 -22.94 0.40 -6.73
CA ALA A 190 -23.89 0.00 -5.68
C ALA A 190 -25.27 -0.24 -6.27
N GLY A 1 45.66 -8.63 1.83
CA GLY A 1 44.91 -8.03 0.69
C GLY A 1 44.26 -6.70 1.05
N SER A 2 43.48 -6.71 2.13
CA SER A 2 42.80 -5.50 2.58
C SER A 2 43.09 -5.23 4.05
N SER A 3 42.58 -4.10 4.56
CA SER A 3 42.79 -3.73 5.95
C SER A 3 41.48 -3.30 6.59
N GLY A 4 40.73 -2.45 5.89
CA GLY A 4 39.47 -1.97 6.41
C GLY A 4 38.55 -1.46 5.31
N SER A 5 38.30 -2.30 4.31
CA SER A 5 37.42 -1.93 3.21
C SER A 5 36.47 -3.07 2.86
N SER A 6 35.23 -2.71 2.54
CA SER A 6 34.21 -3.70 2.19
C SER A 6 33.17 -3.10 1.26
N GLY A 7 32.40 -3.97 0.61
CA GLY A 7 31.37 -3.50 -0.30
C GLY A 7 31.03 -4.53 -1.35
N ILE A 8 29.77 -4.52 -1.80
CA ILE A 8 29.31 -5.46 -2.83
C ILE A 8 28.41 -4.77 -3.85
N PRO A 9 28.97 -4.34 -4.98
CA PRO A 9 28.20 -3.66 -6.03
C PRO A 9 27.22 -4.59 -6.72
N ARG A 10 25.95 -4.21 -6.70
CA ARG A 10 24.89 -5.01 -7.32
C ARG A 10 24.80 -6.38 -6.67
N VAL A 11 23.95 -6.50 -5.66
CA VAL A 11 23.76 -7.77 -4.96
C VAL A 11 22.63 -8.58 -5.57
N PHE A 12 22.95 -9.33 -6.62
CA PHE A 12 21.95 -10.16 -7.31
C PHE A 12 20.82 -9.30 -7.86
N GLN A 13 20.88 -9.03 -9.17
CA GLN A 13 19.86 -8.22 -9.83
C GLN A 13 19.78 -6.83 -9.21
N ASN A 14 18.91 -5.99 -9.77
CA ASN A 14 18.73 -4.64 -9.27
C ASN A 14 17.26 -4.37 -8.91
N ARG A 15 16.66 -5.32 -8.21
CA ARG A 15 15.26 -5.19 -7.81
C ARG A 15 15.05 -5.73 -6.39
N PHE A 16 14.24 -5.02 -5.61
CA PHE A 16 13.95 -5.42 -4.24
C PHE A 16 12.96 -6.58 -4.21
N SER A 17 13.47 -7.78 -3.93
CA SER A 17 12.62 -8.96 -3.87
C SER A 17 13.00 -9.84 -2.68
N THR A 18 12.30 -9.65 -1.56
CA THR A 18 12.57 -10.43 -0.36
C THR A 18 11.34 -10.47 0.54
N GLN A 19 11.43 -11.23 1.62
CA GLN A 19 10.32 -11.36 2.57
C GLN A 19 10.58 -10.52 3.82
N TYR A 20 9.51 -10.08 4.47
CA TYR A 20 9.61 -9.27 5.68
C TYR A 20 8.47 -9.57 6.63
N ARG A 21 8.75 -9.48 7.93
CA ARG A 21 7.73 -9.73 8.95
C ARG A 21 6.75 -8.57 9.04
N CYS A 22 5.46 -8.91 9.13
CA CYS A 22 4.42 -7.90 9.22
C CYS A 22 4.00 -7.68 10.67
N PHE A 23 3.92 -6.42 11.07
CA PHE A 23 3.53 -6.07 12.44
C PHE A 23 2.72 -4.78 12.47
N SER A 24 1.94 -4.61 13.53
CA SER A 24 1.12 -3.42 13.68
C SER A 24 1.94 -2.24 14.21
N VAL A 25 1.41 -1.04 14.03
CA VAL A 25 2.10 0.16 14.50
C VAL A 25 2.21 0.19 16.02
N SER A 26 1.21 -0.40 16.68
CA SER A 26 1.19 -0.44 18.14
C SER A 26 2.41 -1.17 18.68
N MET A 27 2.89 -2.16 17.91
CA MET A 27 4.06 -2.93 18.31
C MET A 27 5.31 -2.05 18.39
N LEU A 28 5.31 -0.99 17.59
CA LEU A 28 6.45 -0.07 17.57
C LEU A 28 6.74 0.49 18.97
N ALA A 29 5.77 1.23 19.52
CA ALA A 29 5.92 1.82 20.84
C ALA A 29 4.59 2.32 21.37
N GLY A 30 3.99 3.26 20.64
CA GLY A 30 2.72 3.82 21.05
C GLY A 30 1.54 3.18 20.34
N PRO A 31 0.37 3.11 20.99
CA PRO A 31 -0.83 2.51 20.39
C PRO A 31 -1.41 3.38 19.27
N ASN A 32 -1.51 4.67 19.52
CA ASN A 32 -2.05 5.61 18.54
C ASN A 32 -1.17 6.85 18.44
N ASP A 33 -0.77 7.19 17.23
CA ASP A 33 0.07 8.36 16.99
C ASP A 33 -0.32 9.05 15.69
N ARG A 34 -0.83 10.28 15.81
CA ARG A 34 -1.24 11.06 14.64
C ARG A 34 -2.34 10.33 13.87
N SER A 35 -2.96 11.04 12.93
CA SER A 35 -4.02 10.46 12.12
C SER A 35 -3.59 10.32 10.66
N ASP A 36 -2.29 10.12 10.45
CA ASP A 36 -1.75 9.96 9.11
C ASP A 36 -1.17 8.56 8.91
N VAL A 37 -0.61 8.00 9.97
CA VAL A 37 -0.03 6.66 9.90
C VAL A 37 -1.06 5.63 9.44
N GLU A 38 -2.17 5.54 10.15
CA GLU A 38 -3.23 4.60 9.80
C GLU A 38 -4.05 5.11 8.63
N LYS A 39 -4.25 6.42 8.57
CA LYS A 39 -5.01 7.04 7.50
C LYS A 39 -4.16 7.22 6.24
N GLY A 40 -4.33 6.31 5.29
CA GLY A 40 -3.58 6.39 4.05
C GLY A 40 -3.07 5.03 3.60
N GLY A 41 -1.90 5.02 2.95
CA GLY A 41 -1.33 3.77 2.48
C GLY A 41 0.18 3.77 2.56
N LYS A 42 0.71 4.08 3.74
CA LYS A 42 2.15 4.11 3.94
C LYS A 42 2.58 3.05 4.96
N ILE A 43 3.87 2.70 4.94
CA ILE A 43 4.40 1.71 5.87
C ILE A 43 5.83 2.05 6.27
N ILE A 44 6.40 1.24 7.15
CA ILE A 44 7.77 1.45 7.62
C ILE A 44 8.64 0.24 7.36
N MET A 45 9.86 0.48 6.90
CA MET A 45 10.80 -0.61 6.61
C MET A 45 12.16 -0.33 7.25
N PRO A 46 12.98 -1.38 7.42
CA PRO A 46 14.31 -1.25 8.02
C PRO A 46 15.14 -0.15 7.36
N PRO A 47 16.20 0.31 8.04
CA PRO A 47 17.08 1.36 7.51
C PRO A 47 17.88 0.91 6.30
N SER A 48 18.24 -0.37 6.28
CA SER A 48 19.00 -0.93 5.18
C SER A 48 18.23 -0.81 3.87
N ALA A 49 16.92 -0.93 3.95
CA ALA A 49 16.06 -0.83 2.77
C ALA A 49 16.21 0.53 2.09
N LEU A 50 16.31 1.58 2.90
CA LEU A 50 16.46 2.94 2.39
C LEU A 50 17.78 3.09 1.63
N ASP A 51 18.84 2.53 2.19
CA ASP A 51 20.16 2.61 1.57
C ASP A 51 20.25 1.66 0.38
N GLN A 52 19.53 0.55 0.46
CA GLN A 52 19.53 -0.44 -0.62
C GLN A 52 18.63 -0.01 -1.77
N LEU A 53 17.46 0.54 -1.43
CA LEU A 53 16.52 0.99 -2.44
C LEU A 53 17.18 1.96 -3.42
N SER A 54 17.87 2.96 -2.89
CA SER A 54 18.55 3.94 -3.71
C SER A 54 19.78 3.33 -4.38
N ARG A 55 20.38 2.34 -3.72
CA ARG A 55 21.56 1.67 -4.26
C ARG A 55 21.21 0.81 -5.46
N LEU A 56 19.93 0.43 -5.58
CA LEU A 56 19.48 -0.39 -6.69
C LEU A 56 18.94 0.46 -7.84
N ASN A 57 19.33 1.74 -7.86
CA ASN A 57 18.89 2.65 -8.91
C ASN A 57 17.36 2.77 -8.92
N ILE A 58 16.75 2.63 -7.75
CA ILE A 58 15.30 2.73 -7.64
C ILE A 58 14.87 4.14 -7.28
N THR A 59 14.01 4.72 -8.11
CA THR A 59 13.51 6.07 -7.89
C THR A 59 12.03 6.06 -7.51
N TYR A 60 11.57 7.17 -6.93
CA TYR A 60 10.18 7.29 -6.52
C TYR A 60 9.24 7.13 -7.72
N PRO A 61 8.06 6.50 -7.53
CA PRO A 61 7.64 5.97 -6.23
C PRO A 61 8.33 4.65 -5.89
N MET A 62 8.19 4.24 -4.63
CA MET A 62 8.81 2.99 -4.16
C MET A 62 7.78 2.12 -3.45
N LEU A 63 6.81 1.63 -4.19
CA LEU A 63 5.76 0.78 -3.62
C LEU A 63 6.14 -0.69 -3.71
N PHE A 64 5.68 -1.47 -2.75
CA PHE A 64 5.98 -2.90 -2.71
C PHE A 64 4.71 -3.72 -2.92
N LYS A 65 4.81 -4.75 -3.75
CA LYS A 65 3.66 -5.61 -4.04
C LYS A 65 3.51 -6.69 -2.97
N LEU A 66 2.76 -6.37 -1.93
CA LEU A 66 2.53 -7.31 -0.84
C LEU A 66 1.65 -8.48 -1.29
N THR A 67 2.24 -9.40 -2.04
CA THR A 67 1.52 -10.56 -2.54
C THR A 67 1.53 -11.69 -1.52
N ASN A 68 0.39 -11.95 -0.91
CA ASN A 68 0.27 -13.03 0.07
C ASN A 68 0.03 -14.37 -0.60
N LYS A 69 0.96 -15.30 -0.41
CA LYS A 69 0.85 -16.62 -1.00
C LYS A 69 0.32 -17.63 0.02
N ASN A 70 -0.55 -17.16 0.91
CA ASN A 70 -1.13 -18.01 1.93
C ASN A 70 -2.66 -17.98 1.87
N SER A 71 -3.20 -16.78 1.73
CA SER A 71 -4.65 -16.60 1.66
C SER A 71 -5.07 -15.96 0.34
N ASP A 72 -4.21 -16.06 -0.67
CA ASP A 72 -4.49 -15.49 -1.99
C ASP A 72 -4.86 -14.02 -1.87
N ARG A 73 -3.94 -13.22 -1.35
CA ARG A 73 -4.17 -11.78 -1.19
C ARG A 73 -3.26 -10.99 -2.12
N MET A 74 -3.59 -9.70 -2.30
CA MET A 74 -2.81 -8.83 -3.17
C MET A 74 -3.06 -7.37 -2.83
N THR A 75 -1.99 -6.61 -2.67
CA THR A 75 -2.10 -5.19 -2.33
C THR A 75 -0.82 -4.45 -2.71
N HIS A 76 -0.87 -3.12 -2.64
CA HIS A 76 0.29 -2.30 -2.97
C HIS A 76 0.44 -1.15 -1.97
N CYS A 77 1.55 -1.15 -1.24
CA CYS A 77 1.81 -0.12 -0.25
C CYS A 77 3.13 0.60 -0.55
N GLY A 78 3.24 1.85 -0.11
CA GLY A 78 4.45 2.62 -0.34
C GLY A 78 5.14 3.00 0.95
N VAL A 79 6.43 2.70 1.03
CA VAL A 79 7.21 3.02 2.23
C VAL A 79 7.36 4.52 2.41
N LEU A 80 7.07 5.01 3.60
CA LEU A 80 7.16 6.43 3.91
C LEU A 80 8.38 6.72 4.79
N GLU A 81 8.44 6.06 5.93
CA GLU A 81 9.55 6.24 6.86
C GLU A 81 10.49 5.04 6.85
N PHE A 82 11.74 5.27 7.23
CA PHE A 82 12.74 4.21 7.25
C PHE A 82 13.47 4.18 8.59
N VAL A 83 12.86 3.55 9.59
CA VAL A 83 13.45 3.46 10.91
C VAL A 83 12.89 2.27 11.69
N ALA A 84 12.56 1.21 10.97
CA ALA A 84 12.01 0.01 11.59
C ALA A 84 13.12 -0.93 12.05
N ASP A 85 12.75 -1.93 12.84
CA ASP A 85 13.72 -2.90 13.35
C ASP A 85 14.16 -3.85 12.25
N GLU A 86 15.32 -4.48 12.44
CA GLU A 86 15.85 -5.43 11.46
C GLU A 86 14.95 -6.66 11.35
N GLY A 87 14.23 -6.75 10.25
CA GLY A 87 13.35 -7.89 10.03
C GLY A 87 11.99 -7.69 10.67
N ILE A 88 11.57 -6.44 10.79
CA ILE A 88 10.28 -6.11 11.39
C ILE A 88 9.66 -4.89 10.72
N CYS A 89 8.74 -5.13 9.79
CA CYS A 89 8.07 -4.05 9.07
C CYS A 89 6.74 -3.69 9.75
N TYR A 90 6.52 -2.40 9.95
CA TYR A 90 5.29 -1.94 10.58
C TYR A 90 4.25 -1.55 9.54
N LEU A 91 3.05 -2.11 9.66
CA LEU A 91 1.97 -1.83 8.72
C LEU A 91 0.72 -1.36 9.46
N PRO A 92 -0.13 -0.56 8.79
CA PRO A 92 -1.37 -0.05 9.39
C PRO A 92 -2.23 -1.16 9.96
N HIS A 93 -3.44 -0.80 10.40
CA HIS A 93 -4.38 -1.77 10.97
C HIS A 93 -5.30 -2.33 9.89
N TRP A 94 -5.75 -1.46 9.00
CA TRP A 94 -6.65 -1.87 7.92
C TRP A 94 -5.94 -2.80 6.94
N MET A 95 -4.72 -2.43 6.56
CA MET A 95 -3.93 -3.24 5.63
C MET A 95 -3.59 -4.59 6.24
N MET A 96 -3.40 -4.61 7.56
CA MET A 96 -3.06 -5.85 8.25
C MET A 96 -4.25 -6.81 8.26
N GLN A 97 -5.45 -6.26 8.44
CA GLN A 97 -6.66 -7.06 8.46
C GLN A 97 -7.09 -7.44 7.04
N ASN A 98 -6.85 -6.55 6.09
CA ASN A 98 -7.20 -6.80 4.70
C ASN A 98 -6.48 -8.03 4.16
N LEU A 99 -5.21 -8.18 4.55
CA LEU A 99 -4.41 -9.31 4.11
C LEU A 99 -4.58 -10.50 5.04
N LEU A 100 -5.16 -10.26 6.21
CA LEU A 100 -5.38 -11.32 7.19
C LEU A 100 -4.05 -11.93 7.65
N LEU A 101 -3.03 -11.07 7.78
CA LEU A 101 -1.71 -11.52 8.20
C LEU A 101 -1.66 -11.69 9.72
N GLU A 102 -0.49 -12.07 10.23
CA GLU A 102 -0.31 -12.26 11.67
C GLU A 102 0.93 -11.52 12.16
N GLU A 103 1.06 -11.41 13.48
CA GLU A 103 2.20 -10.72 14.08
C GLU A 103 3.50 -11.43 13.74
N GLY A 104 4.05 -11.11 12.56
CA GLY A 104 5.30 -11.72 12.13
C GLY A 104 5.13 -12.55 10.89
N GLY A 105 4.23 -12.12 10.00
CA GLY A 105 4.00 -12.85 8.77
C GLY A 105 4.91 -12.41 7.64
N LEU A 106 5.52 -13.36 6.96
CA LEU A 106 6.43 -13.06 5.86
C LEU A 106 5.65 -12.91 4.56
N VAL A 107 5.90 -11.82 3.84
CA VAL A 107 5.22 -11.55 2.57
C VAL A 107 6.22 -11.14 1.50
N GLN A 108 5.91 -11.48 0.25
CA GLN A 108 6.77 -11.15 -0.88
C GLN A 108 6.86 -9.64 -1.06
N VAL A 109 8.08 -9.10 -0.98
CA VAL A 109 8.29 -7.67 -1.14
C VAL A 109 8.95 -7.37 -2.48
N GLU A 110 8.12 -7.18 -3.51
CA GLU A 110 8.62 -6.87 -4.84
C GLU A 110 8.48 -5.39 -5.16
N SER A 111 9.48 -4.84 -5.83
CA SER A 111 9.47 -3.42 -6.19
C SER A 111 8.98 -3.23 -7.63
N VAL A 112 7.76 -2.74 -7.77
CA VAL A 112 7.17 -2.50 -9.08
C VAL A 112 6.86 -1.03 -9.29
N ASN A 113 6.70 -0.63 -10.56
CA ASN A 113 6.41 0.75 -10.91
C ASN A 113 5.09 0.86 -11.66
N LEU A 114 4.15 1.60 -11.10
CA LEU A 114 2.84 1.78 -11.72
C LEU A 114 2.64 3.24 -12.14
N GLN A 115 1.50 3.50 -12.77
CA GLN A 115 1.18 4.86 -13.22
C GLN A 115 -0.15 5.32 -12.62
N VAL A 116 -0.45 6.61 -12.81
CA VAL A 116 -1.68 7.18 -12.29
C VAL A 116 -2.90 6.57 -12.97
N ALA A 117 -3.90 6.20 -12.18
CA ALA A 117 -5.12 5.60 -12.71
C ALA A 117 -6.01 6.66 -13.35
N THR A 118 -6.95 6.21 -14.17
CA THR A 118 -7.88 7.11 -14.84
C THR A 118 -9.33 6.79 -14.47
N TYR A 119 -9.64 5.50 -14.41
CA TYR A 119 -11.00 5.06 -14.07
C TYR A 119 -10.97 4.15 -12.84
N SER A 120 -11.13 4.76 -11.66
CA SER A 120 -11.13 4.00 -10.42
C SER A 120 -12.54 3.93 -9.83
N LYS A 121 -13.04 2.71 -9.65
CA LYS A 121 -14.37 2.49 -9.10
C LYS A 121 -14.29 2.06 -7.65
N PHE A 122 -15.36 2.30 -6.90
CA PHE A 122 -15.42 1.92 -5.48
C PHE A 122 -16.80 1.40 -5.11
N GLN A 123 -16.86 0.59 -4.07
CA GLN A 123 -18.13 0.03 -3.61
C GLN A 123 -18.22 0.09 -2.08
N PRO A 124 -18.76 1.20 -1.54
CA PRO A 124 -18.90 1.37 -0.09
C PRO A 124 -19.61 0.18 0.57
N GLN A 125 -18.88 -0.53 1.42
CA GLN A 125 -19.43 -1.69 2.11
C GLN A 125 -20.47 -1.26 3.15
N SER A 126 -20.25 -0.09 3.73
CA SER A 126 -21.17 0.43 4.75
C SER A 126 -22.13 1.45 4.14
N PRO A 127 -23.38 1.47 4.62
CA PRO A 127 -24.41 2.40 4.12
C PRO A 127 -24.17 3.84 4.59
N ASP A 128 -23.39 3.99 5.66
CA ASP A 128 -23.09 5.30 6.21
C ASP A 128 -22.51 6.22 5.13
N PHE A 129 -21.69 5.65 4.25
CA PHE A 129 -21.07 6.41 3.18
C PHE A 129 -22.10 6.82 2.13
N LEU A 130 -22.98 5.90 1.79
CA LEU A 130 -24.02 6.17 0.80
C LEU A 130 -24.96 7.27 1.28
N ASP A 131 -25.15 7.34 2.59
CA ASP A 131 -26.03 8.34 3.18
C ASP A 131 -25.46 9.75 3.00
N ILE A 132 -24.14 9.82 2.81
CA ILE A 132 -23.48 11.11 2.63
C ILE A 132 -24.03 11.84 1.40
N THR A 133 -24.17 13.15 1.51
CA THR A 133 -24.68 13.96 0.41
C THR A 133 -23.69 13.98 -0.76
N ASN A 134 -22.42 14.12 -0.44
CA ASN A 134 -21.38 14.15 -1.46
C ASN A 134 -20.29 13.11 -1.19
N PRO A 135 -20.59 11.83 -1.44
CA PRO A 135 -19.65 10.73 -1.21
C PRO A 135 -18.35 10.93 -1.99
N LYS A 136 -18.44 11.57 -3.15
CA LYS A 136 -17.28 11.82 -3.97
C LYS A 136 -16.26 12.69 -3.24
N ALA A 137 -16.74 13.72 -2.56
CA ALA A 137 -15.88 14.62 -1.81
C ALA A 137 -15.08 13.88 -0.76
N VAL A 138 -15.77 13.04 0.02
CA VAL A 138 -15.12 12.26 1.07
C VAL A 138 -14.19 11.22 0.48
N LEU A 139 -14.65 10.51 -0.55
CA LEU A 139 -13.85 9.48 -1.19
C LEU A 139 -12.57 10.07 -1.77
N GLU A 140 -12.63 11.33 -2.18
CA GLU A 140 -11.47 12.01 -2.75
C GLU A 140 -10.63 12.66 -1.66
N ASN A 141 -11.28 13.07 -0.58
CA ASN A 141 -10.59 13.71 0.54
C ASN A 141 -9.68 12.70 1.26
N ALA A 142 -10.09 11.44 1.25
CA ALA A 142 -9.31 10.39 1.91
C ALA A 142 -8.30 9.78 0.94
N LEU A 143 -8.67 9.73 -0.33
CA LEU A 143 -7.78 9.17 -1.36
C LEU A 143 -6.47 9.93 -1.43
N ARG A 144 -6.49 11.20 -1.01
CA ARG A 144 -5.30 12.02 -1.03
C ARG A 144 -4.17 11.38 -0.23
N ASN A 145 -4.53 10.67 0.83
CA ASN A 145 -3.54 10.00 1.68
C ASN A 145 -3.04 8.72 1.02
N PHE A 146 -3.93 8.04 0.30
CA PHE A 146 -3.58 6.80 -0.38
C PHE A 146 -2.62 7.06 -1.53
N ALA A 147 -1.61 6.21 -1.67
CA ALA A 147 -0.63 6.34 -2.73
C ALA A 147 -0.89 5.35 -3.87
N CYS A 148 -1.50 4.22 -3.52
CA CYS A 148 -1.81 3.20 -4.51
C CYS A 148 -3.17 2.55 -4.23
N LEU A 149 -3.74 1.94 -5.24
CA LEU A 149 -5.04 1.29 -5.10
C LEU A 149 -5.08 -0.02 -5.89
N THR A 150 -5.31 -1.12 -5.19
CA THR A 150 -5.37 -2.43 -5.82
C THR A 150 -6.79 -2.99 -5.78
N THR A 151 -7.23 -3.59 -6.88
CA THR A 151 -8.56 -4.17 -6.97
C THR A 151 -8.74 -5.29 -5.95
N GLY A 152 -9.74 -5.16 -5.10
CA GLY A 152 -10.00 -6.17 -4.09
C GLY A 152 -9.34 -5.84 -2.76
N ASP A 153 -9.54 -4.61 -2.29
CA ASP A 153 -8.96 -4.18 -1.02
C ASP A 153 -9.98 -3.40 -0.19
N VAL A 154 -10.09 -3.75 1.08
CA VAL A 154 -11.03 -3.09 1.99
C VAL A 154 -10.35 -1.95 2.73
N ILE A 155 -10.39 -0.77 2.15
CA ILE A 155 -9.78 0.41 2.75
C ILE A 155 -10.70 1.01 3.82
N ALA A 156 -10.09 1.48 4.91
CA ALA A 156 -10.85 2.08 6.01
C ALA A 156 -10.53 3.56 6.14
N ILE A 157 -11.40 4.40 5.57
CA ILE A 157 -11.21 5.85 5.63
C ILE A 157 -11.74 6.42 6.94
N ASN A 158 -11.12 7.49 7.40
CA ASN A 158 -11.54 8.15 8.65
C ASN A 158 -11.21 9.64 8.61
N TYR A 159 -11.99 10.42 9.33
CA TYR A 159 -11.79 11.88 9.38
C TYR A 159 -12.77 12.53 10.34
N ASN A 160 -14.01 12.07 10.32
CA ASN A 160 -15.05 12.61 11.19
C ASN A 160 -15.36 11.65 12.34
N GLU A 161 -14.31 11.10 12.93
CA GLU A 161 -14.46 10.17 14.05
C GLU A 161 -15.34 8.98 13.65
N LYS A 162 -15.29 8.62 12.38
CA LYS A 162 -16.07 7.50 11.87
C LYS A 162 -15.32 6.76 10.77
N ILE A 163 -15.07 5.47 11.00
CA ILE A 163 -14.35 4.65 10.04
C ILE A 163 -15.30 4.09 8.98
N TYR A 164 -15.47 4.85 7.89
CA TYR A 164 -16.35 4.43 6.81
C TYR A 164 -15.75 3.26 6.04
N GLU A 165 -16.47 2.15 6.01
CA GLU A 165 -16.00 0.95 5.30
C GLU A 165 -16.15 1.12 3.80
N LEU A 166 -15.10 0.75 3.06
CA LEU A 166 -15.11 0.86 1.61
C LEU A 166 -14.34 -0.30 0.97
N ARG A 167 -14.61 -0.54 -0.30
CA ARG A 167 -13.95 -1.62 -1.03
C ARG A 167 -13.86 -1.30 -2.52
N VAL A 168 -12.64 -1.28 -3.05
CA VAL A 168 -12.42 -0.99 -4.45
C VAL A 168 -13.07 -2.06 -5.34
N MET A 169 -13.70 -1.61 -6.41
CA MET A 169 -14.36 -2.52 -7.35
C MET A 169 -13.53 -2.71 -8.62
N GLU A 170 -13.23 -1.60 -9.28
CA GLU A 170 -12.44 -1.63 -10.51
C GLU A 170 -11.41 -0.51 -10.53
N THR A 171 -10.37 -0.68 -11.34
CA THR A 171 -9.32 0.32 -11.45
C THR A 171 -8.63 0.22 -12.82
N LYS A 172 -8.33 1.37 -13.42
CA LYS A 172 -7.67 1.41 -14.71
C LYS A 172 -6.36 2.20 -14.63
N PRO A 173 -5.42 1.92 -15.55
CA PRO A 173 -5.58 0.92 -16.61
C PRO A 173 -5.45 -0.51 -16.09
N ASP A 174 -4.71 -0.67 -15.00
CA ASP A 174 -4.50 -1.98 -14.41
C ASP A 174 -5.00 -2.00 -12.96
N LYS A 175 -5.03 -3.20 -12.38
CA LYS A 175 -5.50 -3.35 -11.00
C LYS A 175 -4.64 -2.54 -10.05
N ALA A 176 -3.34 -2.47 -10.32
CA ALA A 176 -2.42 -1.71 -9.48
C ALA A 176 -2.05 -0.38 -10.14
N VAL A 177 -2.42 0.72 -9.48
CA VAL A 177 -2.13 2.05 -9.99
C VAL A 177 -1.63 2.98 -8.89
N SER A 178 -0.68 3.84 -9.22
CA SER A 178 -0.12 4.79 -8.26
C SER A 178 -0.78 6.15 -8.40
N ILE A 179 -1.65 6.49 -7.45
CA ILE A 179 -2.34 7.77 -7.46
C ILE A 179 -1.62 8.80 -6.61
N ILE A 180 -0.67 9.50 -7.20
CA ILE A 180 0.10 10.51 -6.49
C ILE A 180 -0.15 11.90 -7.07
N GLU A 181 -1.23 12.54 -6.63
CA GLU A 181 -1.57 13.88 -7.11
C GLU A 181 -1.81 13.86 -8.62
N CYS A 182 -3.05 13.59 -9.02
CA CYS A 182 -3.40 13.54 -10.44
C CYS A 182 -4.90 13.76 -10.62
N ASP A 183 -5.33 13.85 -11.88
CA ASP A 183 -6.73 14.05 -12.20
C ASP A 183 -7.32 12.85 -12.92
N MET A 184 -8.21 12.13 -12.25
CA MET A 184 -8.83 10.95 -12.83
C MET A 184 -10.34 10.98 -12.62
N ASN A 185 -11.02 9.95 -13.12
CA ASN A 185 -12.47 9.87 -13.00
C ASN A 185 -12.88 8.70 -12.10
N VAL A 186 -13.39 9.01 -10.92
CA VAL A 186 -13.82 7.99 -9.97
C VAL A 186 -15.30 7.65 -10.14
N ASP A 187 -15.63 6.37 -9.97
CA ASP A 187 -17.01 5.92 -10.11
C ASP A 187 -17.51 5.33 -8.79
N PHE A 188 -18.78 4.92 -8.79
CA PHE A 188 -19.39 4.33 -7.61
C PHE A 188 -20.29 3.17 -7.98
N ASP A 189 -20.27 2.12 -7.15
CA ASP A 189 -21.09 0.93 -7.39
C ASP A 189 -22.16 0.78 -6.32
N ALA A 190 -23.40 1.07 -6.70
CA ALA A 190 -24.53 0.97 -5.77
C ALA A 190 -25.80 0.56 -6.50
N GLY A 1 31.33 -11.52 -1.16
CA GLY A 1 31.66 -12.95 -0.92
C GLY A 1 31.97 -13.70 -2.20
N SER A 2 33.23 -14.04 -2.40
CA SER A 2 33.64 -14.76 -3.60
C SER A 2 33.32 -13.96 -4.86
N SER A 3 33.76 -14.48 -6.00
CA SER A 3 33.52 -13.81 -7.28
C SER A 3 33.13 -14.82 -8.36
N GLY A 4 31.82 -15.05 -8.48
CA GLY A 4 31.34 -16.00 -9.47
C GLY A 4 29.84 -15.93 -9.65
N SER A 5 29.27 -16.94 -10.29
CA SER A 5 27.83 -16.99 -10.52
C SER A 5 27.16 -18.02 -9.60
N SER A 6 26.80 -17.58 -8.40
CA SER A 6 26.15 -18.45 -7.43
C SER A 6 24.69 -18.06 -7.24
N GLY A 7 24.40 -16.78 -7.38
CA GLY A 7 23.04 -16.30 -7.22
C GLY A 7 22.14 -16.72 -8.36
N ILE A 8 20.86 -16.37 -8.25
CA ILE A 8 19.90 -16.71 -9.29
C ILE A 8 20.18 -15.97 -10.58
N PRO A 9 19.68 -16.48 -11.72
CA PRO A 9 19.89 -15.87 -13.04
C PRO A 9 19.52 -14.38 -13.04
N ARG A 10 20.27 -13.59 -13.80
CA ARG A 10 20.02 -12.16 -13.89
C ARG A 10 20.43 -11.62 -15.25
N VAL A 11 19.68 -10.63 -15.74
CA VAL A 11 19.98 -10.04 -17.04
C VAL A 11 19.70 -8.53 -17.02
N PHE A 12 20.21 -7.85 -16.00
CA PHE A 12 20.02 -6.42 -15.86
C PHE A 12 18.54 -6.07 -15.74
N GLN A 13 18.01 -6.19 -14.53
CA GLN A 13 16.60 -5.89 -14.28
C GLN A 13 16.42 -5.13 -12.97
N ASN A 14 17.08 -5.61 -11.93
CA ASN A 14 16.99 -4.98 -10.61
C ASN A 14 15.56 -4.98 -10.11
N ARG A 15 15.23 -5.92 -9.23
CA ARG A 15 13.88 -6.02 -8.68
C ARG A 15 13.92 -6.58 -7.26
N PHE A 16 13.62 -5.73 -6.29
CA PHE A 16 13.63 -6.13 -4.89
C PHE A 16 12.63 -7.25 -4.64
N SER A 17 13.12 -8.37 -4.13
CA SER A 17 12.26 -9.53 -3.85
C SER A 17 12.71 -10.24 -2.57
N THR A 18 11.84 -10.23 -1.57
CA THR A 18 12.14 -10.88 -0.30
C THR A 18 10.94 -10.81 0.64
N GLN A 19 10.95 -11.66 1.66
CA GLN A 19 9.87 -11.69 2.65
C GLN A 19 10.21 -10.82 3.86
N TYR A 20 9.18 -10.27 4.48
CA TYR A 20 9.37 -9.42 5.66
C TYR A 20 8.26 -9.66 6.69
N ARG A 21 8.64 -9.71 7.95
CA ARG A 21 7.67 -9.93 9.03
C ARG A 21 6.84 -8.68 9.27
N CYS A 22 5.54 -8.79 9.01
CA CYS A 22 4.62 -7.68 9.20
C CYS A 22 4.13 -7.60 10.64
N PHE A 23 4.11 -6.40 11.19
CA PHE A 23 3.66 -6.20 12.56
C PHE A 23 2.80 -4.94 12.67
N SER A 24 2.19 -4.75 13.84
CA SER A 24 1.33 -3.59 14.07
C SER A 24 2.16 -2.37 14.46
N VAL A 25 1.70 -1.20 14.06
CA VAL A 25 2.39 0.04 14.37
C VAL A 25 2.43 0.30 15.88
N SER A 26 1.45 -0.26 16.58
CA SER A 26 1.36 -0.09 18.04
C SER A 26 2.64 -0.56 18.71
N MET A 27 3.33 -1.51 18.09
CA MET A 27 4.57 -2.06 18.64
C MET A 27 5.61 -0.95 18.82
N LEU A 28 5.50 0.10 18.02
CA LEU A 28 6.44 1.21 18.09
C LEU A 28 6.43 1.82 19.48
N ALA A 29 5.27 1.85 20.12
CA ALA A 29 5.14 2.41 21.46
C ALA A 29 5.55 3.87 21.49
N GLY A 30 5.49 4.48 22.67
CA GLY A 30 5.87 5.86 22.81
C GLY A 30 4.92 6.63 23.72
N PRO A 31 5.42 7.64 24.46
CA PRO A 31 4.60 8.44 25.37
C PRO A 31 3.38 9.04 24.67
N ASN A 32 3.59 9.56 23.47
CA ASN A 32 2.50 10.16 22.70
C ASN A 32 1.95 9.17 21.68
N ASP A 33 0.99 9.63 20.88
CA ASP A 33 0.37 8.78 19.86
C ASP A 33 0.23 9.52 18.55
N ARG A 34 0.02 8.78 17.47
CA ARG A 34 -0.13 9.38 16.15
C ARG A 34 -1.37 8.82 15.44
N SER A 35 -1.97 9.64 14.58
CA SER A 35 -3.16 9.24 13.85
C SER A 35 -2.89 9.18 12.35
N ASP A 36 -2.10 10.14 11.87
CA ASP A 36 -1.77 10.21 10.44
C ASP A 36 -1.04 8.94 10.00
N VAL A 37 -0.33 8.30 10.93
CA VAL A 37 0.40 7.09 10.62
C VAL A 37 -0.55 5.97 10.17
N GLU A 38 -1.75 5.96 10.73
CA GLU A 38 -2.74 4.96 10.39
C GLU A 38 -3.63 5.44 9.24
N LYS A 39 -3.86 6.74 9.19
CA LYS A 39 -4.69 7.34 8.15
C LYS A 39 -3.89 7.60 6.89
N GLY A 40 -3.87 6.64 5.98
CA GLY A 40 -3.13 6.79 4.74
C GLY A 40 -2.33 5.55 4.40
N GLY A 41 -1.81 5.52 3.16
CA GLY A 41 -1.02 4.38 2.74
C GLY A 41 0.45 4.55 3.03
N LYS A 42 0.77 4.77 4.31
CA LYS A 42 2.16 4.96 4.72
C LYS A 42 2.60 3.85 5.66
N ILE A 43 3.79 3.30 5.43
CA ILE A 43 4.33 2.23 6.25
C ILE A 43 5.73 2.54 6.72
N ILE A 44 6.28 1.67 7.57
CA ILE A 44 7.63 1.86 8.09
C ILE A 44 8.47 0.60 7.90
N MET A 45 9.54 0.72 7.13
CA MET A 45 10.44 -0.40 6.87
C MET A 45 11.82 -0.12 7.44
N PRO A 46 12.65 -1.18 7.58
CA PRO A 46 14.01 -1.05 8.10
C PRO A 46 14.81 0.04 7.39
N PRO A 47 15.80 0.64 8.07
CA PRO A 47 16.64 1.69 7.49
C PRO A 47 17.54 1.17 6.38
N SER A 48 17.88 -0.12 6.46
CA SER A 48 18.74 -0.74 5.45
C SER A 48 18.06 -0.73 4.09
N ALA A 49 16.74 -0.81 4.08
CA ALA A 49 15.97 -0.82 2.84
C ALA A 49 16.17 0.48 2.07
N LEU A 50 16.20 1.60 2.78
CA LEU A 50 16.39 2.90 2.17
C LEU A 50 17.71 2.97 1.42
N ASP A 51 18.75 2.39 2.00
CA ASP A 51 20.07 2.38 1.39
C ASP A 51 20.10 1.48 0.16
N GLN A 52 19.26 0.45 0.17
CA GLN A 52 19.20 -0.49 -0.95
C GLN A 52 18.25 0.03 -2.03
N LEU A 53 17.24 0.78 -1.61
CA LEU A 53 16.26 1.33 -2.54
C LEU A 53 16.94 2.24 -3.57
N SER A 54 18.03 2.88 -3.17
CA SER A 54 18.77 3.77 -4.05
C SER A 54 19.90 3.03 -4.75
N ARG A 55 20.44 2.03 -4.07
CA ARG A 55 21.55 1.24 -4.63
C ARG A 55 21.10 0.45 -5.86
N LEU A 56 19.79 0.22 -5.97
CA LEU A 56 19.24 -0.52 -7.11
C LEU A 56 18.79 0.41 -8.22
N ASN A 57 19.29 1.65 -8.19
CA ASN A 57 18.93 2.63 -9.21
C ASN A 57 17.42 2.78 -9.33
N ILE A 58 16.74 2.81 -8.19
CA ILE A 58 15.28 2.95 -8.16
C ILE A 58 14.87 4.33 -7.69
N THR A 59 13.94 4.95 -8.40
CA THR A 59 13.46 6.28 -8.04
C THR A 59 11.95 6.27 -7.80
N TYR A 60 11.43 7.37 -7.25
CA TYR A 60 10.01 7.48 -6.96
C TYR A 60 9.18 7.34 -8.24
N PRO A 61 8.01 6.68 -8.17
CA PRO A 61 7.50 6.09 -6.92
C PRO A 61 8.20 4.78 -6.57
N MET A 62 8.00 4.33 -5.33
CA MET A 62 8.62 3.10 -4.86
C MET A 62 7.58 2.20 -4.17
N LEU A 63 6.48 1.96 -4.86
CA LEU A 63 5.40 1.13 -4.31
C LEU A 63 5.86 -0.33 -4.20
N PHE A 64 5.44 -0.99 -3.13
CA PHE A 64 5.79 -2.39 -2.91
C PHE A 64 4.57 -3.30 -3.10
N LYS A 65 4.79 -4.43 -3.74
CA LYS A 65 3.72 -5.39 -3.98
C LYS A 65 3.65 -6.43 -2.86
N LEU A 66 2.77 -6.20 -1.89
CA LEU A 66 2.62 -7.12 -0.77
C LEU A 66 1.74 -8.31 -1.16
N THR A 67 2.34 -9.29 -1.81
CA THR A 67 1.60 -10.48 -2.24
C THR A 67 1.59 -11.52 -1.13
N ASN A 68 0.42 -11.72 -0.53
CA ASN A 68 0.27 -12.70 0.54
C ASN A 68 0.36 -14.12 0.00
N LYS A 69 1.28 -14.90 0.55
CA LYS A 69 1.48 -16.28 0.13
C LYS A 69 0.77 -17.25 1.06
N ASN A 70 -0.35 -16.80 1.63
CA ASN A 70 -1.13 -17.63 2.55
C ASN A 70 -2.57 -17.75 2.09
N SER A 71 -3.16 -16.63 1.69
CA SER A 71 -4.54 -16.61 1.24
C SER A 71 -4.65 -16.07 -0.19
N ASP A 72 -3.51 -16.04 -0.89
CA ASP A 72 -3.49 -15.55 -2.27
C ASP A 72 -4.10 -14.15 -2.36
N ARG A 73 -3.52 -13.20 -1.63
CA ARG A 73 -4.01 -11.83 -1.63
C ARG A 73 -3.03 -10.90 -2.36
N MET A 74 -3.41 -9.63 -2.47
CA MET A 74 -2.57 -8.65 -3.14
C MET A 74 -2.88 -7.23 -2.64
N THR A 75 -1.84 -6.50 -2.26
CA THR A 75 -2.01 -5.14 -1.76
C THR A 75 -0.77 -4.29 -2.06
N HIS A 76 -1.00 -3.07 -2.50
CA HIS A 76 0.10 -2.15 -2.82
C HIS A 76 0.14 -0.99 -1.83
N CYS A 77 1.16 -1.00 -0.98
CA CYS A 77 1.32 0.06 0.02
C CYS A 77 2.52 0.94 -0.32
N GLY A 78 2.61 2.09 0.35
CA GLY A 78 3.71 3.00 0.12
C GLY A 78 4.50 3.29 1.37
N VAL A 79 5.83 3.30 1.25
CA VAL A 79 6.71 3.56 2.39
C VAL A 79 6.72 5.04 2.73
N LEU A 80 6.90 5.35 4.02
CA LEU A 80 6.94 6.73 4.47
C LEU A 80 8.26 7.02 5.19
N GLU A 81 8.48 6.34 6.31
CA GLU A 81 9.70 6.52 7.09
C GLU A 81 10.60 5.31 6.98
N PHE A 82 11.75 5.37 7.66
CA PHE A 82 12.70 4.27 7.65
C PHE A 82 13.48 4.21 8.96
N VAL A 83 12.86 3.64 9.99
CA VAL A 83 13.50 3.52 11.29
C VAL A 83 13.02 2.27 12.02
N ALA A 84 12.70 1.23 11.26
CA ALA A 84 12.24 -0.03 11.82
C ALA A 84 13.42 -0.95 12.15
N ASP A 85 13.14 -2.01 12.91
CA ASP A 85 14.17 -2.97 13.28
C ASP A 85 14.60 -3.81 12.08
N GLU A 86 15.57 -4.69 12.29
CA GLU A 86 16.06 -5.55 11.23
C GLU A 86 15.19 -6.80 11.10
N GLY A 87 14.16 -6.72 10.27
CA GLY A 87 13.27 -7.85 10.08
C GLY A 87 11.93 -7.67 10.76
N ILE A 88 11.52 -6.41 10.92
CA ILE A 88 10.25 -6.11 11.57
C ILE A 88 9.55 -4.94 10.87
N CYS A 89 8.84 -5.24 9.79
CA CYS A 89 8.12 -4.22 9.04
C CYS A 89 6.77 -3.93 9.68
N TYR A 90 6.48 -2.64 9.87
CA TYR A 90 5.21 -2.22 10.47
C TYR A 90 4.21 -1.82 9.40
N LEU A 91 2.93 -2.11 9.65
CA LEU A 91 1.88 -1.77 8.70
C LEU A 91 0.61 -1.34 9.43
N PRO A 92 -0.19 -0.44 8.82
CA PRO A 92 -1.43 0.04 9.42
C PRO A 92 -2.34 -1.09 9.88
N HIS A 93 -3.48 -0.73 10.45
CA HIS A 93 -4.45 -1.73 10.94
C HIS A 93 -5.38 -2.16 9.81
N TRP A 94 -5.81 -1.20 9.00
CA TRP A 94 -6.71 -1.48 7.88
C TRP A 94 -6.04 -2.41 6.86
N MET A 95 -4.73 -2.23 6.68
CA MET A 95 -3.98 -3.04 5.73
C MET A 95 -3.83 -4.47 6.25
N MET A 96 -3.57 -4.61 7.55
CA MET A 96 -3.41 -5.91 8.17
C MET A 96 -4.67 -6.75 8.01
N GLN A 97 -5.82 -6.15 8.29
CA GLN A 97 -7.10 -6.84 8.18
C GLN A 97 -7.38 -7.22 6.73
N ASN A 98 -6.94 -6.38 5.80
CA ASN A 98 -7.15 -6.63 4.38
C ASN A 98 -6.37 -7.86 3.92
N LEU A 99 -5.14 -7.99 4.42
CA LEU A 99 -4.30 -9.13 4.07
C LEU A 99 -4.59 -10.34 4.95
N LEU A 100 -5.18 -10.09 6.12
CA LEU A 100 -5.51 -11.16 7.05
C LEU A 100 -4.25 -11.84 7.57
N LEU A 101 -3.20 -11.07 7.73
CA LEU A 101 -1.93 -11.61 8.22
C LEU A 101 -1.92 -11.69 9.74
N GLU A 102 -0.81 -12.15 10.30
CA GLU A 102 -0.67 -12.28 11.75
C GLU A 102 0.47 -11.41 12.27
N GLU A 103 0.71 -11.47 13.58
CA GLU A 103 1.76 -10.69 14.19
C GLU A 103 3.14 -11.23 13.82
N GLY A 104 3.64 -10.80 12.67
CA GLY A 104 4.95 -11.26 12.21
C GLY A 104 4.85 -12.12 10.96
N GLY A 105 3.86 -11.85 10.14
CA GLY A 105 3.68 -12.61 8.91
C GLY A 105 4.65 -12.20 7.82
N LEU A 106 5.08 -13.16 7.02
CA LEU A 106 6.01 -12.89 5.93
C LEU A 106 5.27 -12.70 4.61
N VAL A 107 5.48 -11.56 3.97
CA VAL A 107 4.83 -11.25 2.70
C VAL A 107 5.85 -11.00 1.60
N GLN A 108 5.67 -11.65 0.46
CA GLN A 108 6.58 -11.49 -0.67
C GLN A 108 6.55 -10.06 -1.20
N VAL A 109 7.54 -9.27 -0.80
CA VAL A 109 7.64 -7.88 -1.24
C VAL A 109 8.29 -7.77 -2.61
N GLU A 110 7.62 -7.11 -3.54
CA GLU A 110 8.14 -6.94 -4.89
C GLU A 110 7.97 -5.50 -5.36
N SER A 111 9.08 -4.83 -5.64
CA SER A 111 9.05 -3.45 -6.10
C SER A 111 8.65 -3.38 -7.57
N VAL A 112 7.51 -2.74 -7.84
CA VAL A 112 7.01 -2.60 -9.20
C VAL A 112 6.85 -1.13 -9.59
N ASN A 113 6.61 -0.88 -10.86
CA ASN A 113 6.43 0.48 -11.35
C ASN A 113 5.10 0.63 -12.09
N LEU A 114 4.15 1.29 -11.45
CA LEU A 114 2.83 1.51 -12.03
C LEU A 114 2.66 2.96 -12.48
N GLN A 115 1.58 3.22 -13.21
CA GLN A 115 1.29 4.57 -13.70
C GLN A 115 0.01 5.12 -13.07
N VAL A 116 -0.34 6.34 -13.44
CA VAL A 116 -1.54 6.98 -12.92
C VAL A 116 -2.80 6.31 -13.44
N ALA A 117 -3.80 6.19 -12.58
CA ALA A 117 -5.07 5.56 -12.95
C ALA A 117 -5.99 6.56 -13.65
N THR A 118 -6.70 6.08 -14.66
CA THR A 118 -7.63 6.93 -15.41
C THR A 118 -9.06 6.72 -14.94
N TYR A 119 -9.36 5.51 -14.50
CA TYR A 119 -10.70 5.18 -14.02
C TYR A 119 -10.64 4.27 -12.80
N SER A 120 -10.95 4.83 -11.64
CA SER A 120 -10.93 4.07 -10.39
C SER A 120 -12.30 4.06 -9.74
N LYS A 121 -12.87 2.87 -9.58
CA LYS A 121 -14.18 2.72 -8.97
C LYS A 121 -14.06 2.21 -7.53
N PHE A 122 -15.11 2.42 -6.75
CA PHE A 122 -15.12 2.00 -5.35
C PHE A 122 -16.50 1.46 -4.96
N GLN A 123 -16.53 0.58 -3.97
CA GLN A 123 -17.77 0.00 -3.51
C GLN A 123 -17.84 0.01 -1.98
N PRO A 124 -18.37 1.09 -1.38
CA PRO A 124 -18.49 1.21 0.07
C PRO A 124 -19.16 0.01 0.71
N GLN A 125 -18.39 -0.78 1.46
CA GLN A 125 -18.91 -1.96 2.12
C GLN A 125 -20.01 -1.59 3.11
N SER A 126 -19.90 -0.41 3.70
CA SER A 126 -20.89 0.07 4.66
C SER A 126 -21.89 1.00 4.00
N PRO A 127 -23.17 0.93 4.41
CA PRO A 127 -24.22 1.79 3.85
C PRO A 127 -24.14 3.22 4.36
N ASP A 128 -23.47 3.41 5.48
CA ASP A 128 -23.31 4.74 6.08
C ASP A 128 -22.70 5.72 5.08
N PHE A 129 -21.74 5.24 4.30
CA PHE A 129 -21.08 6.08 3.31
C PHE A 129 -22.06 6.51 2.22
N LEU A 130 -22.86 5.57 1.75
CA LEU A 130 -23.84 5.85 0.71
C LEU A 130 -24.83 6.92 1.16
N ASP A 131 -25.09 6.96 2.47
CA ASP A 131 -26.02 7.93 3.04
C ASP A 131 -25.45 9.35 2.94
N ILE A 132 -24.12 9.44 2.85
CA ILE A 132 -23.47 10.74 2.75
C ILE A 132 -23.93 11.49 1.51
N THR A 133 -24.19 12.79 1.68
CA THR A 133 -24.64 13.63 0.57
C THR A 133 -23.59 13.69 -0.53
N ASN A 134 -22.35 13.96 -0.14
CA ASN A 134 -21.25 14.04 -1.11
C ASN A 134 -20.19 12.98 -0.81
N PRO A 135 -20.41 11.74 -1.29
CA PRO A 135 -19.47 10.64 -1.08
C PRO A 135 -18.20 10.79 -1.91
N LYS A 136 -18.34 11.38 -3.10
CA LYS A 136 -17.21 11.59 -3.99
C LYS A 136 -16.18 12.50 -3.36
N ALA A 137 -16.65 13.46 -2.57
CA ALA A 137 -15.76 14.41 -1.91
C ALA A 137 -15.04 13.76 -0.72
N VAL A 138 -15.81 13.06 0.11
CA VAL A 138 -15.26 12.38 1.28
C VAL A 138 -14.34 11.23 0.87
N LEU A 139 -14.63 10.62 -0.28
CA LEU A 139 -13.84 9.52 -0.77
C LEU A 139 -12.55 10.02 -1.41
N GLU A 140 -12.66 11.06 -2.24
CA GLU A 140 -11.51 11.64 -2.92
C GLU A 140 -10.58 12.32 -1.93
N ASN A 141 -11.16 12.87 -0.86
CA ASN A 141 -10.39 13.55 0.17
C ASN A 141 -9.45 12.58 0.88
N ALA A 142 -9.84 11.31 0.93
CA ALA A 142 -9.04 10.29 1.59
C ALA A 142 -8.04 9.67 0.61
N LEU A 143 -8.43 9.58 -0.65
CA LEU A 143 -7.58 9.01 -1.68
C LEU A 143 -6.26 9.78 -1.80
N ARG A 144 -6.31 11.08 -1.47
CA ARG A 144 -5.12 11.92 -1.54
C ARG A 144 -4.00 11.38 -0.66
N ASN A 145 -4.38 10.64 0.38
CA ASN A 145 -3.40 10.07 1.30
C ASN A 145 -2.78 8.79 0.71
N PHE A 146 -3.62 7.98 0.08
CA PHE A 146 -3.16 6.74 -0.54
C PHE A 146 -2.32 7.03 -1.79
N ALA A 147 -1.15 6.41 -1.86
CA ALA A 147 -0.26 6.60 -3.00
C ALA A 147 -0.56 5.59 -4.10
N CYS A 148 -0.98 4.39 -3.71
CA CYS A 148 -1.31 3.35 -4.67
C CYS A 148 -2.71 2.79 -4.43
N LEU A 149 -3.28 2.18 -5.45
CA LEU A 149 -4.62 1.61 -5.35
C LEU A 149 -4.71 0.28 -6.12
N THR A 150 -5.14 -0.76 -5.43
CA THR A 150 -5.28 -2.07 -6.03
C THR A 150 -6.72 -2.56 -5.98
N THR A 151 -7.12 -3.33 -6.99
CA THR A 151 -8.48 -3.85 -7.06
C THR A 151 -8.66 -5.00 -6.08
N GLY A 152 -9.72 -4.90 -5.26
CA GLY A 152 -9.99 -5.94 -4.28
C GLY A 152 -9.31 -5.68 -2.96
N ASP A 153 -9.07 -4.41 -2.65
CA ASP A 153 -8.43 -4.02 -1.40
C ASP A 153 -9.35 -3.16 -0.55
N VAL A 154 -9.36 -3.41 0.75
CA VAL A 154 -10.19 -2.65 1.68
C VAL A 154 -9.40 -1.54 2.34
N ILE A 155 -9.63 -0.31 1.89
CA ILE A 155 -8.94 0.85 2.44
C ILE A 155 -9.84 1.63 3.39
N ALA A 156 -9.80 1.26 4.66
CA ALA A 156 -10.61 1.93 5.68
C ALA A 156 -10.21 3.39 5.83
N ILE A 157 -11.22 4.26 5.88
CA ILE A 157 -10.97 5.70 6.02
C ILE A 157 -11.66 6.25 7.26
N ASN A 158 -11.15 7.38 7.76
CA ASN A 158 -11.71 8.01 8.94
C ASN A 158 -11.67 9.53 8.81
N TYR A 159 -12.57 10.20 9.53
CA TYR A 159 -12.65 11.65 9.49
C TYR A 159 -13.67 12.18 10.49
N ASN A 160 -14.86 11.57 10.50
CA ASN A 160 -15.92 11.96 11.40
C ASN A 160 -16.01 11.02 12.59
N GLU A 161 -14.86 10.66 13.15
CA GLU A 161 -14.80 9.75 14.28
C GLU A 161 -15.45 8.41 13.95
N LYS A 162 -15.38 8.03 12.68
CA LYS A 162 -15.95 6.76 12.24
C LYS A 162 -15.13 6.16 11.10
N ILE A 163 -14.65 4.95 11.30
CA ILE A 163 -13.85 4.26 10.30
C ILE A 163 -14.73 3.62 9.23
N TYR A 164 -15.04 4.39 8.18
CA TYR A 164 -15.88 3.89 7.10
C TYR A 164 -15.18 2.77 6.34
N GLU A 165 -15.89 1.67 6.11
CA GLU A 165 -15.35 0.54 5.39
C GLU A 165 -15.59 0.66 3.90
N LEU A 166 -14.51 0.84 3.14
CA LEU A 166 -14.60 0.96 1.69
C LEU A 166 -13.66 -0.01 1.00
N ARG A 167 -14.13 -0.60 -0.10
CA ARG A 167 -13.32 -1.55 -0.87
C ARG A 167 -13.34 -1.21 -2.35
N VAL A 168 -12.18 -1.23 -2.97
CA VAL A 168 -12.06 -0.93 -4.40
C VAL A 168 -12.78 -1.98 -5.24
N MET A 169 -13.33 -1.55 -6.37
CA MET A 169 -14.04 -2.45 -7.27
C MET A 169 -13.26 -2.66 -8.56
N GLU A 170 -13.04 -1.58 -9.30
CA GLU A 170 -12.31 -1.66 -10.56
C GLU A 170 -11.32 -0.50 -10.68
N THR A 171 -10.24 -0.72 -11.43
CA THR A 171 -9.21 0.29 -11.62
C THR A 171 -8.54 0.13 -12.98
N LYS A 172 -8.20 1.26 -13.61
CA LYS A 172 -7.54 1.23 -14.90
C LYS A 172 -6.18 1.93 -14.84
N PRO A 173 -5.23 1.53 -15.69
CA PRO A 173 -5.43 0.48 -16.70
C PRO A 173 -5.40 -0.92 -16.08
N ASP A 174 -4.51 -1.11 -15.11
CA ASP A 174 -4.38 -2.39 -14.43
C ASP A 174 -4.91 -2.31 -13.01
N LYS A 175 -4.93 -3.45 -12.32
CA LYS A 175 -5.41 -3.51 -10.94
C LYS A 175 -4.64 -2.54 -10.05
N ALA A 176 -3.31 -2.57 -10.15
CA ALA A 176 -2.46 -1.70 -9.36
C ALA A 176 -2.11 -0.43 -10.13
N VAL A 177 -2.29 0.72 -9.48
CA VAL A 177 -2.00 2.00 -10.10
C VAL A 177 -1.40 2.98 -9.09
N SER A 178 -0.65 3.95 -9.59
CA SER A 178 -0.03 4.95 -8.73
C SER A 178 -0.64 6.33 -8.97
N ILE A 179 -1.55 6.73 -8.09
CA ILE A 179 -2.21 8.02 -8.20
C ILE A 179 -1.43 9.10 -7.48
N ILE A 180 -0.46 9.68 -8.16
CA ILE A 180 0.37 10.74 -7.58
C ILE A 180 0.18 12.06 -8.33
N GLU A 181 -0.69 12.91 -7.81
CA GLU A 181 -0.96 14.20 -8.43
C GLU A 181 -1.51 14.02 -9.84
N CYS A 182 -2.70 13.45 -9.94
CA CYS A 182 -3.34 13.22 -11.24
C CYS A 182 -4.86 13.14 -11.09
N ASP A 183 -5.57 13.45 -12.17
CA ASP A 183 -7.02 13.41 -12.17
C ASP A 183 -7.53 12.15 -12.85
N MET A 184 -8.52 11.51 -12.22
CA MET A 184 -9.11 10.28 -12.77
C MET A 184 -10.63 10.30 -12.65
N ASN A 185 -11.29 9.55 -13.52
CA ASN A 185 -12.74 9.48 -13.51
C ASN A 185 -13.24 8.53 -12.43
N VAL A 186 -13.20 8.98 -11.18
CA VAL A 186 -13.64 8.17 -10.06
C VAL A 186 -15.12 7.87 -10.14
N ASP A 187 -15.48 6.59 -10.09
CA ASP A 187 -16.88 6.18 -10.17
C ASP A 187 -17.32 5.52 -8.85
N PHE A 188 -18.62 5.35 -8.70
CA PHE A 188 -19.18 4.73 -7.50
C PHE A 188 -19.96 3.47 -7.84
N ASP A 189 -19.63 2.37 -7.17
CA ASP A 189 -20.29 1.10 -7.40
C ASP A 189 -21.37 0.85 -6.35
N ALA A 190 -22.61 1.17 -6.69
CA ALA A 190 -23.73 0.98 -5.76
C ALA A 190 -25.07 1.04 -6.50
N GLY A 1 41.67 -5.31 -7.54
CA GLY A 1 43.13 -5.03 -7.52
C GLY A 1 43.93 -6.07 -8.27
N SER A 2 43.54 -6.33 -9.52
CA SER A 2 44.24 -7.31 -10.34
C SER A 2 44.39 -6.80 -11.78
N SER A 3 45.25 -7.46 -12.54
CA SER A 3 45.49 -7.08 -13.93
C SER A 3 44.31 -7.48 -14.82
N GLY A 4 43.51 -6.50 -15.21
CA GLY A 4 42.36 -6.77 -16.05
C GLY A 4 41.04 -6.66 -15.30
N SER A 5 40.23 -5.69 -15.71
CA SER A 5 38.93 -5.48 -15.06
C SER A 5 37.84 -6.29 -15.75
N SER A 6 37.38 -7.34 -15.07
CA SER A 6 36.33 -8.21 -15.61
C SER A 6 34.99 -7.92 -14.96
N GLY A 7 34.11 -7.25 -15.69
CA GLY A 7 32.80 -6.93 -15.15
C GLY A 7 31.99 -8.16 -14.79
N ILE A 8 30.68 -8.02 -14.79
CA ILE A 8 29.80 -9.14 -14.45
C ILE A 8 28.85 -9.46 -15.61
N PRO A 9 28.67 -10.75 -15.93
CA PRO A 9 27.79 -11.18 -17.01
C PRO A 9 26.32 -11.01 -16.67
N ARG A 10 25.45 -11.62 -17.49
CA ARG A 10 24.01 -11.53 -17.27
C ARG A 10 23.52 -10.10 -17.42
N VAL A 11 22.21 -9.93 -17.39
CA VAL A 11 21.61 -8.60 -17.53
C VAL A 11 22.02 -7.68 -16.38
N PHE A 12 21.55 -6.45 -16.43
CA PHE A 12 21.87 -5.47 -15.39
C PHE A 12 20.60 -4.93 -14.73
N GLN A 13 19.57 -5.78 -14.67
CA GLN A 13 18.31 -5.40 -14.07
C GLN A 13 18.11 -6.08 -12.72
N ASN A 14 17.88 -5.28 -11.68
CA ASN A 14 17.68 -5.81 -10.34
C ASN A 14 16.30 -5.45 -9.82
N ARG A 15 15.84 -6.18 -8.80
CA ARG A 15 14.53 -5.94 -8.21
C ARG A 15 14.52 -6.35 -6.74
N PHE A 16 14.35 -5.37 -5.86
CA PHE A 16 14.32 -5.62 -4.43
C PHE A 16 13.17 -6.56 -4.07
N SER A 17 13.48 -7.84 -3.91
CA SER A 17 12.47 -8.84 -3.57
C SER A 17 12.93 -9.70 -2.39
N THR A 18 12.03 -9.90 -1.43
CA THR A 18 12.35 -10.70 -0.25
C THR A 18 11.13 -10.83 0.65
N GLN A 19 11.23 -11.72 1.64
CA GLN A 19 10.14 -11.94 2.58
C GLN A 19 10.38 -11.19 3.89
N TYR A 20 9.40 -10.36 4.28
CA TYR A 20 9.51 -9.58 5.51
C TYR A 20 8.33 -9.87 6.43
N ARG A 21 8.55 -9.72 7.73
CA ARG A 21 7.51 -9.95 8.72
C ARG A 21 6.64 -8.71 8.90
N CYS A 22 5.32 -8.90 8.83
CA CYS A 22 4.38 -7.81 8.99
C CYS A 22 3.92 -7.68 10.44
N PHE A 23 3.99 -6.46 10.96
CA PHE A 23 3.58 -6.20 12.34
C PHE A 23 2.67 -4.97 12.42
N SER A 24 2.10 -4.74 13.59
CA SER A 24 1.21 -3.60 13.79
C SER A 24 2.01 -2.35 14.16
N VAL A 25 1.37 -1.19 14.05
CA VAL A 25 2.02 0.07 14.36
C VAL A 25 1.83 0.45 15.83
N SER A 26 1.34 -0.50 16.62
CA SER A 26 1.11 -0.25 18.05
C SER A 26 2.43 -0.29 18.82
N MET A 27 3.39 -1.03 18.31
CA MET A 27 4.70 -1.15 18.94
C MET A 27 5.36 0.22 19.09
N LEU A 28 5.36 0.99 18.01
CA LEU A 28 5.95 2.32 18.02
C LEU A 28 4.99 3.34 18.61
N ALA A 29 5.01 3.46 19.93
CA ALA A 29 4.13 4.41 20.63
C ALA A 29 4.89 5.66 21.02
N GLY A 30 4.20 6.58 21.70
CA GLY A 30 4.82 7.81 22.14
C GLY A 30 3.92 8.64 23.03
N PRO A 31 4.25 9.92 23.25
CA PRO A 31 3.45 10.81 24.10
C PRO A 31 2.11 11.16 23.47
N ASN A 32 2.12 11.50 22.18
CA ASN A 32 0.90 11.85 21.48
C ASN A 32 0.23 10.61 20.91
N ASP A 33 -0.94 10.79 20.30
CA ASP A 33 -1.69 9.69 19.72
C ASP A 33 -1.71 9.78 18.21
N ARG A 34 -1.07 8.83 17.54
CA ARG A 34 -1.01 8.81 16.09
C ARG A 34 -2.24 8.11 15.51
N SER A 35 -2.94 8.80 14.62
CA SER A 35 -4.13 8.24 13.99
C SER A 35 -4.16 8.56 12.49
N ASP A 36 -2.98 8.63 11.89
CA ASP A 36 -2.86 8.93 10.47
C ASP A 36 -2.36 7.71 9.69
N VAL A 37 -1.57 6.88 10.37
CA VAL A 37 -1.02 5.68 9.73
C VAL A 37 -2.13 4.73 9.30
N GLU A 38 -3.25 4.76 10.02
CA GLU A 38 -4.38 3.89 9.71
C GLU A 38 -5.24 4.49 8.61
N LYS A 39 -5.27 5.81 8.53
CA LYS A 39 -6.06 6.50 7.51
C LYS A 39 -5.24 6.69 6.23
N GLY A 40 -3.93 6.82 6.38
CA GLY A 40 -3.07 7.00 5.23
C GLY A 40 -2.49 5.69 4.72
N GLY A 41 -1.69 5.78 3.67
CA GLY A 41 -1.09 4.58 3.10
C GLY A 41 0.43 4.63 3.12
N LYS A 42 1.00 4.68 4.32
CA LYS A 42 2.45 4.73 4.47
C LYS A 42 2.91 3.73 5.54
N ILE A 43 4.16 3.28 5.40
CA ILE A 43 4.72 2.32 6.34
C ILE A 43 6.16 2.68 6.72
N ILE A 44 6.75 1.90 7.61
CA ILE A 44 8.12 2.14 8.05
C ILE A 44 8.99 0.89 7.87
N MET A 45 9.97 1.00 6.99
CA MET A 45 10.88 -0.12 6.73
C MET A 45 12.26 0.15 7.30
N PRO A 46 13.10 -0.89 7.43
CA PRO A 46 14.46 -0.75 7.98
C PRO A 46 15.28 0.29 7.21
N PRO A 47 16.15 1.03 7.93
CA PRO A 47 16.99 2.06 7.31
C PRO A 47 17.80 1.52 6.13
N SER A 48 18.10 0.23 6.18
CA SER A 48 18.88 -0.41 5.11
C SER A 48 18.10 -0.42 3.80
N ALA A 49 16.77 -0.47 3.90
CA ALA A 49 15.92 -0.48 2.73
C ALA A 49 16.15 0.74 1.85
N LEU A 50 16.17 1.92 2.47
CA LEU A 50 16.40 3.16 1.76
C LEU A 50 17.75 3.15 1.06
N ASP A 51 18.77 2.69 1.78
CA ASP A 51 20.12 2.62 1.23
C ASP A 51 20.23 1.56 0.14
N GLN A 52 19.43 0.52 0.26
CA GLN A 52 19.43 -0.57 -0.72
C GLN A 52 18.82 -0.10 -2.04
N LEU A 53 17.69 0.60 -1.95
CA LEU A 53 17.01 1.10 -3.13
C LEU A 53 17.93 2.00 -3.96
N SER A 54 18.85 2.67 -3.28
CA SER A 54 19.79 3.57 -3.96
C SER A 54 20.86 2.78 -4.72
N ARG A 55 21.13 1.56 -4.26
CA ARG A 55 22.12 0.70 -4.89
C ARG A 55 21.48 -0.24 -5.90
N LEU A 56 20.27 0.09 -6.35
CA LEU A 56 19.55 -0.73 -7.31
C LEU A 56 18.97 0.11 -8.44
N ASN A 57 19.51 1.32 -8.62
CA ASN A 57 19.03 2.22 -9.67
C ASN A 57 17.53 2.48 -9.52
N ILE A 58 17.03 2.43 -8.29
CA ILE A 58 15.62 2.66 -8.02
C ILE A 58 15.38 4.08 -7.51
N THR A 59 14.42 4.77 -8.12
CA THR A 59 14.09 6.13 -7.73
C THR A 59 12.64 6.23 -7.28
N TYR A 60 12.31 7.34 -6.63
CA TYR A 60 10.95 7.56 -6.14
C TYR A 60 9.97 7.68 -7.31
N PRO A 61 8.76 7.11 -7.17
CA PRO A 61 8.33 6.39 -5.97
C PRO A 61 8.92 4.99 -5.90
N MET A 62 8.85 4.39 -4.72
CA MET A 62 9.38 3.04 -4.51
C MET A 62 8.40 2.19 -3.72
N LEU A 63 7.23 1.93 -4.31
CA LEU A 63 6.21 1.13 -3.66
C LEU A 63 6.63 -0.34 -3.58
N PHE A 64 5.93 -1.10 -2.75
CA PHE A 64 6.23 -2.52 -2.60
C PHE A 64 4.95 -3.36 -2.66
N LYS A 65 4.93 -4.35 -3.55
CA LYS A 65 3.78 -5.22 -3.71
C LYS A 65 3.78 -6.33 -2.67
N LEU A 66 2.82 -6.29 -1.76
CA LEU A 66 2.72 -7.29 -0.70
C LEU A 66 1.81 -8.44 -1.13
N THR A 67 2.37 -9.38 -1.89
CA THR A 67 1.61 -10.53 -2.37
C THR A 67 1.61 -11.65 -1.33
N ASN A 68 0.51 -11.74 -0.58
CA ASN A 68 0.38 -12.77 0.45
C ASN A 68 0.41 -14.17 -0.17
N LYS A 69 1.32 -15.00 0.33
CA LYS A 69 1.47 -16.36 -0.17
C LYS A 69 0.74 -17.35 0.73
N ASN A 70 -0.38 -16.92 1.31
CA ASN A 70 -1.16 -17.76 2.20
C ASN A 70 -2.62 -17.82 1.75
N SER A 71 -3.19 -16.65 1.48
CA SER A 71 -4.58 -16.57 1.04
C SER A 71 -4.69 -15.96 -0.36
N ASP A 72 -3.59 -16.03 -1.11
CA ASP A 72 -3.57 -15.49 -2.47
C ASP A 72 -4.00 -14.03 -2.48
N ARG A 73 -3.65 -13.29 -1.43
CA ARG A 73 -4.01 -11.89 -1.32
C ARG A 73 -3.01 -11.01 -2.06
N MET A 74 -3.41 -9.77 -2.36
CA MET A 74 -2.53 -8.83 -3.06
C MET A 74 -2.80 -7.41 -2.62
N THR A 75 -1.75 -6.71 -2.20
CA THR A 75 -1.88 -5.33 -1.76
C THR A 75 -0.58 -4.56 -1.97
N HIS A 76 -0.68 -3.38 -2.56
CA HIS A 76 0.48 -2.54 -2.83
C HIS A 76 0.56 -1.38 -1.85
N CYS A 77 1.49 -1.47 -0.91
CA CYS A 77 1.67 -0.42 0.09
C CYS A 77 2.73 0.59 -0.36
N GLY A 78 2.90 1.64 0.42
CA GLY A 78 3.88 2.67 0.09
C GLY A 78 4.77 3.01 1.26
N VAL A 79 6.06 3.18 0.98
CA VAL A 79 7.03 3.51 2.02
C VAL A 79 7.07 5.01 2.27
N LEU A 80 7.55 5.39 3.45
CA LEU A 80 7.64 6.80 3.82
C LEU A 80 8.79 7.04 4.80
N GLU A 81 8.73 6.35 5.93
CA GLU A 81 9.76 6.49 6.95
C GLU A 81 10.69 5.26 6.96
N PHE A 82 11.96 5.49 7.29
CA PHE A 82 12.94 4.42 7.33
C PHE A 82 13.63 4.36 8.68
N VAL A 83 13.02 3.65 9.63
CA VAL A 83 13.58 3.53 10.97
C VAL A 83 13.08 2.26 11.65
N ALA A 84 12.83 1.22 10.86
CA ALA A 84 12.35 -0.05 11.39
C ALA A 84 13.52 -0.99 11.71
N ASP A 85 13.22 -2.05 12.47
CA ASP A 85 14.25 -3.03 12.84
C ASP A 85 14.43 -4.05 11.73
N GLU A 86 15.53 -4.81 11.81
CA GLU A 86 15.83 -5.82 10.81
C GLU A 86 14.78 -6.93 10.83
N GLY A 87 14.12 -7.14 9.69
CA GLY A 87 13.10 -8.17 9.59
C GLY A 87 11.85 -7.81 10.36
N ILE A 88 11.52 -6.52 10.40
CA ILE A 88 10.34 -6.04 11.11
C ILE A 88 9.76 -4.80 10.43
N CYS A 89 8.77 -5.03 9.57
CA CYS A 89 8.13 -3.93 8.87
C CYS A 89 6.82 -3.52 9.55
N TYR A 90 6.69 -2.24 9.85
CA TYR A 90 5.49 -1.72 10.51
C TYR A 90 4.45 -1.30 9.48
N LEU A 91 3.22 -1.78 9.65
CA LEU A 91 2.13 -1.45 8.74
C LEU A 91 0.85 -1.13 9.51
N PRO A 92 -0.05 -0.34 8.91
CA PRO A 92 -1.32 0.04 9.54
C PRO A 92 -2.10 -1.17 10.04
N HIS A 93 -3.32 -0.92 10.53
CA HIS A 93 -4.17 -1.99 11.03
C HIS A 93 -5.12 -2.49 9.95
N TRP A 94 -5.59 -1.57 9.11
CA TRP A 94 -6.51 -1.90 8.03
C TRP A 94 -5.84 -2.84 7.02
N MET A 95 -4.55 -2.60 6.77
CA MET A 95 -3.80 -3.40 5.83
C MET A 95 -3.54 -4.80 6.38
N MET A 96 -3.26 -4.87 7.68
CA MET A 96 -3.00 -6.14 8.34
C MET A 96 -4.24 -7.03 8.33
N GLN A 97 -5.38 -6.44 8.65
CA GLN A 97 -6.64 -7.17 8.67
C GLN A 97 -7.11 -7.50 7.25
N ASN A 98 -6.93 -6.55 6.35
CA ASN A 98 -7.33 -6.73 4.96
C ASN A 98 -6.61 -7.92 4.33
N LEU A 99 -5.38 -8.16 4.79
CA LEU A 99 -4.58 -9.28 4.27
C LEU A 99 -4.66 -10.49 5.20
N LEU A 100 -5.27 -10.31 6.37
CA LEU A 100 -5.40 -11.39 7.34
C LEU A 100 -4.03 -11.87 7.81
N LEU A 101 -3.09 -10.95 7.90
CA LEU A 101 -1.73 -11.28 8.34
C LEU A 101 -1.59 -11.09 9.85
N GLU A 102 -1.05 -12.11 10.51
CA GLU A 102 -0.86 -12.06 11.96
C GLU A 102 0.44 -11.34 12.30
N GLU A 103 0.71 -11.22 13.61
CA GLU A 103 1.92 -10.55 14.07
C GLU A 103 3.16 -11.37 13.72
N GLY A 104 3.77 -11.05 12.59
CA GLY A 104 4.96 -11.75 12.15
C GLY A 104 4.70 -12.64 10.95
N GLY A 105 3.92 -12.14 10.00
CA GLY A 105 3.61 -12.91 8.82
C GLY A 105 4.50 -12.55 7.63
N LEU A 106 5.24 -13.54 7.14
CA LEU A 106 6.14 -13.33 6.01
C LEU A 106 5.35 -13.18 4.71
N VAL A 107 5.61 -12.10 3.99
CA VAL A 107 4.92 -11.83 2.73
C VAL A 107 5.92 -11.56 1.61
N GLN A 108 5.60 -12.02 0.40
CA GLN A 108 6.47 -11.82 -0.74
C GLN A 108 6.53 -10.35 -1.14
N VAL A 109 7.64 -9.70 -0.81
CA VAL A 109 7.83 -8.29 -1.12
C VAL A 109 8.48 -8.11 -2.48
N GLU A 110 7.96 -7.17 -3.27
CA GLU A 110 8.49 -6.90 -4.61
C GLU A 110 8.48 -5.41 -4.90
N SER A 111 9.45 -4.96 -5.69
CA SER A 111 9.54 -3.55 -6.05
C SER A 111 9.09 -3.33 -7.49
N VAL A 112 8.00 -2.58 -7.65
CA VAL A 112 7.46 -2.29 -8.97
C VAL A 112 7.18 -0.80 -9.14
N ASN A 113 6.81 -0.40 -10.35
CA ASN A 113 6.52 0.99 -10.65
C ASN A 113 5.23 1.12 -11.45
N LEU A 114 4.14 1.44 -10.77
CA LEU A 114 2.84 1.59 -11.42
C LEU A 114 2.64 3.03 -11.91
N GLN A 115 1.49 3.28 -12.53
CA GLN A 115 1.17 4.61 -13.04
C GLN A 115 -0.13 5.13 -12.46
N VAL A 116 -0.43 6.40 -12.69
CA VAL A 116 -1.65 7.01 -12.19
C VAL A 116 -2.88 6.37 -12.81
N ALA A 117 -3.95 6.24 -12.02
CA ALA A 117 -5.19 5.65 -12.49
C ALA A 117 -6.04 6.66 -13.23
N THR A 118 -6.92 6.18 -14.10
CA THR A 118 -7.80 7.05 -14.87
C THR A 118 -9.26 6.78 -14.53
N TYR A 119 -9.60 5.50 -14.37
CA TYR A 119 -10.97 5.11 -14.06
C TYR A 119 -11.01 4.25 -12.79
N SER A 120 -11.06 4.91 -11.64
CA SER A 120 -11.11 4.21 -10.36
C SER A 120 -12.53 4.16 -9.82
N LYS A 121 -13.04 2.95 -9.62
CA LYS A 121 -14.39 2.76 -9.10
C LYS A 121 -14.36 2.23 -7.68
N PHE A 122 -15.38 2.58 -6.90
CA PHE A 122 -15.47 2.13 -5.51
C PHE A 122 -16.88 1.65 -5.18
N GLN A 123 -17.01 0.93 -4.08
CA GLN A 123 -18.30 0.40 -3.66
C GLN A 123 -18.39 0.32 -2.14
N PRO A 124 -18.87 1.39 -1.48
CA PRO A 124 -19.00 1.43 -0.02
C PRO A 124 -19.77 0.23 0.52
N GLN A 125 -19.17 -0.47 1.47
CA GLN A 125 -19.80 -1.65 2.07
C GLN A 125 -20.94 -1.23 3.01
N SER A 126 -20.78 -0.07 3.64
CA SER A 126 -21.78 0.44 4.56
C SER A 126 -22.57 1.59 3.94
N PRO A 127 -23.86 1.72 4.30
CA PRO A 127 -24.72 2.79 3.76
C PRO A 127 -24.37 4.16 4.33
N ASP A 128 -23.55 4.18 5.38
CA ASP A 128 -23.13 5.43 6.01
C ASP A 128 -22.51 6.38 4.98
N PHE A 129 -21.68 5.83 4.11
CA PHE A 129 -21.03 6.63 3.08
C PHE A 129 -22.02 7.10 2.03
N LEU A 130 -23.01 6.25 1.73
CA LEU A 130 -24.02 6.58 0.74
C LEU A 130 -24.90 7.73 1.22
N ASP A 131 -25.06 7.83 2.54
CA ASP A 131 -25.87 8.89 3.13
C ASP A 131 -25.30 10.27 2.81
N ILE A 132 -23.98 10.32 2.57
CA ILE A 132 -23.32 11.57 2.25
C ILE A 132 -23.85 12.15 0.94
N THR A 133 -24.05 13.47 0.93
CA THR A 133 -24.55 14.15 -0.26
C THR A 133 -23.55 14.09 -1.40
N ASN A 134 -22.26 14.24 -1.06
CA ASN A 134 -21.21 14.21 -2.06
C ASN A 134 -20.13 13.19 -1.67
N PRO A 135 -20.37 11.90 -1.94
CA PRO A 135 -19.43 10.83 -1.62
C PRO A 135 -18.05 11.07 -2.23
N LYS A 136 -18.04 11.64 -3.43
CA LYS A 136 -16.79 11.93 -4.12
C LYS A 136 -15.91 12.88 -3.30
N ALA A 137 -16.56 13.80 -2.60
CA ALA A 137 -15.83 14.77 -1.77
C ALA A 137 -15.19 14.09 -0.57
N VAL A 138 -15.88 13.11 0.00
CA VAL A 138 -15.38 12.39 1.15
C VAL A 138 -14.42 11.28 0.72
N LEU A 139 -14.66 10.71 -0.45
CA LEU A 139 -13.82 9.64 -0.96
C LEU A 139 -12.49 10.19 -1.47
N GLU A 140 -12.54 11.35 -2.12
CA GLU A 140 -11.35 11.98 -2.65
C GLU A 140 -10.45 12.51 -1.54
N ASN A 141 -11.08 12.91 -0.43
CA ASN A 141 -10.35 13.44 0.71
C ASN A 141 -9.49 12.36 1.36
N ALA A 142 -9.97 11.12 1.28
CA ALA A 142 -9.24 9.99 1.87
C ALA A 142 -8.25 9.41 0.86
N LEU A 143 -8.67 9.29 -0.39
CA LEU A 143 -7.82 8.75 -1.44
C LEU A 143 -6.54 9.57 -1.58
N ARG A 144 -6.61 10.86 -1.24
CA ARG A 144 -5.47 11.75 -1.33
C ARG A 144 -4.29 11.22 -0.52
N ASN A 145 -4.60 10.49 0.55
CA ASN A 145 -3.57 9.94 1.42
C ASN A 145 -2.98 8.66 0.80
N PHE A 146 -3.86 7.79 0.32
CA PHE A 146 -3.42 6.53 -0.30
C PHE A 146 -2.55 6.80 -1.52
N ALA A 147 -1.44 6.09 -1.62
CA ALA A 147 -0.51 6.24 -2.73
C ALA A 147 -0.75 5.16 -3.79
N CYS A 148 -1.22 4.01 -3.35
CA CYS A 148 -1.48 2.89 -4.26
C CYS A 148 -2.85 2.27 -3.98
N LEU A 149 -3.32 1.44 -4.91
CA LEU A 149 -4.61 0.78 -4.77
C LEU A 149 -4.68 -0.47 -5.64
N THR A 150 -5.41 -1.47 -5.16
CA THR A 150 -5.55 -2.73 -5.89
C THR A 150 -7.01 -3.17 -5.92
N THR A 151 -7.47 -3.53 -7.11
CA THR A 151 -8.85 -3.98 -7.29
C THR A 151 -9.15 -5.21 -6.43
N GLY A 152 -9.92 -5.02 -5.38
CA GLY A 152 -10.25 -6.12 -4.49
C GLY A 152 -9.62 -5.99 -3.12
N ASP A 153 -9.39 -4.75 -2.69
CA ASP A 153 -8.79 -4.49 -1.40
C ASP A 153 -9.69 -3.60 -0.55
N VAL A 154 -9.87 -3.97 0.72
CA VAL A 154 -10.71 -3.22 1.64
C VAL A 154 -9.89 -2.17 2.39
N ILE A 155 -10.20 -0.90 2.14
CA ILE A 155 -9.49 0.20 2.79
C ILE A 155 -10.42 0.95 3.73
N ALA A 156 -10.08 0.95 5.02
CA ALA A 156 -10.88 1.64 6.02
C ALA A 156 -10.56 3.14 6.05
N ILE A 157 -11.59 3.96 6.24
CA ILE A 157 -11.42 5.40 6.28
C ILE A 157 -12.20 6.01 7.44
N ASN A 158 -11.67 7.09 8.01
CA ASN A 158 -12.31 7.76 9.13
C ASN A 158 -12.12 9.27 9.03
N TYR A 159 -13.03 10.02 9.66
CA TYR A 159 -12.96 11.47 9.65
C TYR A 159 -14.04 12.07 10.55
N ASN A 160 -15.25 11.53 10.45
CA ASN A 160 -16.37 12.01 11.25
C ASN A 160 -16.62 11.09 12.43
N GLU A 161 -15.55 10.63 13.06
CA GLU A 161 -15.67 9.73 14.21
C GLU A 161 -16.39 8.44 13.83
N LYS A 162 -16.23 8.03 12.58
CA LYS A 162 -16.88 6.81 12.08
C LYS A 162 -16.08 6.19 10.95
N ILE A 163 -15.89 4.88 11.01
CA ILE A 163 -15.15 4.15 9.99
C ILE A 163 -16.03 3.79 8.81
N TYR A 164 -15.86 4.50 7.70
CA TYR A 164 -16.64 4.24 6.50
C TYR A 164 -15.96 3.20 5.61
N GLU A 165 -16.58 2.03 5.51
CA GLU A 165 -16.03 0.95 4.69
C GLU A 165 -16.06 1.32 3.22
N LEU A 166 -14.98 0.98 2.51
CA LEU A 166 -14.88 1.28 1.09
C LEU A 166 -13.88 0.34 0.41
N ARG A 167 -14.39 -0.45 -0.54
CA ARG A 167 -13.54 -1.40 -1.26
C ARG A 167 -13.46 -1.03 -2.75
N VAL A 168 -12.27 -1.12 -3.31
CA VAL A 168 -12.06 -0.80 -4.72
C VAL A 168 -12.62 -1.90 -5.62
N MET A 169 -13.71 -1.60 -6.30
CA MET A 169 -14.35 -2.56 -7.20
C MET A 169 -13.57 -2.68 -8.51
N GLU A 170 -13.21 -1.54 -9.08
CA GLU A 170 -12.47 -1.52 -10.33
C GLU A 170 -11.49 -0.35 -10.38
N THR A 171 -10.44 -0.49 -11.18
CA THR A 171 -9.43 0.56 -11.31
C THR A 171 -8.64 0.40 -12.60
N LYS A 172 -8.47 1.49 -13.32
CA LYS A 172 -7.74 1.48 -14.59
C LYS A 172 -6.39 2.19 -14.44
N PRO A 173 -5.42 1.88 -15.32
CA PRO A 173 -5.60 0.91 -16.41
C PRO A 173 -5.56 -0.53 -15.90
N ASP A 174 -4.86 -0.75 -14.80
CA ASP A 174 -4.74 -2.08 -14.21
C ASP A 174 -5.18 -2.07 -12.75
N LYS A 175 -5.13 -3.24 -12.12
CA LYS A 175 -5.51 -3.36 -10.72
C LYS A 175 -4.64 -2.47 -9.83
N ALA A 176 -3.33 -2.55 -10.04
CA ALA A 176 -2.39 -1.75 -9.25
C ALA A 176 -2.12 -0.41 -9.93
N VAL A 177 -2.35 0.67 -9.20
CA VAL A 177 -2.13 2.01 -9.73
C VAL A 177 -1.52 2.93 -8.68
N SER A 178 -0.77 3.93 -9.13
CA SER A 178 -0.13 4.88 -8.22
C SER A 178 -0.73 6.27 -8.39
N ILE A 179 -1.64 6.62 -7.49
CA ILE A 179 -2.30 7.93 -7.54
C ILE A 179 -1.50 8.97 -6.75
N ILE A 180 -0.52 9.56 -7.42
CA ILE A 180 0.33 10.57 -6.79
C ILE A 180 0.11 11.94 -7.42
N GLU A 181 -0.86 12.69 -6.90
CA GLU A 181 -1.17 14.02 -7.42
C GLU A 181 -1.60 13.95 -8.87
N CYS A 182 -2.86 13.54 -9.09
CA CYS A 182 -3.40 13.41 -10.44
C CYS A 182 -4.93 13.34 -10.41
N ASP A 183 -5.55 13.83 -11.46
CA ASP A 183 -7.01 13.82 -11.56
C ASP A 183 -7.49 12.69 -12.46
N MET A 184 -8.46 11.92 -11.97
CA MET A 184 -9.00 10.80 -12.73
C MET A 184 -10.53 10.77 -12.65
N ASN A 185 -11.14 9.92 -13.45
CA ASN A 185 -12.59 9.79 -13.46
C ASN A 185 -13.05 8.71 -12.49
N VAL A 186 -13.46 9.14 -11.30
CA VAL A 186 -13.92 8.21 -10.27
C VAL A 186 -15.39 7.87 -10.47
N ASP A 187 -15.74 6.59 -10.26
CA ASP A 187 -17.12 6.14 -10.42
C ASP A 187 -17.66 5.60 -9.10
N PHE A 188 -18.94 5.25 -9.09
CA PHE A 188 -19.58 4.72 -7.89
C PHE A 188 -20.56 3.60 -8.25
N ASP A 189 -20.70 2.64 -7.34
CA ASP A 189 -21.60 1.51 -7.56
C ASP A 189 -22.43 1.22 -6.31
N ALA A 190 -23.59 1.85 -6.21
CA ALA A 190 -24.47 1.66 -5.06
C ALA A 190 -25.08 0.26 -5.07
N GLY A 1 9.56 -11.30 -44.28
CA GLY A 1 8.94 -12.66 -44.23
C GLY A 1 9.68 -13.58 -43.28
N SER A 2 9.13 -14.78 -43.07
CA SER A 2 9.74 -15.76 -42.18
C SER A 2 9.83 -15.21 -40.76
N SER A 3 10.48 -15.97 -39.89
CA SER A 3 10.64 -15.56 -38.50
C SER A 3 11.79 -16.31 -37.84
N GLY A 4 12.17 -15.87 -36.64
CA GLY A 4 13.26 -16.50 -35.93
C GLY A 4 13.43 -15.96 -34.52
N SER A 5 14.67 -15.64 -34.15
CA SER A 5 14.96 -15.12 -32.83
C SER A 5 14.27 -13.77 -32.61
N SER A 6 13.30 -13.76 -31.70
CA SER A 6 12.55 -12.54 -31.40
C SER A 6 11.90 -12.62 -30.04
N GLY A 7 11.46 -11.48 -29.51
CA GLY A 7 10.81 -11.45 -28.21
C GLY A 7 11.03 -10.13 -27.49
N ILE A 8 10.64 -10.08 -26.22
CA ILE A 8 10.78 -8.87 -25.42
C ILE A 8 12.25 -8.55 -25.18
N PRO A 9 12.58 -7.25 -25.02
CA PRO A 9 13.96 -6.82 -24.77
C PRO A 9 14.47 -7.23 -23.40
N ARG A 10 15.78 -7.11 -23.19
CA ARG A 10 16.39 -7.47 -21.92
C ARG A 10 17.67 -6.68 -21.68
N VAL A 11 17.69 -5.87 -20.63
CA VAL A 11 18.85 -5.07 -20.30
C VAL A 11 19.18 -5.16 -18.81
N PHE A 12 20.26 -4.49 -18.41
CA PHE A 12 20.68 -4.50 -17.01
C PHE A 12 19.60 -3.90 -16.12
N GLN A 13 18.95 -4.76 -15.34
CA GLN A 13 17.89 -4.32 -14.43
C GLN A 13 18.14 -4.83 -13.02
N ASN A 14 17.53 -4.16 -12.04
CA ASN A 14 17.68 -4.55 -10.64
C ASN A 14 16.45 -4.14 -9.83
N ARG A 15 15.75 -5.13 -9.28
CA ARG A 15 14.56 -4.87 -8.50
C ARG A 15 14.70 -5.47 -7.09
N PHE A 16 13.83 -5.04 -6.19
CA PHE A 16 13.86 -5.53 -4.81
C PHE A 16 12.89 -6.71 -4.63
N SER A 17 13.35 -7.74 -3.93
CA SER A 17 12.52 -8.91 -3.69
C SER A 17 13.02 -9.69 -2.48
N THR A 18 12.19 -9.82 -1.46
CA THR A 18 12.55 -10.54 -0.25
C THR A 18 11.38 -10.58 0.73
N GLN A 19 11.32 -11.63 1.54
CA GLN A 19 10.26 -11.80 2.51
C GLN A 19 10.47 -10.86 3.71
N TYR A 20 9.38 -10.29 4.19
CA TYR A 20 9.44 -9.37 5.33
C TYR A 20 8.24 -9.56 6.24
N ARG A 21 8.46 -9.42 7.55
CA ARG A 21 7.40 -9.57 8.53
C ARG A 21 6.39 -8.42 8.44
N CYS A 22 5.34 -8.50 9.24
CA CYS A 22 4.31 -7.46 9.25
C CYS A 22 3.73 -7.29 10.65
N PHE A 23 3.76 -6.05 11.13
CA PHE A 23 3.24 -5.75 12.46
C PHE A 23 2.34 -4.52 12.42
N SER A 24 1.71 -4.21 13.55
CA SER A 24 0.82 -3.06 13.65
C SER A 24 1.57 -1.83 14.16
N VAL A 25 1.17 -0.65 13.68
CA VAL A 25 1.81 0.60 14.09
C VAL A 25 1.60 0.86 15.57
N SER A 26 0.50 0.34 16.12
CA SER A 26 0.19 0.52 17.53
C SER A 26 1.33 0.02 18.41
N MET A 27 2.07 -0.97 17.91
CA MET A 27 3.19 -1.53 18.66
C MET A 27 4.22 -0.47 19.00
N LEU A 28 4.64 0.29 17.98
CA LEU A 28 5.63 1.35 18.17
C LEU A 28 4.95 2.66 18.50
N ALA A 29 5.65 3.51 19.24
CA ALA A 29 5.12 4.82 19.64
C ALA A 29 6.24 5.76 20.05
N GLY A 30 5.92 7.05 20.11
CA GLY A 30 6.91 8.05 20.50
C GLY A 30 6.36 9.04 21.51
N PRO A 31 7.01 10.22 21.64
CA PRO A 31 6.57 11.25 22.58
C PRO A 31 5.25 11.89 22.16
N ASN A 32 4.99 11.89 20.86
CA ASN A 32 3.75 12.48 20.34
C ASN A 32 2.89 11.41 19.68
N ASP A 33 1.58 11.62 19.68
CA ASP A 33 0.64 10.68 19.08
C ASP A 33 0.58 10.86 17.56
N ARG A 34 -0.22 10.03 16.91
CA ARG A 34 -0.38 10.11 15.45
C ARG A 34 -1.57 9.27 14.99
N SER A 35 -2.46 9.91 14.25
CA SER A 35 -3.65 9.23 13.74
C SER A 35 -3.58 9.07 12.22
N ASP A 36 -2.90 9.99 11.56
CA ASP A 36 -2.75 9.94 10.11
C ASP A 36 -2.08 8.64 9.67
N VAL A 37 -1.23 8.09 10.54
CA VAL A 37 -0.53 6.86 10.23
C VAL A 37 -1.51 5.72 9.96
N GLU A 38 -2.57 5.67 10.76
CA GLU A 38 -3.58 4.62 10.62
C GLU A 38 -4.59 5.00 9.53
N LYS A 39 -4.83 6.29 9.37
CA LYS A 39 -5.76 6.78 8.36
C LYS A 39 -5.05 7.05 7.04
N GLY A 40 -4.38 6.05 6.52
CA GLY A 40 -3.65 6.20 5.27
C GLY A 40 -2.82 4.98 4.92
N GLY A 41 -2.65 4.73 3.63
CA GLY A 41 -1.87 3.58 3.20
C GLY A 41 -0.38 3.86 3.19
N LYS A 42 0.21 3.94 4.38
CA LYS A 42 1.64 4.21 4.51
C LYS A 42 2.29 3.21 5.47
N ILE A 43 3.43 2.66 5.05
CA ILE A 43 4.15 1.70 5.87
C ILE A 43 5.56 2.20 6.19
N ILE A 44 6.18 1.58 7.19
CA ILE A 44 7.53 1.97 7.60
C ILE A 44 8.46 0.75 7.63
N MET A 45 9.49 0.78 6.80
CA MET A 45 10.46 -0.31 6.73
C MET A 45 11.81 0.12 7.30
N PRO A 46 12.68 -0.85 7.60
CA PRO A 46 14.01 -0.57 8.16
C PRO A 46 14.82 0.38 7.28
N PRO A 47 15.68 1.21 7.89
CA PRO A 47 16.51 2.18 7.15
C PRO A 47 17.32 1.53 6.05
N SER A 48 17.67 0.26 6.25
CA SER A 48 18.45 -0.49 5.26
C SER A 48 17.71 -0.55 3.92
N ALA A 49 16.39 -0.55 3.98
CA ALA A 49 15.57 -0.61 2.77
C ALA A 49 15.76 0.64 1.92
N LEU A 50 15.99 1.78 2.58
CA LEU A 50 16.18 3.04 1.88
C LEU A 50 17.52 3.06 1.16
N ASP A 51 18.59 2.71 1.88
CA ASP A 51 19.92 2.69 1.30
C ASP A 51 20.00 1.72 0.13
N GLN A 52 19.20 0.66 0.20
CA GLN A 52 19.18 -0.36 -0.85
C GLN A 52 18.40 0.14 -2.06
N LEU A 53 17.27 0.80 -1.81
CA LEU A 53 16.43 1.33 -2.88
C LEU A 53 17.21 2.29 -3.77
N SER A 54 18.16 3.00 -3.17
CA SER A 54 18.98 3.95 -3.91
C SER A 54 20.13 3.25 -4.63
N ARG A 55 20.59 2.14 -4.05
CA ARG A 55 21.68 1.37 -4.64
C ARG A 55 21.19 0.45 -5.74
N LEU A 56 19.88 0.23 -5.78
CA LEU A 56 19.28 -0.64 -6.80
C LEU A 56 18.80 0.16 -8.01
N ASN A 57 19.33 1.37 -8.16
CA ASN A 57 18.96 2.23 -9.28
C ASN A 57 17.44 2.44 -9.33
N ILE A 58 16.80 2.40 -8.17
CA ILE A 58 15.37 2.58 -8.08
C ILE A 58 15.00 4.01 -7.71
N THR A 59 13.95 4.54 -8.31
CA THR A 59 13.51 5.91 -8.04
C THR A 59 12.03 5.93 -7.66
N TYR A 60 11.62 7.00 -6.99
CA TYR A 60 10.23 7.15 -6.56
C TYR A 60 9.29 7.21 -7.77
N PRO A 61 8.07 6.65 -7.64
CA PRO A 61 7.60 5.99 -6.41
C PRO A 61 8.20 4.59 -6.24
N MET A 62 8.31 4.17 -4.99
CA MET A 62 8.87 2.85 -4.69
C MET A 62 7.82 1.97 -4.01
N LEU A 63 6.73 1.71 -4.73
CA LEU A 63 5.65 0.88 -4.19
C LEU A 63 6.01 -0.60 -4.30
N PHE A 64 5.71 -1.35 -3.24
CA PHE A 64 6.00 -2.79 -3.21
C PHE A 64 4.75 -3.60 -3.52
N LYS A 65 4.92 -4.91 -3.69
CA LYS A 65 3.81 -5.80 -3.98
C LYS A 65 3.68 -6.89 -2.92
N LEU A 66 2.96 -6.57 -1.84
CA LEU A 66 2.76 -7.51 -0.75
C LEU A 66 1.93 -8.71 -1.21
N THR A 67 2.60 -9.73 -1.74
CA THR A 67 1.93 -10.92 -2.22
C THR A 67 1.76 -11.95 -1.09
N ASN A 68 0.55 -12.03 -0.56
CA ASN A 68 0.25 -12.96 0.52
C ASN A 68 -0.08 -14.34 -0.03
N LYS A 69 0.78 -15.31 0.26
CA LYS A 69 0.57 -16.68 -0.21
C LYS A 69 -0.10 -17.52 0.87
N ASN A 70 -1.10 -16.95 1.53
CA ASN A 70 -1.82 -17.65 2.59
C ASN A 70 -3.32 -17.67 2.30
N SER A 71 -3.85 -16.53 1.88
CA SER A 71 -5.28 -16.41 1.57
C SER A 71 -5.49 -15.82 0.17
N ASP A 72 -4.50 -15.99 -0.69
CA ASP A 72 -4.58 -15.48 -2.05
C ASP A 72 -4.84 -13.97 -2.06
N ARG A 73 -4.21 -13.26 -1.13
CA ARG A 73 -4.38 -11.82 -1.03
C ARG A 73 -3.36 -11.08 -1.89
N MET A 74 -3.68 -9.85 -2.26
CA MET A 74 -2.80 -9.04 -3.08
C MET A 74 -3.03 -7.55 -2.85
N THR A 75 -1.97 -6.82 -2.55
CA THR A 75 -2.06 -5.39 -2.31
C THR A 75 -0.72 -4.69 -2.53
N HIS A 76 -0.77 -3.46 -3.04
CA HIS A 76 0.45 -2.71 -3.31
C HIS A 76 0.55 -1.51 -2.36
N CYS A 77 1.47 -1.58 -1.41
CA CYS A 77 1.67 -0.51 -0.45
C CYS A 77 2.97 0.25 -0.74
N GLY A 78 2.97 1.54 -0.44
CA GLY A 78 4.14 2.35 -0.68
C GLY A 78 4.83 2.77 0.61
N VAL A 79 6.15 2.80 0.59
CA VAL A 79 6.92 3.19 1.77
C VAL A 79 6.77 4.68 2.06
N LEU A 80 6.58 5.01 3.33
CA LEU A 80 6.43 6.40 3.74
C LEU A 80 7.69 6.91 4.42
N GLU A 81 8.04 6.31 5.55
CA GLU A 81 9.23 6.71 6.29
C GLU A 81 10.12 5.51 6.58
N PHE A 82 11.35 5.79 7.02
CA PHE A 82 12.31 4.73 7.34
C PHE A 82 12.79 4.85 8.78
N VAL A 83 12.13 4.15 9.68
CA VAL A 83 12.49 4.18 11.10
C VAL A 83 12.01 2.93 11.83
N ALA A 84 12.09 1.79 11.14
CA ALA A 84 11.66 0.52 11.72
C ALA A 84 12.86 -0.39 12.00
N ASP A 85 12.68 -1.33 12.92
CA ASP A 85 13.74 -2.26 13.28
C ASP A 85 13.99 -3.25 12.15
N GLU A 86 15.24 -3.69 12.02
CA GLU A 86 15.61 -4.65 10.98
C GLU A 86 14.83 -5.95 11.13
N GLY A 87 14.14 -6.35 10.07
CA GLY A 87 13.36 -7.56 10.09
C GLY A 87 11.91 -7.32 10.46
N ILE A 88 11.63 -6.17 11.07
CA ILE A 88 10.28 -5.82 11.48
C ILE A 88 9.71 -4.71 10.59
N CYS A 89 8.48 -4.91 10.12
CA CYS A 89 7.83 -3.94 9.26
C CYS A 89 6.43 -3.61 9.79
N TYR A 90 6.16 -2.32 9.98
CA TYR A 90 4.87 -1.88 10.47
C TYR A 90 3.95 -1.47 9.32
N LEU A 91 2.66 -1.73 9.50
CA LEU A 91 1.67 -1.40 8.47
C LEU A 91 0.34 -0.99 9.11
N PRO A 92 -0.50 -0.25 8.37
CA PRO A 92 -1.81 0.20 8.86
C PRO A 92 -2.64 -0.94 9.42
N HIS A 93 -3.55 -0.62 10.32
CA HIS A 93 -4.42 -1.62 10.94
C HIS A 93 -5.41 -2.19 9.92
N TRP A 94 -5.91 -1.31 9.06
CA TRP A 94 -6.87 -1.72 8.04
C TRP A 94 -6.24 -2.69 7.05
N MET A 95 -5.00 -2.40 6.67
CA MET A 95 -4.27 -3.24 5.73
C MET A 95 -3.97 -4.61 6.34
N MET A 96 -3.67 -4.62 7.63
CA MET A 96 -3.37 -5.87 8.34
C MET A 96 -4.57 -6.81 8.31
N GLN A 97 -5.76 -6.23 8.39
CA GLN A 97 -6.99 -7.03 8.37
C GLN A 97 -7.32 -7.48 6.96
N ASN A 98 -7.09 -6.60 5.99
CA ASN A 98 -7.37 -6.92 4.59
C ASN A 98 -6.55 -8.13 4.13
N LEU A 99 -5.35 -8.27 4.70
CA LEU A 99 -4.49 -9.39 4.35
C LEU A 99 -4.60 -10.52 5.37
N LEU A 100 -5.20 -10.23 6.53
CA LEU A 100 -5.37 -11.23 7.57
C LEU A 100 -4.01 -11.72 8.08
N LEU A 101 -3.07 -10.79 8.21
CA LEU A 101 -1.73 -11.13 8.69
C LEU A 101 -1.71 -11.23 10.21
N GLU A 102 -0.64 -11.83 10.74
CA GLU A 102 -0.50 -11.99 12.18
C GLU A 102 0.78 -11.33 12.68
N GLU A 103 1.07 -11.51 13.96
CA GLU A 103 2.27 -10.93 14.56
C GLU A 103 3.53 -11.53 13.95
N GLY A 104 4.09 -10.83 12.97
CA GLY A 104 5.30 -11.31 12.31
C GLY A 104 5.00 -12.12 11.06
N GLY A 105 3.99 -11.67 10.31
CA GLY A 105 3.63 -12.37 9.09
C GLY A 105 4.56 -12.06 7.93
N LEU A 106 5.36 -13.04 7.54
CA LEU A 106 6.29 -12.86 6.43
C LEU A 106 5.57 -12.83 5.09
N VAL A 107 5.79 -11.77 4.33
CA VAL A 107 5.16 -11.61 3.03
C VAL A 107 6.17 -11.16 1.98
N GLN A 108 5.92 -11.54 0.73
CA GLN A 108 6.81 -11.18 -0.37
C GLN A 108 6.78 -9.67 -0.62
N VAL A 109 7.95 -9.08 -0.83
CA VAL A 109 8.04 -7.64 -1.08
C VAL A 109 8.75 -7.37 -2.41
N GLU A 110 7.97 -7.25 -3.47
CA GLU A 110 8.53 -6.98 -4.80
C GLU A 110 8.24 -5.55 -5.23
N SER A 111 9.23 -4.90 -5.82
CA SER A 111 9.09 -3.53 -6.28
C SER A 111 8.56 -3.49 -7.71
N VAL A 112 7.35 -2.97 -7.88
CA VAL A 112 6.73 -2.87 -9.19
C VAL A 112 6.43 -1.42 -9.56
N ASN A 113 6.83 -1.02 -10.76
CA ASN A 113 6.61 0.34 -11.24
C ASN A 113 5.20 0.50 -11.78
N LEU A 114 4.38 1.29 -11.08
CA LEU A 114 3.00 1.53 -11.50
C LEU A 114 2.82 2.97 -11.96
N GLN A 115 1.62 3.28 -12.45
CA GLN A 115 1.31 4.63 -12.92
C GLN A 115 -0.04 5.09 -12.38
N VAL A 116 -0.34 6.37 -12.60
CA VAL A 116 -1.61 6.94 -12.14
C VAL A 116 -2.79 6.28 -12.82
N ALA A 117 -3.90 6.17 -12.10
CA ALA A 117 -5.11 5.56 -12.63
C ALA A 117 -5.99 6.60 -13.31
N THR A 118 -6.74 6.16 -14.33
CA THR A 118 -7.62 7.05 -15.06
C THR A 118 -9.08 6.80 -14.68
N TYR A 119 -9.38 5.57 -14.29
CA TYR A 119 -10.74 5.20 -13.90
C TYR A 119 -10.73 4.38 -12.61
N SER A 120 -10.83 5.07 -11.47
CA SER A 120 -10.83 4.40 -10.18
C SER A 120 -12.26 4.22 -9.66
N LYS A 121 -12.74 2.97 -9.66
CA LYS A 121 -14.08 2.67 -9.19
C LYS A 121 -14.05 2.11 -7.77
N PHE A 122 -14.95 2.58 -6.93
CA PHE A 122 -15.03 2.12 -5.54
C PHE A 122 -16.42 1.59 -5.23
N GLN A 123 -16.50 0.73 -4.21
CA GLN A 123 -17.78 0.15 -3.80
C GLN A 123 -17.94 0.21 -2.28
N PRO A 124 -18.61 1.26 -1.77
CA PRO A 124 -18.84 1.43 -0.34
C PRO A 124 -19.40 0.16 0.32
N GLN A 125 -18.56 -0.50 1.11
CA GLN A 125 -18.98 -1.72 1.80
C GLN A 125 -20.13 -1.44 2.76
N SER A 126 -20.15 -0.24 3.32
CA SER A 126 -21.19 0.15 4.26
C SER A 126 -22.05 1.27 3.69
N PRO A 127 -23.36 1.29 4.03
CA PRO A 127 -24.28 2.31 3.54
C PRO A 127 -24.06 3.67 4.21
N ASP A 128 -23.32 3.67 5.32
CA ASP A 128 -23.03 4.89 6.05
C ASP A 128 -22.42 5.96 5.14
N PHE A 129 -21.63 5.50 4.17
CA PHE A 129 -20.98 6.42 3.22
C PHE A 129 -21.98 6.94 2.20
N LEU A 130 -22.97 6.11 1.87
CA LEU A 130 -23.99 6.49 0.91
C LEU A 130 -24.80 7.67 1.40
N ASP A 131 -24.95 7.77 2.72
CA ASP A 131 -25.72 8.86 3.33
C ASP A 131 -25.06 10.20 3.03
N ILE A 132 -23.74 10.20 2.83
CA ILE A 132 -23.00 11.42 2.54
C ILE A 132 -23.51 12.06 1.25
N THR A 133 -23.68 13.38 1.28
CA THR A 133 -24.16 14.11 0.11
C THR A 133 -23.08 14.18 -0.97
N ASN A 134 -21.82 14.18 -0.54
CA ASN A 134 -20.70 14.24 -1.47
C ASN A 134 -19.70 13.12 -1.19
N PRO A 135 -20.06 11.88 -1.54
CA PRO A 135 -19.18 10.72 -1.33
C PRO A 135 -17.82 10.88 -2.00
N LYS A 136 -17.81 11.50 -3.17
CA LYS A 136 -16.59 11.73 -3.91
C LYS A 136 -15.61 12.59 -3.12
N ALA A 137 -16.13 13.67 -2.55
CA ALA A 137 -15.31 14.58 -1.75
C ALA A 137 -14.67 13.85 -0.57
N VAL A 138 -15.47 13.06 0.13
CA VAL A 138 -14.98 12.31 1.29
C VAL A 138 -14.04 11.19 0.85
N LEU A 139 -14.35 10.57 -0.27
CA LEU A 139 -13.53 9.48 -0.80
C LEU A 139 -12.23 10.01 -1.38
N GLU A 140 -12.29 11.20 -1.97
CA GLU A 140 -11.13 11.83 -2.58
C GLU A 140 -10.18 12.36 -1.51
N ASN A 141 -10.75 12.85 -0.41
CA ASN A 141 -9.96 13.39 0.69
C ASN A 141 -9.11 12.29 1.34
N ALA A 142 -9.67 11.09 1.43
CA ALA A 142 -8.96 9.96 2.03
C ALA A 142 -7.97 9.36 1.04
N LEU A 143 -8.31 9.38 -0.24
CA LEU A 143 -7.45 8.84 -1.29
C LEU A 143 -6.11 9.55 -1.30
N ARG A 144 -6.10 10.82 -0.89
CA ARG A 144 -4.88 11.61 -0.87
C ARG A 144 -3.81 10.95 0.01
N ASN A 145 -4.26 10.26 1.06
CA ASN A 145 -3.35 9.58 1.97
C ASN A 145 -2.83 8.29 1.35
N PHE A 146 -3.65 7.66 0.52
CA PHE A 146 -3.26 6.42 -0.15
C PHE A 146 -2.27 6.69 -1.27
N ALA A 147 -1.30 5.78 -1.43
CA ALA A 147 -0.29 5.92 -2.46
C ALA A 147 -0.61 5.04 -3.67
N CYS A 148 -1.26 3.90 -3.41
CA CYS A 148 -1.62 2.97 -4.46
C CYS A 148 -3.06 2.51 -4.30
N LEU A 149 -3.55 1.75 -5.29
CA LEU A 149 -4.92 1.24 -5.25
C LEU A 149 -5.01 -0.10 -5.99
N THR A 150 -5.31 -1.15 -5.24
CA THR A 150 -5.43 -2.49 -5.83
C THR A 150 -6.89 -2.90 -5.94
N THR A 151 -7.21 -3.63 -6.99
CA THR A 151 -8.58 -4.09 -7.22
C THR A 151 -8.95 -5.18 -6.21
N GLY A 152 -9.89 -4.86 -5.33
CA GLY A 152 -10.33 -5.83 -4.33
C GLY A 152 -9.68 -5.59 -2.98
N ASP A 153 -9.52 -4.33 -2.61
CA ASP A 153 -8.92 -3.97 -1.33
C ASP A 153 -9.90 -3.21 -0.45
N VAL A 154 -10.30 -3.84 0.65
CA VAL A 154 -11.25 -3.23 1.58
C VAL A 154 -10.54 -2.30 2.55
N ILE A 155 -10.29 -1.07 2.11
CA ILE A 155 -9.61 -0.08 2.94
C ILE A 155 -10.58 0.55 3.94
N ALA A 156 -10.03 1.16 4.98
CA ALA A 156 -10.85 1.80 6.01
C ALA A 156 -10.48 3.27 6.15
N ILE A 157 -11.41 4.15 5.78
CA ILE A 157 -11.20 5.58 5.86
C ILE A 157 -11.83 6.17 7.12
N ASN A 158 -11.26 7.27 7.60
CA ASN A 158 -11.76 7.92 8.80
C ASN A 158 -11.56 9.43 8.73
N TYR A 159 -12.48 10.19 9.33
CA TYR A 159 -12.39 11.63 9.33
C TYR A 159 -13.33 12.24 10.37
N ASN A 160 -14.58 11.76 10.39
CA ASN A 160 -15.57 12.25 11.34
C ASN A 160 -15.70 11.30 12.53
N GLU A 161 -14.55 10.84 13.04
CA GLU A 161 -14.54 9.94 14.18
C GLU A 161 -15.28 8.64 13.85
N LYS A 162 -15.24 8.25 12.59
CA LYS A 162 -15.90 7.03 12.14
C LYS A 162 -15.12 6.36 11.03
N ILE A 163 -14.92 5.05 11.15
CA ILE A 163 -14.18 4.30 10.15
C ILE A 163 -15.12 3.75 9.08
N TYR A 164 -15.36 4.53 8.04
CA TYR A 164 -16.24 4.13 6.95
C TYR A 164 -15.60 3.03 6.12
N GLU A 165 -16.28 1.89 6.00
CA GLU A 165 -15.78 0.76 5.23
C GLU A 165 -15.91 1.02 3.73
N LEU A 166 -14.84 0.75 3.00
CA LEU A 166 -14.82 0.95 1.56
C LEU A 166 -13.86 -0.02 0.88
N ARG A 167 -14.26 -0.52 -0.28
CA ARG A 167 -13.44 -1.46 -1.04
C ARG A 167 -13.44 -1.11 -2.52
N VAL A 168 -12.31 -1.34 -3.18
CA VAL A 168 -12.17 -1.06 -4.60
C VAL A 168 -12.90 -2.10 -5.45
N MET A 169 -13.32 -1.71 -6.64
CA MET A 169 -14.03 -2.62 -7.54
C MET A 169 -13.29 -2.74 -8.88
N GLU A 170 -13.03 -1.60 -9.51
CA GLU A 170 -12.33 -1.58 -10.79
C GLU A 170 -11.37 -0.41 -10.86
N THR A 171 -10.19 -0.66 -11.44
CA THR A 171 -9.18 0.38 -11.57
C THR A 171 -8.41 0.22 -12.88
N LYS A 172 -8.19 1.34 -13.57
CA LYS A 172 -7.47 1.33 -14.83
C LYS A 172 -6.13 2.06 -14.72
N PRO A 173 -5.15 1.71 -15.56
CA PRO A 173 -5.30 0.67 -16.59
C PRO A 173 -5.23 -0.74 -15.99
N ASP A 174 -4.38 -0.92 -15.00
CA ASP A 174 -4.22 -2.22 -14.35
C ASP A 174 -4.79 -2.19 -12.93
N LYS A 175 -4.83 -3.36 -12.29
CA LYS A 175 -5.36 -3.47 -10.93
C LYS A 175 -4.61 -2.54 -9.98
N ALA A 176 -3.30 -2.50 -10.12
CA ALA A 176 -2.46 -1.66 -9.26
C ALA A 176 -2.17 -0.32 -9.95
N VAL A 177 -2.44 0.77 -9.24
CA VAL A 177 -2.21 2.10 -9.77
C VAL A 177 -1.61 3.02 -8.72
N SER A 178 -0.66 3.85 -9.14
CA SER A 178 0.00 4.78 -8.22
C SER A 178 -0.69 6.13 -8.26
N ILE A 179 -1.49 6.40 -7.23
CA ILE A 179 -2.22 7.66 -7.14
C ILE A 179 -1.47 8.67 -6.26
N ILE A 180 -0.58 9.44 -6.88
CA ILE A 180 0.19 10.43 -6.16
C ILE A 180 0.01 11.82 -6.78
N GLU A 181 -1.07 12.49 -6.42
CA GLU A 181 -1.35 13.82 -6.94
C GLU A 181 -1.54 13.79 -8.44
N CYS A 182 -2.75 13.41 -8.88
CA CYS A 182 -3.06 13.34 -10.30
C CYS A 182 -4.56 13.43 -10.53
N ASP A 183 -4.94 13.82 -11.75
CA ASP A 183 -6.35 13.96 -12.10
C ASP A 183 -6.90 12.66 -12.69
N MET A 184 -8.03 12.21 -12.15
CA MET A 184 -8.65 10.97 -12.63
C MET A 184 -10.16 11.01 -12.41
N ASN A 185 -10.84 9.99 -12.91
CA ASN A 185 -12.30 9.91 -12.78
C ASN A 185 -12.69 8.81 -11.79
N VAL A 186 -13.32 9.20 -10.70
CA VAL A 186 -13.75 8.25 -9.67
C VAL A 186 -15.22 7.88 -9.84
N ASP A 187 -15.52 6.59 -9.68
CA ASP A 187 -16.89 6.11 -9.83
C ASP A 187 -17.26 5.21 -8.65
N PHE A 188 -18.53 5.26 -8.26
CA PHE A 188 -19.02 4.45 -7.15
C PHE A 188 -19.87 3.27 -7.66
N ASP A 189 -19.82 2.16 -6.94
CA ASP A 189 -20.58 0.98 -7.32
C ASP A 189 -21.65 0.66 -6.28
N ALA A 190 -22.81 1.30 -6.41
CA ALA A 190 -23.91 1.09 -5.48
C ALA A 190 -23.52 1.47 -4.06
N GLY A 1 39.51 -25.83 -27.06
CA GLY A 1 39.96 -25.00 -25.90
C GLY A 1 38.92 -24.01 -25.45
N SER A 2 39.01 -23.57 -24.20
CA SER A 2 38.07 -22.61 -23.65
C SER A 2 38.53 -22.12 -22.28
N SER A 3 38.16 -20.87 -21.95
CA SER A 3 38.54 -20.28 -20.67
C SER A 3 37.49 -20.59 -19.60
N GLY A 4 36.22 -20.56 -20.00
CA GLY A 4 35.14 -20.83 -19.06
C GLY A 4 35.13 -19.86 -17.90
N SER A 5 35.61 -18.65 -18.14
CA SER A 5 35.65 -17.62 -17.11
C SER A 5 34.84 -16.39 -17.53
N SER A 6 33.60 -16.32 -17.06
CA SER A 6 32.72 -15.20 -17.38
C SER A 6 31.48 -15.21 -16.50
N GLY A 7 30.59 -14.24 -16.73
CA GLY A 7 29.37 -14.16 -15.95
C GLY A 7 28.76 -12.78 -15.98
N ILE A 8 27.91 -12.49 -15.00
CA ILE A 8 27.24 -11.19 -14.92
C ILE A 8 27.19 -10.70 -13.48
N PRO A 9 27.10 -9.37 -13.29
CA PRO A 9 27.04 -8.77 -11.95
C PRO A 9 25.72 -9.05 -11.25
N ARG A 10 25.79 -9.32 -9.96
CA ARG A 10 24.59 -9.61 -9.17
C ARG A 10 24.14 -8.38 -8.39
N VAL A 11 24.41 -7.20 -8.95
CA VAL A 11 24.04 -5.95 -8.32
C VAL A 11 23.96 -4.81 -9.33
N PHE A 12 23.42 -5.11 -10.51
CA PHE A 12 23.30 -4.12 -11.57
C PHE A 12 21.86 -4.06 -12.09
N GLN A 13 21.38 -5.20 -12.57
CA GLN A 13 20.01 -5.27 -13.11
C GLN A 13 19.09 -5.95 -12.11
N ASN A 14 19.37 -5.78 -10.82
CA ASN A 14 18.55 -6.38 -9.77
C ASN A 14 17.53 -5.38 -9.24
N ARG A 15 16.59 -5.87 -8.45
CA ARG A 15 15.56 -5.01 -7.87
C ARG A 15 15.15 -5.51 -6.48
N PHE A 16 14.31 -4.74 -5.81
CA PHE A 16 13.84 -5.09 -4.47
C PHE A 16 12.95 -6.32 -4.51
N SER A 17 13.38 -7.38 -3.82
CA SER A 17 12.62 -8.63 -3.78
C SER A 17 13.01 -9.47 -2.57
N THR A 18 12.22 -9.39 -1.51
CA THR A 18 12.49 -10.16 -0.30
C THR A 18 11.22 -10.29 0.55
N GLN A 19 11.24 -11.23 1.48
CA GLN A 19 10.10 -11.47 2.36
C GLN A 19 10.29 -10.74 3.69
N TYR A 20 9.25 -10.01 4.11
CA TYR A 20 9.30 -9.27 5.36
C TYR A 20 8.11 -9.61 6.24
N ARG A 21 8.34 -9.67 7.55
CA ARG A 21 7.29 -10.00 8.50
C ARG A 21 6.39 -8.79 8.75
N CYS A 22 5.10 -9.05 8.91
CA CYS A 22 4.13 -7.97 9.16
C CYS A 22 3.71 -7.95 10.63
N PHE A 23 3.78 -6.77 11.24
CA PHE A 23 3.39 -6.61 12.63
C PHE A 23 2.62 -5.31 12.85
N SER A 24 1.79 -5.29 13.88
CA SER A 24 0.99 -4.12 14.19
C SER A 24 1.88 -2.90 14.46
N VAL A 25 1.29 -1.71 14.40
CA VAL A 25 2.02 -0.48 14.63
C VAL A 25 1.88 -0.01 16.08
N SER A 26 1.51 -0.94 16.96
CA SER A 26 1.33 -0.62 18.38
C SER A 26 2.65 -0.77 19.13
N MET A 27 3.48 -1.71 18.68
CA MET A 27 4.77 -1.97 19.31
C MET A 27 5.66 -0.73 19.25
N LEU A 28 5.72 -0.11 18.08
CA LEU A 28 6.53 1.09 17.88
C LEU A 28 5.76 2.34 18.27
N ALA A 29 5.41 2.44 19.54
CA ALA A 29 4.67 3.60 20.05
C ALA A 29 4.87 3.77 21.54
N GLY A 30 5.34 4.94 21.95
CA GLY A 30 5.56 5.21 23.36
C GLY A 30 4.27 5.47 24.11
N PRO A 31 4.33 6.20 25.24
CA PRO A 31 3.15 6.52 26.04
C PRO A 31 2.03 7.13 25.21
N ASN A 32 2.40 7.80 24.13
CA ASN A 32 1.42 8.43 23.25
C ASN A 32 1.21 7.60 21.99
N ASP A 33 0.16 7.92 21.24
CA ASP A 33 -0.15 7.21 20.01
C ASP A 33 -0.29 8.17 18.83
N ARG A 34 -0.41 7.62 17.63
CA ARG A 34 -0.54 8.44 16.42
C ARG A 34 -1.56 7.82 15.47
N SER A 35 -2.28 8.68 14.76
CA SER A 35 -3.29 8.22 13.80
C SER A 35 -2.85 8.49 12.36
N ASP A 36 -1.98 9.49 12.19
CA ASP A 36 -1.48 9.84 10.87
C ASP A 36 -0.89 8.64 10.15
N VAL A 37 -0.34 7.70 10.93
CA VAL A 37 0.26 6.49 10.38
C VAL A 37 -0.79 5.63 9.68
N GLU A 38 -1.85 5.30 10.40
CA GLU A 38 -2.92 4.47 9.84
C GLU A 38 -3.76 5.27 8.85
N LYS A 39 -4.04 6.52 9.20
CA LYS A 39 -4.84 7.38 8.34
C LYS A 39 -4.10 7.69 7.03
N GLY A 40 -4.15 6.74 6.11
CA GLY A 40 -3.48 6.93 4.83
C GLY A 40 -2.68 5.71 4.41
N GLY A 41 -1.91 5.85 3.33
CA GLY A 41 -1.10 4.74 2.85
C GLY A 41 0.38 4.96 3.08
N LYS A 42 0.83 4.71 4.31
CA LYS A 42 2.23 4.88 4.66
C LYS A 42 2.71 3.76 5.57
N ILE A 43 3.87 3.21 5.27
CA ILE A 43 4.44 2.13 6.07
C ILE A 43 5.82 2.50 6.60
N ILE A 44 6.35 1.67 7.50
CA ILE A 44 7.67 1.91 8.09
C ILE A 44 8.58 0.71 7.89
N MET A 45 9.41 0.76 6.85
CA MET A 45 10.33 -0.33 6.56
C MET A 45 11.66 -0.11 7.26
N PRO A 46 12.44 -1.19 7.47
CA PRO A 46 13.75 -1.11 8.12
C PRO A 46 14.67 -0.07 7.49
N PRO A 47 15.56 0.54 8.28
CA PRO A 47 16.49 1.56 7.78
C PRO A 47 17.31 1.06 6.59
N SER A 48 17.56 -0.25 6.56
CA SER A 48 18.33 -0.86 5.48
C SER A 48 17.59 -0.74 4.15
N ALA A 49 16.26 -0.72 4.21
CA ALA A 49 15.44 -0.61 3.01
C ALA A 49 15.77 0.66 2.24
N LEU A 50 16.17 1.70 2.96
CA LEU A 50 16.51 2.98 2.34
C LEU A 50 17.81 2.87 1.54
N ASP A 51 18.85 2.33 2.18
CA ASP A 51 20.14 2.17 1.52
C ASP A 51 20.04 1.22 0.34
N GLN A 52 19.15 0.23 0.45
CA GLN A 52 18.96 -0.75 -0.62
C GLN A 52 18.14 -0.16 -1.77
N LEU A 53 17.08 0.56 -1.42
CA LEU A 53 16.22 1.18 -2.43
C LEU A 53 17.02 2.14 -3.31
N SER A 54 17.96 2.85 -2.70
CA SER A 54 18.79 3.80 -3.43
C SER A 54 19.95 3.09 -4.13
N ARG A 55 20.39 1.98 -3.54
CA ARG A 55 21.50 1.21 -4.10
C ARG A 55 21.05 0.43 -5.34
N LEU A 56 19.74 0.22 -5.47
CA LEU A 56 19.20 -0.52 -6.61
C LEU A 56 18.81 0.43 -7.74
N ASN A 57 19.30 1.67 -7.69
CA ASN A 57 19.00 2.66 -8.71
C ASN A 57 17.49 2.83 -8.89
N ILE A 58 16.75 2.68 -7.80
CA ILE A 58 15.30 2.82 -7.83
C ILE A 58 14.88 4.25 -7.49
N THR A 59 13.83 4.73 -8.14
CA THR A 59 13.33 6.07 -7.91
C THR A 59 11.83 6.06 -7.58
N TYR A 60 11.28 7.24 -7.34
CA TYR A 60 9.86 7.36 -7.02
C TYR A 60 9.00 7.11 -8.26
N PRO A 61 7.88 6.37 -8.11
CA PRO A 61 7.45 5.80 -6.83
C PRO A 61 8.24 4.55 -6.44
N MET A 62 8.28 4.26 -5.15
CA MET A 62 9.01 3.09 -4.65
C MET A 62 8.07 2.13 -3.94
N LEU A 63 6.81 2.10 -4.38
CA LEU A 63 5.81 1.22 -3.78
C LEU A 63 6.21 -0.24 -3.92
N PHE A 64 5.80 -1.06 -2.96
CA PHE A 64 6.12 -2.48 -2.96
C PHE A 64 4.88 -3.31 -3.24
N LYS A 65 5.05 -4.42 -3.95
CA LYS A 65 3.95 -5.30 -4.29
C LYS A 65 3.79 -6.40 -3.23
N LEU A 66 3.05 -6.10 -2.17
CA LEU A 66 2.82 -7.05 -1.10
C LEU A 66 1.90 -8.18 -1.56
N THR A 67 2.49 -9.24 -2.10
CA THR A 67 1.71 -10.38 -2.58
C THR A 67 1.70 -11.51 -1.55
N ASN A 68 0.53 -11.75 -0.97
CA ASN A 68 0.39 -12.80 0.03
C ASN A 68 0.17 -14.16 -0.62
N LYS A 69 1.14 -15.05 -0.47
CA LYS A 69 1.06 -16.38 -1.06
C LYS A 69 0.37 -17.35 -0.10
N ASN A 70 -0.82 -16.98 0.33
CA ASN A 70 -1.60 -17.82 1.25
C ASN A 70 -3.08 -17.76 0.92
N SER A 71 -3.60 -16.54 0.74
CA SER A 71 -5.01 -16.35 0.41
C SER A 71 -5.18 -15.60 -0.90
N ASP A 72 -4.15 -15.63 -1.74
CA ASP A 72 -4.18 -14.95 -3.03
C ASP A 72 -4.52 -13.47 -2.86
N ARG A 73 -3.99 -12.88 -1.79
CA ARG A 73 -4.24 -11.46 -1.51
C ARG A 73 -3.17 -10.59 -2.15
N MET A 74 -3.55 -9.38 -2.55
CA MET A 74 -2.63 -8.45 -3.18
C MET A 74 -2.83 -7.03 -2.65
N THR A 75 -1.74 -6.30 -2.46
CA THR A 75 -1.81 -4.93 -1.96
C THR A 75 -0.54 -4.17 -2.30
N HIS A 76 -0.68 -2.86 -2.51
CA HIS A 76 0.46 -2.01 -2.83
C HIS A 76 0.57 -0.85 -1.85
N CYS A 77 1.65 -0.85 -1.06
CA CYS A 77 1.88 0.20 -0.08
C CYS A 77 3.13 1.01 -0.43
N GLY A 78 3.17 2.25 0.04
CA GLY A 78 4.30 3.10 -0.22
C GLY A 78 5.11 3.42 1.03
N VAL A 79 6.43 3.24 0.95
CA VAL A 79 7.31 3.52 2.08
C VAL A 79 7.36 5.00 2.39
N LEU A 80 7.37 5.33 3.68
CA LEU A 80 7.41 6.72 4.11
C LEU A 80 8.52 6.93 5.14
N GLU A 81 8.46 6.16 6.23
CA GLU A 81 9.46 6.26 7.29
C GLU A 81 10.37 5.03 7.31
N PHE A 82 11.63 5.25 7.66
CA PHE A 82 12.60 4.17 7.71
C PHE A 82 13.17 4.02 9.12
N VAL A 83 12.30 3.78 10.09
CA VAL A 83 12.72 3.61 11.48
C VAL A 83 12.22 2.29 12.05
N ALA A 84 12.10 1.29 11.18
CA ALA A 84 11.63 -0.03 11.61
C ALA A 84 12.78 -0.87 12.15
N ASP A 85 12.46 -2.10 12.58
CA ASP A 85 13.47 -3.00 13.12
C ASP A 85 13.91 -4.02 12.07
N GLU A 86 14.98 -4.74 12.37
CA GLU A 86 15.50 -5.75 11.45
C GLU A 86 14.59 -6.98 11.41
N GLY A 87 13.87 -7.14 10.31
CA GLY A 87 12.96 -8.27 10.16
C GLY A 87 11.61 -8.02 10.79
N ILE A 88 11.21 -6.75 10.84
CA ILE A 88 9.93 -6.37 11.42
C ILE A 88 9.35 -5.14 10.72
N CYS A 89 8.48 -5.37 9.75
CA CYS A 89 7.85 -4.29 9.01
C CYS A 89 6.53 -3.87 9.67
N TYR A 90 6.35 -2.57 9.80
CA TYR A 90 5.13 -2.03 10.41
C TYR A 90 4.13 -1.60 9.34
N LEU A 91 2.95 -2.20 9.38
CA LEU A 91 1.90 -1.90 8.42
C LEU A 91 0.62 -1.45 9.13
N PRO A 92 -0.19 -0.59 8.48
CA PRO A 92 -1.43 -0.09 9.06
C PRO A 92 -2.34 -1.22 9.53
N HIS A 93 -3.46 -0.85 10.14
CA HIS A 93 -4.42 -1.84 10.64
C HIS A 93 -5.29 -2.37 9.51
N TRP A 94 -5.82 -1.47 8.69
CA TRP A 94 -6.67 -1.85 7.57
C TRP A 94 -5.92 -2.76 6.61
N MET A 95 -4.60 -2.59 6.54
CA MET A 95 -3.78 -3.41 5.66
C MET A 95 -3.63 -4.83 6.20
N MET A 96 -3.67 -4.96 7.52
CA MET A 96 -3.54 -6.26 8.16
C MET A 96 -4.80 -7.09 7.96
N GLN A 97 -5.96 -6.46 8.11
CA GLN A 97 -7.24 -7.14 7.94
C GLN A 97 -7.47 -7.51 6.48
N ASN A 98 -7.09 -6.60 5.58
CA ASN A 98 -7.26 -6.83 4.15
C ASN A 98 -6.46 -8.05 3.70
N LEU A 99 -5.16 -7.99 3.87
CA LEU A 99 -4.28 -9.10 3.48
C LEU A 99 -4.59 -10.35 4.29
N LEU A 100 -5.24 -10.18 5.43
CA LEU A 100 -5.60 -11.31 6.30
C LEU A 100 -4.35 -12.01 6.81
N LEU A 101 -3.29 -11.24 7.04
CA LEU A 101 -2.03 -11.80 7.54
C LEU A 101 -2.09 -12.00 9.05
N GLU A 102 -1.00 -12.52 9.61
CA GLU A 102 -0.93 -12.77 11.05
C GLU A 102 0.30 -12.09 11.65
N GLU A 103 0.44 -12.21 12.97
CA GLU A 103 1.58 -11.60 13.66
C GLU A 103 2.90 -12.23 13.21
N GLY A 104 3.63 -11.51 12.37
CA GLY A 104 4.90 -12.01 11.88
C GLY A 104 4.75 -12.81 10.60
N GLY A 105 3.80 -12.42 9.76
CA GLY A 105 3.58 -13.12 8.51
C GLY A 105 4.45 -12.59 7.39
N LEU A 106 5.32 -13.46 6.85
CA LEU A 106 6.20 -13.07 5.77
C LEU A 106 5.41 -12.73 4.51
N VAL A 107 5.71 -11.58 3.91
CA VAL A 107 5.03 -11.13 2.71
C VAL A 107 6.01 -10.91 1.56
N GLN A 108 5.63 -11.35 0.37
CA GLN A 108 6.49 -11.20 -0.81
C GLN A 108 6.58 -9.75 -1.23
N VAL A 109 7.76 -9.16 -1.09
CA VAL A 109 7.97 -7.76 -1.47
C VAL A 109 8.57 -7.66 -2.87
N GLU A 110 8.15 -6.62 -3.59
CA GLU A 110 8.64 -6.40 -4.96
C GLU A 110 8.42 -4.96 -5.39
N SER A 111 9.42 -4.40 -6.06
CA SER A 111 9.34 -3.01 -6.53
C SER A 111 8.76 -2.95 -7.94
N VAL A 112 7.58 -2.36 -8.06
CA VAL A 112 6.92 -2.24 -9.35
C VAL A 112 6.66 -0.78 -9.70
N ASN A 113 6.65 -0.48 -11.00
CA ASN A 113 6.42 0.88 -11.46
C ASN A 113 5.09 0.98 -12.20
N LEU A 114 4.01 1.22 -11.47
CA LEU A 114 2.68 1.33 -12.05
C LEU A 114 2.45 2.74 -12.58
N GLN A 115 1.38 2.91 -13.36
CA GLN A 115 1.05 4.21 -13.92
C GLN A 115 -0.22 4.76 -13.29
N VAL A 116 -0.57 5.99 -13.66
CA VAL A 116 -1.76 6.64 -13.14
C VAL A 116 -3.04 5.97 -13.63
N ALA A 117 -4.01 5.82 -12.75
CA ALA A 117 -5.27 5.18 -13.10
C ALA A 117 -6.16 6.13 -13.91
N THR A 118 -7.00 5.56 -14.77
CA THR A 118 -7.89 6.36 -15.61
C THR A 118 -9.34 6.19 -15.17
N TYR A 119 -9.66 5.00 -14.66
CA TYR A 119 -11.01 4.70 -14.19
C TYR A 119 -10.99 3.92 -12.89
N SER A 120 -11.37 4.60 -11.80
CA SER A 120 -11.39 3.96 -10.49
C SER A 120 -12.81 3.87 -9.96
N LYS A 121 -13.14 2.72 -9.36
CA LYS A 121 -14.47 2.51 -8.81
C LYS A 121 -14.39 2.01 -7.37
N PHE A 122 -15.39 2.37 -6.56
CA PHE A 122 -15.43 1.96 -5.17
C PHE A 122 -16.81 1.44 -4.79
N GLN A 123 -16.86 0.53 -3.82
CA GLN A 123 -18.11 -0.05 -3.37
C GLN A 123 -18.22 -0.01 -1.84
N PRO A 124 -18.79 1.06 -1.29
CA PRO A 124 -18.94 1.21 0.17
C PRO A 124 -19.60 -0.01 0.81
N GLN A 125 -18.93 -0.59 1.79
CA GLN A 125 -19.44 -1.76 2.50
C GLN A 125 -20.63 -1.41 3.37
N SER A 126 -20.55 -0.25 4.02
CA SER A 126 -21.63 0.21 4.89
C SER A 126 -22.41 1.34 4.23
N PRO A 127 -23.72 1.44 4.52
CA PRO A 127 -24.59 2.48 3.95
C PRO A 127 -24.28 3.87 4.53
N ASP A 128 -23.48 3.90 5.59
CA ASP A 128 -23.12 5.17 6.23
C ASP A 128 -22.48 6.12 5.23
N PHE A 129 -21.64 5.58 4.35
CA PHE A 129 -20.97 6.39 3.34
C PHE A 129 -21.95 6.84 2.26
N LEU A 130 -22.86 5.95 1.90
CA LEU A 130 -23.85 6.25 0.87
C LEU A 130 -24.79 7.36 1.34
N ASP A 131 -25.12 7.35 2.62
CA ASP A 131 -26.01 8.35 3.19
C ASP A 131 -25.41 9.75 3.05
N ILE A 132 -24.09 9.83 2.97
CA ILE A 132 -23.41 11.11 2.83
C ILE A 132 -23.86 11.84 1.57
N THR A 133 -24.13 13.13 1.71
CA THR A 133 -24.56 13.94 0.58
C THR A 133 -23.53 13.95 -0.53
N ASN A 134 -22.25 13.87 -0.15
CA ASN A 134 -21.16 13.87 -1.11
C ASN A 134 -20.11 12.82 -0.74
N PRO A 135 -20.36 11.55 -1.09
CA PRO A 135 -19.43 10.46 -0.78
C PRO A 135 -18.16 10.52 -1.64
N LYS A 136 -18.31 11.06 -2.86
CA LYS A 136 -17.18 11.17 -3.77
C LYS A 136 -16.11 12.11 -3.20
N ALA A 137 -16.55 13.17 -2.54
CA ALA A 137 -15.63 14.14 -1.94
C ALA A 137 -14.78 13.48 -0.87
N VAL A 138 -15.42 12.89 0.12
CA VAL A 138 -14.71 12.23 1.21
C VAL A 138 -13.87 11.06 0.70
N LEU A 139 -14.38 10.39 -0.34
CA LEU A 139 -13.67 9.26 -0.92
C LEU A 139 -12.43 9.70 -1.66
N GLU A 140 -12.58 10.69 -2.54
CA GLU A 140 -11.47 11.21 -3.31
C GLU A 140 -10.48 11.94 -2.42
N ASN A 141 -10.99 12.67 -1.44
CA ASN A 141 -10.16 13.42 -0.51
C ASN A 141 -9.23 12.48 0.25
N ALA A 142 -9.69 11.26 0.49
CA ALA A 142 -8.90 10.27 1.20
C ALA A 142 -7.78 9.71 0.33
N LEU A 143 -8.04 9.65 -0.97
CA LEU A 143 -7.05 9.14 -1.92
C LEU A 143 -5.76 9.93 -1.84
N ARG A 144 -5.85 11.20 -1.44
CA ARG A 144 -4.69 12.06 -1.33
C ARG A 144 -3.64 11.46 -0.40
N ASN A 145 -4.10 10.68 0.58
CA ASN A 145 -3.20 10.02 1.53
C ASN A 145 -2.61 8.75 0.94
N PHE A 146 -3.41 8.04 0.16
CA PHE A 146 -2.97 6.79 -0.47
C PHE A 146 -2.08 7.08 -1.68
N ALA A 147 -1.12 6.21 -1.92
CA ALA A 147 -0.21 6.36 -3.05
C ALA A 147 -0.50 5.33 -4.13
N CYS A 148 -1.03 4.17 -3.73
CA CYS A 148 -1.36 3.11 -4.67
C CYS A 148 -2.79 2.64 -4.47
N LEU A 149 -3.34 2.00 -5.50
CA LEU A 149 -4.70 1.48 -5.44
C LEU A 149 -4.80 0.09 -6.04
N THR A 150 -5.19 -0.88 -5.23
CA THR A 150 -5.32 -2.26 -5.69
C THR A 150 -6.78 -2.69 -5.72
N THR A 151 -7.15 -3.46 -6.73
CA THR A 151 -8.52 -3.93 -6.87
C THR A 151 -8.86 -4.92 -5.77
N GLY A 152 -9.95 -4.65 -5.05
CA GLY A 152 -10.37 -5.52 -3.97
C GLY A 152 -9.57 -5.29 -2.69
N ASP A 153 -9.38 -4.02 -2.34
CA ASP A 153 -8.63 -3.67 -1.15
C ASP A 153 -9.55 -3.07 -0.08
N VAL A 154 -9.63 -3.72 1.08
CA VAL A 154 -10.47 -3.25 2.16
C VAL A 154 -9.81 -2.10 2.91
N ILE A 155 -9.91 -0.89 2.36
CA ILE A 155 -9.32 0.29 2.98
C ILE A 155 -10.23 0.84 4.07
N ALA A 156 -9.76 1.90 4.73
CA ALA A 156 -10.53 2.52 5.80
C ALA A 156 -10.19 4.01 5.93
N ILE A 157 -11.21 4.84 6.00
CA ILE A 157 -11.03 6.28 6.12
C ILE A 157 -11.64 6.81 7.41
N ASN A 158 -10.92 7.70 8.08
CA ASN A 158 -11.38 8.28 9.33
C ASN A 158 -11.13 9.80 9.36
N TYR A 159 -12.04 10.53 10.00
CA TYR A 159 -11.91 11.98 10.10
C TYR A 159 -13.00 12.55 11.01
N ASN A 160 -14.22 12.08 10.82
CA ASN A 160 -15.35 12.56 11.62
C ASN A 160 -15.63 11.60 12.77
N GLU A 161 -14.57 11.06 13.37
CA GLU A 161 -14.71 10.13 14.50
C GLU A 161 -15.50 8.89 14.07
N LYS A 162 -15.38 8.52 12.80
CA LYS A 162 -16.07 7.36 12.27
C LYS A 162 -15.24 6.66 11.21
N ILE A 163 -14.91 5.40 11.46
CA ILE A 163 -14.11 4.61 10.52
C ILE A 163 -14.98 3.99 9.44
N TYR A 164 -15.16 4.71 8.34
CA TYR A 164 -15.97 4.24 7.23
C TYR A 164 -15.27 3.10 6.49
N GLU A 165 -16.04 2.08 6.12
CA GLU A 165 -15.48 0.93 5.41
C GLU A 165 -15.71 1.07 3.90
N LEU A 166 -14.62 0.99 3.14
CA LEU A 166 -14.69 1.11 1.69
C LEU A 166 -13.76 0.10 1.02
N ARG A 167 -14.25 -0.51 -0.06
CA ARG A 167 -13.46 -1.49 -0.80
C ARG A 167 -13.47 -1.18 -2.28
N VAL A 168 -12.31 -1.29 -2.91
CA VAL A 168 -12.18 -1.03 -4.34
C VAL A 168 -12.83 -2.13 -5.17
N MET A 169 -13.67 -1.73 -6.11
CA MET A 169 -14.36 -2.69 -6.97
C MET A 169 -13.56 -2.95 -8.25
N GLU A 170 -13.36 -1.91 -9.04
CA GLU A 170 -12.61 -2.04 -10.29
C GLU A 170 -11.66 -0.85 -10.47
N THR A 171 -10.54 -1.09 -11.16
CA THR A 171 -9.56 -0.05 -11.39
C THR A 171 -8.91 -0.22 -12.77
N LYS A 172 -8.61 0.89 -13.41
CA LYS A 172 -7.99 0.87 -14.74
C LYS A 172 -6.69 1.66 -14.74
N PRO A 173 -5.73 1.29 -15.63
CA PRO A 173 -5.90 0.19 -16.57
C PRO A 173 -5.73 -1.18 -15.91
N ASP A 174 -4.77 -1.27 -14.98
CA ASP A 174 -4.51 -2.51 -14.27
C ASP A 174 -5.00 -2.41 -12.82
N LYS A 175 -5.02 -3.56 -12.14
CA LYS A 175 -5.46 -3.61 -10.75
C LYS A 175 -4.60 -2.70 -9.88
N ALA A 176 -3.31 -2.62 -10.20
CA ALA A 176 -2.39 -1.79 -9.44
C ALA A 176 -1.98 -0.55 -10.24
N VAL A 177 -2.20 0.63 -9.65
CA VAL A 177 -1.86 1.88 -10.31
C VAL A 177 -1.18 2.84 -9.34
N SER A 178 -0.46 3.82 -9.89
CA SER A 178 0.24 4.80 -9.07
C SER A 178 -0.43 6.17 -9.16
N ILE A 179 -1.35 6.42 -8.23
CA ILE A 179 -2.07 7.69 -8.20
C ILE A 179 -1.23 8.78 -7.54
N ILE A 180 -0.35 9.39 -8.32
CA ILE A 180 0.51 10.45 -7.82
C ILE A 180 0.21 11.77 -8.50
N GLU A 181 -0.81 12.47 -8.02
CA GLU A 181 -1.20 13.76 -8.58
C GLU A 181 -1.58 13.61 -10.05
N CYS A 182 -2.81 13.13 -10.29
CA CYS A 182 -3.30 12.94 -11.65
C CYS A 182 -4.82 12.96 -11.68
N ASP A 183 -5.38 13.33 -12.83
CA ASP A 183 -6.83 13.38 -13.00
C ASP A 183 -7.37 12.05 -13.51
N MET A 184 -8.24 11.42 -12.72
CA MET A 184 -8.82 10.15 -13.10
C MET A 184 -10.33 10.13 -12.82
N ASN A 185 -10.98 9.05 -13.21
CA ASN A 185 -12.42 8.91 -12.99
C ASN A 185 -12.71 8.17 -11.70
N VAL A 186 -13.76 8.60 -11.00
CA VAL A 186 -14.14 7.97 -9.74
C VAL A 186 -15.64 7.63 -9.73
N ASP A 187 -15.97 6.45 -10.26
CA ASP A 187 -17.35 6.00 -10.31
C ASP A 187 -17.80 5.45 -8.95
N PHE A 188 -19.08 5.10 -8.85
CA PHE A 188 -19.64 4.57 -7.62
C PHE A 188 -20.50 3.35 -7.90
N ASP A 189 -20.48 2.39 -6.98
CA ASP A 189 -21.27 1.17 -7.13
C ASP A 189 -21.86 0.74 -5.78
N ALA A 190 -23.16 0.97 -5.61
CA ALA A 190 -23.84 0.60 -4.38
C ALA A 190 -24.69 -0.65 -4.57
N GLY A 1 12.41 -25.61 -30.23
CA GLY A 1 13.84 -25.41 -29.87
C GLY A 1 14.15 -25.83 -28.45
N SER A 2 15.42 -26.04 -28.16
CA SER A 2 15.85 -26.44 -26.82
C SER A 2 16.48 -25.27 -26.07
N SER A 3 17.62 -24.82 -26.55
CA SER A 3 18.33 -23.70 -25.93
C SER A 3 18.81 -22.71 -26.98
N GLY A 4 19.80 -23.13 -27.78
CA GLY A 4 20.32 -22.26 -28.81
C GLY A 4 20.88 -20.96 -28.25
N SER A 5 20.01 -19.95 -28.16
CA SER A 5 20.42 -18.65 -27.64
C SER A 5 20.11 -18.54 -26.14
N SER A 6 20.95 -17.80 -25.43
CA SER A 6 20.77 -17.62 -23.99
C SER A 6 20.35 -16.19 -23.67
N GLY A 7 20.80 -15.25 -24.50
CA GLY A 7 20.46 -13.86 -24.29
C GLY A 7 21.66 -12.99 -23.98
N ILE A 8 21.43 -11.86 -23.34
CA ILE A 8 22.53 -10.95 -22.99
C ILE A 8 22.78 -10.94 -21.48
N PRO A 9 24.05 -11.02 -21.07
CA PRO A 9 24.42 -11.02 -19.64
C PRO A 9 24.28 -9.63 -19.01
N ARG A 10 23.36 -9.51 -18.07
CA ARG A 10 23.15 -8.24 -17.39
C ARG A 10 23.17 -8.42 -15.88
N VAL A 11 24.30 -8.06 -15.26
CA VAL A 11 24.45 -8.19 -13.81
C VAL A 11 24.27 -6.84 -13.13
N PHE A 12 23.47 -5.98 -13.73
CA PHE A 12 23.21 -4.65 -13.16
C PHE A 12 21.76 -4.52 -12.72
N GLN A 13 21.17 -5.64 -12.30
CA GLN A 13 19.79 -5.65 -11.84
C GLN A 13 19.65 -6.43 -10.53
N ASN A 14 18.65 -6.07 -9.75
CA ASN A 14 18.40 -6.73 -8.47
C ASN A 14 16.93 -6.64 -8.08
N ARG A 15 16.43 -5.42 -7.95
CA ARG A 15 15.03 -5.19 -7.58
C ARG A 15 14.74 -5.77 -6.19
N PHE A 16 13.81 -5.13 -5.48
CA PHE A 16 13.45 -5.59 -4.15
C PHE A 16 12.66 -6.90 -4.22
N SER A 17 13.20 -7.92 -3.57
CA SER A 17 12.54 -9.24 -3.55
C SER A 17 13.01 -10.07 -2.36
N THR A 18 12.18 -10.15 -1.34
CA THR A 18 12.51 -10.91 -0.14
C THR A 18 11.28 -11.08 0.75
N GLN A 19 11.45 -11.81 1.85
CA GLN A 19 10.35 -12.05 2.79
C GLN A 19 10.51 -11.20 4.04
N TYR A 20 9.51 -10.37 4.33
CA TYR A 20 9.54 -9.52 5.50
C TYR A 20 8.40 -9.86 6.46
N ARG A 21 8.64 -9.62 7.75
CA ARG A 21 7.63 -9.90 8.77
C ARG A 21 6.67 -8.73 8.93
N CYS A 22 5.39 -9.04 9.05
CA CYS A 22 4.37 -8.01 9.22
C CYS A 22 3.88 -7.95 10.66
N PHE A 23 4.01 -6.77 11.27
CA PHE A 23 3.58 -6.58 12.65
C PHE A 23 2.72 -5.32 12.79
N SER A 24 1.95 -5.25 13.87
CA SER A 24 1.09 -4.10 14.11
C SER A 24 1.89 -2.92 14.63
N VAL A 25 1.39 -1.71 14.36
CA VAL A 25 2.07 -0.49 14.81
C VAL A 25 2.12 -0.40 16.32
N SER A 26 1.22 -1.12 17.00
CA SER A 26 1.17 -1.12 18.45
C SER A 26 2.47 -1.64 19.06
N MET A 27 3.27 -2.34 18.25
CA MET A 27 4.54 -2.88 18.72
C MET A 27 5.70 -1.94 18.40
N LEU A 28 5.38 -0.67 18.16
CA LEU A 28 6.40 0.32 17.86
C LEU A 28 7.00 0.90 19.14
N ALA A 29 8.33 1.02 19.17
CA ALA A 29 9.02 1.55 20.34
C ALA A 29 8.50 2.94 20.70
N GLY A 30 8.26 3.16 21.98
CA GLY A 30 7.77 4.44 22.44
C GLY A 30 6.72 4.31 23.52
N PRO A 31 6.39 5.41 24.23
CA PRO A 31 5.39 5.39 25.30
C PRO A 31 3.97 5.17 24.77
N ASN A 32 3.74 5.61 23.53
CA ASN A 32 2.43 5.46 22.91
C ASN A 32 2.54 5.52 21.39
N ASP A 33 1.70 4.75 20.71
CA ASP A 33 1.71 4.72 19.24
C ASP A 33 0.88 5.85 18.67
N ARG A 34 0.78 5.91 17.35
CA ARG A 34 0.02 6.95 16.67
C ARG A 34 -1.04 6.34 15.76
N SER A 35 -2.19 7.01 15.66
CA SER A 35 -3.28 6.52 14.82
C SER A 35 -3.29 7.26 13.48
N ASP A 36 -2.11 7.65 13.01
CA ASP A 36 -1.99 8.36 11.74
C ASP A 36 -1.60 7.40 10.62
N VAL A 37 -0.85 6.36 10.97
CA VAL A 37 -0.41 5.38 9.98
C VAL A 37 -1.57 4.52 9.51
N GLU A 38 -2.55 4.30 10.39
CA GLU A 38 -3.72 3.50 10.06
C GLU A 38 -4.66 4.26 9.14
N LYS A 39 -4.75 5.57 9.35
CA LYS A 39 -5.62 6.42 8.54
C LYS A 39 -5.20 6.37 7.07
N GLY A 40 -3.89 6.23 6.83
CA GLY A 40 -3.39 6.17 5.48
C GLY A 40 -2.88 4.80 5.11
N GLY A 41 -2.11 4.72 4.02
CA GLY A 41 -1.56 3.45 3.58
C GLY A 41 -0.06 3.42 3.64
N LYS A 42 0.52 4.14 4.59
CA LYS A 42 1.97 4.20 4.75
C LYS A 42 2.46 3.07 5.64
N ILE A 43 3.74 2.74 5.51
CA ILE A 43 4.35 1.67 6.31
C ILE A 43 5.70 2.10 6.85
N ILE A 44 6.34 1.20 7.59
CA ILE A 44 7.65 1.48 8.17
C ILE A 44 8.64 0.35 7.87
N MET A 45 9.54 0.58 6.94
CA MET A 45 10.53 -0.42 6.56
C MET A 45 11.89 -0.10 7.19
N PRO A 46 12.76 -1.12 7.35
CA PRO A 46 14.09 -0.94 7.94
C PRO A 46 14.87 0.19 7.26
N PRO A 47 15.69 0.94 8.02
CA PRO A 47 16.49 2.04 7.49
C PRO A 47 17.35 1.59 6.30
N SER A 48 17.77 0.34 6.32
CA SER A 48 18.61 -0.22 5.26
C SER A 48 17.88 -0.14 3.91
N ALA A 49 16.57 -0.33 3.93
CA ALA A 49 15.77 -0.29 2.72
C ALA A 49 15.85 1.08 2.06
N LEU A 50 16.00 2.12 2.87
CA LEU A 50 16.09 3.49 2.38
C LEU A 50 17.31 3.66 1.48
N ASP A 51 18.42 3.03 1.87
CA ASP A 51 19.66 3.13 1.10
C ASP A 51 19.62 2.20 -0.11
N GLN A 52 18.94 1.06 0.05
CA GLN A 52 18.82 0.09 -1.03
C GLN A 52 18.12 0.69 -2.24
N LEU A 53 17.11 1.51 -1.97
CA LEU A 53 16.36 2.16 -3.05
C LEU A 53 17.26 3.06 -3.89
N SER A 54 18.08 3.86 -3.21
CA SER A 54 18.99 4.77 -3.88
C SER A 54 19.96 4.00 -4.78
N ARG A 55 20.30 2.79 -4.36
CA ARG A 55 21.22 1.95 -5.12
C ARG A 55 20.50 1.24 -6.26
N LEU A 56 19.19 1.02 -6.09
CA LEU A 56 18.40 0.34 -7.11
C LEU A 56 17.87 1.33 -8.15
N ASN A 57 18.31 2.59 -8.06
CA ASN A 57 17.88 3.61 -9.00
C ASN A 57 16.36 3.79 -8.96
N ILE A 58 15.77 3.55 -7.79
CA ILE A 58 14.33 3.69 -7.63
C ILE A 58 13.96 5.07 -7.10
N THR A 59 13.07 5.75 -7.82
CA THR A 59 12.64 7.09 -7.43
C THR A 59 11.18 7.06 -6.97
N TYR A 60 10.73 8.18 -6.40
CA TYR A 60 9.36 8.29 -5.92
C TYR A 60 8.37 8.20 -7.08
N PRO A 61 7.22 7.52 -6.88
CA PRO A 61 6.89 6.86 -5.61
C PRO A 61 7.63 5.55 -5.42
N MET A 62 7.64 5.05 -4.19
CA MET A 62 8.32 3.80 -3.87
C MET A 62 7.37 2.83 -3.16
N LEU A 63 6.44 2.27 -3.92
CA LEU A 63 5.48 1.32 -3.38
C LEU A 63 5.99 -0.11 -3.48
N PHE A 64 5.59 -0.95 -2.54
CA PHE A 64 6.01 -2.34 -2.52
C PHE A 64 4.83 -3.27 -2.79
N LYS A 65 5.08 -4.35 -3.53
CA LYS A 65 4.03 -5.31 -3.85
C LYS A 65 4.03 -6.47 -2.86
N LEU A 66 3.07 -6.45 -1.94
CA LEU A 66 2.96 -7.50 -0.93
C LEU A 66 2.04 -8.61 -1.41
N THR A 67 2.54 -9.46 -2.31
CA THR A 67 1.75 -10.55 -2.84
C THR A 67 1.70 -11.72 -1.85
N ASN A 68 0.61 -11.78 -1.09
CA ASN A 68 0.43 -12.84 -0.10
C ASN A 68 0.29 -14.19 -0.78
N LYS A 69 1.23 -15.09 -0.51
CA LYS A 69 1.21 -16.43 -1.09
C LYS A 69 0.50 -17.41 -0.18
N ASN A 70 -0.70 -17.03 0.27
CA ASN A 70 -1.49 -17.88 1.16
C ASN A 70 -2.92 -18.00 0.65
N SER A 71 -3.52 -16.88 0.27
CA SER A 71 -4.87 -16.88 -0.24
C SER A 71 -4.98 -16.04 -1.51
N ASP A 72 -3.89 -15.97 -2.26
CA ASP A 72 -3.86 -15.21 -3.51
C ASP A 72 -4.21 -13.75 -3.26
N ARG A 73 -3.79 -13.23 -2.11
CA ARG A 73 -4.07 -11.84 -1.75
C ARG A 73 -2.96 -10.93 -2.26
N MET A 74 -3.29 -9.65 -2.44
CA MET A 74 -2.33 -8.67 -2.92
C MET A 74 -2.76 -7.26 -2.55
N THR A 75 -1.81 -6.44 -2.11
CA THR A 75 -2.08 -5.07 -1.73
C THR A 75 -0.82 -4.23 -1.74
N HIS A 76 -0.71 -3.33 -2.70
CA HIS A 76 0.46 -2.46 -2.82
C HIS A 76 0.42 -1.35 -1.79
N CYS A 77 1.42 -1.33 -0.90
CA CYS A 77 1.51 -0.33 0.15
C CYS A 77 2.68 0.62 -0.10
N GLY A 78 2.51 1.88 0.30
CA GLY A 78 3.57 2.86 0.11
C GLY A 78 4.39 3.07 1.36
N VAL A 79 5.66 3.41 1.18
CA VAL A 79 6.56 3.63 2.31
C VAL A 79 6.55 5.10 2.72
N LEU A 80 6.87 5.35 4.00
CA LEU A 80 6.90 6.71 4.52
C LEU A 80 8.00 6.86 5.57
N GLU A 81 7.96 6.02 6.60
CA GLU A 81 8.95 6.06 7.67
C GLU A 81 9.98 4.94 7.49
N PHE A 82 11.23 5.25 7.84
CA PHE A 82 12.31 4.28 7.72
C PHE A 82 13.01 4.07 9.06
N VAL A 83 12.37 3.33 9.95
CA VAL A 83 12.92 3.05 11.26
C VAL A 83 12.45 1.70 11.79
N ALA A 84 12.22 0.76 10.88
CA ALA A 84 11.77 -0.57 11.26
C ALA A 84 12.94 -1.45 11.70
N ASP A 85 12.66 -2.39 12.59
CA ASP A 85 13.70 -3.29 13.09
C ASP A 85 14.17 -4.24 11.99
N GLU A 86 15.21 -5.01 12.29
CA GLU A 86 15.76 -5.95 11.33
C GLU A 86 14.77 -7.09 11.06
N GLY A 87 14.30 -7.17 9.83
CA GLY A 87 13.36 -8.22 9.46
C GLY A 87 12.02 -8.05 10.15
N ILE A 88 11.66 -6.80 10.43
CA ILE A 88 10.39 -6.52 11.09
C ILE A 88 9.77 -5.24 10.55
N CYS A 89 8.92 -5.38 9.52
CA CYS A 89 8.27 -4.23 8.91
C CYS A 89 6.88 -4.01 9.51
N TYR A 90 6.62 -2.78 9.92
CA TYR A 90 5.33 -2.44 10.52
C TYR A 90 4.33 -2.01 9.45
N LEU A 91 3.08 -2.42 9.62
CA LEU A 91 2.03 -2.08 8.67
C LEU A 91 0.74 -1.70 9.40
N PRO A 92 -0.12 -0.90 8.75
CA PRO A 92 -1.40 -0.46 9.33
C PRO A 92 -2.22 -1.63 9.88
N HIS A 93 -3.38 -1.31 10.44
CA HIS A 93 -4.26 -2.33 11.00
C HIS A 93 -5.19 -2.89 9.93
N TRP A 94 -5.78 -2.00 9.14
CA TRP A 94 -6.69 -2.41 8.08
C TRP A 94 -5.99 -3.31 7.07
N MET A 95 -4.78 -2.93 6.68
CA MET A 95 -4.01 -3.70 5.72
C MET A 95 -3.73 -5.10 6.25
N MET A 96 -3.55 -5.22 7.56
CA MET A 96 -3.28 -6.50 8.19
C MET A 96 -4.51 -7.39 8.13
N GLN A 97 -5.64 -6.88 8.61
CA GLN A 97 -6.89 -7.63 8.61
C GLN A 97 -7.29 -8.03 7.20
N ASN A 98 -7.02 -7.14 6.24
CA ASN A 98 -7.35 -7.40 4.84
C ASN A 98 -6.59 -8.61 4.32
N LEU A 99 -5.28 -8.63 4.56
CA LEU A 99 -4.45 -9.73 4.10
C LEU A 99 -4.64 -10.97 4.99
N LEU A 100 -5.22 -10.77 6.16
CA LEU A 100 -5.46 -11.87 7.09
C LEU A 100 -4.15 -12.53 7.51
N LEU A 101 -3.10 -11.72 7.64
CA LEU A 101 -1.79 -12.21 8.04
C LEU A 101 -1.72 -12.41 9.55
N GLU A 102 -0.55 -12.84 10.03
CA GLU A 102 -0.35 -13.07 11.45
C GLU A 102 0.98 -12.48 11.91
N GLU A 103 1.29 -12.66 13.19
CA GLU A 103 2.53 -12.15 13.76
C GLU A 103 3.73 -12.76 13.05
N GLY A 104 4.56 -11.90 12.47
CA GLY A 104 5.74 -12.36 11.76
C GLY A 104 5.41 -13.04 10.45
N GLY A 105 4.29 -12.66 9.85
CA GLY A 105 3.87 -13.25 8.60
C GLY A 105 4.75 -12.83 7.43
N LEU A 106 5.58 -13.75 6.95
CA LEU A 106 6.47 -13.47 5.84
C LEU A 106 5.69 -13.29 4.55
N VAL A 107 5.87 -12.14 3.90
CA VAL A 107 5.19 -11.85 2.65
C VAL A 107 6.18 -11.47 1.56
N GLN A 108 5.86 -11.84 0.32
CA GLN A 108 6.73 -11.54 -0.81
C GLN A 108 6.66 -10.07 -1.18
N VAL A 109 7.74 -9.34 -0.90
CA VAL A 109 7.79 -7.92 -1.19
C VAL A 109 8.48 -7.66 -2.53
N GLU A 110 7.77 -7.01 -3.45
CA GLU A 110 8.31 -6.71 -4.76
C GLU A 110 8.01 -5.27 -5.16
N SER A 111 9.05 -4.46 -5.29
CA SER A 111 8.89 -3.06 -5.66
C SER A 111 8.64 -2.92 -7.16
N VAL A 112 7.46 -2.44 -7.51
CA VAL A 112 7.09 -2.26 -8.91
C VAL A 112 6.71 -0.81 -9.20
N ASN A 113 7.06 -0.33 -10.38
CA ASN A 113 6.75 1.04 -10.78
C ASN A 113 5.40 1.11 -11.47
N LEU A 114 4.39 1.58 -10.75
CA LEU A 114 3.05 1.70 -11.31
C LEU A 114 2.76 3.13 -11.73
N GLN A 115 1.66 3.32 -12.46
CA GLN A 115 1.27 4.64 -12.92
C GLN A 115 -0.05 5.08 -12.30
N VAL A 116 -0.43 6.33 -12.52
CA VAL A 116 -1.66 6.87 -11.98
C VAL A 116 -2.88 6.21 -12.63
N ALA A 117 -3.90 5.95 -11.82
CA ALA A 117 -5.12 5.32 -12.31
C ALA A 117 -6.05 6.34 -12.95
N THR A 118 -6.81 5.91 -13.95
CA THR A 118 -7.74 6.79 -14.64
C THR A 118 -9.18 6.43 -14.31
N TYR A 119 -9.43 5.16 -14.05
CA TYR A 119 -10.77 4.69 -13.71
C TYR A 119 -10.74 3.79 -12.49
N SER A 120 -10.95 4.39 -11.32
CA SER A 120 -10.94 3.65 -10.05
C SER A 120 -12.33 3.66 -9.41
N LYS A 121 -13.10 2.62 -9.68
CA LYS A 121 -14.45 2.50 -9.13
C LYS A 121 -14.40 2.02 -7.68
N PHE A 122 -15.29 2.55 -6.85
CA PHE A 122 -15.34 2.17 -5.45
C PHE A 122 -16.74 1.69 -5.06
N GLN A 123 -16.80 0.80 -4.08
CA GLN A 123 -18.08 0.26 -3.62
C GLN A 123 -18.21 0.39 -2.11
N PRO A 124 -18.83 1.48 -1.63
CA PRO A 124 -19.02 1.73 -0.20
C PRO A 124 -19.63 0.52 0.51
N GLN A 125 -18.80 -0.20 1.27
CA GLN A 125 -19.24 -1.37 2.00
C GLN A 125 -20.34 -1.01 2.99
N SER A 126 -20.29 0.22 3.51
CA SER A 126 -21.28 0.69 4.47
C SER A 126 -22.12 1.82 3.86
N PRO A 127 -23.41 1.89 4.23
CA PRO A 127 -24.32 2.92 3.73
C PRO A 127 -24.03 4.30 4.32
N ASP A 128 -23.21 4.34 5.36
CA ASP A 128 -22.85 5.60 6.01
C ASP A 128 -22.24 6.58 5.01
N PHE A 129 -21.39 6.06 4.12
CA PHE A 129 -20.73 6.89 3.12
C PHE A 129 -21.74 7.43 2.11
N LEU A 130 -22.64 6.55 1.66
CA LEU A 130 -23.66 6.93 0.69
C LEU A 130 -24.54 8.05 1.24
N ASP A 131 -24.71 8.08 2.56
CA ASP A 131 -25.52 9.10 3.21
C ASP A 131 -24.94 10.49 2.96
N ILE A 132 -23.64 10.56 2.73
CA ILE A 132 -22.98 11.83 2.49
C ILE A 132 -23.53 12.50 1.23
N THR A 133 -23.70 13.81 1.29
CA THR A 133 -24.23 14.58 0.17
C THR A 133 -23.25 14.54 -1.01
N ASN A 134 -21.95 14.58 -0.71
CA ASN A 134 -20.93 14.55 -1.74
C ASN A 134 -19.87 13.49 -1.42
N PRO A 135 -20.22 12.21 -1.54
CA PRO A 135 -19.30 11.10 -1.27
C PRO A 135 -18.04 11.18 -2.12
N LYS A 136 -18.17 11.74 -3.32
CA LYS A 136 -17.05 11.88 -4.23
C LYS A 136 -15.94 12.73 -3.60
N ALA A 137 -16.31 13.88 -3.08
CA ALA A 137 -15.35 14.78 -2.45
C ALA A 137 -14.65 14.11 -1.26
N VAL A 138 -15.40 13.27 -0.55
CA VAL A 138 -14.85 12.56 0.61
C VAL A 138 -13.95 11.42 0.16
N LEU A 139 -14.29 10.80 -0.96
CA LEU A 139 -13.51 9.68 -1.49
C LEU A 139 -12.18 10.16 -2.05
N GLU A 140 -12.21 11.27 -2.77
CA GLU A 140 -11.01 11.83 -3.36
C GLU A 140 -10.10 12.43 -2.29
N ASN A 141 -10.72 13.06 -1.29
CA ASN A 141 -9.97 13.68 -0.20
C ASN A 141 -9.24 12.63 0.62
N ALA A 142 -9.84 11.45 0.74
CA ALA A 142 -9.25 10.35 1.50
C ALA A 142 -8.21 9.60 0.67
N LEU A 143 -8.44 9.54 -0.64
CA LEU A 143 -7.53 8.87 -1.55
C LEU A 143 -6.15 9.54 -1.56
N ARG A 144 -6.14 10.84 -1.27
CA ARG A 144 -4.89 11.60 -1.26
C ARG A 144 -3.89 10.99 -0.29
N ASN A 145 -4.40 10.28 0.72
CA ASN A 145 -3.54 9.65 1.72
C ASN A 145 -2.96 8.35 1.18
N PHE A 146 -3.81 7.49 0.63
CA PHE A 146 -3.37 6.22 0.07
C PHE A 146 -2.36 6.43 -1.06
N ALA A 147 -1.43 5.50 -1.18
CA ALA A 147 -0.40 5.58 -2.21
C ALA A 147 -0.73 4.67 -3.39
N CYS A 148 -1.41 3.56 -3.09
CA CYS A 148 -1.78 2.60 -4.12
C CYS A 148 -3.17 2.03 -3.86
N LEU A 149 -3.73 1.34 -4.86
CA LEU A 149 -5.04 0.74 -4.74
C LEU A 149 -5.10 -0.61 -5.45
N THR A 150 -5.73 -1.59 -4.82
CA THR A 150 -5.86 -2.92 -5.40
C THR A 150 -7.31 -3.24 -5.72
N THR A 151 -7.53 -3.92 -6.84
CA THR A 151 -8.88 -4.29 -7.26
C THR A 151 -9.48 -5.30 -6.29
N GLY A 152 -10.25 -4.78 -5.32
CA GLY A 152 -10.88 -5.65 -4.35
C GLY A 152 -10.24 -5.54 -2.98
N ASP A 153 -9.72 -4.35 -2.66
CA ASP A 153 -9.07 -4.13 -1.37
C ASP A 153 -10.00 -3.32 -0.45
N VAL A 154 -10.10 -3.78 0.80
CA VAL A 154 -10.94 -3.11 1.79
C VAL A 154 -10.16 -2.05 2.54
N ILE A 155 -10.18 -0.82 2.03
CA ILE A 155 -9.48 0.30 2.66
C ILE A 155 -10.38 1.04 3.64
N ALA A 156 -9.84 1.32 4.83
CA ALA A 156 -10.60 2.03 5.86
C ALA A 156 -10.20 3.48 5.93
N ILE A 157 -11.18 4.38 5.80
CA ILE A 157 -10.92 5.82 5.86
C ILE A 157 -11.61 6.45 7.06
N ASN A 158 -10.92 7.41 7.69
CA ASN A 158 -11.46 8.09 8.85
C ASN A 158 -11.16 9.58 8.80
N TYR A 159 -12.12 10.40 9.24
CA TYR A 159 -11.95 11.84 9.24
C TYR A 159 -12.89 12.50 10.24
N ASN A 160 -14.16 12.14 10.19
CA ASN A 160 -15.16 12.69 11.10
C ASN A 160 -15.39 11.75 12.28
N GLU A 161 -14.30 11.22 12.84
CA GLU A 161 -14.40 10.31 13.98
C GLU A 161 -15.19 9.07 13.61
N LYS A 162 -15.11 8.67 12.35
CA LYS A 162 -15.84 7.49 11.87
C LYS A 162 -15.06 6.80 10.75
N ILE A 163 -14.81 5.51 10.93
CA ILE A 163 -14.08 4.73 9.92
C ILE A 163 -15.03 4.20 8.85
N TYR A 164 -15.13 4.93 7.75
CA TYR A 164 -15.99 4.53 6.64
C TYR A 164 -15.35 3.41 5.83
N GLU A 165 -16.17 2.43 5.45
CA GLU A 165 -15.68 1.28 4.68
C GLU A 165 -15.92 1.50 3.19
N LEU A 166 -14.85 1.45 2.41
CA LEU A 166 -14.95 1.65 0.97
C LEU A 166 -14.00 0.70 0.23
N ARG A 167 -14.56 -0.39 -0.30
CA ARG A 167 -13.76 -1.37 -1.04
C ARG A 167 -13.78 -1.08 -2.53
N VAL A 168 -12.61 -1.00 -3.13
CA VAL A 168 -12.49 -0.72 -4.56
C VAL A 168 -12.99 -1.91 -5.38
N MET A 169 -13.89 -1.63 -6.32
CA MET A 169 -14.44 -2.66 -7.18
C MET A 169 -13.56 -2.91 -8.40
N GLU A 170 -13.43 -1.90 -9.25
CA GLU A 170 -12.60 -2.00 -10.45
C GLU A 170 -11.53 -0.91 -10.47
N THR A 171 -10.45 -1.17 -11.20
CA THR A 171 -9.36 -0.22 -11.31
C THR A 171 -8.73 -0.26 -12.69
N LYS A 172 -8.00 0.79 -13.05
CA LYS A 172 -7.35 0.88 -14.35
C LYS A 172 -6.05 1.68 -14.25
N PRO A 173 -5.11 1.43 -15.18
CA PRO A 173 -5.26 0.45 -16.26
C PRO A 173 -5.10 -1.00 -15.77
N ASP A 174 -4.26 -1.17 -14.75
CA ASP A 174 -4.00 -2.49 -14.19
C ASP A 174 -4.52 -2.58 -12.76
N LYS A 175 -4.41 -3.76 -12.16
CA LYS A 175 -4.88 -3.98 -10.80
C LYS A 175 -4.14 -3.06 -9.83
N ALA A 176 -2.84 -2.91 -10.02
CA ALA A 176 -2.03 -2.07 -9.16
C ALA A 176 -1.78 -0.70 -9.80
N VAL A 177 -2.29 0.35 -9.16
CA VAL A 177 -2.13 1.70 -9.67
C VAL A 177 -1.68 2.66 -8.56
N SER A 178 -0.74 3.54 -8.90
CA SER A 178 -0.22 4.50 -7.93
C SER A 178 -0.96 5.82 -8.05
N ILE A 179 -1.94 6.03 -7.17
CA ILE A 179 -2.73 7.26 -7.18
C ILE A 179 -2.10 8.32 -6.29
N ILE A 180 -1.14 9.07 -6.84
CA ILE A 180 -0.46 10.11 -6.10
C ILE A 180 -0.72 11.49 -6.71
N GLU A 181 -1.83 12.11 -6.34
CA GLU A 181 -2.19 13.42 -6.86
C GLU A 181 -2.35 13.39 -8.37
N CYS A 182 -3.56 13.05 -8.82
CA CYS A 182 -3.85 12.98 -10.25
C CYS A 182 -5.35 13.03 -10.51
N ASP A 183 -5.74 13.73 -11.56
CA ASP A 183 -7.15 13.85 -11.92
C ASP A 183 -7.63 12.61 -12.66
N MET A 184 -8.45 11.80 -12.00
CA MET A 184 -8.99 10.59 -12.60
C MET A 184 -10.50 10.54 -12.46
N ASN A 185 -11.10 9.48 -12.98
CA ASN A 185 -12.55 9.30 -12.92
C ASN A 185 -12.94 8.46 -11.71
N VAL A 186 -13.17 9.13 -10.58
CA VAL A 186 -13.56 8.44 -9.35
C VAL A 186 -15.03 8.05 -9.37
N ASP A 187 -15.33 6.94 -10.04
CA ASP A 187 -16.72 6.47 -10.14
C ASP A 187 -17.15 5.82 -8.83
N PHE A 188 -18.44 5.49 -8.74
CA PHE A 188 -19.00 4.86 -7.54
C PHE A 188 -19.77 3.60 -7.90
N ASP A 189 -20.03 2.76 -6.90
CA ASP A 189 -20.76 1.52 -7.11
C ASP A 189 -21.58 1.16 -5.87
N ALA A 190 -22.88 1.43 -5.92
CA ALA A 190 -23.77 1.13 -4.81
C ALA A 190 -25.09 0.56 -5.30
N GLY A 1 37.09 -16.88 4.15
CA GLY A 1 36.01 -17.61 4.87
C GLY A 1 34.97 -18.17 3.92
N SER A 2 34.22 -19.16 4.40
CA SER A 2 33.19 -19.79 3.59
C SER A 2 31.81 -19.52 4.17
N SER A 3 30.78 -19.65 3.33
CA SER A 3 29.40 -19.41 3.76
C SER A 3 28.42 -19.75 2.65
N GLY A 4 28.76 -19.36 1.42
CA GLY A 4 27.90 -19.64 0.29
C GLY A 4 28.61 -19.45 -1.03
N SER A 5 27.91 -18.90 -2.02
CA SER A 5 28.48 -18.68 -3.34
C SER A 5 29.42 -17.49 -3.33
N SER A 6 29.10 -16.49 -2.53
CA SER A 6 29.93 -15.29 -2.42
C SER A 6 30.03 -14.58 -3.77
N GLY A 7 30.39 -13.31 -3.74
CA GLY A 7 30.51 -12.53 -4.96
C GLY A 7 29.19 -11.96 -5.42
N ILE A 8 29.08 -11.71 -6.73
CA ILE A 8 27.86 -11.16 -7.30
C ILE A 8 27.17 -12.17 -8.22
N PRO A 9 26.25 -12.99 -7.66
CA PRO A 9 25.53 -14.00 -8.43
C PRO A 9 24.89 -13.42 -9.69
N ARG A 10 25.62 -13.47 -10.79
CA ARG A 10 25.13 -12.96 -12.07
C ARG A 10 24.80 -11.47 -11.96
N VAL A 11 24.30 -10.90 -13.05
CA VAL A 11 23.95 -9.49 -13.09
C VAL A 11 22.90 -9.22 -14.16
N PHE A 12 21.69 -8.83 -13.72
CA PHE A 12 20.61 -8.53 -14.65
C PHE A 12 19.75 -7.38 -14.13
N GLN A 13 19.36 -7.45 -12.86
CA GLN A 13 18.54 -6.42 -12.25
C GLN A 13 18.43 -6.63 -10.74
N ASN A 14 18.32 -7.88 -10.32
CA ASN A 14 18.21 -8.22 -8.90
C ASN A 14 16.82 -7.91 -8.38
N ARG A 15 16.48 -6.62 -8.31
CA ARG A 15 15.18 -6.20 -7.82
C ARG A 15 14.98 -6.59 -6.36
N PHE A 16 14.46 -5.66 -5.57
CA PHE A 16 14.22 -5.91 -4.15
C PHE A 16 13.22 -7.03 -3.96
N SER A 17 13.72 -8.26 -3.88
CA SER A 17 12.86 -9.43 -3.70
C SER A 17 13.20 -10.15 -2.40
N THR A 18 12.35 -9.99 -1.39
CA THR A 18 12.57 -10.63 -0.10
C THR A 18 11.33 -10.53 0.77
N GLN A 19 11.25 -11.39 1.79
CA GLN A 19 10.11 -11.40 2.70
C GLN A 19 10.41 -10.57 3.95
N TYR A 20 9.37 -9.97 4.51
CA TYR A 20 9.52 -9.15 5.72
C TYR A 20 8.36 -9.39 6.68
N ARG A 21 8.64 -9.27 7.97
CA ARG A 21 7.63 -9.48 9.00
C ARG A 21 6.69 -8.29 9.08
N CYS A 22 5.39 -8.55 9.03
CA CYS A 22 4.39 -7.51 9.10
C CYS A 22 3.81 -7.39 10.51
N PHE A 23 3.86 -6.18 11.06
CA PHE A 23 3.34 -5.95 12.41
C PHE A 23 2.43 -4.73 12.43
N SER A 24 1.82 -4.47 13.58
CA SER A 24 0.92 -3.33 13.73
C SER A 24 1.67 -2.10 14.23
N VAL A 25 1.19 -0.92 13.86
CA VAL A 25 1.82 0.33 14.26
C VAL A 25 1.66 0.55 15.77
N SER A 26 0.55 0.06 16.32
CA SER A 26 0.28 0.21 17.74
C SER A 26 1.24 -0.63 18.58
N MET A 27 1.69 -1.74 18.00
CA MET A 27 2.62 -2.64 18.70
C MET A 27 3.89 -1.91 19.11
N LEU A 28 4.24 -0.87 18.36
CA LEU A 28 5.44 -0.08 18.65
C LEU A 28 5.38 0.49 20.06
N ALA A 29 4.46 1.41 20.29
CA ALA A 29 4.30 2.02 21.61
C ALA A 29 3.09 1.47 22.33
N GLY A 30 1.90 1.80 21.82
CA GLY A 30 0.67 1.32 22.44
C GLY A 30 -0.51 1.38 21.50
N PRO A 31 -1.73 1.18 22.00
CA PRO A 31 -2.95 1.21 21.18
C PRO A 31 -3.25 2.60 20.66
N ASN A 32 -2.97 3.62 21.47
CA ASN A 32 -3.21 5.01 21.09
C ASN A 32 -1.92 5.82 21.15
N ASP A 33 -1.55 6.40 20.01
CA ASP A 33 -0.34 7.20 19.92
C ASP A 33 -0.32 8.04 18.65
N ARG A 34 -0.69 7.42 17.54
CA ARG A 34 -0.72 8.11 16.26
C ARG A 34 -2.04 7.85 15.53
N SER A 35 -2.49 8.84 14.76
CA SER A 35 -3.74 8.71 14.02
C SER A 35 -3.55 9.13 12.57
N ASP A 36 -2.34 8.90 12.04
CA ASP A 36 -2.03 9.24 10.66
C ASP A 36 -1.58 8.01 9.88
N VAL A 37 -0.74 7.20 10.50
CA VAL A 37 -0.24 5.99 9.87
C VAL A 37 -1.37 5.01 9.56
N GLU A 38 -2.38 5.01 10.42
CA GLU A 38 -3.53 4.12 10.26
C GLU A 38 -4.49 4.67 9.21
N LYS A 39 -4.56 6.00 9.10
CA LYS A 39 -5.43 6.64 8.14
C LYS A 39 -4.80 6.66 6.74
N GLY A 40 -3.48 6.80 6.71
CA GLY A 40 -2.77 6.83 5.44
C GLY A 40 -2.23 5.47 5.05
N GLY A 41 -1.81 5.34 3.79
CA GLY A 41 -1.29 4.07 3.31
C GLY A 41 0.23 4.01 3.40
N LYS A 42 0.78 4.53 4.48
CA LYS A 42 2.23 4.54 4.68
C LYS A 42 2.65 3.46 5.67
N ILE A 43 3.93 3.12 5.66
CA ILE A 43 4.46 2.10 6.55
C ILE A 43 5.84 2.48 7.08
N ILE A 44 6.36 1.70 8.02
CA ILE A 44 7.66 1.96 8.60
C ILE A 44 8.61 0.78 8.39
N MET A 45 9.28 0.77 7.25
CA MET A 45 10.21 -0.31 6.92
C MET A 45 11.61 0.02 7.43
N PRO A 46 12.41 -1.01 7.75
CA PRO A 46 13.78 -0.83 8.25
C PRO A 46 14.61 0.08 7.35
N PRO A 47 15.66 0.72 7.90
CA PRO A 47 16.53 1.61 7.13
C PRO A 47 17.30 0.88 6.04
N SER A 48 17.51 -0.42 6.25
CA SER A 48 18.24 -1.24 5.28
C SER A 48 17.55 -1.21 3.91
N ALA A 49 16.23 -1.06 3.93
CA ALA A 49 15.45 -1.01 2.69
C ALA A 49 15.74 0.27 1.91
N LEU A 50 15.70 1.40 2.60
CA LEU A 50 15.95 2.69 1.97
C LEU A 50 17.34 2.73 1.35
N ASP A 51 18.31 2.14 2.04
CA ASP A 51 19.69 2.11 1.56
C ASP A 51 19.83 1.13 0.40
N GLN A 52 19.02 0.08 0.40
CA GLN A 52 19.05 -0.92 -0.65
C GLN A 52 18.42 -0.38 -1.94
N LEU A 53 17.42 0.48 -1.78
CA LEU A 53 16.73 1.07 -2.92
C LEU A 53 17.70 1.86 -3.79
N SER A 54 18.73 2.42 -3.17
CA SER A 54 19.74 3.19 -3.90
C SER A 54 20.76 2.28 -4.56
N ARG A 55 20.89 1.07 -4.05
CA ARG A 55 21.84 0.11 -4.60
C ARG A 55 21.32 -0.48 -5.91
N LEU A 56 20.01 -0.59 -6.03
CA LEU A 56 19.40 -1.13 -7.24
C LEU A 56 18.99 -0.02 -8.22
N ASN A 57 19.59 1.16 -8.05
CA ASN A 57 19.30 2.30 -8.92
C ASN A 57 17.80 2.59 -8.95
N ILE A 58 17.14 2.44 -7.81
CA ILE A 58 15.71 2.69 -7.72
C ILE A 58 15.41 4.19 -7.69
N THR A 59 14.20 4.56 -8.13
CA THR A 59 13.80 5.96 -8.15
C THR A 59 12.33 6.10 -7.73
N TYR A 60 12.00 7.25 -7.16
CA TYR A 60 10.64 7.52 -6.72
C TYR A 60 9.67 7.50 -7.91
N PRO A 61 8.46 6.94 -7.74
CA PRO A 61 8.02 6.34 -6.47
C PRO A 61 8.64 4.97 -6.22
N MET A 62 8.68 4.56 -4.96
CA MET A 62 9.25 3.27 -4.60
C MET A 62 8.18 2.36 -3.98
N LEU A 63 7.11 2.13 -4.73
CA LEU A 63 6.02 1.28 -4.27
C LEU A 63 6.42 -0.18 -4.30
N PHE A 64 6.02 -0.92 -3.27
CA PHE A 64 6.33 -2.34 -3.18
C PHE A 64 5.10 -3.20 -3.47
N LYS A 65 5.34 -4.44 -3.89
CA LYS A 65 4.24 -5.36 -4.20
C LYS A 65 4.05 -6.38 -3.07
N LEU A 66 3.16 -6.06 -2.15
CA LEU A 66 2.88 -6.94 -1.02
C LEU A 66 2.02 -8.12 -1.45
N THR A 67 2.65 -9.12 -2.05
CA THR A 67 1.95 -10.32 -2.52
C THR A 67 2.00 -11.42 -1.47
N ASN A 68 0.83 -11.82 -0.97
CA ASN A 68 0.75 -12.87 0.04
C ASN A 68 0.62 -14.24 -0.62
N LYS A 69 1.47 -15.17 -0.20
CA LYS A 69 1.44 -16.52 -0.74
C LYS A 69 0.67 -17.47 0.17
N ASN A 70 -0.33 -16.93 0.87
CA ASN A 70 -1.14 -17.73 1.77
C ASN A 70 -2.60 -17.74 1.33
N SER A 71 -3.09 -16.58 0.89
CA SER A 71 -4.47 -16.46 0.43
C SER A 71 -4.55 -15.69 -0.88
N ASP A 72 -3.44 -15.65 -1.61
CA ASP A 72 -3.39 -14.95 -2.89
C ASP A 72 -3.84 -13.50 -2.74
N ARG A 73 -3.12 -12.74 -1.91
CA ARG A 73 -3.44 -11.34 -1.66
C ARG A 73 -2.43 -10.42 -2.35
N MET A 74 -2.83 -9.19 -2.58
CA MET A 74 -1.95 -8.21 -3.22
C MET A 74 -2.42 -6.78 -2.92
N THR A 75 -1.50 -5.97 -2.41
CA THR A 75 -1.81 -4.58 -2.08
C THR A 75 -0.54 -3.73 -2.02
N HIS A 76 -0.30 -2.98 -3.09
CA HIS A 76 0.88 -2.12 -3.16
C HIS A 76 0.81 -1.01 -2.12
N CYS A 77 1.90 -0.82 -1.39
CA CYS A 77 1.95 0.22 -0.36
C CYS A 77 3.12 1.17 -0.62
N GLY A 78 3.11 2.30 0.08
CA GLY A 78 4.17 3.29 -0.09
C GLY A 78 4.86 3.62 1.22
N VAL A 79 6.13 3.24 1.33
CA VAL A 79 6.90 3.50 2.54
C VAL A 79 7.03 5.00 2.79
N LEU A 80 7.22 5.37 4.05
CA LEU A 80 7.37 6.78 4.43
C LEU A 80 8.55 6.96 5.37
N GLU A 81 8.48 6.34 6.53
CA GLU A 81 9.54 6.44 7.52
C GLU A 81 10.50 5.25 7.42
N PHE A 82 11.68 5.40 8.01
CA PHE A 82 12.69 4.35 7.98
C PHE A 82 13.42 4.25 9.32
N VAL A 83 12.73 3.71 10.31
CA VAL A 83 13.30 3.55 11.64
C VAL A 83 12.85 2.25 12.30
N ALA A 84 12.61 1.23 11.47
CA ALA A 84 12.17 -0.06 11.97
C ALA A 84 13.35 -0.97 12.27
N ASP A 85 13.13 -1.97 13.12
CA ASP A 85 14.19 -2.91 13.49
C ASP A 85 14.45 -3.90 12.36
N GLU A 86 15.54 -4.66 12.49
CA GLU A 86 15.91 -5.64 11.48
C GLU A 86 14.97 -6.84 11.53
N GLY A 87 14.29 -7.11 10.42
CA GLY A 87 13.38 -8.23 10.36
C GLY A 87 12.04 -7.93 11.00
N ILE A 88 11.67 -6.65 11.02
CA ILE A 88 10.40 -6.23 11.60
C ILE A 88 9.86 -4.98 10.90
N CYS A 89 8.73 -5.12 10.21
CA CYS A 89 8.12 -4.02 9.51
C CYS A 89 6.74 -3.71 10.07
N TYR A 90 6.50 -2.43 10.34
CA TYR A 90 5.21 -2.00 10.89
C TYR A 90 4.30 -1.46 9.79
N LEU A 91 3.04 -1.86 9.83
CA LEU A 91 2.06 -1.43 8.83
C LEU A 91 0.75 -1.02 9.49
N PRO A 92 -0.08 -0.24 8.79
CA PRO A 92 -1.37 0.21 9.31
C PRO A 92 -2.23 -0.93 9.83
N HIS A 93 -3.44 -0.61 10.27
CA HIS A 93 -4.36 -1.63 10.79
C HIS A 93 -5.28 -2.15 9.69
N TRP A 94 -5.76 -1.24 8.84
CA TRP A 94 -6.64 -1.61 7.74
C TRP A 94 -5.95 -2.57 6.78
N MET A 95 -4.68 -2.29 6.48
CA MET A 95 -3.91 -3.13 5.57
C MET A 95 -3.80 -4.55 6.10
N MET A 96 -3.52 -4.68 7.40
CA MET A 96 -3.39 -5.98 8.04
C MET A 96 -4.68 -6.78 7.92
N GLN A 97 -5.79 -6.13 8.26
CA GLN A 97 -7.10 -6.77 8.19
C GLN A 97 -7.42 -7.21 6.77
N ASN A 98 -7.01 -6.40 5.79
CA ASN A 98 -7.25 -6.70 4.39
C ASN A 98 -6.48 -7.95 3.97
N LEU A 99 -5.17 -7.93 4.16
CA LEU A 99 -4.33 -9.06 3.80
C LEU A 99 -4.60 -10.27 4.70
N LEU A 100 -5.24 -10.02 5.84
CA LEU A 100 -5.56 -11.09 6.79
C LEU A 100 -4.29 -11.74 7.32
N LEU A 101 -3.24 -10.94 7.45
CA LEU A 101 -1.96 -11.44 7.95
C LEU A 101 -1.95 -11.46 9.47
N GLU A 102 -0.83 -11.90 10.06
CA GLU A 102 -0.70 -11.97 11.51
C GLU A 102 0.63 -11.40 11.95
N GLU A 103 0.83 -11.35 13.27
CA GLU A 103 2.07 -10.82 13.83
C GLU A 103 3.28 -11.62 13.35
N GLY A 104 4.04 -11.04 12.43
CA GLY A 104 5.21 -11.72 11.90
C GLY A 104 4.94 -12.40 10.58
N GLY A 105 3.99 -11.85 9.82
CA GLY A 105 3.65 -12.43 8.53
C GLY A 105 4.63 -12.04 7.45
N LEU A 106 5.26 -13.03 6.82
CA LEU A 106 6.22 -12.79 5.77
C LEU A 106 5.52 -12.58 4.42
N VAL A 107 5.79 -11.43 3.80
CA VAL A 107 5.18 -11.11 2.51
C VAL A 107 6.25 -10.84 1.45
N GLN A 108 6.06 -11.40 0.26
CA GLN A 108 7.01 -11.22 -0.83
C GLN A 108 7.00 -9.78 -1.32
N VAL A 109 8.01 -9.02 -0.91
CA VAL A 109 8.12 -7.63 -1.31
C VAL A 109 8.85 -7.49 -2.65
N GLU A 110 8.29 -6.70 -3.56
CA GLU A 110 8.88 -6.50 -4.87
C GLU A 110 8.64 -5.08 -5.35
N SER A 111 9.70 -4.43 -5.84
CA SER A 111 9.59 -3.07 -6.34
C SER A 111 9.26 -3.05 -7.84
N VAL A 112 8.00 -2.78 -8.16
CA VAL A 112 7.57 -2.74 -9.55
C VAL A 112 7.28 -1.31 -10.00
N ASN A 113 7.05 -1.14 -11.29
CA ASN A 113 6.74 0.18 -11.85
C ASN A 113 5.33 0.23 -12.41
N LEU A 114 4.51 1.11 -11.84
CA LEU A 114 3.12 1.25 -12.29
C LEU A 114 2.87 2.67 -12.80
N GLN A 115 1.65 2.91 -13.27
CA GLN A 115 1.28 4.22 -13.80
C GLN A 115 0.05 4.76 -13.06
N VAL A 116 -0.22 6.05 -13.27
CA VAL A 116 -1.36 6.69 -12.63
C VAL A 116 -2.68 6.09 -13.11
N ALA A 117 -3.64 5.95 -12.20
CA ALA A 117 -4.94 5.39 -12.54
C ALA A 117 -5.80 6.41 -13.27
N THR A 118 -6.67 5.92 -14.16
CA THR A 118 -7.55 6.79 -14.93
C THR A 118 -9.00 6.57 -14.55
N TYR A 119 -9.36 5.32 -14.27
CA TYR A 119 -10.72 4.98 -13.88
C TYR A 119 -10.72 3.98 -12.72
N SER A 120 -11.30 4.39 -11.60
CA SER A 120 -11.37 3.54 -10.42
C SER A 120 -12.75 3.62 -9.78
N LYS A 121 -13.53 2.55 -9.92
CA LYS A 121 -14.87 2.50 -9.35
C LYS A 121 -14.83 2.03 -7.90
N PHE A 122 -15.52 2.76 -7.03
CA PHE A 122 -15.56 2.41 -5.62
C PHE A 122 -16.95 1.96 -5.20
N GLN A 123 -17.01 0.99 -4.29
CA GLN A 123 -18.28 0.47 -3.80
C GLN A 123 -18.31 0.41 -2.28
N PRO A 124 -18.89 1.43 -1.63
CA PRO A 124 -18.98 1.50 -0.17
C PRO A 124 -19.52 0.21 0.43
N GLN A 125 -18.71 -0.43 1.28
CA GLN A 125 -19.10 -1.68 1.92
C GLN A 125 -20.18 -1.43 2.98
N SER A 126 -20.12 -0.26 3.61
CA SER A 126 -21.10 0.09 4.65
C SER A 126 -22.10 1.11 4.12
N PRO A 127 -23.35 1.04 4.60
CA PRO A 127 -24.42 1.97 4.18
C PRO A 127 -24.21 3.38 4.70
N ASP A 128 -23.39 3.51 5.76
CA ASP A 128 -23.13 4.82 6.35
C ASP A 128 -22.57 5.79 5.33
N PHE A 129 -21.59 5.34 4.56
CA PHE A 129 -20.97 6.18 3.54
C PHE A 129 -22.00 6.59 2.49
N LEU A 130 -22.81 5.64 2.04
CA LEU A 130 -23.84 5.91 1.05
C LEU A 130 -24.81 6.97 1.54
N ASP A 131 -25.04 6.99 2.85
CA ASP A 131 -25.96 7.95 3.45
C ASP A 131 -25.46 9.39 3.23
N ILE A 132 -24.15 9.54 3.08
CA ILE A 132 -23.55 10.86 2.86
C ILE A 132 -24.08 11.49 1.59
N THR A 133 -24.42 12.77 1.66
CA THR A 133 -24.93 13.49 0.50
C THR A 133 -23.88 13.60 -0.59
N ASN A 134 -22.62 13.69 -0.19
CA ASN A 134 -21.52 13.80 -1.13
C ASN A 134 -20.37 12.87 -0.73
N PRO A 135 -20.47 11.57 -1.09
CA PRO A 135 -19.43 10.59 -0.76
C PRO A 135 -18.16 10.79 -1.59
N LYS A 136 -18.31 11.36 -2.77
CA LYS A 136 -17.18 11.62 -3.65
C LYS A 136 -16.16 12.54 -2.98
N ALA A 137 -16.66 13.49 -2.20
CA ALA A 137 -15.80 14.43 -1.51
C ALA A 137 -15.06 13.76 -0.35
N VAL A 138 -15.76 12.88 0.36
CA VAL A 138 -15.17 12.17 1.48
C VAL A 138 -14.19 11.09 1.01
N LEU A 139 -14.46 10.54 -0.17
CA LEU A 139 -13.60 9.51 -0.73
C LEU A 139 -12.35 10.11 -1.37
N GLU A 140 -12.55 11.19 -2.14
CA GLU A 140 -11.44 11.85 -2.81
C GLU A 140 -10.47 12.44 -1.79
N ASN A 141 -10.99 12.84 -0.64
CA ASN A 141 -10.16 13.42 0.42
C ASN A 141 -9.25 12.36 1.03
N ALA A 142 -9.70 11.11 1.01
CA ALA A 142 -8.92 10.01 1.56
C ALA A 142 -7.86 9.54 0.57
N LEU A 143 -8.18 9.62 -0.71
CA LEU A 143 -7.26 9.20 -1.76
C LEU A 143 -5.99 10.05 -1.75
N ARG A 144 -6.11 11.28 -1.27
CA ARG A 144 -4.96 12.18 -1.20
C ARG A 144 -3.81 11.57 -0.41
N ASN A 145 -4.15 10.72 0.55
CA ASN A 145 -3.14 10.07 1.38
C ASN A 145 -2.63 8.79 0.71
N PHE A 146 -3.55 8.01 0.15
CA PHE A 146 -3.20 6.77 -0.53
C PHE A 146 -2.29 7.04 -1.72
N ALA A 147 -1.32 6.16 -1.94
CA ALA A 147 -0.38 6.30 -3.05
C ALA A 147 -0.66 5.26 -4.14
N CYS A 148 -1.26 4.14 -3.75
CA CYS A 148 -1.57 3.09 -4.70
C CYS A 148 -2.93 2.45 -4.37
N LEU A 149 -3.46 1.69 -5.33
CA LEU A 149 -4.74 1.03 -5.15
C LEU A 149 -4.77 -0.32 -5.85
N THR A 150 -5.72 -1.17 -5.48
CA THR A 150 -5.85 -2.49 -6.08
C THR A 150 -7.32 -2.89 -6.20
N THR A 151 -7.64 -3.59 -7.28
CA THR A 151 -9.02 -4.03 -7.52
C THR A 151 -9.47 -5.00 -6.42
N GLY A 152 -10.17 -4.48 -5.43
CA GLY A 152 -10.65 -5.31 -4.34
C GLY A 152 -9.93 -5.02 -3.03
N ASP A 153 -9.45 -3.80 -2.89
CA ASP A 153 -8.74 -3.39 -1.68
C ASP A 153 -9.68 -2.76 -0.67
N VAL A 154 -9.84 -3.42 0.48
CA VAL A 154 -10.73 -2.92 1.53
C VAL A 154 -10.01 -1.90 2.41
N ILE A 155 -10.09 -0.63 2.01
CA ILE A 155 -9.45 0.45 2.76
C ILE A 155 -10.42 1.08 3.75
N ALA A 156 -9.92 1.45 4.91
CA ALA A 156 -10.74 2.07 5.94
C ALA A 156 -10.40 3.55 6.10
N ILE A 157 -11.43 4.40 6.11
CA ILE A 157 -11.24 5.84 6.25
C ILE A 157 -11.92 6.35 7.51
N ASN A 158 -11.42 7.47 8.04
CA ASN A 158 -11.97 8.06 9.25
C ASN A 158 -11.91 9.58 9.18
N TYR A 159 -12.94 10.23 9.69
CA TYR A 159 -13.00 11.70 9.70
C TYR A 159 -13.97 12.20 10.76
N ASN A 160 -15.18 11.65 10.77
CA ASN A 160 -16.19 12.05 11.74
C ASN A 160 -16.22 11.08 12.92
N GLU A 161 -15.05 10.72 13.41
CA GLU A 161 -14.95 9.80 14.54
C GLU A 161 -15.59 8.45 14.20
N LYS A 162 -15.54 8.09 12.93
CA LYS A 162 -16.11 6.83 12.47
C LYS A 162 -15.27 6.23 11.34
N ILE A 163 -15.14 4.91 11.35
CA ILE A 163 -14.37 4.21 10.33
C ILE A 163 -15.27 3.75 9.18
N TYR A 164 -15.41 4.61 8.18
CA TYR A 164 -16.24 4.29 7.02
C TYR A 164 -15.55 3.27 6.12
N GLU A 165 -16.20 2.13 5.92
CA GLU A 165 -15.64 1.07 5.07
C GLU A 165 -15.82 1.41 3.59
N LEU A 166 -14.79 1.12 2.81
CA LEU A 166 -14.83 1.38 1.37
C LEU A 166 -13.91 0.42 0.62
N ARG A 167 -14.47 -0.28 -0.36
CA ARG A 167 -13.71 -1.23 -1.15
C ARG A 167 -13.81 -0.91 -2.64
N VAL A 168 -12.69 -0.99 -3.34
CA VAL A 168 -12.66 -0.71 -4.78
C VAL A 168 -13.25 -1.86 -5.57
N MET A 169 -13.90 -1.53 -6.69
CA MET A 169 -14.51 -2.53 -7.55
C MET A 169 -13.70 -2.73 -8.82
N GLU A 170 -13.49 -1.65 -9.57
CA GLU A 170 -12.72 -1.72 -10.81
C GLU A 170 -11.63 -0.65 -10.82
N THR A 171 -10.54 -0.95 -11.51
CA THR A 171 -9.42 -0.03 -11.60
C THR A 171 -8.74 -0.13 -12.97
N LYS A 172 -8.33 1.02 -13.51
CA LYS A 172 -7.67 1.06 -14.81
C LYS A 172 -6.35 1.81 -14.72
N PRO A 173 -5.38 1.50 -15.61
CA PRO A 173 -5.55 0.47 -16.65
C PRO A 173 -5.42 -0.95 -16.08
N ASP A 174 -4.66 -1.09 -15.00
CA ASP A 174 -4.47 -2.38 -14.36
C ASP A 174 -4.85 -2.33 -12.89
N LYS A 175 -4.85 -3.49 -12.24
CA LYS A 175 -5.19 -3.58 -10.82
C LYS A 175 -4.26 -2.71 -9.99
N ALA A 176 -2.96 -2.81 -10.24
CA ALA A 176 -1.97 -2.04 -9.50
C ALA A 176 -1.68 -0.71 -10.21
N VAL A 177 -2.24 0.37 -9.67
CA VAL A 177 -2.04 1.70 -10.24
C VAL A 177 -1.45 2.66 -9.22
N SER A 178 -0.41 3.38 -9.62
CA SER A 178 0.23 4.35 -8.73
C SER A 178 -0.42 5.72 -8.85
N ILE A 179 -1.49 5.92 -8.08
CA ILE A 179 -2.21 7.19 -8.10
C ILE A 179 -1.41 8.28 -7.37
N ILE A 180 -0.45 8.87 -8.06
CA ILE A 180 0.37 9.92 -7.48
C ILE A 180 0.23 11.22 -8.27
N GLU A 181 -0.54 12.16 -7.73
CA GLU A 181 -0.76 13.45 -8.39
C GLU A 181 -1.42 13.26 -9.74
N CYS A 182 -2.74 13.05 -9.73
CA CYS A 182 -3.49 12.85 -10.96
C CYS A 182 -4.99 12.72 -10.66
N ASP A 183 -5.81 13.26 -11.56
CA ASP A 183 -7.26 13.20 -11.40
C ASP A 183 -7.86 12.10 -12.26
N MET A 184 -8.53 11.16 -11.62
CA MET A 184 -9.17 10.05 -12.33
C MET A 184 -10.68 10.07 -12.15
N ASN A 185 -11.37 9.21 -12.89
CA ASN A 185 -12.83 9.14 -12.81
C ASN A 185 -13.27 8.13 -11.76
N VAL A 186 -13.54 8.61 -10.55
CA VAL A 186 -13.97 7.75 -9.45
C VAL A 186 -15.47 7.54 -9.47
N ASP A 187 -15.92 6.50 -10.17
CA ASP A 187 -17.33 6.20 -10.28
C ASP A 187 -17.83 5.48 -9.02
N PHE A 188 -19.13 5.23 -8.96
CA PHE A 188 -19.73 4.56 -7.81
C PHE A 188 -20.62 3.41 -8.26
N ASP A 189 -20.75 2.40 -7.41
CA ASP A 189 -21.58 1.24 -7.73
C ASP A 189 -22.54 0.94 -6.58
N ALA A 190 -23.65 1.68 -6.53
CA ALA A 190 -24.65 1.48 -5.49
C ALA A 190 -25.67 0.43 -5.89
N GLY A 1 18.25 -14.92 -47.47
CA GLY A 1 17.37 -14.28 -46.47
C GLY A 1 18.10 -13.94 -45.19
N SER A 2 17.36 -13.46 -44.19
CA SER A 2 17.95 -13.10 -42.91
C SER A 2 16.86 -12.76 -41.89
N SER A 3 17.07 -13.17 -40.64
CA SER A 3 16.11 -12.91 -39.58
C SER A 3 16.74 -12.06 -38.48
N GLY A 4 16.03 -11.01 -38.06
CA GLY A 4 16.52 -10.14 -37.03
C GLY A 4 16.68 -10.85 -35.70
N SER A 5 17.81 -10.62 -35.03
CA SER A 5 18.07 -11.25 -33.75
C SER A 5 19.27 -10.61 -33.06
N SER A 6 19.00 -9.67 -32.17
CA SER A 6 20.06 -8.97 -31.45
C SER A 6 19.95 -9.20 -29.95
N GLY A 7 21.07 -9.20 -29.25
CA GLY A 7 21.08 -9.42 -27.82
C GLY A 7 21.01 -8.12 -27.04
N ILE A 8 21.36 -8.19 -25.75
CA ILE A 8 21.34 -7.01 -24.89
C ILE A 8 21.84 -7.35 -23.49
N PRO A 9 22.73 -6.52 -22.93
CA PRO A 9 23.28 -6.75 -21.59
C PRO A 9 22.19 -6.96 -20.54
N ARG A 10 22.46 -7.82 -19.57
CA ARG A 10 21.51 -8.13 -18.52
C ARG A 10 21.84 -7.34 -17.25
N VAL A 11 22.42 -6.15 -17.43
CA VAL A 11 22.79 -5.30 -16.30
C VAL A 11 22.34 -3.87 -16.52
N PHE A 12 21.10 -3.58 -16.15
CA PHE A 12 20.55 -2.24 -16.32
C PHE A 12 19.56 -1.92 -15.19
N GLN A 13 18.56 -2.76 -15.02
CA GLN A 13 17.55 -2.57 -13.98
C GLN A 13 17.42 -3.82 -13.11
N ASN A 14 16.95 -3.62 -11.89
CA ASN A 14 16.78 -4.74 -10.95
C ASN A 14 15.37 -4.72 -10.35
N ARG A 15 15.04 -5.79 -9.62
CA ARG A 15 13.73 -5.89 -8.99
C ARG A 15 13.86 -6.43 -7.57
N PHE A 16 13.60 -5.56 -6.59
CA PHE A 16 13.69 -5.94 -5.18
C PHE A 16 12.69 -7.05 -4.86
N SER A 17 13.19 -8.14 -4.28
CA SER A 17 12.34 -9.27 -3.92
C SER A 17 12.85 -9.96 -2.67
N THR A 18 12.14 -9.77 -1.56
CA THR A 18 12.53 -10.38 -0.29
C THR A 18 11.32 -10.51 0.64
N GLN A 19 11.56 -11.09 1.82
CA GLN A 19 10.49 -11.27 2.80
C GLN A 19 10.65 -10.30 3.96
N TYR A 20 9.57 -10.13 4.73
CA TYR A 20 9.60 -9.22 5.88
C TYR A 20 8.51 -9.60 6.88
N ARG A 21 8.83 -9.46 8.17
CA ARG A 21 7.88 -9.78 9.23
C ARG A 21 6.92 -8.63 9.47
N CYS A 22 5.64 -8.89 9.27
CA CYS A 22 4.61 -7.87 9.46
C CYS A 22 4.18 -7.80 10.93
N PHE A 23 4.11 -6.59 11.45
CA PHE A 23 3.71 -6.38 12.84
C PHE A 23 2.76 -5.19 12.96
N SER A 24 2.25 -4.98 14.17
CA SER A 24 1.32 -3.87 14.42
C SER A 24 2.07 -2.65 14.96
N VAL A 25 1.57 -1.47 14.61
CA VAL A 25 2.19 -0.22 15.06
C VAL A 25 2.01 -0.03 16.56
N SER A 26 1.02 -0.71 17.13
CA SER A 26 0.75 -0.60 18.56
C SER A 26 2.00 -0.89 19.39
N MET A 27 2.88 -1.73 18.85
CA MET A 27 4.13 -2.08 19.53
C MET A 27 5.10 -0.91 19.53
N LEU A 28 5.18 -0.22 18.39
CA LEU A 28 6.08 0.93 18.26
C LEU A 28 5.30 2.19 17.90
N ALA A 29 4.74 2.85 18.91
CA ALA A 29 3.97 4.07 18.69
C ALA A 29 3.59 4.72 20.02
N GLY A 30 2.86 5.83 19.95
CA GLY A 30 2.45 6.53 21.15
C GLY A 30 0.98 6.32 21.46
N PRO A 31 0.55 6.66 22.69
CA PRO A 31 -0.85 6.50 23.10
C PRO A 31 -1.78 7.50 22.40
N ASN A 32 -1.35 8.75 22.36
CA ASN A 32 -2.13 9.81 21.71
C ASN A 32 -1.93 9.79 20.21
N ASP A 33 -0.75 9.39 19.77
CA ASP A 33 -0.42 9.33 18.35
C ASP A 33 -0.40 7.89 17.86
N ARG A 34 -1.28 7.58 16.91
CA ARG A 34 -1.36 6.24 16.35
C ARG A 34 -2.34 6.19 15.18
N SER A 35 -3.46 6.88 15.33
CA SER A 35 -4.49 6.92 14.29
C SER A 35 -3.95 7.58 13.03
N ASP A 36 -3.02 8.51 13.20
CA ASP A 36 -2.42 9.22 12.07
C ASP A 36 -1.74 8.24 11.12
N VAL A 37 -1.00 7.30 11.68
CA VAL A 37 -0.30 6.30 10.88
C VAL A 37 -1.29 5.37 10.17
N GLU A 38 -2.43 5.15 10.79
CA GLU A 38 -3.46 4.29 10.20
C GLU A 38 -4.24 5.02 9.12
N LYS A 39 -4.38 6.33 9.28
CA LYS A 39 -5.09 7.15 8.31
C LYS A 39 -4.30 7.30 7.02
N GLY A 40 -4.46 6.34 6.12
CA GLY A 40 -3.75 6.38 4.86
C GLY A 40 -3.23 5.01 4.43
N GLY A 41 -2.20 5.00 3.59
CA GLY A 41 -1.64 3.76 3.13
C GLY A 41 -0.13 3.73 3.21
N LYS A 42 0.41 4.29 4.29
CA LYS A 42 1.86 4.34 4.48
C LYS A 42 2.32 3.21 5.40
N ILE A 43 3.55 2.73 5.18
CA ILE A 43 4.11 1.67 5.99
C ILE A 43 5.46 2.05 6.57
N ILE A 44 5.97 1.23 7.47
CA ILE A 44 7.28 1.49 8.09
C ILE A 44 8.23 0.33 7.88
N MET A 45 9.12 0.47 6.90
CA MET A 45 10.09 -0.56 6.59
C MET A 45 11.45 -0.23 7.21
N PRO A 46 12.29 -1.26 7.42
CA PRO A 46 13.63 -1.08 8.00
C PRO A 46 14.44 0.00 7.28
N PRO A 47 15.47 0.54 7.94
CA PRO A 47 16.32 1.58 7.35
C PRO A 47 17.15 1.06 6.17
N SER A 48 17.44 -0.24 6.19
CA SER A 48 18.21 -0.85 5.13
C SER A 48 17.51 -0.73 3.78
N ALA A 49 16.18 -0.73 3.84
CA ALA A 49 15.37 -0.62 2.62
C ALA A 49 15.56 0.74 1.96
N LEU A 50 15.64 1.79 2.79
CA LEU A 50 15.82 3.15 2.28
C LEU A 50 17.10 3.27 1.48
N ASP A 51 18.18 2.65 1.98
CA ASP A 51 19.46 2.69 1.31
C ASP A 51 19.47 1.78 0.09
N GLN A 52 18.89 0.59 0.24
CA GLN A 52 18.83 -0.36 -0.86
C GLN A 52 18.05 0.20 -2.04
N LEU A 53 16.88 0.77 -1.75
CA LEU A 53 16.04 1.35 -2.79
C LEU A 53 16.81 2.36 -3.62
N SER A 54 17.82 2.97 -3.03
CA SER A 54 18.64 3.96 -3.73
C SER A 54 19.76 3.29 -4.52
N ARG A 55 20.20 2.12 -4.05
CA ARG A 55 21.26 1.38 -4.72
C ARG A 55 20.70 0.31 -5.64
N LEU A 56 19.43 0.45 -6.02
CA LEU A 56 18.78 -0.51 -6.91
C LEU A 56 18.17 0.17 -8.13
N ASN A 57 18.65 1.38 -8.43
CA ASN A 57 18.16 2.14 -9.58
C ASN A 57 16.64 2.30 -9.51
N ILE A 58 16.11 2.34 -8.29
CA ILE A 58 14.67 2.50 -8.09
C ILE A 58 14.30 3.94 -7.79
N THR A 59 13.40 4.50 -8.59
CA THR A 59 12.96 5.88 -8.41
C THR A 59 11.49 5.94 -8.02
N TYR A 60 11.04 7.12 -7.62
CA TYR A 60 9.65 7.32 -7.22
C TYR A 60 8.72 7.25 -8.43
N PRO A 61 7.50 6.70 -8.26
CA PRO A 61 7.02 6.18 -6.98
C PRO A 61 7.62 4.81 -6.64
N MET A 62 7.65 4.48 -5.36
CA MET A 62 8.19 3.21 -4.91
C MET A 62 7.11 2.35 -4.26
N LEU A 63 6.14 1.93 -5.06
CA LEU A 63 5.05 1.10 -4.58
C LEU A 63 5.44 -0.38 -4.54
N PHE A 64 5.34 -0.99 -3.36
CA PHE A 64 5.69 -2.40 -3.20
C PHE A 64 4.45 -3.28 -3.25
N LYS A 65 4.58 -4.45 -3.86
CA LYS A 65 3.46 -5.38 -3.97
C LYS A 65 3.58 -6.48 -2.93
N LEU A 66 3.12 -6.20 -1.71
CA LEU A 66 3.17 -7.17 -0.62
C LEU A 66 2.35 -8.41 -0.97
N THR A 67 3.02 -9.43 -1.52
CA THR A 67 2.35 -10.67 -1.89
C THR A 67 2.45 -11.70 -0.77
N ASN A 68 1.31 -12.02 -0.16
CA ASN A 68 1.27 -12.99 0.92
C ASN A 68 1.51 -14.40 0.39
N LYS A 69 2.72 -14.91 0.62
CA LYS A 69 3.07 -16.25 0.17
C LYS A 69 2.53 -17.31 1.12
N ASN A 70 1.21 -17.36 1.24
CA ASN A 70 0.57 -18.33 2.12
C ASN A 70 -0.95 -18.28 1.96
N SER A 71 -1.49 -17.07 1.86
CA SER A 71 -2.93 -16.88 1.71
C SER A 71 -3.29 -16.45 0.29
N ASP A 72 -2.29 -16.40 -0.59
CA ASP A 72 -2.51 -16.00 -1.98
C ASP A 72 -3.12 -14.61 -2.05
N ARG A 73 -2.53 -13.66 -1.33
CA ARG A 73 -3.02 -12.29 -1.32
C ARG A 73 -2.09 -11.37 -2.09
N MET A 74 -2.54 -10.14 -2.35
CA MET A 74 -1.74 -9.17 -3.07
C MET A 74 -2.20 -7.75 -2.75
N THR A 75 -1.25 -6.89 -2.38
CA THR A 75 -1.56 -5.51 -2.05
C THR A 75 -0.42 -4.59 -2.46
N HIS A 76 -0.76 -3.35 -2.83
CA HIS A 76 0.23 -2.38 -3.25
C HIS A 76 0.28 -1.19 -2.29
N CYS A 77 1.19 -1.25 -1.32
CA CYS A 77 1.33 -0.18 -0.34
C CYS A 77 2.59 0.64 -0.60
N GLY A 78 2.64 1.84 -0.05
CA GLY A 78 3.79 2.71 -0.23
C GLY A 78 4.49 3.03 1.08
N VAL A 79 5.81 2.94 1.07
CA VAL A 79 6.60 3.24 2.26
C VAL A 79 6.65 4.73 2.54
N LEU A 80 6.80 5.09 3.81
CA LEU A 80 6.86 6.49 4.21
C LEU A 80 7.94 6.71 5.26
N GLU A 81 7.82 6.01 6.39
CA GLU A 81 8.79 6.12 7.47
C GLU A 81 9.75 4.94 7.48
N PHE A 82 11.00 5.19 7.84
CA PHE A 82 12.00 4.13 7.89
C PHE A 82 12.66 4.07 9.27
N VAL A 83 11.92 3.51 10.24
CA VAL A 83 12.43 3.39 11.60
C VAL A 83 12.12 2.01 12.17
N ALA A 84 12.07 1.00 11.31
CA ALA A 84 11.78 -0.36 11.73
C ALA A 84 13.06 -1.14 11.97
N ASP A 85 12.98 -2.16 12.81
CA ASP A 85 14.13 -3.00 13.13
C ASP A 85 14.38 -4.03 12.03
N GLU A 86 15.59 -4.56 11.99
CA GLU A 86 15.96 -5.57 10.99
C GLU A 86 15.08 -6.80 11.11
N GLY A 87 14.25 -7.03 10.11
CA GLY A 87 13.36 -8.18 10.13
C GLY A 87 12.07 -7.92 10.87
N ILE A 88 11.65 -6.66 10.88
CA ILE A 88 10.42 -6.26 11.56
C ILE A 88 9.76 -5.08 10.86
N CYS A 89 8.76 -5.37 10.03
CA CYS A 89 8.05 -4.34 9.30
C CYS A 89 6.68 -4.06 9.94
N TYR A 90 6.36 -2.78 10.09
CA TYR A 90 5.09 -2.39 10.68
C TYR A 90 4.11 -1.91 9.61
N LEU A 91 2.86 -2.35 9.72
CA LEU A 91 1.82 -1.98 8.76
C LEU A 91 0.53 -1.60 9.48
N PRO A 92 -0.34 -0.81 8.81
CA PRO A 92 -1.62 -0.39 9.39
C PRO A 92 -2.43 -1.56 9.92
N HIS A 93 -3.61 -1.26 10.47
CA HIS A 93 -4.48 -2.28 11.02
C HIS A 93 -5.44 -2.82 9.94
N TRP A 94 -5.87 -1.93 9.05
CA TRP A 94 -6.78 -2.30 7.98
C TRP A 94 -6.09 -3.23 6.97
N MET A 95 -4.85 -2.89 6.63
CA MET A 95 -4.08 -3.68 5.68
C MET A 95 -3.75 -5.05 6.26
N MET A 96 -3.55 -5.10 7.57
CA MET A 96 -3.23 -6.35 8.26
C MET A 96 -4.33 -7.38 8.07
N GLN A 97 -5.58 -6.91 8.14
CA GLN A 97 -6.74 -7.78 7.97
C GLN A 97 -6.99 -8.08 6.50
N ASN A 98 -6.71 -7.10 5.65
CA ASN A 98 -6.90 -7.26 4.21
C ASN A 98 -6.06 -8.42 3.67
N LEU A 99 -4.90 -8.64 4.29
CA LEU A 99 -4.00 -9.71 3.87
C LEU A 99 -4.11 -10.92 4.80
N LEU A 100 -4.97 -10.83 5.80
CA LEU A 100 -5.16 -11.92 6.75
C LEU A 100 -3.84 -12.28 7.44
N LEU A 101 -2.98 -11.29 7.60
CA LEU A 101 -1.68 -11.49 8.24
C LEU A 101 -1.82 -11.47 9.76
N GLU A 102 -0.68 -11.61 10.45
CA GLU A 102 -0.67 -11.60 11.90
C GLU A 102 0.60 -10.94 12.43
N GLU A 103 0.78 -10.98 13.74
CA GLU A 103 1.95 -10.38 14.37
C GLU A 103 3.18 -11.27 14.18
N GLY A 104 3.91 -11.02 13.09
CA GLY A 104 5.11 -11.81 12.82
C GLY A 104 4.92 -12.74 11.64
N GLY A 105 4.43 -12.20 10.52
CA GLY A 105 4.22 -13.01 9.33
C GLY A 105 5.14 -12.62 8.20
N LEU A 106 5.61 -13.61 7.45
CA LEU A 106 6.51 -13.36 6.33
C LEU A 106 5.71 -13.06 5.07
N VAL A 107 6.03 -11.93 4.42
CA VAL A 107 5.34 -11.53 3.20
C VAL A 107 6.34 -11.17 2.11
N GLN A 108 6.04 -11.57 0.87
CA GLN A 108 6.91 -11.29 -0.26
C GLN A 108 6.70 -9.86 -0.76
N VAL A 109 7.78 -9.09 -0.76
CA VAL A 109 7.72 -7.71 -1.22
C VAL A 109 8.35 -7.55 -2.60
N GLU A 110 7.73 -6.75 -3.45
CA GLU A 110 8.22 -6.52 -4.80
C GLU A 110 8.00 -5.08 -5.22
N SER A 111 9.04 -4.44 -5.73
CA SER A 111 8.95 -3.05 -6.18
C SER A 111 8.54 -2.98 -7.64
N VAL A 112 7.45 -2.28 -7.91
CA VAL A 112 6.95 -2.13 -9.27
C VAL A 112 6.63 -0.67 -9.58
N ASN A 113 6.95 -0.24 -10.80
CA ASN A 113 6.70 1.13 -11.23
C ASN A 113 5.35 1.24 -11.91
N LEU A 114 4.41 1.95 -11.26
CA LEU A 114 3.08 2.13 -11.80
C LEU A 114 2.81 3.60 -12.10
N GLN A 115 1.64 3.88 -12.67
CA GLN A 115 1.26 5.25 -13.01
C GLN A 115 -0.11 5.59 -12.43
N VAL A 116 -0.50 6.85 -12.56
CA VAL A 116 -1.78 7.32 -12.06
C VAL A 116 -2.93 6.55 -12.70
N ALA A 117 -4.11 6.65 -12.09
CA ALA A 117 -5.29 5.97 -12.60
C ALA A 117 -6.14 6.89 -13.47
N THR A 118 -7.00 6.30 -14.29
CA THR A 118 -7.86 7.08 -15.17
C THR A 118 -9.34 6.79 -14.87
N TYR A 119 -9.65 5.53 -14.63
CA TYR A 119 -11.02 5.12 -14.32
C TYR A 119 -11.06 4.20 -13.11
N SER A 120 -11.24 4.78 -11.93
CA SER A 120 -11.29 4.01 -10.69
C SER A 120 -12.71 3.95 -10.15
N LYS A 121 -13.07 2.80 -9.58
CA LYS A 121 -14.41 2.60 -9.03
C LYS A 121 -14.34 2.35 -7.53
N PHE A 122 -15.50 2.37 -6.88
CA PHE A 122 -15.58 2.14 -5.44
C PHE A 122 -16.93 1.58 -5.04
N GLN A 123 -16.93 0.62 -4.12
CA GLN A 123 -18.16 0.01 -3.65
C GLN A 123 -18.24 0.03 -2.13
N PRO A 124 -18.76 1.13 -1.56
CA PRO A 124 -18.90 1.27 -0.10
C PRO A 124 -19.60 0.08 0.54
N GLN A 125 -18.95 -0.52 1.53
CA GLN A 125 -19.51 -1.67 2.22
C GLN A 125 -20.52 -1.23 3.29
N SER A 126 -20.28 -0.05 3.86
CA SER A 126 -21.17 0.49 4.89
C SER A 126 -22.11 1.54 4.30
N PRO A 127 -23.34 1.64 4.82
CA PRO A 127 -24.34 2.61 4.35
C PRO A 127 -24.01 4.03 4.79
N ASP A 128 -23.14 4.16 5.79
CA ASP A 128 -22.76 5.47 6.31
C ASP A 128 -22.22 6.36 5.20
N PHE A 129 -21.46 5.76 4.28
CA PHE A 129 -20.89 6.50 3.16
C PHE A 129 -21.95 6.81 2.11
N LEU A 130 -22.84 5.84 1.88
CA LEU A 130 -23.90 6.01 0.90
C LEU A 130 -24.84 7.15 1.29
N ASP A 131 -25.02 7.33 2.59
CA ASP A 131 -25.88 8.38 3.11
C ASP A 131 -25.31 9.76 2.80
N ILE A 132 -24.00 9.84 2.65
CA ILE A 132 -23.33 11.10 2.35
C ILE A 132 -23.75 11.64 0.99
N THR A 133 -24.26 12.86 0.97
CA THR A 133 -24.70 13.49 -0.28
C THR A 133 -23.54 13.60 -1.27
N ASN A 134 -22.36 13.91 -0.76
CA ASN A 134 -21.18 14.05 -1.60
C ASN A 134 -20.14 12.97 -1.26
N PRO A 135 -20.37 11.73 -1.74
CA PRO A 135 -19.46 10.61 -1.49
C PRO A 135 -18.14 10.75 -2.25
N LYS A 136 -18.19 11.43 -3.39
CA LYS A 136 -17.00 11.64 -4.21
C LYS A 136 -15.97 12.48 -3.47
N ALA A 137 -16.44 13.49 -2.75
CA ALA A 137 -15.55 14.37 -2.00
C ALA A 137 -14.90 13.63 -0.84
N VAL A 138 -15.71 12.96 -0.02
CA VAL A 138 -15.22 12.22 1.12
C VAL A 138 -14.25 11.12 0.68
N LEU A 139 -14.47 10.59 -0.52
CA LEU A 139 -13.60 9.54 -1.06
C LEU A 139 -12.27 10.12 -1.53
N GLU A 140 -12.34 11.24 -2.25
CA GLU A 140 -11.14 11.88 -2.77
C GLU A 140 -10.32 12.48 -1.62
N ASN A 141 -11.00 13.04 -0.64
CA ASN A 141 -10.33 13.66 0.51
C ASN A 141 -9.47 12.64 1.25
N ALA A 142 -9.90 11.37 1.22
CA ALA A 142 -9.17 10.31 1.89
C ALA A 142 -8.09 9.74 0.98
N LEU A 143 -8.33 9.76 -0.32
CA LEU A 143 -7.38 9.25 -1.30
C LEU A 143 -6.07 10.04 -1.24
N ARG A 144 -6.16 11.29 -0.84
CA ARG A 144 -4.98 12.15 -0.75
C ARG A 144 -3.94 11.55 0.19
N ASN A 145 -4.41 10.80 1.18
CA ASN A 145 -3.52 10.16 2.14
C ASN A 145 -2.88 8.90 1.56
N PHE A 146 -3.61 8.23 0.68
CA PHE A 146 -3.12 7.02 0.05
C PHE A 146 -2.24 7.34 -1.16
N ALA A 147 -1.29 6.46 -1.44
CA ALA A 147 -0.39 6.66 -2.57
C ALA A 147 -0.67 5.65 -3.68
N CYS A 148 -1.16 4.48 -3.30
CA CYS A 148 -1.47 3.43 -4.28
C CYS A 148 -2.76 2.71 -3.90
N LEU A 149 -3.38 2.06 -4.87
CA LEU A 149 -4.62 1.32 -4.64
C LEU A 149 -4.55 -0.07 -5.26
N THR A 150 -5.60 -0.85 -5.08
CA THR A 150 -5.66 -2.20 -5.61
C THR A 150 -7.11 -2.68 -5.74
N THR A 151 -7.42 -3.32 -6.86
CA THR A 151 -8.77 -3.83 -7.10
C THR A 151 -9.12 -4.94 -6.11
N GLY A 152 -10.19 -4.73 -5.36
CA GLY A 152 -10.61 -5.71 -4.38
C GLY A 152 -9.82 -5.61 -3.08
N ASP A 153 -9.58 -4.39 -2.64
CA ASP A 153 -8.84 -4.16 -1.40
C ASP A 153 -9.62 -3.25 -0.46
N VAL A 154 -10.16 -3.85 0.60
CA VAL A 154 -10.93 -3.09 1.59
C VAL A 154 -10.05 -2.11 2.35
N ILE A 155 -10.21 -0.82 2.03
CA ILE A 155 -9.43 0.22 2.68
C ILE A 155 -10.29 1.05 3.63
N ALA A 156 -9.79 1.26 4.85
CA ALA A 156 -10.53 2.04 5.84
C ALA A 156 -10.12 3.51 5.79
N ILE A 157 -11.11 4.39 5.73
CA ILE A 157 -10.86 5.83 5.68
C ILE A 157 -11.40 6.52 6.92
N ASN A 158 -10.65 7.50 7.42
CA ASN A 158 -11.04 8.25 8.60
C ASN A 158 -10.66 9.72 8.48
N TYR A 159 -11.49 10.59 9.02
CA TYR A 159 -11.23 12.02 8.98
C TYR A 159 -12.05 12.76 10.03
N ASN A 160 -13.34 12.46 10.10
CA ASN A 160 -14.23 13.10 11.06
C ASN A 160 -14.50 12.17 12.25
N GLU A 161 -13.45 11.55 12.76
CA GLU A 161 -13.56 10.64 13.89
C GLU A 161 -14.49 9.48 13.56
N LYS A 162 -14.52 9.10 12.29
CA LYS A 162 -15.37 7.99 11.84
C LYS A 162 -14.64 7.12 10.82
N ILE A 163 -14.46 5.85 11.17
CA ILE A 163 -13.77 4.91 10.28
C ILE A 163 -14.75 4.24 9.33
N TYR A 164 -15.05 4.91 8.22
CA TYR A 164 -15.97 4.38 7.23
C TYR A 164 -15.42 3.10 6.62
N GLU A 165 -16.18 2.52 5.69
CA GLU A 165 -15.78 1.28 5.04
C GLU A 165 -15.95 1.39 3.52
N LEU A 166 -14.91 1.01 2.79
CA LEU A 166 -14.94 1.07 1.33
C LEU A 166 -14.14 -0.07 0.72
N ARG A 167 -14.42 -0.39 -0.53
CA ARG A 167 -13.72 -1.47 -1.23
C ARG A 167 -13.72 -1.23 -2.74
N VAL A 168 -12.53 -1.02 -3.30
CA VAL A 168 -12.40 -0.77 -4.73
C VAL A 168 -12.93 -1.95 -5.53
N MET A 169 -13.69 -1.65 -6.58
CA MET A 169 -14.26 -2.68 -7.44
C MET A 169 -13.44 -2.85 -8.71
N GLU A 170 -13.11 -1.72 -9.35
CA GLU A 170 -12.32 -1.74 -10.57
C GLU A 170 -11.35 -0.57 -10.62
N THR A 171 -10.28 -0.72 -11.40
CA THR A 171 -9.27 0.32 -11.53
C THR A 171 -8.57 0.23 -12.87
N LYS A 172 -8.00 1.35 -13.32
CA LYS A 172 -7.29 1.39 -14.59
C LYS A 172 -6.05 2.29 -14.50
N PRO A 173 -5.04 2.06 -15.35
CA PRO A 173 -5.06 0.98 -16.35
C PRO A 173 -4.81 -0.39 -15.73
N ASP A 174 -4.02 -0.42 -14.66
CA ASP A 174 -3.70 -1.66 -13.98
C ASP A 174 -4.40 -1.74 -12.64
N LYS A 175 -4.40 -2.93 -12.03
CA LYS A 175 -5.03 -3.13 -10.73
C LYS A 175 -4.43 -2.20 -9.68
N ALA A 176 -3.14 -1.95 -9.79
CA ALA A 176 -2.45 -1.09 -8.85
C ALA A 176 -1.97 0.19 -9.53
N VAL A 177 -2.51 1.33 -9.11
CA VAL A 177 -2.14 2.62 -9.69
C VAL A 177 -1.54 3.54 -8.63
N SER A 178 -0.71 4.48 -9.07
CA SER A 178 -0.07 5.42 -8.17
C SER A 178 -0.81 6.76 -8.17
N ILE A 179 -1.91 6.83 -7.43
CA ILE A 179 -2.71 8.05 -7.35
C ILE A 179 -1.99 9.12 -6.54
N ILE A 180 -1.06 9.82 -7.20
CA ILE A 180 -0.30 10.88 -6.54
C ILE A 180 -0.42 12.20 -7.30
N GLU A 181 -1.34 13.04 -6.87
CA GLU A 181 -1.56 14.33 -7.51
C GLU A 181 -1.98 14.15 -8.97
N CYS A 182 -3.26 13.82 -9.18
CA CYS A 182 -3.78 13.62 -10.52
C CYS A 182 -5.30 13.45 -10.49
N ASP A 183 -5.96 13.88 -11.54
CA ASP A 183 -7.42 13.78 -11.64
C ASP A 183 -7.82 12.65 -12.58
N MET A 184 -8.81 11.87 -12.16
CA MET A 184 -9.29 10.75 -12.97
C MET A 184 -10.80 10.59 -12.83
N ASN A 185 -11.39 9.79 -13.71
CA ASN A 185 -12.83 9.56 -13.69
C ASN A 185 -13.20 8.53 -12.62
N VAL A 186 -13.39 9.01 -11.39
CA VAL A 186 -13.74 8.14 -10.28
C VAL A 186 -15.23 7.83 -10.27
N ASP A 187 -15.58 6.60 -10.61
CA ASP A 187 -16.97 6.18 -10.64
C ASP A 187 -17.40 5.62 -9.29
N PHE A 188 -18.66 5.21 -9.20
CA PHE A 188 -19.21 4.66 -7.96
C PHE A 188 -20.08 3.44 -8.24
N ASP A 189 -19.97 2.43 -7.37
CA ASP A 189 -20.76 1.21 -7.52
C ASP A 189 -21.86 1.14 -6.48
N ALA A 190 -23.08 1.50 -6.88
CA ALA A 190 -24.22 1.47 -5.98
C ALA A 190 -25.53 1.53 -6.74
N GLY A 1 32.36 -10.49 -35.85
CA GLY A 1 32.62 -9.21 -35.13
C GLY A 1 31.95 -9.16 -33.77
N SER A 2 32.74 -9.35 -32.72
CA SER A 2 32.21 -9.32 -31.36
C SER A 2 31.16 -10.40 -31.16
N SER A 3 31.61 -11.61 -30.82
CA SER A 3 30.69 -12.73 -30.61
C SER A 3 30.62 -13.08 -29.13
N GLY A 4 29.47 -13.64 -28.72
CA GLY A 4 29.29 -14.00 -27.32
C GLY A 4 28.23 -15.07 -27.15
N SER A 5 28.50 -16.27 -27.66
CA SER A 5 27.56 -17.37 -27.56
C SER A 5 27.53 -17.92 -26.13
N SER A 6 26.48 -18.69 -25.83
CA SER A 6 26.33 -19.27 -24.49
C SER A 6 26.26 -18.19 -23.43
N GLY A 7 26.01 -18.59 -22.19
CA GLY A 7 25.92 -17.63 -21.10
C GLY A 7 24.80 -16.65 -21.29
N ILE A 8 25.13 -15.46 -21.78
CA ILE A 8 24.15 -14.42 -22.01
C ILE A 8 23.59 -13.88 -20.68
N PRO A 9 24.31 -12.91 -20.07
CA PRO A 9 23.88 -12.32 -18.80
C PRO A 9 22.44 -11.80 -18.85
N ARG A 10 21.76 -11.85 -17.71
CA ARG A 10 20.38 -11.39 -17.64
C ARG A 10 20.03 -10.93 -16.22
N VAL A 11 20.99 -10.27 -15.58
CA VAL A 11 20.80 -9.78 -14.22
C VAL A 11 20.86 -8.25 -14.17
N PHE A 12 20.46 -7.61 -15.26
CA PHE A 12 20.47 -6.15 -15.33
C PHE A 12 19.42 -5.55 -14.42
N GLN A 13 18.21 -6.10 -14.47
CA GLN A 13 17.11 -5.61 -13.64
C GLN A 13 17.07 -6.35 -12.31
N ASN A 14 17.82 -5.85 -11.33
CA ASN A 14 17.87 -6.46 -10.01
C ASN A 14 16.53 -6.34 -9.30
N ARG A 15 16.12 -5.11 -9.02
CA ARG A 15 14.86 -4.86 -8.35
C ARG A 15 14.83 -5.52 -6.97
N PHE A 16 13.94 -5.03 -6.11
CA PHE A 16 13.82 -5.58 -4.76
C PHE A 16 13.09 -6.92 -4.78
N SER A 17 13.57 -7.87 -3.98
CA SER A 17 12.96 -9.19 -3.91
C SER A 17 13.33 -9.89 -2.60
N THR A 18 12.57 -9.60 -1.55
CA THR A 18 12.82 -10.21 -0.25
C THR A 18 11.52 -10.38 0.53
N GLN A 19 11.55 -11.25 1.53
CA GLN A 19 10.37 -11.51 2.35
C GLN A 19 10.48 -10.82 3.71
N TYR A 20 9.53 -9.94 4.00
CA TYR A 20 9.53 -9.21 5.27
C TYR A 20 8.25 -9.47 6.04
N ARG A 21 8.34 -9.48 7.37
CA ARG A 21 7.19 -9.71 8.23
C ARG A 21 6.23 -8.53 8.18
N CYS A 22 5.03 -8.71 8.74
CA CYS A 22 4.03 -7.65 8.76
C CYS A 22 3.46 -7.48 10.16
N PHE A 23 3.74 -6.34 10.77
CA PHE A 23 3.24 -6.05 12.11
C PHE A 23 2.43 -4.76 12.12
N SER A 24 1.64 -4.57 13.18
CA SER A 24 0.81 -3.39 13.32
C SER A 24 1.60 -2.23 13.89
N VAL A 25 1.17 -1.01 13.59
CA VAL A 25 1.85 0.18 14.09
C VAL A 25 1.74 0.29 15.60
N SER A 26 0.66 -0.24 16.15
CA SER A 26 0.43 -0.21 17.59
C SER A 26 1.58 -0.89 18.34
N MET A 27 2.24 -1.84 17.68
CA MET A 27 3.35 -2.56 18.28
C MET A 27 4.51 -1.61 18.59
N LEU A 28 4.74 -0.66 17.70
CA LEU A 28 5.83 0.30 17.88
C LEU A 28 5.67 1.07 19.19
N ALA A 29 4.43 1.36 19.56
CA ALA A 29 4.14 2.08 20.79
C ALA A 29 4.76 3.47 20.76
N GLY A 30 4.50 4.24 21.81
CA GLY A 30 5.06 5.58 21.91
C GLY A 30 4.06 6.59 22.47
N PRO A 31 4.50 7.46 23.40
CA PRO A 31 3.62 8.47 24.00
C PRO A 31 2.91 9.32 22.95
N ASN A 32 3.60 9.61 21.86
CA ASN A 32 3.04 10.41 20.79
C ASN A 32 2.93 9.60 19.50
N ASP A 33 1.71 9.45 19.00
CA ASP A 33 1.48 8.70 17.77
C ASP A 33 1.18 9.64 16.60
N ARG A 34 1.24 9.10 15.38
CA ARG A 34 0.97 9.89 14.19
C ARG A 34 -0.37 9.51 13.57
N SER A 35 -1.03 10.48 12.96
CA SER A 35 -2.31 10.25 12.31
C SER A 35 -2.20 10.35 10.80
N ASP A 36 -1.05 9.95 10.27
CA ASP A 36 -0.79 10.00 8.83
C ASP A 36 -0.55 8.60 8.27
N VAL A 37 0.20 7.79 9.01
CA VAL A 37 0.51 6.43 8.59
C VAL A 37 -0.77 5.60 8.48
N GLU A 38 -1.62 5.69 9.48
CA GLU A 38 -2.87 4.94 9.49
C GLU A 38 -3.84 5.47 8.44
N LYS A 39 -3.88 6.79 8.30
CA LYS A 39 -4.76 7.43 7.32
C LYS A 39 -4.11 7.46 5.94
N GLY A 40 -4.41 6.46 5.12
CA GLY A 40 -3.85 6.39 3.79
C GLY A 40 -3.29 5.02 3.47
N GLY A 41 -2.09 5.00 2.90
CA GLY A 41 -1.46 3.74 2.54
C GLY A 41 0.05 3.79 2.66
N LYS A 42 0.53 4.22 3.83
CA LYS A 42 1.97 4.31 4.08
C LYS A 42 2.39 3.30 5.14
N ILE A 43 3.66 2.90 5.08
CA ILE A 43 4.20 1.94 6.04
C ILE A 43 5.58 2.36 6.53
N ILE A 44 5.99 1.79 7.66
CA ILE A 44 7.30 2.11 8.24
C ILE A 44 8.26 0.93 8.12
N MET A 45 9.16 1.00 7.16
CA MET A 45 10.14 -0.06 6.94
C MET A 45 11.48 0.29 7.56
N PRO A 46 12.35 -0.71 7.79
CA PRO A 46 13.67 -0.49 8.37
C PRO A 46 14.50 0.52 7.59
N PRO A 47 15.52 1.13 8.23
CA PRO A 47 16.39 2.11 7.59
C PRO A 47 17.29 1.49 6.52
N SER A 48 17.61 0.22 6.71
CA SER A 48 18.47 -0.49 5.77
C SER A 48 17.87 -0.51 4.38
N ALA A 49 16.54 -0.51 4.31
CA ALA A 49 15.83 -0.52 3.03
C ALA A 49 16.17 0.71 2.21
N LEU A 50 16.35 1.85 2.89
CA LEU A 50 16.68 3.10 2.22
C LEU A 50 18.02 2.98 1.50
N ASP A 51 19.00 2.40 2.17
CA ASP A 51 20.33 2.23 1.59
C ASP A 51 20.32 1.17 0.50
N GLN A 52 19.45 0.17 0.65
CA GLN A 52 19.33 -0.90 -0.32
C GLN A 52 18.62 -0.43 -1.58
N LEU A 53 17.57 0.36 -1.40
CA LEU A 53 16.81 0.89 -2.53
C LEU A 53 17.69 1.77 -3.42
N SER A 54 18.43 2.69 -2.80
CA SER A 54 19.31 3.58 -3.53
C SER A 54 20.44 2.81 -4.20
N ARG A 55 20.85 1.70 -3.58
CA ARG A 55 21.91 0.88 -4.13
C ARG A 55 21.43 0.05 -5.31
N LEU A 56 20.11 -0.14 -5.40
CA LEU A 56 19.52 -0.92 -6.49
C LEU A 56 19.10 -0.01 -7.64
N ASN A 57 19.66 1.19 -7.70
CA ASN A 57 19.33 2.14 -8.76
C ASN A 57 17.83 2.41 -8.81
N ILE A 58 17.18 2.32 -7.66
CA ILE A 58 15.75 2.56 -7.58
C ILE A 58 15.45 3.99 -7.12
N THR A 59 14.41 4.58 -7.70
CA THR A 59 14.02 5.94 -7.35
C THR A 59 12.51 6.05 -7.16
N TYR A 60 12.06 7.19 -6.68
CA TYR A 60 10.64 7.42 -6.44
C TYR A 60 9.84 7.29 -7.74
N PRO A 61 8.65 6.67 -7.68
CA PRO A 61 8.06 6.14 -6.45
C PRO A 61 8.69 4.82 -6.03
N MET A 62 8.50 4.43 -4.79
CA MET A 62 9.05 3.19 -4.26
C MET A 62 7.96 2.37 -3.55
N LEU A 63 7.02 1.85 -4.33
CA LEU A 63 5.94 1.05 -3.77
C LEU A 63 6.31 -0.44 -3.73
N PHE A 64 5.81 -1.14 -2.73
CA PHE A 64 6.08 -2.57 -2.57
C PHE A 64 4.81 -3.39 -2.78
N LYS A 65 4.90 -4.37 -3.68
CA LYS A 65 3.76 -5.23 -3.97
C LYS A 65 3.66 -6.37 -2.94
N LEU A 66 2.94 -6.10 -1.86
CA LEU A 66 2.76 -7.10 -0.81
C LEU A 66 1.90 -8.27 -1.29
N THR A 67 2.52 -9.15 -2.07
CA THR A 67 1.83 -10.31 -2.61
C THR A 67 1.77 -11.43 -1.57
N ASN A 68 0.66 -11.49 -0.85
CA ASN A 68 0.46 -12.51 0.17
C ASN A 68 0.42 -13.91 -0.45
N LYS A 69 1.40 -14.73 -0.11
CA LYS A 69 1.46 -16.10 -0.63
C LYS A 69 0.88 -17.10 0.35
N ASN A 70 -0.07 -16.64 1.16
CA ASN A 70 -0.71 -17.50 2.16
C ASN A 70 -2.20 -17.61 1.89
N SER A 71 -2.82 -16.50 1.52
CA SER A 71 -4.26 -16.48 1.23
C SER A 71 -4.53 -15.95 -0.18
N ASP A 72 -3.53 -16.01 -1.04
CA ASP A 72 -3.67 -15.54 -2.41
C ASP A 72 -4.15 -14.09 -2.45
N ARG A 73 -3.65 -13.28 -1.51
CA ARG A 73 -4.03 -11.88 -1.43
C ARG A 73 -3.04 -11.00 -2.20
N MET A 74 -3.38 -9.73 -2.34
CA MET A 74 -2.52 -8.79 -3.06
C MET A 74 -2.79 -7.35 -2.60
N THR A 75 -1.73 -6.67 -2.18
CA THR A 75 -1.86 -5.29 -1.71
C THR A 75 -0.62 -4.48 -2.09
N HIS A 76 -0.86 -3.29 -2.66
CA HIS A 76 0.23 -2.42 -3.07
C HIS A 76 0.36 -1.23 -2.14
N CYS A 77 1.33 -1.29 -1.23
CA CYS A 77 1.55 -0.22 -0.27
C CYS A 77 2.82 0.55 -0.61
N GLY A 78 3.06 1.65 0.11
CA GLY A 78 4.24 2.46 -0.12
C GLY A 78 4.94 2.85 1.16
N VAL A 79 6.26 2.77 1.16
CA VAL A 79 7.04 3.14 2.34
C VAL A 79 6.98 4.64 2.60
N LEU A 80 7.11 5.02 3.88
CA LEU A 80 7.06 6.42 4.26
C LEU A 80 8.19 6.76 5.23
N GLU A 81 8.20 6.09 6.38
CA GLU A 81 9.23 6.31 7.39
C GLU A 81 10.31 5.23 7.31
N PHE A 82 11.49 5.55 7.81
CA PHE A 82 12.61 4.61 7.81
C PHE A 82 13.24 4.52 9.19
N VAL A 83 12.43 4.20 10.19
CA VAL A 83 12.91 4.08 11.57
C VAL A 83 12.39 2.80 12.21
N ALA A 84 12.20 1.77 11.41
CA ALA A 84 11.69 0.49 11.91
C ALA A 84 12.85 -0.45 12.26
N ASP A 85 12.53 -1.54 12.94
CA ASP A 85 13.53 -2.52 13.33
C ASP A 85 13.81 -3.49 12.20
N GLU A 86 15.03 -4.04 12.18
CA GLU A 86 15.43 -4.98 11.15
C GLU A 86 14.53 -6.22 11.17
N GLY A 87 14.09 -6.64 9.98
CA GLY A 87 13.24 -7.81 9.89
C GLY A 87 11.88 -7.59 10.55
N ILE A 88 11.46 -6.33 10.65
CA ILE A 88 10.19 -6.00 11.25
C ILE A 88 9.56 -4.79 10.56
N CYS A 89 8.72 -5.05 9.56
CA CYS A 89 8.05 -3.99 8.82
C CYS A 89 6.69 -3.67 9.44
N TYR A 90 6.47 -2.40 9.75
CA TYR A 90 5.21 -1.96 10.34
C TYR A 90 4.23 -1.51 9.26
N LEU A 91 2.96 -1.84 9.45
CA LEU A 91 1.93 -1.47 8.48
C LEU A 91 0.64 -1.07 9.19
N PRO A 92 -0.24 -0.33 8.51
CA PRO A 92 -1.53 0.11 9.09
C PRO A 92 -2.32 -1.05 9.68
N HIS A 93 -3.47 -0.72 10.27
CA HIS A 93 -4.32 -1.73 10.88
C HIS A 93 -5.22 -2.39 9.84
N TRP A 94 -5.84 -1.56 9.00
CA TRP A 94 -6.73 -2.06 7.96
C TRP A 94 -5.99 -3.00 7.00
N MET A 95 -4.74 -2.65 6.70
CA MET A 95 -3.92 -3.44 5.80
C MET A 95 -3.71 -4.85 6.36
N MET A 96 -3.48 -4.93 7.66
CA MET A 96 -3.27 -6.21 8.32
C MET A 96 -4.50 -7.10 8.21
N GLN A 97 -5.67 -6.49 8.40
CA GLN A 97 -6.93 -7.23 8.32
C GLN A 97 -7.25 -7.61 6.88
N ASN A 98 -6.92 -6.71 5.95
CA ASN A 98 -7.16 -6.96 4.54
C ASN A 98 -6.39 -8.19 4.05
N LEU A 99 -5.16 -8.32 4.53
CA LEU A 99 -4.30 -9.44 4.15
C LEU A 99 -4.54 -10.65 5.05
N LEU A 100 -5.10 -10.40 6.24
CA LEU A 100 -5.39 -11.48 7.19
C LEU A 100 -4.11 -12.17 7.62
N LEU A 101 -3.07 -11.38 7.88
CA LEU A 101 -1.78 -11.92 8.30
C LEU A 101 -1.73 -12.09 9.82
N GLU A 102 -0.70 -12.76 10.30
CA GLU A 102 -0.54 -12.99 11.74
C GLU A 102 0.68 -12.25 12.27
N GLU A 103 0.92 -12.37 13.57
CA GLU A 103 2.06 -11.72 14.21
C GLU A 103 3.37 -12.18 13.59
N GLY A 104 3.81 -11.50 12.54
CA GLY A 104 5.04 -11.86 11.87
C GLY A 104 4.80 -12.63 10.59
N GLY A 105 3.90 -12.11 9.75
CA GLY A 105 3.61 -12.76 8.49
C GLY A 105 4.51 -12.28 7.37
N LEU A 106 5.42 -13.15 6.94
CA LEU A 106 6.35 -12.82 5.87
C LEU A 106 5.62 -12.72 4.53
N VAL A 107 5.89 -11.66 3.79
CA VAL A 107 5.26 -11.45 2.49
C VAL A 107 6.30 -11.07 1.44
N GLN A 108 6.03 -11.46 0.20
CA GLN A 108 6.93 -11.15 -0.91
C GLN A 108 7.06 -9.64 -1.12
N VAL A 109 8.23 -9.10 -0.79
CA VAL A 109 8.48 -7.67 -0.95
C VAL A 109 9.25 -7.38 -2.22
N GLU A 110 8.65 -6.58 -3.10
CA GLU A 110 9.30 -6.22 -4.36
C GLU A 110 8.87 -4.82 -4.81
N SER A 111 9.81 -4.08 -5.38
CA SER A 111 9.55 -2.72 -5.85
C SER A 111 9.07 -2.74 -7.30
N VAL A 112 7.82 -2.34 -7.51
CA VAL A 112 7.23 -2.29 -8.84
C VAL A 112 6.89 -0.87 -9.24
N ASN A 113 6.90 -0.60 -10.55
CA ASN A 113 6.59 0.73 -11.07
C ASN A 113 5.24 0.72 -11.77
N LEU A 114 4.31 1.52 -11.26
CA LEU A 114 2.97 1.62 -11.84
C LEU A 114 2.68 3.04 -12.31
N GLN A 115 1.49 3.24 -12.85
CA GLN A 115 1.08 4.55 -13.35
C GLN A 115 -0.13 5.07 -12.58
N VAL A 116 -0.49 6.33 -12.83
CA VAL A 116 -1.63 6.94 -12.16
C VAL A 116 -2.94 6.37 -12.69
N ALA A 117 -3.85 6.02 -11.78
CA ALA A 117 -5.14 5.47 -12.15
C ALA A 117 -5.98 6.49 -12.91
N THR A 118 -6.80 6.00 -13.84
CA THR A 118 -7.65 6.88 -14.64
C THR A 118 -9.12 6.66 -14.29
N TYR A 119 -9.47 5.41 -13.99
CA TYR A 119 -10.85 5.07 -13.65
C TYR A 119 -10.89 4.19 -12.40
N SER A 120 -11.18 4.79 -11.26
CA SER A 120 -11.25 4.07 -10.00
C SER A 120 -12.68 4.05 -9.46
N LYS A 121 -13.29 2.87 -9.47
CA LYS A 121 -14.66 2.73 -8.98
C LYS A 121 -14.67 2.09 -7.59
N PHE A 122 -15.49 2.64 -6.71
CA PHE A 122 -15.60 2.13 -5.34
C PHE A 122 -17.03 1.68 -5.04
N GLN A 123 -17.16 0.76 -4.09
CA GLN A 123 -18.47 0.24 -3.70
C GLN A 123 -18.63 0.23 -2.19
N PRO A 124 -19.23 1.29 -1.61
CA PRO A 124 -19.43 1.39 -0.16
C PRO A 124 -20.08 0.13 0.43
N GLN A 125 -19.38 -0.49 1.36
CA GLN A 125 -19.87 -1.71 2.00
C GLN A 125 -20.96 -1.38 3.02
N SER A 126 -20.84 -0.21 3.64
CA SER A 126 -21.81 0.23 4.64
C SER A 126 -22.58 1.45 4.16
N PRO A 127 -23.84 1.60 4.60
CA PRO A 127 -24.68 2.74 4.21
C PRO A 127 -24.23 4.05 4.83
N ASP A 128 -23.29 3.97 5.78
CA ASP A 128 -22.76 5.15 6.45
C ASP A 128 -22.21 6.15 5.44
N PHE A 129 -21.60 5.63 4.37
CA PHE A 129 -21.03 6.48 3.33
C PHE A 129 -22.11 7.00 2.40
N LEU A 130 -23.13 6.18 2.16
CA LEU A 130 -24.23 6.54 1.28
C LEU A 130 -25.03 7.70 1.87
N ASP A 131 -25.15 7.73 3.20
CA ASP A 131 -25.89 8.78 3.88
C ASP A 131 -25.25 10.14 3.65
N ILE A 132 -23.94 10.14 3.38
CA ILE A 132 -23.21 11.37 3.12
C ILE A 132 -23.79 12.11 1.93
N THR A 133 -23.88 13.44 2.05
CA THR A 133 -24.42 14.26 0.96
C THR A 133 -23.56 14.14 -0.29
N ASN A 134 -22.26 14.36 -0.15
CA ASN A 134 -21.34 14.27 -1.28
C ASN A 134 -20.27 13.21 -1.02
N PRO A 135 -20.60 11.92 -1.22
CA PRO A 135 -19.66 10.82 -1.01
C PRO A 135 -18.40 10.97 -1.85
N LYS A 136 -18.55 11.51 -3.05
CA LYS A 136 -17.42 11.71 -3.95
C LYS A 136 -16.38 12.63 -3.32
N ALA A 137 -16.84 13.61 -2.53
CA ALA A 137 -15.95 14.54 -1.87
C ALA A 137 -15.16 13.87 -0.76
N VAL A 138 -15.82 12.98 -0.03
CA VAL A 138 -15.17 12.26 1.06
C VAL A 138 -14.25 11.17 0.53
N LEU A 139 -14.59 10.61 -0.62
CA LEU A 139 -13.79 9.56 -1.22
C LEU A 139 -12.55 10.13 -1.90
N GLU A 140 -12.67 11.36 -2.39
CA GLU A 140 -11.55 12.03 -3.05
C GLU A 140 -10.58 12.62 -2.03
N ASN A 141 -11.12 13.04 -0.89
CA ASN A 141 -10.31 13.63 0.16
C ASN A 141 -9.41 12.57 0.81
N ALA A 142 -9.90 11.33 0.86
CA ALA A 142 -9.15 10.24 1.45
C ALA A 142 -8.12 9.68 0.47
N LEU A 143 -8.47 9.70 -0.82
CA LEU A 143 -7.58 9.20 -1.85
C LEU A 143 -6.27 9.96 -1.87
N ARG A 144 -6.31 11.22 -1.45
CA ARG A 144 -5.12 12.07 -1.41
C ARG A 144 -4.05 11.45 -0.52
N ASN A 145 -4.47 10.75 0.52
CA ASN A 145 -3.54 10.12 1.44
C ASN A 145 -3.03 8.80 0.88
N PHE A 146 -3.86 8.14 0.08
CA PHE A 146 -3.48 6.87 -0.53
C PHE A 146 -2.43 7.07 -1.62
N ALA A 147 -1.53 6.11 -1.76
CA ALA A 147 -0.48 6.19 -2.76
C ALA A 147 -0.72 5.19 -3.89
N CYS A 148 -1.42 4.10 -3.57
CA CYS A 148 -1.71 3.06 -4.56
C CYS A 148 -3.11 2.50 -4.35
N LEU A 149 -3.56 1.68 -5.30
CA LEU A 149 -4.88 1.08 -5.21
C LEU A 149 -4.93 -0.22 -6.02
N THR A 150 -5.55 -1.25 -5.43
CA THR A 150 -5.66 -2.54 -6.09
C THR A 150 -7.12 -2.99 -6.15
N THR A 151 -7.45 -3.76 -7.19
CA THR A 151 -8.81 -4.24 -7.37
C THR A 151 -9.17 -5.28 -6.31
N GLY A 152 -9.89 -4.85 -5.28
CA GLY A 152 -10.28 -5.75 -4.22
C GLY A 152 -9.52 -5.49 -2.93
N ASP A 153 -9.11 -4.24 -2.73
CA ASP A 153 -8.38 -3.86 -1.53
C ASP A 153 -9.30 -3.22 -0.50
N VAL A 154 -9.87 -4.04 0.37
CA VAL A 154 -10.78 -3.56 1.40
C VAL A 154 -10.06 -2.62 2.37
N ILE A 155 -10.24 -1.33 2.17
CA ILE A 155 -9.62 -0.32 3.04
C ILE A 155 -10.64 0.37 3.92
N ALA A 156 -10.16 1.01 4.98
CA ALA A 156 -11.03 1.71 5.92
C ALA A 156 -10.58 3.15 6.12
N ILE A 157 -11.23 4.07 5.43
CA ILE A 157 -10.90 5.49 5.53
C ILE A 157 -11.29 6.05 6.90
N ASN A 158 -10.54 7.04 7.36
CA ASN A 158 -10.80 7.66 8.65
C ASN A 158 -10.20 9.06 8.71
N TYR A 159 -10.83 9.94 9.50
CA TYR A 159 -10.37 11.30 9.66
C TYR A 159 -11.23 12.07 10.65
N ASN A 160 -12.53 11.81 10.64
CA ASN A 160 -13.45 12.48 11.55
C ASN A 160 -13.85 11.56 12.69
N GLU A 161 -12.90 10.78 13.18
CA GLU A 161 -13.16 9.85 14.27
C GLU A 161 -14.21 8.83 13.87
N LYS A 162 -14.27 8.51 12.59
CA LYS A 162 -15.23 7.55 12.07
C LYS A 162 -14.64 6.75 10.92
N ILE A 163 -14.35 5.48 11.17
CA ILE A 163 -13.78 4.61 10.15
C ILE A 163 -14.86 4.04 9.24
N TYR A 164 -14.84 4.47 7.98
CA TYR A 164 -15.83 4.00 7.00
C TYR A 164 -15.29 2.80 6.22
N GLU A 165 -16.11 1.75 6.12
CA GLU A 165 -15.73 0.55 5.40
C GLU A 165 -15.97 0.70 3.91
N LEU A 166 -14.90 0.86 3.14
CA LEU A 166 -14.99 1.02 1.69
C LEU A 166 -14.09 0.02 0.97
N ARG A 167 -14.60 -0.59 -0.08
CA ARG A 167 -13.83 -1.56 -0.86
C ARG A 167 -13.92 -1.25 -2.36
N VAL A 168 -12.77 -1.24 -3.02
CA VAL A 168 -12.71 -0.96 -4.44
C VAL A 168 -13.31 -2.10 -5.26
N MET A 169 -13.81 -1.79 -6.45
CA MET A 169 -14.41 -2.79 -7.33
C MET A 169 -13.67 -2.86 -8.66
N GLU A 170 -13.61 -1.73 -9.36
CA GLU A 170 -12.95 -1.66 -10.65
C GLU A 170 -11.87 -0.58 -10.65
N THR A 171 -10.75 -0.86 -11.30
CA THR A 171 -9.65 0.09 -11.39
C THR A 171 -8.94 -0.01 -12.73
N LYS A 172 -8.42 1.12 -13.21
CA LYS A 172 -7.71 1.16 -14.48
C LYS A 172 -6.40 1.93 -14.36
N PRO A 173 -5.45 1.68 -15.28
CA PRO A 173 -5.60 0.71 -16.37
C PRO A 173 -5.47 -0.73 -15.89
N ASP A 174 -4.50 -0.96 -15.02
CA ASP A 174 -4.26 -2.30 -14.49
C ASP A 174 -4.85 -2.44 -13.08
N LYS A 175 -4.72 -3.63 -12.50
CA LYS A 175 -5.23 -3.89 -11.16
C LYS A 175 -4.62 -2.93 -10.15
N ALA A 176 -3.31 -2.78 -10.20
CA ALA A 176 -2.60 -1.89 -9.30
C ALA A 176 -2.29 -0.55 -9.96
N VAL A 177 -2.65 0.54 -9.28
CA VAL A 177 -2.42 1.88 -9.80
C VAL A 177 -1.79 2.79 -8.76
N SER A 178 -0.78 3.55 -9.17
CA SER A 178 -0.09 4.45 -8.26
C SER A 178 -0.71 5.85 -8.31
N ILE A 179 -1.59 6.13 -7.36
CA ILE A 179 -2.27 7.43 -7.29
C ILE A 179 -1.46 8.42 -6.48
N ILE A 180 -0.47 9.04 -7.11
CA ILE A 180 0.38 10.02 -6.45
C ILE A 180 0.11 11.43 -6.96
N GLU A 181 -0.95 12.05 -6.44
CA GLU A 181 -1.32 13.40 -6.85
C GLU A 181 -1.62 13.45 -8.34
N CYS A 182 -2.87 13.21 -8.69
CA CYS A 182 -3.30 13.23 -10.09
C CYS A 182 -4.81 13.33 -10.20
N ASP A 183 -5.30 13.64 -11.40
CA ASP A 183 -6.74 13.78 -11.63
C ASP A 183 -7.27 12.59 -12.43
N MET A 184 -8.24 11.88 -11.85
CA MET A 184 -8.82 10.73 -12.52
C MET A 184 -10.34 10.76 -12.40
N ASN A 185 -11.00 9.84 -13.10
CA ASN A 185 -12.46 9.75 -13.09
C ASN A 185 -12.93 8.68 -12.11
N VAL A 186 -13.57 9.12 -11.02
CA VAL A 186 -14.07 8.20 -10.01
C VAL A 186 -15.54 7.88 -10.23
N ASP A 187 -15.87 6.60 -10.19
CA ASP A 187 -17.25 6.16 -10.40
C ASP A 187 -17.81 5.52 -9.13
N PHE A 188 -19.12 5.32 -9.10
CA PHE A 188 -19.78 4.72 -7.95
C PHE A 188 -20.65 3.54 -8.37
N ASP A 189 -20.66 2.49 -7.56
CA ASP A 189 -21.45 1.30 -7.85
C ASP A 189 -22.42 1.00 -6.72
N ALA A 190 -23.55 1.69 -6.72
CA ALA A 190 -24.57 1.50 -5.69
C ALA A 190 -24.02 1.83 -4.31
N GLY A 1 25.75 -0.62 -34.66
CA GLY A 1 26.09 0.16 -33.44
C GLY A 1 26.19 -0.72 -32.20
N SER A 2 27.41 -1.02 -31.79
CA SER A 2 27.64 -1.86 -30.62
C SER A 2 27.02 -3.24 -30.80
N SER A 3 27.86 -4.23 -31.09
CA SER A 3 27.39 -5.60 -31.29
C SER A 3 27.71 -6.46 -30.08
N GLY A 4 27.61 -5.86 -28.89
CA GLY A 4 27.90 -6.60 -27.67
C GLY A 4 26.77 -7.54 -27.29
N SER A 5 27.10 -8.83 -27.16
CA SER A 5 26.11 -9.83 -26.80
C SER A 5 26.24 -10.21 -25.33
N SER A 6 27.27 -10.97 -24.99
CA SER A 6 27.50 -11.40 -23.62
C SER A 6 26.33 -12.24 -23.11
N GLY A 7 25.75 -13.04 -24.00
CA GLY A 7 24.64 -13.88 -23.63
C GLY A 7 23.30 -13.27 -23.99
N ILE A 8 22.54 -12.87 -22.98
CA ILE A 8 21.23 -12.27 -23.20
C ILE A 8 21.32 -10.74 -23.21
N PRO A 9 21.30 -10.13 -24.41
CA PRO A 9 21.38 -8.66 -24.54
C PRO A 9 20.13 -7.96 -23.99
N ARG A 10 20.33 -7.17 -22.93
CA ARG A 10 19.22 -6.44 -22.32
C ARG A 10 19.68 -5.05 -21.85
N VAL A 11 18.72 -4.25 -21.41
CA VAL A 11 19.03 -2.90 -20.93
C VAL A 11 19.11 -2.86 -19.41
N PHE A 12 19.50 -3.98 -18.81
CA PHE A 12 19.61 -4.06 -17.36
C PHE A 12 18.26 -3.79 -16.69
N GLN A 13 18.13 -4.24 -15.44
CA GLN A 13 16.90 -4.05 -14.69
C GLN A 13 17.11 -4.34 -13.21
N ASN A 14 16.89 -3.34 -12.37
CA ASN A 14 17.06 -3.49 -10.93
C ASN A 14 15.72 -3.48 -10.21
N ARG A 15 15.52 -4.44 -9.32
CA ARG A 15 14.28 -4.55 -8.57
C ARG A 15 14.53 -5.14 -7.18
N PHE A 16 13.90 -4.56 -6.17
CA PHE A 16 14.06 -5.03 -4.80
C PHE A 16 12.98 -6.06 -4.46
N SER A 17 13.42 -7.28 -4.15
CA SER A 17 12.51 -8.37 -3.81
C SER A 17 13.08 -9.23 -2.70
N THR A 18 12.27 -9.45 -1.66
CA THR A 18 12.69 -10.26 -0.53
C THR A 18 11.56 -10.42 0.48
N GLN A 19 11.66 -11.44 1.33
CA GLN A 19 10.65 -11.71 2.34
C GLN A 19 10.79 -10.75 3.52
N TYR A 20 9.66 -10.44 4.16
CA TYR A 20 9.66 -9.53 5.30
C TYR A 20 8.46 -9.80 6.20
N ARG A 21 8.66 -9.63 7.50
CA ARG A 21 7.59 -9.85 8.47
C ARG A 21 6.61 -8.70 8.48
N CYS A 22 5.34 -9.00 8.76
CA CYS A 22 4.29 -7.99 8.80
C CYS A 22 3.75 -7.81 10.20
N PHE A 23 3.74 -6.57 10.68
CA PHE A 23 3.25 -6.26 12.02
C PHE A 23 2.21 -5.14 11.98
N SER A 24 1.64 -4.84 13.13
CA SER A 24 0.63 -3.78 13.23
C SER A 24 1.23 -2.52 13.85
N VAL A 25 0.60 -1.37 13.57
CA VAL A 25 1.07 -0.10 14.10
C VAL A 25 0.88 -0.04 15.62
N SER A 26 -0.14 -0.73 16.11
CA SER A 26 -0.43 -0.76 17.54
C SER A 26 0.69 -1.44 18.31
N MET A 27 1.33 -2.42 17.67
CA MET A 27 2.43 -3.15 18.30
C MET A 27 3.66 -2.26 18.49
N LEU A 28 3.70 -1.15 17.77
CA LEU A 28 4.82 -0.21 17.87
C LEU A 28 5.08 0.18 19.32
N ALA A 29 4.00 0.26 20.11
CA ALA A 29 4.11 0.62 21.51
C ALA A 29 4.75 2.00 21.67
N GLY A 30 4.98 2.40 22.92
CA GLY A 30 5.58 3.69 23.19
C GLY A 30 4.60 4.67 23.78
N PRO A 31 5.06 5.61 24.63
CA PRO A 31 4.19 6.61 25.26
C PRO A 31 3.35 7.37 24.24
N ASN A 32 4.02 8.08 23.34
CA ASN A 32 3.33 8.85 22.31
C ASN A 32 2.59 7.93 21.34
N ASP A 33 1.75 8.52 20.50
CA ASP A 33 0.99 7.76 19.52
C ASP A 33 0.82 8.53 18.22
N ARG A 34 0.23 7.88 17.22
CA ARG A 34 0.02 8.52 15.93
C ARG A 34 -1.37 8.18 15.38
N SER A 35 -1.91 9.10 14.58
CA SER A 35 -3.24 8.90 13.99
C SER A 35 -3.21 9.19 12.50
N ASP A 36 -2.07 8.95 11.87
CA ASP A 36 -1.90 9.19 10.44
C ASP A 36 -1.55 7.90 9.71
N VAL A 37 -0.70 7.09 10.32
CA VAL A 37 -0.27 5.83 9.72
C VAL A 37 -1.47 4.92 9.45
N GLU A 38 -2.44 4.95 10.36
CA GLU A 38 -3.64 4.13 10.21
C GLU A 38 -4.56 4.70 9.14
N LYS A 39 -4.63 6.02 9.07
CA LYS A 39 -5.48 6.70 8.08
C LYS A 39 -4.65 7.11 6.86
N GLY A 40 -4.32 6.15 6.02
CA GLY A 40 -3.54 6.44 4.83
C GLY A 40 -2.55 5.34 4.50
N GLY A 41 -2.11 5.30 3.25
CA GLY A 41 -1.15 4.29 2.82
C GLY A 41 0.27 4.64 3.21
N LYS A 42 0.70 4.18 4.37
CA LYS A 42 2.06 4.45 4.85
C LYS A 42 2.52 3.35 5.80
N ILE A 43 3.71 2.82 5.54
CA ILE A 43 4.27 1.76 6.38
C ILE A 43 5.64 2.15 6.91
N ILE A 44 6.24 1.27 7.69
CA ILE A 44 7.57 1.52 8.26
C ILE A 44 8.51 0.35 8.00
N MET A 45 9.56 0.60 7.24
CA MET A 45 10.54 -0.44 6.91
C MET A 45 11.91 -0.07 7.46
N PRO A 46 12.80 -1.07 7.64
CA PRO A 46 14.15 -0.84 8.17
C PRO A 46 14.91 0.22 7.38
N PRO A 47 16.01 0.75 7.94
CA PRO A 47 16.81 1.77 7.28
C PRO A 47 17.59 1.22 6.08
N SER A 48 17.90 -0.07 6.13
CA SER A 48 18.63 -0.73 5.06
C SER A 48 17.87 -0.61 3.74
N ALA A 49 16.55 -0.68 3.81
CA ALA A 49 15.72 -0.58 2.62
C ALA A 49 15.91 0.76 1.91
N LEU A 50 16.19 1.80 2.70
CA LEU A 50 16.40 3.13 2.14
C LEU A 50 17.72 3.21 1.39
N ASP A 51 18.75 2.56 1.93
CA ASP A 51 20.06 2.55 1.31
C ASP A 51 20.11 1.58 0.13
N GLN A 52 19.34 0.49 0.24
CA GLN A 52 19.30 -0.51 -0.82
C GLN A 52 18.64 0.05 -2.08
N LEU A 53 17.56 0.82 -1.88
CA LEU A 53 16.84 1.42 -2.99
C LEU A 53 17.72 2.41 -3.74
N SER A 54 18.63 3.05 -3.01
CA SER A 54 19.54 4.03 -3.61
C SER A 54 20.55 3.34 -4.54
N ARG A 55 21.07 2.21 -4.09
CA ARG A 55 22.05 1.45 -4.88
C ARG A 55 21.39 0.88 -6.13
N LEU A 56 20.11 0.54 -6.03
CA LEU A 56 19.38 -0.01 -7.16
C LEU A 56 18.93 1.07 -8.13
N ASN A 57 19.21 2.34 -7.79
CA ASN A 57 18.83 3.45 -8.64
C ASN A 57 17.31 3.52 -8.80
N ILE A 58 16.59 3.10 -7.77
CA ILE A 58 15.14 3.12 -7.80
C ILE A 58 14.60 4.43 -7.24
N THR A 59 14.09 5.27 -8.14
CA THR A 59 13.54 6.56 -7.74
C THR A 59 12.04 6.45 -7.43
N TYR A 60 11.47 7.52 -6.89
CA TYR A 60 10.06 7.55 -6.56
C TYR A 60 9.20 7.30 -7.79
N PRO A 61 8.06 6.61 -7.64
CA PRO A 61 7.59 6.09 -6.35
C PRO A 61 8.34 4.83 -5.93
N MET A 62 8.17 4.43 -4.66
CA MET A 62 8.82 3.25 -4.13
C MET A 62 7.81 2.32 -3.46
N LEU A 63 6.84 1.84 -4.23
CA LEU A 63 5.81 0.96 -3.70
C LEU A 63 6.30 -0.48 -3.64
N PHE A 64 5.65 -1.29 -2.81
CA PHE A 64 6.02 -2.70 -2.66
C PHE A 64 4.80 -3.59 -2.76
N LYS A 65 4.86 -4.58 -3.65
CA LYS A 65 3.75 -5.51 -3.83
C LYS A 65 3.80 -6.63 -2.79
N LEU A 66 2.88 -6.55 -1.82
CA LEU A 66 2.82 -7.56 -0.77
C LEU A 66 2.04 -8.79 -1.24
N THR A 67 2.72 -9.64 -1.99
CA THR A 67 2.10 -10.86 -2.50
C THR A 67 1.97 -11.91 -1.42
N ASN A 68 0.83 -11.94 -0.74
CA ASN A 68 0.59 -12.90 0.32
C ASN A 68 0.50 -14.32 -0.23
N LYS A 69 1.38 -15.19 0.23
CA LYS A 69 1.41 -16.58 -0.21
C LYS A 69 0.68 -17.48 0.78
N ASN A 70 -0.42 -16.97 1.34
CA ASN A 70 -1.20 -17.73 2.30
C ASN A 70 -2.68 -17.75 1.91
N SER A 71 -3.20 -16.59 1.53
CA SER A 71 -4.60 -16.47 1.14
C SER A 71 -4.73 -15.83 -0.24
N ASP A 72 -3.67 -15.92 -1.03
CA ASP A 72 -3.66 -15.34 -2.39
C ASP A 72 -4.02 -13.86 -2.35
N ARG A 73 -3.52 -13.16 -1.33
CA ARG A 73 -3.79 -11.74 -1.19
C ARG A 73 -2.75 -10.90 -1.93
N MET A 74 -3.10 -9.65 -2.22
CA MET A 74 -2.19 -8.75 -2.92
C MET A 74 -2.53 -7.29 -2.62
N THR A 75 -1.54 -6.55 -2.14
CA THR A 75 -1.72 -5.14 -1.81
C THR A 75 -0.41 -4.37 -1.92
N HIS A 76 -0.39 -3.35 -2.77
CA HIS A 76 0.81 -2.54 -2.96
C HIS A 76 0.87 -1.43 -1.93
N CYS A 77 1.63 -1.66 -0.87
CA CYS A 77 1.78 -0.66 0.20
C CYS A 77 2.88 0.33 -0.14
N GLY A 78 2.84 1.49 0.50
CA GLY A 78 3.84 2.52 0.26
C GLY A 78 4.64 2.86 1.50
N VAL A 79 5.97 2.82 1.37
CA VAL A 79 6.84 3.13 2.49
C VAL A 79 6.89 4.63 2.77
N LEU A 80 6.84 4.99 4.04
CA LEU A 80 6.87 6.39 4.44
C LEU A 80 8.01 6.65 5.42
N GLU A 81 8.01 5.92 6.54
CA GLU A 81 9.04 6.07 7.56
C GLU A 81 10.06 4.93 7.48
N PHE A 82 11.31 5.25 7.73
CA PHE A 82 12.39 4.26 7.68
C PHE A 82 13.06 4.13 9.05
N VAL A 83 12.32 3.60 10.02
CA VAL A 83 12.84 3.43 11.37
C VAL A 83 12.44 2.07 11.94
N ALA A 84 12.30 1.08 11.06
CA ALA A 84 11.91 -0.26 11.47
C ALA A 84 13.14 -1.08 11.87
N ASP A 85 12.91 -2.12 12.68
CA ASP A 85 14.00 -2.98 13.14
C ASP A 85 14.34 -4.02 12.07
N GLU A 86 15.50 -4.66 12.25
CA GLU A 86 15.95 -5.67 11.31
C GLU A 86 14.99 -6.86 11.29
N GLY A 87 14.22 -6.99 10.22
CA GLY A 87 13.27 -8.08 10.11
C GLY A 87 11.94 -7.77 10.75
N ILE A 88 11.57 -6.49 10.75
CA ILE A 88 10.31 -6.05 11.34
C ILE A 88 9.71 -4.90 10.56
N CYS A 89 8.52 -5.12 9.98
CA CYS A 89 7.85 -4.10 9.21
C CYS A 89 6.43 -3.87 9.74
N TYR A 90 6.09 -2.60 9.98
CA TYR A 90 4.76 -2.26 10.48
C TYR A 90 3.85 -1.81 9.34
N LEU A 91 2.56 -2.06 9.50
CA LEU A 91 1.58 -1.68 8.49
C LEU A 91 0.26 -1.24 9.14
N PRO A 92 -0.52 -0.42 8.44
CA PRO A 92 -1.81 0.07 8.95
C PRO A 92 -2.71 -1.05 9.42
N HIS A 93 -3.81 -0.68 10.08
CA HIS A 93 -4.76 -1.67 10.59
C HIS A 93 -5.64 -2.20 9.46
N TRP A 94 -6.13 -1.29 8.62
CA TRP A 94 -6.99 -1.67 7.51
C TRP A 94 -6.27 -2.61 6.55
N MET A 95 -4.98 -2.39 6.37
CA MET A 95 -4.16 -3.22 5.48
C MET A 95 -3.85 -4.56 6.13
N MET A 96 -3.74 -4.55 7.46
CA MET A 96 -3.44 -5.76 8.21
C MET A 96 -4.61 -6.74 8.15
N GLN A 97 -5.83 -6.22 8.29
CA GLN A 97 -7.03 -7.04 8.25
C GLN A 97 -7.35 -7.45 6.82
N ASN A 98 -7.18 -6.52 5.89
CA ASN A 98 -7.46 -6.80 4.48
C ASN A 98 -6.56 -7.92 3.96
N LEU A 99 -5.34 -7.98 4.45
CA LEU A 99 -4.38 -9.01 4.04
C LEU A 99 -4.59 -10.30 4.83
N LEU A 100 -5.22 -10.18 6.00
CA LEU A 100 -5.49 -11.33 6.85
C LEU A 100 -4.18 -12.00 7.27
N LEU A 101 -3.16 -11.19 7.55
CA LEU A 101 -1.86 -11.70 7.97
C LEU A 101 -1.82 -11.91 9.47
N GLU A 102 -0.67 -12.35 9.98
CA GLU A 102 -0.51 -12.59 11.40
C GLU A 102 0.53 -11.65 12.00
N GLU A 103 0.60 -11.60 13.33
CA GLU A 103 1.54 -10.75 14.02
C GLU A 103 2.98 -11.18 13.74
N GLY A 104 3.50 -10.75 12.59
CA GLY A 104 4.87 -11.11 12.23
C GLY A 104 4.92 -12.16 11.14
N GLY A 105 4.04 -12.03 10.14
CA GLY A 105 4.00 -12.98 9.05
C GLY A 105 4.93 -12.60 7.92
N LEU A 106 5.67 -13.58 7.40
CA LEU A 106 6.60 -13.33 6.31
C LEU A 106 5.87 -13.33 4.97
N VAL A 107 6.02 -12.25 4.22
CA VAL A 107 5.38 -12.13 2.91
C VAL A 107 6.38 -11.69 1.85
N GLN A 108 6.10 -12.06 0.60
CA GLN A 108 6.98 -11.70 -0.51
C GLN A 108 6.91 -10.20 -0.81
N VAL A 109 8.04 -9.62 -1.18
CA VAL A 109 8.11 -8.20 -1.49
C VAL A 109 8.68 -7.97 -2.88
N GLU A 110 8.24 -6.90 -3.53
CA GLU A 110 8.70 -6.56 -4.87
C GLU A 110 8.52 -5.08 -5.15
N SER A 111 9.56 -4.43 -5.66
CA SER A 111 9.52 -3.01 -5.97
C SER A 111 9.09 -2.80 -7.43
N VAL A 112 7.83 -2.43 -7.62
CA VAL A 112 7.30 -2.20 -8.96
C VAL A 112 6.82 -0.76 -9.12
N ASN A 113 7.02 -0.20 -10.31
CA ASN A 113 6.61 1.17 -10.58
C ASN A 113 5.31 1.21 -11.38
N LEU A 114 4.24 1.70 -10.76
CA LEU A 114 2.95 1.79 -11.41
C LEU A 114 2.66 3.22 -11.86
N GLN A 115 1.58 3.39 -12.62
CA GLN A 115 1.19 4.71 -13.11
C GLN A 115 -0.15 5.13 -12.52
N VAL A 116 -0.52 6.39 -12.78
CA VAL A 116 -1.78 6.93 -12.27
C VAL A 116 -2.97 6.12 -12.81
N ALA A 117 -4.07 6.17 -12.07
CA ALA A 117 -5.28 5.45 -12.47
C ALA A 117 -6.17 6.32 -13.36
N THR A 118 -7.01 5.67 -14.16
CA THR A 118 -7.91 6.39 -15.06
C THR A 118 -9.37 6.14 -14.68
N TYR A 119 -9.65 4.93 -14.21
CA TYR A 119 -11.01 4.57 -13.82
C TYR A 119 -11.01 3.83 -12.48
N SER A 120 -11.16 4.58 -11.40
CA SER A 120 -11.18 4.01 -10.06
C SER A 120 -12.61 3.86 -9.54
N LYS A 121 -13.06 2.62 -9.43
CA LYS A 121 -14.42 2.34 -8.95
C LYS A 121 -14.39 1.83 -7.51
N PHE A 122 -15.21 2.43 -6.66
CA PHE A 122 -15.29 2.04 -5.25
C PHE A 122 -16.69 1.52 -4.91
N GLN A 123 -16.76 0.71 -3.87
CA GLN A 123 -18.04 0.14 -3.43
C GLN A 123 -18.17 0.21 -1.91
N PRO A 124 -18.69 1.34 -1.38
CA PRO A 124 -18.87 1.52 0.06
C PRO A 124 -19.64 0.37 0.70
N GLN A 125 -18.97 -0.34 1.61
CA GLN A 125 -19.60 -1.47 2.29
C GLN A 125 -20.70 -0.99 3.24
N SER A 126 -20.51 0.20 3.78
CA SER A 126 -21.49 0.77 4.70
C SER A 126 -22.32 1.86 4.03
N PRO A 127 -23.62 1.95 4.37
CA PRO A 127 -24.53 2.94 3.79
C PRO A 127 -24.28 4.35 4.33
N ASP A 128 -23.58 4.43 5.46
CA ASP A 128 -23.27 5.72 6.08
C ASP A 128 -22.58 6.64 5.09
N PHE A 129 -21.76 6.07 4.20
CA PHE A 129 -21.03 6.86 3.21
C PHE A 129 -21.97 7.36 2.13
N LEU A 130 -22.79 6.46 1.59
CA LEU A 130 -23.74 6.82 0.54
C LEU A 130 -24.69 7.91 1.01
N ASP A 131 -24.98 7.91 2.31
CA ASP A 131 -25.89 8.90 2.89
C ASP A 131 -25.29 10.30 2.80
N ILE A 132 -23.96 10.38 2.75
CA ILE A 132 -23.27 11.66 2.65
C ILE A 132 -23.69 12.41 1.40
N THR A 133 -23.89 13.72 1.55
CA THR A 133 -24.29 14.57 0.42
C THR A 133 -23.21 14.60 -0.66
N ASN A 134 -21.97 14.71 -0.23
CA ASN A 134 -20.84 14.75 -1.16
C ASN A 134 -19.90 13.56 -0.93
N PRO A 135 -20.26 12.38 -1.46
CA PRO A 135 -19.45 11.17 -1.30
C PRO A 135 -18.15 11.24 -2.12
N LYS A 136 -18.19 11.99 -3.22
CA LYS A 136 -17.03 12.13 -4.08
C LYS A 136 -15.93 12.93 -3.38
N ALA A 137 -16.33 13.96 -2.64
CA ALA A 137 -15.38 14.80 -1.92
C ALA A 137 -14.79 14.06 -0.73
N VAL A 138 -15.61 13.26 -0.06
CA VAL A 138 -15.16 12.50 1.09
C VAL A 138 -14.21 11.38 0.68
N LEU A 139 -14.46 10.79 -0.48
CA LEU A 139 -13.63 9.72 -1.00
C LEU A 139 -12.34 10.27 -1.62
N GLU A 140 -12.48 11.35 -2.38
CA GLU A 140 -11.32 11.98 -3.01
C GLU A 140 -10.38 12.58 -1.98
N ASN A 141 -10.96 13.13 -0.91
CA ASN A 141 -10.17 13.74 0.15
C ASN A 141 -9.31 12.70 0.86
N ALA A 142 -9.85 11.49 0.98
CA ALA A 142 -9.13 10.40 1.64
C ALA A 142 -8.14 9.73 0.68
N LEU A 143 -8.51 9.69 -0.60
CA LEU A 143 -7.65 9.09 -1.61
C LEU A 143 -6.30 9.80 -1.69
N ARG A 144 -6.30 11.09 -1.38
CA ARG A 144 -5.08 11.88 -1.42
C ARG A 144 -4.03 11.30 -0.48
N ASN A 145 -4.49 10.69 0.61
CA ASN A 145 -3.58 10.10 1.59
C ASN A 145 -2.99 8.80 1.06
N PHE A 146 -3.78 8.07 0.28
CA PHE A 146 -3.33 6.80 -0.29
C PHE A 146 -2.30 7.03 -1.37
N ALA A 147 -1.39 6.06 -1.53
CA ALA A 147 -0.33 6.16 -2.53
C ALA A 147 -0.56 5.17 -3.66
N CYS A 148 -1.24 4.06 -3.36
CA CYS A 148 -1.51 3.04 -4.35
C CYS A 148 -2.90 2.45 -4.16
N LEU A 149 -3.40 1.76 -5.19
CA LEU A 149 -4.72 1.14 -5.14
C LEU A 149 -4.69 -0.25 -5.76
N THR A 150 -5.73 -1.02 -5.50
CA THR A 150 -5.82 -2.38 -6.03
C THR A 150 -7.29 -2.81 -6.16
N THR A 151 -7.56 -3.60 -7.19
CA THR A 151 -8.92 -4.09 -7.43
C THR A 151 -9.33 -5.09 -6.36
N GLY A 152 -10.07 -4.61 -5.37
CA GLY A 152 -10.52 -5.48 -4.29
C GLY A 152 -9.74 -5.28 -3.01
N ASP A 153 -9.64 -4.03 -2.57
CA ASP A 153 -8.92 -3.69 -1.35
C ASP A 153 -9.86 -3.09 -0.31
N VAL A 154 -9.94 -3.74 0.85
CA VAL A 154 -10.81 -3.26 1.92
C VAL A 154 -10.12 -2.17 2.74
N ILE A 155 -10.36 -0.92 2.36
CA ILE A 155 -9.76 0.22 3.05
C ILE A 155 -10.76 0.87 4.00
N ALA A 156 -10.29 1.23 5.19
CA ALA A 156 -11.14 1.87 6.19
C ALA A 156 -10.73 3.32 6.40
N ILE A 157 -11.48 4.23 5.79
CA ILE A 157 -11.21 5.66 5.92
C ILE A 157 -11.75 6.21 7.23
N ASN A 158 -11.23 7.36 7.65
CA ASN A 158 -11.65 7.99 8.88
C ASN A 158 -11.37 9.49 8.85
N TYR A 159 -12.23 10.27 9.51
CA TYR A 159 -12.06 11.72 9.56
C TYR A 159 -13.05 12.35 10.53
N ASN A 160 -14.30 11.93 10.45
CA ASN A 160 -15.35 12.45 11.32
C ASN A 160 -15.57 11.54 12.52
N GLU A 161 -14.48 11.01 13.06
CA GLU A 161 -14.56 10.11 14.21
C GLU A 161 -15.38 8.87 13.88
N LYS A 162 -15.34 8.45 12.62
CA LYS A 162 -16.09 7.28 12.17
C LYS A 162 -15.35 6.57 11.04
N ILE A 163 -15.17 5.26 11.20
CA ILE A 163 -14.49 4.46 10.19
C ILE A 163 -15.47 3.96 9.13
N TYR A 164 -15.52 4.67 8.01
CA TYR A 164 -16.42 4.29 6.92
C TYR A 164 -15.82 3.15 6.10
N GLU A 165 -16.55 2.04 6.03
CA GLU A 165 -16.10 0.87 5.29
C GLU A 165 -16.12 1.14 3.79
N LEU A 166 -15.01 0.86 3.13
CA LEU A 166 -14.89 1.07 1.69
C LEU A 166 -14.01 0.02 1.05
N ARG A 167 -14.45 -0.51 -0.09
CA ARG A 167 -13.69 -1.53 -0.81
C ARG A 167 -13.66 -1.24 -2.30
N VAL A 168 -12.46 -1.20 -2.87
CA VAL A 168 -12.30 -0.93 -4.29
C VAL A 168 -12.95 -2.02 -5.13
N MET A 169 -13.60 -1.60 -6.22
CA MET A 169 -14.29 -2.54 -7.11
C MET A 169 -13.51 -2.70 -8.41
N GLU A 170 -13.16 -1.57 -9.03
CA GLU A 170 -12.42 -1.59 -10.29
C GLU A 170 -11.34 -0.51 -10.30
N THR A 171 -10.31 -0.74 -11.10
CA THR A 171 -9.20 0.22 -11.19
C THR A 171 -8.46 0.05 -12.52
N LYS A 172 -8.33 1.15 -13.26
CA LYS A 172 -7.64 1.12 -14.55
C LYS A 172 -6.34 1.91 -14.48
N PRO A 173 -5.39 1.62 -15.39
CA PRO A 173 -5.56 0.60 -16.43
C PRO A 173 -5.41 -0.81 -15.89
N ASP A 174 -4.45 -1.01 -15.00
CA ASP A 174 -4.20 -2.31 -14.40
C ASP A 174 -4.78 -2.38 -13.00
N LYS A 175 -4.73 -3.57 -12.40
CA LYS A 175 -5.25 -3.77 -11.05
C LYS A 175 -4.57 -2.83 -10.05
N ALA A 176 -3.25 -2.75 -10.12
CA ALA A 176 -2.49 -1.90 -9.24
C ALA A 176 -2.04 -0.62 -9.94
N VAL A 177 -2.32 0.53 -9.32
CA VAL A 177 -1.96 1.81 -9.90
C VAL A 177 -1.44 2.77 -8.82
N SER A 178 -0.60 3.71 -9.23
CA SER A 178 -0.04 4.69 -8.30
C SER A 178 -0.73 6.03 -8.45
N ILE A 179 -1.63 6.34 -7.53
CA ILE A 179 -2.36 7.60 -7.55
C ILE A 179 -1.57 8.71 -6.87
N ILE A 180 -0.67 9.33 -7.62
CA ILE A 180 0.15 10.41 -7.09
C ILE A 180 -0.10 11.71 -7.84
N GLU A 181 -1.08 12.49 -7.36
CA GLU A 181 -1.42 13.77 -7.98
C GLU A 181 -1.86 13.56 -9.42
N CYS A 182 -3.15 13.30 -9.60
CA CYS A 182 -3.71 13.08 -10.93
C CYS A 182 -5.24 13.13 -10.90
N ASP A 183 -5.84 13.47 -12.04
CA ASP A 183 -7.29 13.56 -12.14
C ASP A 183 -7.85 12.35 -12.87
N MET A 184 -8.32 11.37 -12.10
CA MET A 184 -8.88 10.15 -12.67
C MET A 184 -10.41 10.18 -12.60
N ASN A 185 -11.04 9.22 -13.27
CA ASN A 185 -12.50 9.14 -13.28
C ASN A 185 -13.00 8.20 -12.19
N VAL A 186 -13.21 8.74 -11.00
CA VAL A 186 -13.69 7.95 -9.87
C VAL A 186 -15.19 7.69 -9.97
N ASP A 187 -15.56 6.41 -10.02
CA ASP A 187 -16.97 6.04 -10.11
C ASP A 187 -17.43 5.33 -8.85
N PHE A 188 -18.74 5.25 -8.66
CA PHE A 188 -19.31 4.60 -7.48
C PHE A 188 -20.17 3.41 -7.89
N ASP A 189 -20.45 2.54 -6.93
CA ASP A 189 -21.26 1.36 -7.18
C ASP A 189 -21.97 0.90 -5.91
N ALA A 190 -23.23 1.31 -5.76
CA ALA A 190 -24.02 0.94 -4.59
C ALA A 190 -24.81 -0.34 -4.85
N GLY A 1 36.61 -4.48 -18.64
CA GLY A 1 36.46 -3.93 -20.00
C GLY A 1 36.86 -2.47 -20.07
N SER A 2 37.86 -2.17 -20.90
CA SER A 2 38.34 -0.80 -21.06
C SER A 2 38.85 -0.25 -19.74
N SER A 3 39.29 1.01 -19.75
CA SER A 3 39.80 1.66 -18.56
C SER A 3 38.77 2.62 -17.98
N GLY A 4 38.54 3.74 -18.65
CA GLY A 4 37.58 4.71 -18.18
C GLY A 4 38.13 5.58 -17.06
N SER A 5 37.35 6.58 -16.66
CA SER A 5 37.77 7.48 -15.60
C SER A 5 37.00 7.18 -14.31
N SER A 6 35.71 7.49 -14.30
CA SER A 6 34.88 7.26 -13.13
C SER A 6 33.40 7.23 -13.52
N GLY A 7 32.82 6.05 -13.55
CA GLY A 7 31.42 5.90 -13.89
C GLY A 7 30.62 5.16 -12.84
N ILE A 8 29.40 4.78 -13.18
CA ILE A 8 28.53 4.06 -12.25
C ILE A 8 27.96 2.80 -12.90
N PRO A 9 27.91 1.68 -12.15
CA PRO A 9 27.39 0.41 -12.65
C PRO A 9 25.87 0.41 -12.74
N ARG A 10 25.34 0.20 -13.94
CA ARG A 10 23.90 0.16 -14.16
C ARG A 10 23.39 -1.28 -14.19
N VAL A 11 22.24 -1.50 -13.56
CA VAL A 11 21.64 -2.84 -13.52
C VAL A 11 20.50 -2.96 -14.52
N PHE A 12 20.60 -3.95 -15.40
CA PHE A 12 19.58 -4.17 -16.41
C PHE A 12 18.34 -4.84 -15.81
N GLN A 13 18.50 -6.09 -15.39
CA GLN A 13 17.40 -6.83 -14.79
C GLN A 13 17.68 -7.13 -13.32
N ASN A 14 17.23 -6.22 -12.44
CA ASN A 14 17.44 -6.38 -11.01
C ASN A 14 16.41 -5.57 -10.22
N ARG A 15 15.61 -6.25 -9.42
CA ARG A 15 14.58 -5.59 -8.61
C ARG A 15 14.65 -6.07 -7.16
N PHE A 16 13.78 -5.51 -6.33
CA PHE A 16 13.73 -5.88 -4.91
C PHE A 16 12.61 -6.87 -4.65
N SER A 17 12.98 -8.11 -4.36
CA SER A 17 12.01 -9.16 -4.09
C SER A 17 12.42 -9.99 -2.88
N THR A 18 11.88 -9.65 -1.72
CA THR A 18 12.20 -10.36 -0.48
C THR A 18 11.02 -10.33 0.49
N GLN A 19 11.02 -11.25 1.44
CA GLN A 19 9.96 -11.31 2.44
C GLN A 19 10.25 -10.38 3.61
N TYR A 20 9.21 -10.08 4.38
CA TYR A 20 9.34 -9.19 5.54
C TYR A 20 8.19 -9.39 6.51
N ARG A 21 8.51 -9.42 7.80
CA ARG A 21 7.49 -9.60 8.83
C ARG A 21 6.62 -8.35 8.96
N CYS A 22 5.32 -8.55 9.12
CA CYS A 22 4.37 -7.45 9.25
C CYS A 22 4.00 -7.24 10.71
N PHE A 23 3.85 -5.97 11.10
CA PHE A 23 3.49 -5.63 12.47
C PHE A 23 2.60 -4.39 12.51
N SER A 24 2.14 -4.03 13.69
CA SER A 24 1.28 -2.86 13.86
C SER A 24 2.12 -1.60 14.07
N VAL A 25 1.46 -0.44 13.97
CA VAL A 25 2.14 0.84 14.14
C VAL A 25 1.87 1.43 15.53
N SER A 26 1.44 0.59 16.47
CA SER A 26 1.14 1.03 17.82
C SER A 26 2.21 0.55 18.80
N MET A 27 2.82 -0.59 18.49
CA MET A 27 3.86 -1.15 19.35
C MET A 27 5.03 -0.17 19.52
N LEU A 28 5.21 0.68 18.52
CA LEU A 28 6.29 1.67 18.55
C LEU A 28 6.17 2.56 19.79
N ALA A 29 7.28 3.16 20.19
CA ALA A 29 7.30 4.04 21.35
C ALA A 29 7.77 5.44 20.98
N GLY A 30 7.82 6.33 21.97
CA GLY A 30 8.24 7.69 21.71
C GLY A 30 7.43 8.70 22.50
N PRO A 31 8.01 9.89 22.79
CA PRO A 31 7.32 10.94 23.54
C PRO A 31 5.94 11.27 22.95
N ASN A 32 5.87 11.29 21.63
CA ASN A 32 4.61 11.58 20.94
C ASN A 32 4.26 10.49 19.94
N ASP A 33 3.05 10.55 19.40
CA ASP A 33 2.59 9.55 18.44
C ASP A 33 1.91 10.23 17.25
N ARG A 34 2.04 9.62 16.08
CA ARG A 34 1.44 10.16 14.86
C ARG A 34 0.20 9.37 14.47
N SER A 35 -0.77 10.05 13.87
CA SER A 35 -2.01 9.42 13.45
C SER A 35 -2.06 9.29 11.93
N ASP A 36 -1.32 10.16 11.24
CA ASP A 36 -1.30 10.15 9.77
C ASP A 36 -0.96 8.75 9.24
N VAL A 37 -0.19 8.00 10.01
CA VAL A 37 0.21 6.66 9.62
C VAL A 37 -1.02 5.76 9.44
N GLU A 38 -1.98 5.89 10.35
CA GLU A 38 -3.20 5.09 10.28
C GLU A 38 -4.07 5.52 9.11
N LYS A 39 -4.02 6.81 8.78
CA LYS A 39 -4.81 7.35 7.67
C LYS A 39 -3.95 7.50 6.42
N GLY A 40 -3.88 6.42 5.64
CA GLY A 40 -3.09 6.45 4.42
C GLY A 40 -2.34 5.14 4.19
N GLY A 41 -1.46 5.14 3.19
CA GLY A 41 -0.69 3.95 2.89
C GLY A 41 0.79 4.12 3.19
N LYS A 42 1.09 4.65 4.36
CA LYS A 42 2.47 4.87 4.78
C LYS A 42 2.92 3.79 5.77
N ILE A 43 4.12 3.26 5.55
CA ILE A 43 4.65 2.22 6.42
C ILE A 43 6.05 2.59 6.91
N ILE A 44 6.62 1.74 7.75
CA ILE A 44 7.96 1.98 8.30
C ILE A 44 8.85 0.75 8.12
N MET A 45 9.64 0.76 7.05
CA MET A 45 10.54 -0.35 6.77
C MET A 45 11.93 -0.08 7.34
N PRO A 46 12.74 -1.15 7.55
CA PRO A 46 14.09 -1.02 8.09
C PRO A 46 14.96 -0.07 7.27
N PRO A 47 16.14 0.30 7.79
CA PRO A 47 17.06 1.20 7.10
C PRO A 47 17.68 0.56 5.86
N SER A 48 17.77 -0.77 5.87
CA SER A 48 18.35 -1.51 4.75
C SER A 48 17.59 -1.21 3.46
N ALA A 49 16.30 -0.94 3.59
CA ALA A 49 15.46 -0.63 2.42
C ALA A 49 15.93 0.63 1.73
N LEU A 50 16.22 1.66 2.52
CA LEU A 50 16.67 2.94 1.99
C LEU A 50 18.09 2.82 1.42
N ASP A 51 18.89 1.95 2.03
CA ASP A 51 20.27 1.75 1.58
C ASP A 51 20.32 0.85 0.35
N GLN A 52 19.29 0.00 0.19
CA GLN A 52 19.23 -0.90 -0.95
C GLN A 52 18.37 -0.32 -2.07
N LEU A 53 17.38 0.48 -1.69
CA LEU A 53 16.49 1.10 -2.66
C LEU A 53 17.26 2.01 -3.62
N SER A 54 18.09 2.87 -3.06
CA SER A 54 18.88 3.80 -3.86
C SER A 54 19.98 3.05 -4.63
N ARG A 55 20.47 1.97 -4.05
CA ARG A 55 21.52 1.17 -4.69
C ARG A 55 20.97 0.41 -5.90
N LEU A 56 19.65 0.20 -5.93
CA LEU A 56 19.02 -0.50 -7.03
C LEU A 56 18.49 0.47 -8.08
N ASN A 57 19.01 1.70 -8.07
CA ASN A 57 18.58 2.72 -9.02
C ASN A 57 17.08 2.96 -8.92
N ILE A 58 16.54 2.88 -7.70
CA ILE A 58 15.12 3.09 -7.47
C ILE A 58 14.86 4.50 -6.92
N THR A 59 13.99 5.23 -7.61
CA THR A 59 13.65 6.58 -7.19
C THR A 59 12.17 6.69 -6.82
N TYR A 60 11.78 7.81 -6.23
CA TYR A 60 10.40 8.04 -5.83
C TYR A 60 9.48 8.08 -7.05
N PRO A 61 8.28 7.50 -6.96
CA PRO A 61 7.81 6.81 -5.74
C PRO A 61 8.43 5.42 -5.58
N MET A 62 8.27 4.85 -4.39
CA MET A 62 8.82 3.53 -4.10
C MET A 62 7.76 2.63 -3.46
N LEU A 63 6.76 2.26 -4.24
CA LEU A 63 5.68 1.40 -3.74
C LEU A 63 6.10 -0.07 -3.78
N PHE A 64 5.58 -0.85 -2.84
CA PHE A 64 5.90 -2.26 -2.76
C PHE A 64 4.64 -3.12 -2.94
N LYS A 65 4.79 -4.24 -3.63
CA LYS A 65 3.67 -5.15 -3.87
C LYS A 65 3.64 -6.28 -2.86
N LEU A 66 2.69 -6.23 -1.94
CA LEU A 66 2.56 -7.25 -0.90
C LEU A 66 1.65 -8.38 -1.38
N THR A 67 2.26 -9.47 -1.83
CA THR A 67 1.51 -10.63 -2.30
C THR A 67 1.58 -11.78 -1.31
N ASN A 68 0.50 -11.97 -0.56
CA ASN A 68 0.44 -13.03 0.44
C ASN A 68 0.43 -14.40 -0.24
N LYS A 69 1.32 -15.28 0.21
CA LYS A 69 1.42 -16.63 -0.35
C LYS A 69 0.65 -17.63 0.52
N ASN A 70 -0.50 -17.20 1.04
CA ASN A 70 -1.32 -18.06 1.88
C ASN A 70 -2.80 -17.83 1.61
N SER A 71 -3.20 -16.56 1.57
CA SER A 71 -4.59 -16.20 1.32
C SER A 71 -4.78 -15.64 -0.08
N ASP A 72 -3.77 -15.80 -0.93
CA ASP A 72 -3.83 -15.32 -2.31
C ASP A 72 -4.17 -13.82 -2.34
N ARG A 73 -3.75 -13.10 -1.31
CA ARG A 73 -4.01 -11.67 -1.22
C ARG A 73 -2.99 -10.88 -2.03
N MET A 74 -3.32 -9.63 -2.34
CA MET A 74 -2.42 -8.77 -3.11
C MET A 74 -2.76 -7.29 -2.87
N THR A 75 -1.79 -6.57 -2.31
CA THR A 75 -1.99 -5.14 -2.03
C THR A 75 -0.70 -4.36 -2.28
N HIS A 76 -0.83 -3.07 -2.53
CA HIS A 76 0.32 -2.21 -2.79
C HIS A 76 0.35 -1.04 -1.81
N CYS A 77 1.34 -1.03 -0.93
CA CYS A 77 1.49 0.03 0.06
C CYS A 77 2.63 0.96 -0.31
N GLY A 78 2.71 2.10 0.37
CA GLY A 78 3.77 3.06 0.11
C GLY A 78 4.63 3.31 1.32
N VAL A 79 5.95 3.41 1.09
CA VAL A 79 6.89 3.65 2.17
C VAL A 79 6.95 5.13 2.54
N LEU A 80 7.26 5.42 3.80
CA LEU A 80 7.35 6.79 4.28
C LEU A 80 8.67 7.05 4.99
N GLU A 81 8.89 6.32 6.09
CA GLU A 81 10.12 6.46 6.86
C GLU A 81 10.96 5.19 6.79
N PHE A 82 12.19 5.29 7.28
CA PHE A 82 13.10 4.14 7.27
C PHE A 82 13.88 4.06 8.59
N VAL A 83 13.21 3.62 9.64
CA VAL A 83 13.84 3.49 10.95
C VAL A 83 13.34 2.25 11.69
N ALA A 84 13.04 1.20 10.92
CA ALA A 84 12.54 -0.04 11.50
C ALA A 84 13.69 -1.00 11.79
N ASP A 85 13.44 -1.99 12.63
CA ASP A 85 14.45 -2.98 12.98
C ASP A 85 14.54 -4.07 11.92
N GLU A 86 15.68 -4.75 11.87
CA GLU A 86 15.89 -5.82 10.90
C GLU A 86 14.86 -6.93 11.08
N GLY A 87 14.26 -7.35 9.98
CA GLY A 87 13.25 -8.41 10.04
C GLY A 87 11.98 -7.96 10.73
N ILE A 88 11.70 -6.67 10.67
CA ILE A 88 10.51 -6.11 11.29
C ILE A 88 9.97 -4.92 10.50
N CYS A 89 8.69 -4.98 10.16
CA CYS A 89 8.05 -3.90 9.39
C CYS A 89 6.73 -3.50 10.03
N TYR A 90 6.57 -2.20 10.29
CA TYR A 90 5.35 -1.69 10.89
C TYR A 90 4.37 -1.21 9.82
N LEU A 91 3.11 -1.59 9.97
CA LEU A 91 2.07 -1.21 9.01
C LEU A 91 0.76 -0.91 9.73
N PRO A 92 -0.15 -0.15 9.07
CA PRO A 92 -1.44 0.21 9.66
C PRO A 92 -2.21 -1.01 10.17
N HIS A 93 -3.41 -0.78 10.66
CA HIS A 93 -4.24 -1.86 11.19
C HIS A 93 -5.26 -2.33 10.15
N TRP A 94 -5.69 -1.39 9.30
CA TRP A 94 -6.67 -1.71 8.26
C TRP A 94 -6.06 -2.64 7.21
N MET A 95 -4.77 -2.46 6.94
CA MET A 95 -4.07 -3.27 5.96
C MET A 95 -3.70 -4.63 6.55
N MET A 96 -3.43 -4.65 7.85
CA MET A 96 -3.06 -5.88 8.53
C MET A 96 -4.23 -6.85 8.59
N GLN A 97 -5.43 -6.31 8.65
CA GLN A 97 -6.65 -7.12 8.71
C GLN A 97 -7.08 -7.54 7.30
N ASN A 98 -6.91 -6.64 6.34
CA ASN A 98 -7.29 -6.92 4.96
C ASN A 98 -6.51 -8.12 4.41
N LEU A 99 -5.28 -8.29 4.89
CA LEU A 99 -4.44 -9.40 4.46
C LEU A 99 -4.61 -10.62 5.37
N LEU A 100 -5.19 -10.40 6.55
CA LEU A 100 -5.41 -11.48 7.49
C LEU A 100 -4.08 -12.06 8.00
N LEU A 101 -3.09 -11.19 8.11
CA LEU A 101 -1.77 -11.61 8.57
C LEU A 101 -1.74 -11.73 10.09
N GLU A 102 -0.57 -12.08 10.63
CA GLU A 102 -0.41 -12.24 12.07
C GLU A 102 0.79 -11.43 12.58
N GLU A 103 0.97 -11.43 13.90
CA GLU A 103 2.08 -10.71 14.50
C GLU A 103 3.41 -11.22 13.98
N GLY A 104 4.01 -10.47 13.05
CA GLY A 104 5.29 -10.87 12.48
C GLY A 104 5.13 -11.88 11.35
N GLY A 105 4.16 -11.64 10.48
CA GLY A 105 3.94 -12.54 9.37
C GLY A 105 4.79 -12.20 8.16
N LEU A 106 5.49 -13.19 7.63
CA LEU A 106 6.35 -13.00 6.47
C LEU A 106 5.52 -12.97 5.18
N VAL A 107 5.70 -11.91 4.39
CA VAL A 107 4.99 -11.76 3.14
C VAL A 107 5.93 -11.39 2.00
N GLN A 108 5.70 -11.98 0.84
CA GLN A 108 6.54 -11.71 -0.33
C GLN A 108 6.41 -10.25 -0.77
N VAL A 109 7.49 -9.49 -0.57
CA VAL A 109 7.51 -8.09 -0.94
C VAL A 109 8.24 -7.87 -2.26
N GLU A 110 7.66 -7.03 -3.12
CA GLU A 110 8.25 -6.74 -4.41
C GLU A 110 8.23 -5.24 -4.70
N SER A 111 9.02 -4.81 -5.68
CA SER A 111 9.09 -3.40 -6.05
C SER A 111 8.75 -3.21 -7.53
N VAL A 112 7.61 -2.59 -7.79
CA VAL A 112 7.17 -2.35 -9.16
C VAL A 112 6.88 -0.87 -9.38
N ASN A 113 7.11 -0.40 -10.61
CA ASN A 113 6.88 0.99 -10.96
C ASN A 113 5.59 1.15 -11.77
N LEU A 114 4.53 1.55 -11.10
CA LEU A 114 3.23 1.74 -11.76
C LEU A 114 3.03 3.20 -12.15
N GLN A 115 1.90 3.48 -12.80
CA GLN A 115 1.57 4.83 -13.22
C GLN A 115 0.28 5.31 -12.58
N VAL A 116 -0.01 6.61 -12.73
CA VAL A 116 -1.23 7.19 -12.16
C VAL A 116 -2.46 6.59 -12.81
N ALA A 117 -3.53 6.46 -12.02
CA ALA A 117 -4.78 5.90 -12.51
C ALA A 117 -5.70 7.00 -13.05
N THR A 118 -6.52 6.64 -14.04
CA THR A 118 -7.44 7.59 -14.64
C THR A 118 -8.89 7.19 -14.35
N TYR A 119 -9.15 5.90 -14.37
CA TYR A 119 -10.49 5.38 -14.10
C TYR A 119 -10.49 4.39 -12.94
N SER A 120 -11.10 4.80 -11.84
CA SER A 120 -11.16 3.95 -10.65
C SER A 120 -12.60 3.81 -10.16
N LYS A 121 -13.09 2.58 -10.08
CA LYS A 121 -14.44 2.32 -9.61
C LYS A 121 -14.44 1.83 -8.17
N PHE A 122 -15.31 2.42 -7.36
CA PHE A 122 -15.41 2.06 -5.94
C PHE A 122 -16.80 1.52 -5.62
N GLN A 123 -16.92 0.81 -4.51
CA GLN A 123 -18.19 0.25 -4.08
C GLN A 123 -18.26 0.14 -2.56
N PRO A 124 -18.82 1.16 -1.88
CA PRO A 124 -18.93 1.18 -0.42
C PRO A 124 -19.57 -0.11 0.11
N GLN A 125 -18.80 -0.84 0.92
CA GLN A 125 -19.29 -2.09 1.51
C GLN A 125 -20.42 -1.83 2.50
N SER A 126 -20.35 -0.69 3.18
CA SER A 126 -21.36 -0.33 4.16
C SER A 126 -22.22 0.83 3.66
N PRO A 127 -23.51 0.85 4.01
CA PRO A 127 -24.43 1.91 3.59
C PRO A 127 -24.19 3.23 4.32
N ASP A 128 -23.43 3.16 5.42
CA ASP A 128 -23.13 4.36 6.20
C ASP A 128 -22.51 5.44 5.33
N PHE A 129 -21.72 5.03 4.34
CA PHE A 129 -21.06 5.97 3.44
C PHE A 129 -22.07 6.58 2.47
N LEU A 130 -23.03 5.77 2.03
CA LEU A 130 -24.06 6.22 1.10
C LEU A 130 -24.89 7.34 1.72
N ASP A 131 -25.08 7.28 3.03
CA ASP A 131 -25.85 8.27 3.75
C ASP A 131 -25.22 9.66 3.63
N ILE A 132 -23.92 9.69 3.36
CA ILE A 132 -23.20 10.95 3.22
C ILE A 132 -23.79 11.79 2.09
N THR A 133 -23.88 13.10 2.31
CA THR A 133 -24.42 14.01 1.31
C THR A 133 -23.47 14.14 0.12
N ASN A 134 -22.18 14.02 0.39
CA ASN A 134 -21.17 14.12 -0.66
C ASN A 134 -20.16 12.98 -0.56
N PRO A 135 -20.59 11.74 -0.83
CA PRO A 135 -19.72 10.57 -0.77
C PRO A 135 -18.52 10.70 -1.70
N LYS A 136 -18.72 11.36 -2.83
CA LYS A 136 -17.66 11.55 -3.81
C LYS A 136 -16.53 12.40 -3.22
N ALA A 137 -16.91 13.48 -2.55
CA ALA A 137 -15.94 14.38 -1.94
C ALA A 137 -15.14 13.67 -0.84
N VAL A 138 -15.85 12.93 0.00
CA VAL A 138 -15.21 12.21 1.09
C VAL A 138 -14.26 11.13 0.55
N LEU A 139 -14.68 10.46 -0.52
CA LEU A 139 -13.87 9.41 -1.12
C LEU A 139 -12.61 10.00 -1.75
N GLU A 140 -12.73 11.19 -2.32
CA GLU A 140 -11.60 11.86 -2.95
C GLU A 140 -10.67 12.47 -1.91
N ASN A 141 -11.25 12.89 -0.79
CA ASN A 141 -10.46 13.49 0.29
C ASN A 141 -9.52 12.47 0.90
N ALA A 142 -9.94 11.21 0.93
CA ALA A 142 -9.13 10.14 1.49
C ALA A 142 -8.11 9.64 0.48
N LEU A 143 -8.50 9.63 -0.79
CA LEU A 143 -7.62 9.17 -1.86
C LEU A 143 -6.36 10.02 -1.93
N ARG A 144 -6.48 11.29 -1.54
CA ARG A 144 -5.35 12.21 -1.56
C ARG A 144 -4.21 11.69 -0.68
N ASN A 145 -4.57 10.95 0.37
CA ASN A 145 -3.59 10.40 1.29
C ASN A 145 -3.02 9.09 0.75
N PHE A 146 -3.86 8.32 0.07
CA PHE A 146 -3.44 7.05 -0.50
C PHE A 146 -2.41 7.25 -1.61
N ALA A 147 -1.36 6.43 -1.60
CA ALA A 147 -0.31 6.52 -2.59
C ALA A 147 -0.50 5.49 -3.70
N CYS A 148 -1.11 4.36 -3.34
CA CYS A 148 -1.35 3.30 -4.30
C CYS A 148 -2.76 2.71 -4.12
N LEU A 149 -3.21 1.96 -5.13
CA LEU A 149 -4.53 1.34 -5.09
C LEU A 149 -4.49 -0.05 -5.70
N THR A 150 -5.41 -0.92 -5.28
CA THR A 150 -5.48 -2.28 -5.79
C THR A 150 -6.94 -2.74 -5.90
N THR A 151 -7.24 -3.49 -6.95
CA THR A 151 -8.59 -4.00 -7.17
C THR A 151 -8.91 -5.13 -6.19
N GLY A 152 -9.93 -4.92 -5.38
CA GLY A 152 -10.32 -5.92 -4.40
C GLY A 152 -9.63 -5.74 -3.07
N ASP A 153 -9.56 -4.50 -2.61
CA ASP A 153 -8.91 -4.19 -1.33
C ASP A 153 -9.81 -3.30 -0.48
N VAL A 154 -10.12 -3.77 0.73
CA VAL A 154 -10.97 -3.02 1.64
C VAL A 154 -10.19 -1.88 2.31
N ILE A 155 -10.11 -0.75 1.64
CA ILE A 155 -9.39 0.41 2.16
C ILE A 155 -10.22 1.13 3.21
N ALA A 156 -9.77 1.04 4.46
CA ALA A 156 -10.46 1.70 5.56
C ALA A 156 -10.12 3.19 5.62
N ILE A 157 -11.13 4.01 5.90
CA ILE A 157 -10.94 5.45 5.98
C ILE A 157 -11.51 6.01 7.29
N ASN A 158 -10.83 7.01 7.84
CA ASN A 158 -11.26 7.64 9.09
C ASN A 158 -11.11 9.15 9.01
N TYR A 159 -12.07 9.86 9.60
CA TYR A 159 -12.04 11.32 9.61
C TYR A 159 -13.04 11.88 10.61
N ASN A 160 -14.27 11.38 10.55
CA ASN A 160 -15.33 11.83 11.45
C ASN A 160 -15.45 10.92 12.67
N GLU A 161 -14.30 10.52 13.20
CA GLU A 161 -14.28 9.65 14.37
C GLU A 161 -15.02 8.34 14.10
N LYS A 162 -15.00 7.92 12.84
CA LYS A 162 -15.66 6.67 12.44
C LYS A 162 -14.92 6.00 11.29
N ILE A 163 -14.51 4.76 11.51
CA ILE A 163 -13.78 4.00 10.49
C ILE A 163 -14.73 3.39 9.48
N TYR A 164 -15.04 4.14 8.43
CA TYR A 164 -15.95 3.68 7.39
C TYR A 164 -15.32 2.52 6.61
N GLU A 165 -16.15 1.83 5.83
CA GLU A 165 -15.69 0.69 5.04
C GLU A 165 -15.86 0.97 3.55
N LEU A 166 -14.86 0.61 2.76
CA LEU A 166 -14.90 0.81 1.32
C LEU A 166 -14.07 -0.24 0.59
N ARG A 167 -14.49 -0.58 -0.63
CA ARG A 167 -13.77 -1.57 -1.43
C ARG A 167 -13.70 -1.14 -2.89
N VAL A 168 -12.49 -1.18 -3.44
CA VAL A 168 -12.28 -0.79 -4.84
C VAL A 168 -12.80 -1.86 -5.78
N MET A 169 -13.84 -1.51 -6.53
CA MET A 169 -14.44 -2.44 -7.49
C MET A 169 -13.48 -2.72 -8.65
N GLU A 170 -13.12 -1.66 -9.37
CA GLU A 170 -12.21 -1.79 -10.50
C GLU A 170 -11.30 -0.58 -10.61
N THR A 171 -10.25 -0.70 -11.42
CA THR A 171 -9.31 0.39 -11.61
C THR A 171 -8.60 0.26 -12.97
N LYS A 172 -8.03 1.37 -13.43
CA LYS A 172 -7.33 1.38 -14.71
C LYS A 172 -6.03 2.18 -14.61
N PRO A 173 -5.07 1.92 -15.51
CA PRO A 173 -5.20 0.90 -16.56
C PRO A 173 -5.08 -0.52 -16.02
N ASP A 174 -4.52 -0.65 -14.83
CA ASP A 174 -4.36 -1.96 -14.19
C ASP A 174 -4.81 -1.93 -12.74
N LYS A 175 -4.90 -3.10 -12.12
CA LYS A 175 -5.33 -3.20 -10.73
C LYS A 175 -4.42 -2.38 -9.83
N ALA A 176 -3.11 -2.47 -10.06
CA ALA A 176 -2.14 -1.74 -9.27
C ALA A 176 -1.73 -0.45 -9.96
N VAL A 177 -2.03 0.68 -9.31
CA VAL A 177 -1.69 1.99 -9.87
C VAL A 177 -1.17 2.93 -8.79
N SER A 178 -0.32 3.87 -9.20
CA SER A 178 0.25 4.83 -8.26
C SER A 178 -0.39 6.21 -8.43
N ILE A 179 -1.44 6.46 -7.66
CA ILE A 179 -2.14 7.74 -7.73
C ILE A 179 -1.50 8.77 -6.81
N ILE A 180 -0.45 9.41 -7.28
CA ILE A 180 0.25 10.43 -6.50
C ILE A 180 0.07 11.82 -7.11
N GLU A 181 -0.89 12.56 -6.59
CA GLU A 181 -1.17 13.91 -7.08
C GLU A 181 -1.58 13.87 -8.56
N CYS A 182 -2.86 13.58 -8.79
CA CYS A 182 -3.38 13.52 -10.16
C CYS A 182 -4.90 13.42 -10.15
N ASP A 183 -5.53 13.97 -11.19
CA ASP A 183 -6.99 13.94 -11.30
C ASP A 183 -7.44 12.75 -12.15
N MET A 184 -8.37 11.97 -11.60
CA MET A 184 -8.89 10.80 -12.30
C MET A 184 -10.42 10.77 -12.23
N ASN A 185 -11.04 10.20 -13.26
CA ASN A 185 -12.49 10.11 -13.31
C ASN A 185 -12.99 8.96 -12.43
N VAL A 186 -13.23 9.27 -11.16
CA VAL A 186 -13.71 8.26 -10.21
C VAL A 186 -15.18 7.94 -10.46
N ASP A 187 -15.51 6.65 -10.41
CA ASP A 187 -16.88 6.21 -10.62
C ASP A 187 -17.46 5.60 -9.35
N PHE A 188 -18.75 5.28 -9.39
CA PHE A 188 -19.43 4.69 -8.25
C PHE A 188 -20.38 3.58 -8.68
N ASP A 189 -20.66 2.65 -7.76
CA ASP A 189 -21.55 1.53 -8.06
C ASP A 189 -22.27 1.08 -6.79
N ALA A 190 -23.45 1.64 -6.54
CA ALA A 190 -24.23 1.29 -5.36
C ALA A 190 -25.41 0.41 -5.75
N GLY A 1 4.85 -10.60 -23.71
CA GLY A 1 4.01 -10.52 -24.94
C GLY A 1 4.84 -10.26 -26.18
N SER A 2 4.49 -10.95 -27.28
CA SER A 2 5.20 -10.78 -28.54
C SER A 2 6.67 -11.20 -28.40
N SER A 3 7.24 -11.70 -29.49
CA SER A 3 8.63 -12.14 -29.49
C SER A 3 8.85 -13.26 -28.48
N GLY A 4 8.80 -14.50 -28.95
CA GLY A 4 9.00 -15.63 -28.08
C GLY A 4 10.46 -15.90 -27.78
N SER A 5 10.73 -16.96 -27.03
CA SER A 5 12.10 -17.33 -26.68
C SER A 5 12.77 -16.21 -25.89
N SER A 6 12.62 -16.26 -24.57
CA SER A 6 13.22 -15.25 -23.71
C SER A 6 14.47 -15.79 -23.02
N GLY A 7 15.34 -14.88 -22.57
CA GLY A 7 16.55 -15.29 -21.91
C GLY A 7 16.59 -14.85 -20.45
N ILE A 8 17.79 -14.48 -19.98
CA ILE A 8 17.95 -14.03 -18.61
C ILE A 8 19.00 -12.92 -18.51
N PRO A 9 18.64 -11.77 -17.92
CA PRO A 9 19.56 -10.64 -17.77
C PRO A 9 20.67 -10.92 -16.77
N ARG A 10 21.83 -10.32 -17.00
CA ARG A 10 22.98 -10.51 -16.11
C ARG A 10 23.40 -9.19 -15.47
N VAL A 11 22.41 -8.31 -15.25
CA VAL A 11 22.68 -7.01 -14.64
C VAL A 11 22.95 -7.15 -13.15
N PHE A 12 23.76 -6.24 -12.61
CA PHE A 12 24.10 -6.26 -11.19
C PHE A 12 23.26 -5.24 -10.42
N GLN A 13 22.04 -5.00 -10.90
CA GLN A 13 21.14 -4.05 -10.25
C GLN A 13 20.02 -4.77 -9.52
N ASN A 14 19.23 -5.55 -10.26
CA ASN A 14 18.12 -6.30 -9.68
C ASN A 14 17.12 -5.35 -9.03
N ARG A 15 16.04 -5.92 -8.49
CA ARG A 15 15.00 -5.13 -7.85
C ARG A 15 14.84 -5.54 -6.39
N PHE A 16 13.88 -4.92 -5.71
CA PHE A 16 13.62 -5.23 -4.31
C PHE A 16 12.73 -6.46 -4.17
N SER A 17 13.35 -7.63 -4.12
CA SER A 17 12.61 -8.89 -3.99
C SER A 17 13.05 -9.63 -2.74
N THR A 18 12.17 -9.68 -1.75
CA THR A 18 12.46 -10.37 -0.49
C THR A 18 11.24 -10.39 0.42
N GLN A 19 11.26 -11.28 1.40
CA GLN A 19 10.15 -11.39 2.35
C GLN A 19 10.37 -10.51 3.56
N TYR A 20 9.28 -10.04 4.16
CA TYR A 20 9.37 -9.19 5.34
C TYR A 20 8.20 -9.45 6.29
N ARG A 21 8.51 -9.53 7.59
CA ARG A 21 7.49 -9.78 8.60
C ARG A 21 6.55 -8.60 8.73
N CYS A 22 5.26 -8.89 8.92
CA CYS A 22 4.25 -7.84 9.06
C CYS A 22 3.89 -7.63 10.53
N PHE A 23 3.82 -6.37 10.95
CA PHE A 23 3.48 -6.04 12.32
C PHE A 23 2.69 -4.73 12.39
N SER A 24 1.66 -4.71 13.24
CA SER A 24 0.83 -3.52 13.39
C SER A 24 1.63 -2.37 14.02
N VAL A 25 1.43 -1.17 13.49
CA VAL A 25 2.12 0.00 14.01
C VAL A 25 1.82 0.23 15.49
N SER A 26 0.65 -0.23 15.92
CA SER A 26 0.25 -0.07 17.31
C SER A 26 1.28 -0.69 18.26
N MET A 27 2.00 -1.69 17.77
CA MET A 27 3.01 -2.37 18.58
C MET A 27 4.06 -1.37 19.08
N LEU A 28 4.53 -0.51 18.17
CA LEU A 28 5.54 0.49 18.52
C LEU A 28 5.00 1.43 19.60
N ALA A 29 5.88 1.82 20.52
CA ALA A 29 5.51 2.72 21.59
C ALA A 29 5.99 4.14 21.32
N GLY A 30 5.61 5.07 22.20
CA GLY A 30 6.02 6.45 22.04
C GLY A 30 4.94 7.43 22.48
N PRO A 31 5.33 8.59 23.03
CA PRO A 31 4.38 9.60 23.49
C PRO A 31 3.36 9.98 22.41
N ASN A 32 3.84 10.08 21.17
CA ASN A 32 2.98 10.44 20.05
C ASN A 32 2.42 9.19 19.37
N ASP A 33 1.11 9.14 19.23
CA ASP A 33 0.45 7.99 18.59
C ASP A 33 0.05 8.34 17.16
N ARG A 34 -0.71 9.42 17.02
CA ARG A 34 -1.17 9.86 15.71
C ARG A 34 -2.07 8.82 15.06
N SER A 35 -3.07 9.28 14.32
CA SER A 35 -4.01 8.39 13.64
C SER A 35 -3.83 8.44 12.13
N ASP A 36 -3.23 9.52 11.63
CA ASP A 36 -3.01 9.69 10.21
C ASP A 36 -2.27 8.48 9.62
N VAL A 37 -1.34 7.94 10.39
CA VAL A 37 -0.55 6.78 9.95
C VAL A 37 -1.45 5.58 9.71
N GLU A 38 -2.44 5.40 10.59
CA GLU A 38 -3.38 4.28 10.47
C GLU A 38 -4.27 4.44 9.25
N LYS A 39 -4.57 5.69 8.89
CA LYS A 39 -5.41 5.97 7.74
C LYS A 39 -4.62 5.84 6.44
N GLY A 40 -3.42 6.44 6.42
CA GLY A 40 -2.59 6.37 5.23
C GLY A 40 -2.22 4.94 4.86
N GLY A 41 -1.77 4.76 3.63
CA GLY A 41 -1.39 3.44 3.17
C GLY A 41 0.11 3.25 3.09
N LYS A 42 0.84 3.96 3.96
CA LYS A 42 2.29 3.88 3.99
C LYS A 42 2.76 2.86 5.02
N ILE A 43 4.06 2.62 5.05
CA ILE A 43 4.64 1.65 5.98
C ILE A 43 6.03 2.09 6.42
N ILE A 44 6.53 1.47 7.49
CA ILE A 44 7.86 1.79 8.01
C ILE A 44 8.79 0.59 7.91
N MET A 45 9.72 0.64 6.95
CA MET A 45 10.67 -0.44 6.75
C MET A 45 12.00 -0.14 7.45
N PRO A 46 12.82 -1.18 7.69
CA PRO A 46 14.11 -1.02 8.36
C PRO A 46 14.99 0.02 7.67
N PRO A 47 16.03 0.52 8.36
CA PRO A 47 16.94 1.52 7.82
C PRO A 47 17.80 0.98 6.68
N SER A 48 18.02 -0.34 6.68
CA SER A 48 18.82 -0.98 5.65
C SER A 48 18.22 -0.75 4.27
N ALA A 49 16.90 -0.61 4.21
CA ALA A 49 16.21 -0.39 2.95
C ALA A 49 16.53 0.99 2.39
N LEU A 50 16.75 1.95 3.27
CA LEU A 50 17.08 3.31 2.87
C LEU A 50 18.35 3.34 2.04
N ASP A 51 19.28 2.45 2.37
CA ASP A 51 20.55 2.38 1.66
C ASP A 51 20.46 1.45 0.45
N GLN A 52 19.60 0.44 0.56
CA GLN A 52 19.40 -0.53 -0.51
C GLN A 52 18.67 0.10 -1.69
N LEU A 53 17.65 0.90 -1.38
CA LEU A 53 16.87 1.57 -2.42
C LEU A 53 17.77 2.37 -3.37
N SER A 54 18.88 2.86 -2.84
CA SER A 54 19.82 3.64 -3.64
C SER A 54 20.90 2.74 -4.23
N ARG A 55 21.20 1.65 -3.54
CA ARG A 55 22.22 0.70 -3.99
C ARG A 55 21.69 -0.15 -5.15
N LEU A 56 20.37 -0.28 -5.25
CA LEU A 56 19.76 -1.06 -6.31
C LEU A 56 19.40 -0.19 -7.52
N ASN A 57 20.01 1.00 -7.59
CA ASN A 57 19.75 1.92 -8.69
C ASN A 57 18.26 2.20 -8.84
N ILE A 58 17.55 2.20 -7.72
CA ILE A 58 16.11 2.46 -7.72
C ILE A 58 15.81 3.93 -7.41
N THR A 59 14.67 4.41 -7.90
CA THR A 59 14.27 5.79 -7.68
C THR A 59 12.76 5.92 -7.63
N TYR A 60 12.27 7.13 -7.33
CA TYR A 60 10.84 7.37 -7.25
C TYR A 60 10.17 7.15 -8.62
N PRO A 61 8.98 6.52 -8.63
CA PRO A 61 8.30 6.05 -7.43
C PRO A 61 8.90 4.76 -6.89
N MET A 62 8.61 4.46 -5.63
CA MET A 62 9.13 3.25 -4.99
C MET A 62 8.00 2.46 -4.31
N LEU A 63 7.08 1.95 -5.11
CA LEU A 63 5.96 1.18 -4.59
C LEU A 63 6.33 -0.29 -4.46
N PHE A 64 5.88 -0.91 -3.37
CA PHE A 64 6.17 -2.32 -3.13
C PHE A 64 4.89 -3.15 -3.19
N LYS A 65 4.99 -4.36 -3.74
CA LYS A 65 3.85 -5.25 -3.85
C LYS A 65 3.85 -6.29 -2.74
N LEU A 66 2.92 -6.13 -1.80
CA LEU A 66 2.81 -7.05 -0.67
C LEU A 66 1.76 -8.13 -0.95
N THR A 67 2.21 -9.24 -1.54
CA THR A 67 1.32 -10.35 -1.85
C THR A 67 1.34 -11.40 -0.75
N ASN A 68 0.17 -11.67 -0.18
CA ASN A 68 0.06 -12.66 0.88
C ASN A 68 -0.04 -14.07 0.31
N LYS A 69 0.82 -14.96 0.81
CA LYS A 69 0.83 -16.34 0.35
C LYS A 69 0.06 -17.25 1.31
N ASN A 70 -0.97 -16.69 1.94
CA ASN A 70 -1.79 -17.43 2.87
C ASN A 70 -3.25 -17.47 2.41
N SER A 71 -3.75 -16.34 1.94
CA SER A 71 -5.12 -16.25 1.47
C SER A 71 -5.18 -15.71 0.03
N ASP A 72 -4.08 -15.87 -0.70
CA ASP A 72 -4.00 -15.41 -2.08
C ASP A 72 -4.37 -13.93 -2.19
N ARG A 73 -3.91 -13.13 -1.23
CA ARG A 73 -4.20 -11.71 -1.21
C ARG A 73 -3.08 -10.93 -1.88
N MET A 74 -3.39 -9.71 -2.33
CA MET A 74 -2.41 -8.85 -2.98
C MET A 74 -2.72 -7.38 -2.75
N THR A 75 -1.68 -6.60 -2.51
CA THR A 75 -1.83 -5.16 -2.27
C THR A 75 -0.54 -4.41 -2.57
N HIS A 76 -0.67 -3.17 -3.02
CA HIS A 76 0.48 -2.35 -3.35
C HIS A 76 0.56 -1.14 -2.42
N CYS A 77 1.62 -1.09 -1.62
CA CYS A 77 1.82 0.01 -0.68
C CYS A 77 3.19 0.66 -0.89
N GLY A 78 3.36 1.84 -0.28
CA GLY A 78 4.63 2.55 -0.41
C GLY A 78 5.32 2.77 0.91
N VAL A 79 6.59 3.12 0.86
CA VAL A 79 7.37 3.37 2.07
C VAL A 79 7.37 4.85 2.45
N LEU A 80 7.30 5.14 3.74
CA LEU A 80 7.29 6.51 4.21
C LEU A 80 8.49 6.77 5.13
N GLU A 81 8.55 6.03 6.24
CA GLU A 81 9.65 6.18 7.19
C GLU A 81 10.60 5.00 7.11
N PHE A 82 11.81 5.19 7.65
CA PHE A 82 12.82 4.14 7.64
C PHE A 82 13.40 3.94 9.04
N VAL A 83 12.52 3.83 10.03
CA VAL A 83 12.94 3.63 11.41
C VAL A 83 12.32 2.37 12.00
N ALA A 84 12.17 1.35 11.17
CA ALA A 84 11.59 0.09 11.61
C ALA A 84 12.68 -0.89 12.07
N ASP A 85 12.30 -1.81 12.94
CA ASP A 85 13.24 -2.80 13.45
C ASP A 85 13.81 -3.65 12.32
N GLU A 86 15.05 -4.11 12.48
CA GLU A 86 15.70 -4.93 11.48
C GLU A 86 14.91 -6.21 11.21
N GLY A 87 14.31 -6.30 10.04
CA GLY A 87 13.54 -7.47 9.68
C GLY A 87 12.06 -7.31 9.97
N ILE A 88 11.73 -6.39 10.88
CA ILE A 88 10.34 -6.14 11.23
C ILE A 88 9.80 -4.91 10.52
N CYS A 89 8.73 -5.11 9.75
CA CYS A 89 8.11 -4.02 9.00
C CYS A 89 6.75 -3.66 9.59
N TYR A 90 6.53 -2.37 9.83
CA TYR A 90 5.28 -1.89 10.38
C TYR A 90 4.30 -1.49 9.28
N LEU A 91 3.02 -1.76 9.50
CA LEU A 91 2.00 -1.43 8.52
C LEU A 91 0.70 -1.02 9.21
N PRO A 92 -0.15 -0.24 8.52
CA PRO A 92 -1.43 0.22 9.07
C PRO A 92 -2.28 -0.93 9.60
N HIS A 93 -3.50 -0.61 10.02
CA HIS A 93 -4.41 -1.62 10.56
C HIS A 93 -5.35 -2.14 9.47
N TRP A 94 -5.79 -1.24 8.60
CA TRP A 94 -6.69 -1.60 7.51
C TRP A 94 -6.04 -2.63 6.58
N MET A 95 -4.75 -2.44 6.32
CA MET A 95 -4.01 -3.35 5.45
C MET A 95 -3.90 -4.75 6.07
N MET A 96 -3.69 -4.78 7.38
CA MET A 96 -3.57 -6.05 8.10
C MET A 96 -4.87 -6.85 8.01
N GLN A 97 -5.99 -6.14 8.06
CA GLN A 97 -7.30 -6.79 7.98
C GLN A 97 -7.59 -7.24 6.55
N ASN A 98 -7.19 -6.43 5.59
CA ASN A 98 -7.41 -6.73 4.17
C ASN A 98 -6.60 -7.96 3.76
N LEU A 99 -5.36 -8.04 4.23
CA LEU A 99 -4.48 -9.16 3.90
C LEU A 99 -4.73 -10.34 4.84
N LEU A 100 -5.41 -10.08 5.95
CA LEU A 100 -5.72 -11.12 6.92
C LEU A 100 -4.43 -11.73 7.50
N LEU A 101 -3.43 -10.87 7.70
CA LEU A 101 -2.16 -11.32 8.25
C LEU A 101 -2.20 -11.36 9.78
N GLU A 102 -1.07 -11.70 10.39
CA GLU A 102 -0.98 -11.77 11.84
C GLU A 102 0.28 -11.10 12.34
N GLU A 103 0.36 -10.89 13.65
CA GLU A 103 1.53 -10.24 14.25
C GLU A 103 2.80 -11.05 13.98
N GLY A 104 3.48 -10.71 12.89
CA GLY A 104 4.70 -11.40 12.54
C GLY A 104 4.52 -12.33 11.35
N GLY A 105 3.82 -11.84 10.32
CA GLY A 105 3.58 -12.64 9.14
C GLY A 105 4.48 -12.23 7.98
N LEU A 106 5.23 -13.20 7.46
CA LEU A 106 6.14 -12.94 6.34
C LEU A 106 5.35 -12.75 5.05
N VAL A 107 5.67 -11.68 4.32
CA VAL A 107 5.01 -11.38 3.06
C VAL A 107 6.01 -11.02 1.98
N GLN A 108 5.66 -11.31 0.72
CA GLN A 108 6.54 -11.02 -0.40
C GLN A 108 6.59 -9.52 -0.68
N VAL A 109 7.77 -9.03 -1.06
CA VAL A 109 7.96 -7.62 -1.35
C VAL A 109 8.64 -7.42 -2.70
N GLU A 110 7.88 -6.95 -3.68
CA GLU A 110 8.42 -6.71 -5.02
C GLU A 110 8.10 -5.29 -5.49
N SER A 111 9.14 -4.55 -5.84
CA SER A 111 8.97 -3.18 -6.31
C SER A 111 8.58 -3.15 -7.79
N VAL A 112 7.43 -2.55 -8.09
CA VAL A 112 6.95 -2.46 -9.46
C VAL A 112 6.65 -1.01 -9.84
N ASN A 113 6.70 -0.73 -11.13
CA ASN A 113 6.43 0.62 -11.63
C ASN A 113 5.11 0.66 -12.39
N LEU A 114 4.06 1.16 -11.72
CA LEU A 114 2.75 1.26 -12.32
C LEU A 114 2.48 2.67 -12.84
N GLN A 115 1.32 2.87 -13.44
CA GLN A 115 0.94 4.17 -13.98
C GLN A 115 -0.26 4.74 -13.23
N VAL A 116 -0.57 6.00 -13.51
CA VAL A 116 -1.70 6.67 -12.87
C VAL A 116 -3.02 6.11 -13.36
N ALA A 117 -3.93 5.85 -12.43
CA ALA A 117 -5.25 5.31 -12.77
C ALA A 117 -6.13 6.39 -13.41
N THR A 118 -6.97 5.97 -14.35
CA THR A 118 -7.86 6.90 -15.04
C THR A 118 -9.32 6.62 -14.66
N TYR A 119 -9.62 5.35 -14.39
CA TYR A 119 -10.98 4.95 -14.02
C TYR A 119 -10.96 4.10 -12.76
N SER A 120 -11.47 4.66 -11.67
CA SER A 120 -11.52 3.96 -10.39
C SER A 120 -12.95 3.87 -9.86
N LYS A 121 -13.43 2.65 -9.71
CA LYS A 121 -14.80 2.43 -9.20
C LYS A 121 -14.78 1.93 -7.77
N PHE A 122 -15.58 2.57 -6.92
CA PHE A 122 -15.66 2.20 -5.51
C PHE A 122 -17.06 1.72 -5.15
N GLN A 123 -17.16 0.96 -4.07
CA GLN A 123 -18.45 0.44 -3.61
C GLN A 123 -18.52 0.44 -2.08
N PRO A 124 -19.15 1.47 -1.49
CA PRO A 124 -19.29 1.57 -0.03
C PRO A 124 -19.82 0.29 0.60
N GLN A 125 -18.95 -0.39 1.35
CA GLN A 125 -19.33 -1.64 2.00
C GLN A 125 -20.43 -1.41 3.03
N SER A 126 -20.43 -0.23 3.64
CA SER A 126 -21.42 0.12 4.64
C SER A 126 -22.32 1.26 4.14
N PRO A 127 -23.59 1.28 4.58
CA PRO A 127 -24.54 2.32 4.18
C PRO A 127 -24.23 3.68 4.81
N ASP A 128 -23.38 3.68 5.83
CA ASP A 128 -23.00 4.91 6.51
C ASP A 128 -22.44 5.93 5.53
N PHE A 129 -21.72 5.45 4.52
CA PHE A 129 -21.13 6.32 3.51
C PHE A 129 -22.19 6.82 2.53
N LEU A 130 -23.07 5.91 2.12
CA LEU A 130 -24.14 6.26 1.18
C LEU A 130 -25.04 7.34 1.77
N ASP A 131 -25.18 7.34 3.09
CA ASP A 131 -26.02 8.33 3.77
C ASP A 131 -25.46 9.72 3.60
N ILE A 132 -24.13 9.82 3.44
CA ILE A 132 -23.47 11.11 3.28
C ILE A 132 -23.95 11.81 2.01
N THR A 133 -24.19 13.11 2.11
CA THR A 133 -24.66 13.89 0.97
C THR A 133 -23.55 14.03 -0.08
N ASN A 134 -22.31 14.11 0.38
CA ASN A 134 -21.17 14.23 -0.52
C ASN A 134 -20.21 13.06 -0.36
N PRO A 135 -20.56 11.89 -0.93
CA PRO A 135 -19.72 10.69 -0.85
C PRO A 135 -18.45 10.81 -1.67
N LYS A 136 -18.51 11.61 -2.73
CA LYS A 136 -17.35 11.81 -3.60
C LYS A 136 -16.29 12.64 -2.90
N ALA A 137 -16.71 13.72 -2.26
CA ALA A 137 -15.77 14.59 -1.55
C ALA A 137 -15.09 13.85 -0.41
N VAL A 138 -15.80 12.89 0.17
CA VAL A 138 -15.26 12.10 1.28
C VAL A 138 -14.31 11.02 0.77
N LEU A 139 -14.58 10.52 -0.43
CA LEU A 139 -13.75 9.48 -1.02
C LEU A 139 -12.55 10.09 -1.74
N GLU A 140 -12.75 11.27 -2.34
CA GLU A 140 -11.68 11.95 -3.05
C GLU A 140 -10.64 12.50 -2.08
N ASN A 141 -11.08 12.85 -0.88
CA ASN A 141 -10.19 13.38 0.14
C ASN A 141 -9.30 12.28 0.72
N ALA A 142 -9.83 11.07 0.76
CA ALA A 142 -9.09 9.93 1.30
C ALA A 142 -8.00 9.49 0.33
N LEU A 143 -8.26 9.66 -0.97
CA LEU A 143 -7.30 9.27 -2.00
C LEU A 143 -5.98 10.03 -1.82
N ARG A 144 -6.06 11.24 -1.29
CA ARG A 144 -4.88 12.06 -1.06
C ARG A 144 -3.93 11.38 -0.07
N ASN A 145 -4.49 10.55 0.81
CA ASN A 145 -3.69 9.85 1.80
C ASN A 145 -3.33 8.44 1.32
N PHE A 146 -3.27 8.27 0.01
CA PHE A 146 -2.93 6.97 -0.58
C PHE A 146 -1.94 7.14 -1.72
N ALA A 147 -1.13 6.09 -1.95
CA ALA A 147 -0.14 6.11 -3.02
C ALA A 147 -0.51 5.15 -4.14
N CYS A 148 -1.13 4.04 -3.78
CA CYS A 148 -1.54 3.04 -4.76
C CYS A 148 -2.88 2.43 -4.40
N LEU A 149 -3.55 1.86 -5.39
CA LEU A 149 -4.85 1.24 -5.17
C LEU A 149 -4.97 -0.07 -5.95
N THR A 150 -5.53 -1.09 -5.29
CA THR A 150 -5.70 -2.40 -5.92
C THR A 150 -7.17 -2.76 -6.03
N THR A 151 -7.51 -3.53 -7.06
CA THR A 151 -8.88 -3.96 -7.28
C THR A 151 -9.33 -4.95 -6.23
N GLY A 152 -10.15 -4.48 -5.29
CA GLY A 152 -10.62 -5.35 -4.22
C GLY A 152 -9.95 -5.07 -2.90
N ASP A 153 -9.61 -3.80 -2.66
CA ASP A 153 -8.96 -3.41 -1.41
C ASP A 153 -9.94 -2.68 -0.50
N VAL A 154 -10.28 -3.32 0.62
CA VAL A 154 -11.20 -2.73 1.58
C VAL A 154 -10.50 -1.70 2.46
N ILE A 155 -10.32 -0.50 1.93
CA ILE A 155 -9.66 0.58 2.66
C ILE A 155 -10.47 0.98 3.90
N ALA A 156 -9.80 1.60 4.85
CA ALA A 156 -10.44 2.04 6.08
C ALA A 156 -10.23 3.52 6.32
N ILE A 157 -11.18 4.34 5.85
CA ILE A 157 -11.10 5.79 6.00
C ILE A 157 -11.66 6.23 7.34
N ASN A 158 -11.16 7.35 7.85
CA ASN A 158 -11.61 7.89 9.13
C ASN A 158 -11.40 9.40 9.20
N TYR A 159 -12.35 10.10 9.78
CA TYR A 159 -12.28 11.56 9.91
C TYR A 159 -13.23 12.07 10.98
N ASN A 160 -14.47 11.59 10.93
CA ASN A 160 -15.49 12.00 11.90
C ASN A 160 -15.55 11.03 13.07
N GLU A 161 -14.39 10.66 13.59
CA GLU A 161 -14.32 9.73 14.71
C GLU A 161 -15.05 8.42 14.40
N LYS A 162 -15.09 8.06 13.13
CA LYS A 162 -15.75 6.84 12.69
C LYS A 162 -15.08 6.25 11.47
N ILE A 163 -14.63 5.01 11.58
CA ILE A 163 -13.96 4.33 10.47
C ILE A 163 -14.97 3.67 9.53
N TYR A 164 -15.13 4.25 8.35
CA TYR A 164 -16.07 3.73 7.35
C TYR A 164 -15.47 2.54 6.62
N GLU A 165 -16.28 1.90 5.79
CA GLU A 165 -15.83 0.74 5.01
C GLU A 165 -16.05 0.96 3.53
N LEU A 166 -14.95 1.13 2.80
CA LEU A 166 -15.02 1.34 1.35
C LEU A 166 -14.10 0.37 0.61
N ARG A 167 -14.70 -0.48 -0.22
CA ARG A 167 -13.95 -1.45 -0.99
C ARG A 167 -13.97 -1.11 -2.48
N VAL A 168 -12.79 -1.16 -3.11
CA VAL A 168 -12.67 -0.85 -4.52
C VAL A 168 -13.29 -1.96 -5.38
N MET A 169 -14.19 -1.59 -6.27
CA MET A 169 -14.85 -2.55 -7.15
C MET A 169 -14.01 -2.82 -8.39
N GLU A 170 -13.66 -1.75 -9.10
CA GLU A 170 -12.85 -1.87 -10.31
C GLU A 170 -11.87 -0.72 -10.44
N THR A 171 -10.82 -0.93 -11.24
CA THR A 171 -9.80 0.09 -11.45
C THR A 171 -9.05 -0.14 -12.75
N LYS A 172 -8.63 0.94 -13.40
CA LYS A 172 -7.90 0.83 -14.66
C LYS A 172 -6.62 1.67 -14.61
N PRO A 173 -5.64 1.37 -15.49
CA PRO A 173 -5.76 0.30 -16.48
C PRO A 173 -5.58 -1.08 -15.86
N ASP A 174 -4.61 -1.19 -14.95
CA ASP A 174 -4.33 -2.46 -14.29
C ASP A 174 -4.82 -2.43 -12.84
N LYS A 175 -4.76 -3.57 -12.18
CA LYS A 175 -5.21 -3.68 -10.79
C LYS A 175 -4.44 -2.72 -9.90
N ALA A 176 -3.11 -2.72 -10.03
CA ALA A 176 -2.27 -1.83 -9.23
C ALA A 176 -1.98 -0.54 -9.98
N VAL A 177 -2.54 0.56 -9.48
CA VAL A 177 -2.34 1.87 -10.10
C VAL A 177 -1.66 2.84 -9.14
N SER A 178 -0.66 3.54 -9.63
CA SER A 178 0.07 4.50 -8.82
C SER A 178 -0.57 5.89 -8.90
N ILE A 179 -1.34 6.23 -7.89
CA ILE A 179 -2.01 7.53 -7.85
C ILE A 179 -1.20 8.55 -7.07
N ILE A 180 -0.29 9.22 -7.77
CA ILE A 180 0.56 10.23 -7.15
C ILE A 180 0.33 11.60 -7.77
N GLU A 181 -0.69 12.31 -7.27
CA GLU A 181 -1.01 13.64 -7.78
C GLU A 181 -1.39 13.58 -9.26
N CYS A 182 -2.60 13.09 -9.54
CA CYS A 182 -3.08 12.97 -10.91
C CYS A 182 -4.60 13.03 -10.95
N ASP A 183 -5.14 13.47 -12.09
CA ASP A 183 -6.58 13.57 -12.27
C ASP A 183 -7.15 12.31 -12.92
N MET A 184 -8.19 11.76 -12.31
CA MET A 184 -8.82 10.55 -12.83
C MET A 184 -10.34 10.62 -12.70
N ASN A 185 -11.02 9.58 -13.16
CA ASN A 185 -12.47 9.53 -13.10
C ASN A 185 -12.94 8.52 -12.05
N VAL A 186 -13.55 9.03 -10.98
CA VAL A 186 -14.03 8.18 -9.91
C VAL A 186 -15.50 7.80 -10.12
N ASP A 187 -15.78 6.50 -10.08
CA ASP A 187 -17.14 6.01 -10.27
C ASP A 187 -17.64 5.29 -9.03
N PHE A 188 -18.93 4.96 -9.03
CA PHE A 188 -19.54 4.27 -7.90
C PHE A 188 -20.41 3.11 -8.37
N ASP A 189 -20.38 2.00 -7.63
CA ASP A 189 -21.16 0.83 -7.97
C ASP A 189 -22.27 0.59 -6.95
N ALA A 190 -23.39 1.29 -7.12
CA ALA A 190 -24.53 1.17 -6.22
C ALA A 190 -25.28 -0.13 -6.48
N GLY A 1 50.35 4.56 -17.61
CA GLY A 1 50.20 4.06 -19.01
C GLY A 1 49.30 2.85 -19.09
N SER A 2 48.05 3.00 -18.66
CA SER A 2 47.08 1.92 -18.69
C SER A 2 45.69 2.42 -19.05
N SER A 3 45.09 3.16 -18.13
CA SER A 3 43.75 3.71 -18.34
C SER A 3 42.74 2.60 -18.60
N GLY A 4 41.97 2.27 -17.57
CA GLY A 4 40.97 1.23 -17.71
C GLY A 4 40.63 0.57 -16.38
N SER A 5 39.34 0.40 -16.11
CA SER A 5 38.89 -0.21 -14.87
C SER A 5 39.18 -1.70 -14.87
N SER A 6 38.79 -2.38 -15.94
CA SER A 6 39.00 -3.82 -16.07
C SER A 6 38.27 -4.58 -14.98
N GLY A 7 37.36 -5.46 -15.38
CA GLY A 7 36.60 -6.23 -14.42
C GLY A 7 35.51 -7.07 -15.08
N ILE A 8 34.82 -7.87 -14.28
CA ILE A 8 33.75 -8.72 -14.79
C ILE A 8 32.59 -7.88 -15.33
N PRO A 9 31.79 -8.43 -16.25
CA PRO A 9 30.66 -7.72 -16.84
C PRO A 9 29.47 -7.61 -15.88
N ARG A 10 29.71 -6.98 -14.73
CA ARG A 10 28.67 -6.79 -13.72
C ARG A 10 27.92 -8.10 -13.45
N VAL A 11 26.81 -8.01 -12.72
CA VAL A 11 26.01 -9.18 -12.40
C VAL A 11 24.53 -8.92 -12.66
N PHE A 12 23.71 -9.94 -12.47
CA PHE A 12 22.27 -9.83 -12.69
C PHE A 12 21.52 -9.78 -11.35
N GLN A 13 22.13 -9.13 -10.36
CA GLN A 13 21.51 -9.01 -9.05
C GLN A 13 21.08 -7.58 -8.78
N ASN A 14 19.78 -7.33 -8.90
CA ASN A 14 19.24 -5.99 -8.67
C ASN A 14 17.79 -6.06 -8.21
N ARG A 15 17.13 -4.91 -8.17
CA ARG A 15 15.74 -4.84 -7.75
C ARG A 15 15.58 -5.33 -6.31
N PHE A 16 14.41 -5.05 -5.72
CA PHE A 16 14.15 -5.47 -4.35
C PHE A 16 13.25 -6.69 -4.32
N SER A 17 13.67 -7.72 -3.58
CA SER A 17 12.91 -8.95 -3.47
C SER A 17 13.33 -9.74 -2.23
N THR A 18 12.41 -9.85 -1.26
CA THR A 18 12.69 -10.57 -0.04
C THR A 18 11.45 -10.60 0.87
N GLN A 19 11.43 -11.56 1.79
CA GLN A 19 10.31 -11.70 2.71
C GLN A 19 10.60 -10.99 4.04
N TYR A 20 9.75 -10.05 4.40
CA TYR A 20 9.91 -9.30 5.64
C TYR A 20 8.76 -9.58 6.60
N ARG A 21 9.06 -9.56 7.90
CA ARG A 21 8.05 -9.81 8.92
C ARG A 21 7.13 -8.60 9.09
N CYS A 22 5.82 -8.85 9.04
CA CYS A 22 4.84 -7.78 9.18
C CYS A 22 4.30 -7.73 10.61
N PHE A 23 4.25 -6.53 11.17
CA PHE A 23 3.75 -6.33 12.53
C PHE A 23 2.82 -5.13 12.61
N SER A 24 2.28 -4.88 13.80
CA SER A 24 1.37 -3.76 14.01
C SER A 24 2.10 -2.58 14.66
N VAL A 25 1.71 -1.37 14.29
CA VAL A 25 2.32 -0.16 14.84
C VAL A 25 2.19 -0.13 16.36
N SER A 26 1.17 -0.80 16.88
CA SER A 26 0.95 -0.84 18.33
C SER A 26 2.17 -1.38 19.05
N MET A 27 2.92 -2.25 18.39
CA MET A 27 4.11 -2.85 18.97
C MET A 27 5.24 -1.82 19.09
N LEU A 28 5.25 -0.86 18.16
CA LEU A 28 6.27 0.18 18.15
C LEU A 28 6.26 0.97 19.45
N ALA A 29 7.05 0.53 20.41
CA ALA A 29 7.12 1.18 21.72
C ALA A 29 5.80 1.09 22.47
N GLY A 30 4.83 1.90 22.06
CA GLY A 30 3.53 1.88 22.71
C GLY A 30 2.40 1.65 21.72
N PRO A 31 1.16 1.50 22.22
CA PRO A 31 0.00 1.26 21.36
C PRO A 31 -0.38 2.51 20.56
N ASN A 32 -0.25 3.67 21.18
CA ASN A 32 -0.59 4.92 20.52
C ASN A 32 0.67 5.71 20.19
N ASP A 33 0.78 6.16 18.94
CA ASP A 33 1.93 6.92 18.49
C ASP A 33 1.57 7.79 17.29
N ARG A 34 1.32 7.14 16.15
CA ARG A 34 0.96 7.85 14.93
C ARG A 34 -0.50 7.61 14.56
N SER A 35 -1.09 8.55 13.82
CA SER A 35 -2.47 8.42 13.40
C SER A 35 -2.61 8.66 11.89
N ASP A 36 -1.55 8.34 11.16
CA ASP A 36 -1.55 8.51 9.71
C ASP A 36 -1.39 7.16 9.00
N VAL A 37 -0.58 6.28 9.57
CA VAL A 37 -0.35 4.97 8.99
C VAL A 37 -1.65 4.21 8.80
N GLU A 38 -2.54 4.32 9.79
CA GLU A 38 -3.83 3.64 9.74
C GLU A 38 -4.80 4.37 8.82
N LYS A 39 -4.66 5.69 8.75
CA LYS A 39 -5.52 6.52 7.91
C LYS A 39 -5.09 6.43 6.45
N GLY A 40 -3.80 6.25 6.22
CA GLY A 40 -3.29 6.15 4.86
C GLY A 40 -2.78 4.76 4.53
N GLY A 41 -2.27 4.60 3.31
CA GLY A 41 -1.76 3.31 2.89
C GLY A 41 -0.24 3.27 2.83
N LYS A 42 0.40 3.65 3.93
CA LYS A 42 1.86 3.66 4.00
C LYS A 42 2.36 2.64 5.02
N ILE A 43 3.65 2.34 4.95
CA ILE A 43 4.25 1.38 5.87
C ILE A 43 5.56 1.91 6.45
N ILE A 44 6.14 1.17 7.38
CA ILE A 44 7.39 1.57 8.01
C ILE A 44 8.44 0.47 7.90
N MET A 45 9.33 0.61 6.92
CA MET A 45 10.39 -0.37 6.69
C MET A 45 11.70 0.11 7.32
N PRO A 46 12.60 -0.84 7.65
CA PRO A 46 13.90 -0.50 8.26
C PRO A 46 14.73 0.41 7.37
N PRO A 47 15.65 1.19 7.97
CA PRO A 47 16.51 2.12 7.24
C PRO A 47 17.21 1.45 6.06
N SER A 48 17.41 0.14 6.15
CA SER A 48 18.07 -0.61 5.09
C SER A 48 17.30 -0.47 3.77
N ALA A 49 15.99 -0.32 3.87
CA ALA A 49 15.14 -0.18 2.69
C ALA A 49 15.41 1.13 1.97
N LEU A 50 15.79 2.15 2.74
CA LEU A 50 16.08 3.46 2.17
C LEU A 50 17.41 3.47 1.44
N ASP A 51 18.33 2.63 1.89
CA ASP A 51 19.66 2.54 1.28
C ASP A 51 19.65 1.54 0.13
N GLN A 52 18.85 0.48 0.27
CA GLN A 52 18.75 -0.54 -0.76
C GLN A 52 17.94 -0.05 -1.95
N LEU A 53 16.88 0.71 -1.67
CA LEU A 53 16.02 1.24 -2.72
C LEU A 53 16.82 2.12 -3.67
N SER A 54 17.83 2.81 -3.15
CA SER A 54 18.66 3.69 -3.95
C SER A 54 19.81 2.91 -4.59
N ARG A 55 20.25 1.87 -3.91
CA ARG A 55 21.35 1.04 -4.41
C ARG A 55 20.91 0.21 -5.61
N LEU A 56 19.60 -0.01 -5.72
CA LEU A 56 19.06 -0.80 -6.82
C LEU A 56 18.63 0.09 -7.98
N ASN A 57 19.14 1.32 -8.01
CA ASN A 57 18.80 2.26 -9.07
C ASN A 57 17.29 2.46 -9.18
N ILE A 58 16.60 2.31 -8.05
CA ILE A 58 15.15 2.47 -8.02
C ILE A 58 14.76 3.86 -7.52
N THR A 59 14.03 4.59 -8.36
CA THR A 59 13.60 5.94 -8.01
C THR A 59 12.08 5.97 -7.77
N TYR A 60 11.61 7.09 -7.22
CA TYR A 60 10.19 7.24 -6.93
C TYR A 60 9.37 7.15 -8.23
N PRO A 61 8.15 6.57 -8.15
CA PRO A 61 7.58 6.02 -6.92
C PRO A 61 8.19 4.68 -6.55
N MET A 62 8.09 4.32 -5.27
CA MET A 62 8.63 3.06 -4.77
C MET A 62 7.54 2.23 -4.09
N LEU A 63 6.65 1.66 -4.90
CA LEU A 63 5.56 0.84 -4.38
C LEU A 63 5.97 -0.63 -4.30
N PHE A 64 5.66 -1.26 -3.18
CA PHE A 64 6.00 -2.67 -2.99
C PHE A 64 4.76 -3.55 -3.18
N LYS A 65 4.96 -4.71 -3.81
CA LYS A 65 3.87 -5.65 -4.05
C LYS A 65 3.79 -6.70 -2.95
N LEU A 66 2.91 -6.47 -1.98
CA LEU A 66 2.74 -7.41 -0.86
C LEU A 66 1.94 -8.63 -1.30
N THR A 67 2.60 -9.53 -2.02
CA THR A 67 1.95 -10.75 -2.50
C THR A 67 1.94 -11.82 -1.41
N ASN A 68 0.84 -11.91 -0.67
CA ASN A 68 0.71 -12.89 0.39
C ASN A 68 0.46 -14.28 -0.18
N LYS A 69 1.25 -15.25 0.29
CA LYS A 69 1.11 -16.62 -0.18
C LYS A 69 0.30 -17.46 0.80
N ASN A 70 -0.71 -16.83 1.40
CA ASN A 70 -1.57 -17.51 2.36
C ASN A 70 -2.98 -17.67 1.80
N SER A 71 -3.43 -16.68 1.05
CA SER A 71 -4.76 -16.71 0.45
C SER A 71 -4.80 -15.91 -0.84
N ASP A 72 -3.67 -15.84 -1.53
CA ASP A 72 -3.58 -15.10 -2.79
C ASP A 72 -3.94 -13.63 -2.58
N ARG A 73 -3.56 -13.09 -1.43
CA ARG A 73 -3.84 -11.69 -1.11
C ARG A 73 -2.82 -10.77 -1.75
N MET A 74 -3.28 -9.61 -2.20
CA MET A 74 -2.40 -8.63 -2.83
C MET A 74 -2.82 -7.21 -2.48
N THR A 75 -1.84 -6.37 -2.14
CA THR A 75 -2.10 -4.99 -1.78
C THR A 75 -0.85 -4.13 -1.91
N HIS A 76 -0.70 -3.48 -3.06
CA HIS A 76 0.46 -2.64 -3.30
C HIS A 76 0.49 -1.46 -2.33
N CYS A 77 1.52 -1.43 -1.49
CA CYS A 77 1.68 -0.35 -0.52
C CYS A 77 3.00 0.38 -0.71
N GLY A 78 3.03 1.65 -0.35
CA GLY A 78 4.24 2.44 -0.48
C GLY A 78 4.88 2.77 0.85
N VAL A 79 6.20 2.68 0.92
CA VAL A 79 6.93 2.98 2.15
C VAL A 79 6.94 4.46 2.44
N LEU A 80 6.91 4.81 3.72
CA LEU A 80 6.92 6.21 4.14
C LEU A 80 7.98 6.46 5.21
N GLU A 81 7.88 5.71 6.31
CA GLU A 81 8.83 5.86 7.40
C GLU A 81 10.00 4.89 7.24
N PHE A 82 11.20 5.35 7.62
CA PHE A 82 12.39 4.53 7.50
C PHE A 82 13.15 4.50 8.83
N VAL A 83 12.46 4.09 9.89
CA VAL A 83 13.07 4.01 11.21
C VAL A 83 12.66 2.73 11.92
N ALA A 84 12.51 1.65 11.17
CA ALA A 84 12.13 0.36 11.73
C ALA A 84 13.35 -0.52 11.97
N ASP A 85 13.19 -1.54 12.80
CA ASP A 85 14.27 -2.46 13.12
C ASP A 85 14.56 -3.39 11.95
N GLU A 86 15.79 -3.90 11.89
CA GLU A 86 16.19 -4.80 10.82
C GLU A 86 15.39 -6.10 10.88
N GLY A 87 14.78 -6.47 9.76
CA GLY A 87 14.00 -7.69 9.70
C GLY A 87 12.67 -7.55 10.41
N ILE A 88 12.14 -6.33 10.46
CA ILE A 88 10.86 -6.08 11.11
C ILE A 88 10.13 -4.92 10.45
N CYS A 89 9.18 -5.26 9.58
CA CYS A 89 8.40 -4.25 8.87
C CYS A 89 7.03 -4.07 9.51
N TYR A 90 6.63 -2.81 9.70
CA TYR A 90 5.35 -2.49 10.30
C TYR A 90 4.32 -2.11 9.24
N LEU A 91 3.05 -2.37 9.53
CA LEU A 91 1.98 -2.05 8.59
C LEU A 91 0.72 -1.63 9.34
N PRO A 92 -0.16 -0.85 8.68
CA PRO A 92 -1.40 -0.38 9.29
C PRO A 92 -2.22 -1.51 9.88
N HIS A 93 -3.41 -1.17 10.38
CA HIS A 93 -4.30 -2.17 10.98
C HIS A 93 -5.19 -2.82 9.93
N TRP A 94 -5.84 -1.98 9.13
CA TRP A 94 -6.73 -2.47 8.08
C TRP A 94 -5.95 -3.30 7.06
N MET A 95 -4.73 -2.88 6.76
CA MET A 95 -3.88 -3.57 5.81
C MET A 95 -3.55 -4.98 6.31
N MET A 96 -3.32 -5.10 7.60
CA MET A 96 -2.99 -6.39 8.21
C MET A 96 -4.18 -7.34 8.14
N GLN A 97 -5.35 -6.84 8.52
CA GLN A 97 -6.57 -7.64 8.51
C GLN A 97 -6.94 -8.04 7.08
N ASN A 98 -6.74 -7.12 6.15
CA ASN A 98 -7.04 -7.38 4.75
C ASN A 98 -6.25 -8.56 4.21
N LEU A 99 -5.05 -8.75 4.76
CA LEU A 99 -4.19 -9.86 4.34
C LEU A 99 -4.28 -11.03 5.32
N LEU A 100 -4.85 -10.78 6.50
CA LEU A 100 -5.00 -11.82 7.51
C LEU A 100 -3.63 -12.35 7.94
N LEU A 101 -2.67 -11.45 8.10
CA LEU A 101 -1.33 -11.84 8.51
C LEU A 101 -1.26 -12.08 10.02
N GLU A 102 -0.26 -12.83 10.45
CA GLU A 102 -0.08 -13.13 11.87
C GLU A 102 1.14 -12.43 12.44
N GLU A 103 1.41 -12.65 13.72
CA GLU A 103 2.56 -12.04 14.38
C GLU A 103 3.87 -12.54 13.77
N GLY A 104 4.51 -11.68 12.99
CA GLY A 104 5.78 -12.05 12.37
C GLY A 104 5.57 -12.77 11.05
N GLY A 105 4.53 -12.39 10.32
CA GLY A 105 4.25 -13.00 9.04
C GLY A 105 5.16 -12.49 7.93
N LEU A 106 5.66 -13.41 7.11
CA LEU A 106 6.55 -13.04 6.01
C LEU A 106 5.74 -12.73 4.76
N VAL A 107 6.01 -11.58 4.15
CA VAL A 107 5.30 -11.16 2.94
C VAL A 107 6.29 -10.78 1.84
N GLN A 108 5.91 -11.03 0.59
CA GLN A 108 6.76 -10.71 -0.54
C GLN A 108 6.87 -9.20 -0.74
N VAL A 109 8.08 -8.71 -0.84
CA VAL A 109 8.33 -7.28 -1.03
C VAL A 109 9.07 -7.01 -2.33
N GLU A 110 8.33 -6.63 -3.37
CA GLU A 110 8.93 -6.35 -4.67
C GLU A 110 8.57 -4.94 -5.13
N SER A 111 9.58 -4.17 -5.51
CA SER A 111 9.38 -2.81 -5.98
C SER A 111 9.13 -2.77 -7.48
N VAL A 112 7.86 -2.65 -7.87
CA VAL A 112 7.49 -2.61 -9.28
C VAL A 112 7.16 -1.19 -9.72
N ASN A 113 7.17 -0.96 -11.03
CA ASN A 113 6.87 0.35 -11.57
C ASN A 113 5.41 0.44 -12.02
N LEU A 114 4.66 1.32 -11.37
CA LEU A 114 3.25 1.50 -11.69
C LEU A 114 2.99 2.90 -12.24
N GLN A 115 1.78 3.12 -12.74
CA GLN A 115 1.41 4.42 -13.29
C GLN A 115 0.11 4.93 -12.66
N VAL A 116 -0.16 6.22 -12.85
CA VAL A 116 -1.37 6.82 -12.30
C VAL A 116 -2.62 6.20 -12.90
N ALA A 117 -3.63 5.99 -12.06
CA ALA A 117 -4.88 5.40 -12.50
C ALA A 117 -5.73 6.42 -13.27
N THR A 118 -6.50 5.93 -14.24
CA THR A 118 -7.35 6.79 -15.05
C THR A 118 -8.82 6.65 -14.64
N TYR A 119 -9.20 5.43 -14.28
CA TYR A 119 -10.57 5.16 -13.87
C TYR A 119 -10.60 4.45 -12.52
N SER A 120 -11.05 5.15 -11.49
CA SER A 120 -11.14 4.59 -10.15
C SER A 120 -12.58 4.34 -9.74
N LYS A 121 -12.87 3.12 -9.32
CA LYS A 121 -14.23 2.76 -8.91
C LYS A 121 -14.22 2.18 -7.49
N PHE A 122 -15.15 2.66 -6.66
CA PHE A 122 -15.26 2.19 -5.28
C PHE A 122 -16.68 1.73 -4.98
N GLN A 123 -16.81 0.90 -3.93
CA GLN A 123 -18.12 0.39 -3.53
C GLN A 123 -18.26 0.43 -2.01
N PRO A 124 -18.88 1.50 -1.48
CA PRO A 124 -19.09 1.66 -0.03
C PRO A 124 -19.70 0.42 0.60
N GLN A 125 -18.89 -0.32 1.36
CA GLN A 125 -19.35 -1.53 2.02
C GLN A 125 -20.49 -1.23 2.97
N SER A 126 -20.50 -0.04 3.54
CA SER A 126 -21.55 0.38 4.47
C SER A 126 -22.39 1.49 3.88
N PRO A 127 -23.69 1.52 4.20
CA PRO A 127 -24.62 2.55 3.70
C PRO A 127 -24.38 3.92 4.34
N ASP A 128 -23.66 3.92 5.46
CA ASP A 128 -23.37 5.16 6.18
C ASP A 128 -22.70 6.17 5.25
N PHE A 129 -21.76 5.70 4.44
CA PHE A 129 -21.05 6.57 3.51
C PHE A 129 -22.01 7.24 2.53
N LEU A 130 -22.98 6.46 2.05
CA LEU A 130 -23.98 6.97 1.11
C LEU A 130 -24.80 8.10 1.74
N ASP A 131 -24.95 8.04 3.06
CA ASP A 131 -25.71 9.06 3.78
C ASP A 131 -25.10 10.44 3.59
N ILE A 132 -23.82 10.48 3.29
CA ILE A 132 -23.12 11.74 3.07
C ILE A 132 -23.69 12.49 1.87
N THR A 133 -23.88 13.81 2.04
CA THR A 133 -24.42 14.63 0.97
C THR A 133 -23.55 14.56 -0.27
N ASN A 134 -22.23 14.56 -0.08
CA ASN A 134 -21.30 14.50 -1.19
C ASN A 134 -20.24 13.43 -0.94
N PRO A 135 -20.51 12.17 -1.32
CA PRO A 135 -19.57 11.06 -1.14
C PRO A 135 -18.36 11.17 -2.04
N LYS A 136 -18.55 11.81 -3.19
CA LYS A 136 -17.47 11.98 -4.17
C LYS A 136 -16.34 12.83 -3.58
N ALA A 137 -16.70 13.75 -2.70
CA ALA A 137 -15.73 14.62 -2.06
C ALA A 137 -14.99 13.90 -0.93
N VAL A 138 -15.69 12.99 -0.26
CA VAL A 138 -15.11 12.22 0.83
C VAL A 138 -14.32 11.03 0.30
N LEU A 139 -14.76 10.48 -0.82
CA LEU A 139 -14.11 9.33 -1.42
C LEU A 139 -12.81 9.74 -2.11
N GLU A 140 -12.76 10.97 -2.60
CA GLU A 140 -11.57 11.48 -3.27
C GLU A 140 -10.58 12.06 -2.26
N ASN A 141 -11.10 12.74 -1.25
CA ASN A 141 -10.26 13.35 -0.22
C ASN A 141 -9.53 12.28 0.58
N ALA A 142 -10.08 11.07 0.61
CA ALA A 142 -9.48 9.97 1.34
C ALA A 142 -8.26 9.41 0.61
N LEU A 143 -8.30 9.45 -0.72
CA LEU A 143 -7.20 8.95 -1.54
C LEU A 143 -5.94 9.77 -1.31
N ARG A 144 -6.10 11.01 -0.85
CA ARG A 144 -4.97 11.89 -0.60
C ARG A 144 -3.95 11.23 0.32
N ASN A 145 -4.42 10.34 1.19
CA ASN A 145 -3.55 9.64 2.12
C ASN A 145 -2.97 8.38 1.48
N PHE A 146 -3.73 7.79 0.57
CA PHE A 146 -3.29 6.58 -0.12
C PHE A 146 -2.48 6.91 -1.37
N ALA A 147 -1.43 6.13 -1.60
CA ALA A 147 -0.57 6.35 -2.76
C ALA A 147 -0.86 5.32 -3.85
N CYS A 148 -1.27 4.13 -3.44
CA CYS A 148 -1.58 3.06 -4.38
C CYS A 148 -2.93 2.43 -4.06
N LEU A 149 -3.48 1.69 -5.02
CA LEU A 149 -4.76 1.03 -4.85
C LEU A 149 -4.76 -0.35 -5.49
N THR A 150 -5.75 -1.17 -5.13
CA THR A 150 -5.86 -2.52 -5.66
C THR A 150 -7.31 -2.96 -5.75
N THR A 151 -7.72 -3.44 -6.92
CA THR A 151 -9.09 -3.88 -7.13
C THR A 151 -9.45 -5.02 -6.18
N GLY A 152 -10.32 -4.72 -5.22
CA GLY A 152 -10.73 -5.73 -4.24
C GLY A 152 -9.97 -5.62 -2.94
N ASP A 153 -9.96 -4.41 -2.37
CA ASP A 153 -9.26 -4.18 -1.11
C ASP A 153 -10.09 -3.28 -0.19
N VAL A 154 -10.25 -3.71 1.05
CA VAL A 154 -11.02 -2.95 2.03
C VAL A 154 -10.18 -1.84 2.64
N ILE A 155 -10.47 -0.60 2.24
CA ILE A 155 -9.74 0.56 2.75
C ILE A 155 -10.57 1.33 3.77
N ALA A 156 -10.22 1.20 5.04
CA ALA A 156 -10.94 1.90 6.11
C ALA A 156 -10.47 3.34 6.24
N ILE A 157 -11.42 4.27 6.20
CA ILE A 157 -11.10 5.69 6.31
C ILE A 157 -11.77 6.30 7.54
N ASN A 158 -11.11 7.29 8.12
CA ASN A 158 -11.64 7.97 9.31
C ASN A 158 -11.25 9.44 9.31
N TYR A 159 -12.22 10.31 9.62
CA TYR A 159 -11.99 11.74 9.65
C TYR A 159 -12.89 12.42 10.68
N ASN A 160 -14.17 12.09 10.63
CA ASN A 160 -15.15 12.66 11.55
C ASN A 160 -15.46 11.69 12.69
N GLU A 161 -14.41 11.09 13.24
CA GLU A 161 -14.57 10.15 14.34
C GLU A 161 -15.44 8.96 13.93
N LYS A 162 -15.39 8.63 12.64
CA LYS A 162 -16.18 7.51 12.12
C LYS A 162 -15.39 6.74 11.07
N ILE A 163 -15.11 5.48 11.37
CA ILE A 163 -14.36 4.62 10.45
C ILE A 163 -15.26 4.05 9.38
N TYR A 164 -15.44 4.81 8.29
CA TYR A 164 -16.28 4.38 7.19
C TYR A 164 -15.67 3.17 6.48
N GLU A 165 -16.51 2.42 5.76
CA GLU A 165 -16.05 1.23 5.04
C GLU A 165 -16.13 1.45 3.53
N LEU A 166 -15.08 1.04 2.83
CA LEU A 166 -15.03 1.20 1.38
C LEU A 166 -14.30 0.02 0.73
N ARG A 167 -14.62 -0.25 -0.53
CA ARG A 167 -13.99 -1.35 -1.25
C ARG A 167 -13.80 -0.98 -2.72
N VAL A 168 -12.56 -1.09 -3.20
CA VAL A 168 -12.24 -0.77 -4.58
C VAL A 168 -12.85 -1.79 -5.54
N MET A 169 -13.93 -1.40 -6.20
CA MET A 169 -14.61 -2.28 -7.15
C MET A 169 -13.73 -2.56 -8.36
N GLU A 170 -13.22 -1.51 -8.98
CA GLU A 170 -12.37 -1.64 -10.15
C GLU A 170 -11.40 -0.47 -10.25
N THR A 171 -10.37 -0.64 -11.08
CA THR A 171 -9.36 0.40 -11.26
C THR A 171 -8.60 0.19 -12.57
N LYS A 172 -8.28 1.29 -13.25
CA LYS A 172 -7.55 1.22 -14.51
C LYS A 172 -6.21 1.95 -14.40
N PRO A 173 -5.24 1.61 -15.28
CA PRO A 173 -5.41 0.58 -16.31
C PRO A 173 -5.35 -0.83 -15.74
N ASP A 174 -4.64 -0.99 -14.63
CA ASP A 174 -4.50 -2.29 -13.98
C ASP A 174 -4.92 -2.22 -12.52
N LYS A 175 -4.96 -3.37 -11.86
CA LYS A 175 -5.36 -3.44 -10.46
C LYS A 175 -4.46 -2.55 -9.59
N ALA A 176 -3.16 -2.63 -9.83
CA ALA A 176 -2.20 -1.84 -9.07
C ALA A 176 -1.90 -0.52 -9.78
N VAL A 177 -2.35 0.58 -9.18
CA VAL A 177 -2.13 1.91 -9.76
C VAL A 177 -1.52 2.85 -8.74
N SER A 178 -0.58 3.68 -9.19
CA SER A 178 0.07 4.64 -8.32
C SER A 178 -0.58 6.03 -8.43
N ILE A 179 -1.61 6.26 -7.63
CA ILE A 179 -2.31 7.53 -7.65
C ILE A 179 -1.61 8.56 -6.77
N ILE A 180 -0.59 9.21 -7.33
CA ILE A 180 0.17 10.22 -6.60
C ILE A 180 0.06 11.58 -7.27
N GLU A 181 -0.95 12.34 -6.88
CA GLU A 181 -1.17 13.68 -7.45
C GLU A 181 -1.42 13.59 -8.95
N CYS A 182 -2.68 13.41 -9.33
CA CYS A 182 -3.04 13.32 -10.75
C CYS A 182 -4.55 13.52 -10.93
N ASP A 183 -4.97 13.58 -12.18
CA ASP A 183 -6.39 13.77 -12.50
C ASP A 183 -6.95 12.54 -13.20
N MET A 184 -7.96 11.92 -12.59
CA MET A 184 -8.59 10.74 -13.16
C MET A 184 -10.11 10.83 -13.07
N ASN A 185 -10.79 9.86 -13.68
CA ASN A 185 -12.26 9.84 -13.67
C ASN A 185 -12.77 8.79 -12.70
N VAL A 186 -13.14 9.21 -11.49
CA VAL A 186 -13.65 8.31 -10.48
C VAL A 186 -15.13 8.01 -10.70
N ASP A 187 -15.53 6.79 -10.39
CA ASP A 187 -16.92 6.37 -10.56
C ASP A 187 -17.48 5.78 -9.27
N PHE A 188 -18.79 5.56 -9.24
CA PHE A 188 -19.44 4.99 -8.06
C PHE A 188 -20.29 3.78 -8.44
N ASP A 189 -20.31 2.78 -7.57
CA ASP A 189 -21.07 1.57 -7.81
C ASP A 189 -21.85 1.16 -6.56
N ALA A 190 -23.12 1.53 -6.51
CA ALA A 190 -23.98 1.19 -5.37
C ALA A 190 -25.43 1.52 -5.66
N GLY A 1 -5.01 -20.96 -24.48
CA GLY A 1 -3.91 -20.40 -23.64
C GLY A 1 -3.08 -19.38 -24.39
N SER A 2 -2.71 -19.71 -25.63
CA SER A 2 -1.91 -18.81 -26.45
C SER A 2 -0.56 -18.53 -25.79
N SER A 3 0.49 -19.13 -26.33
CA SER A 3 1.84 -18.94 -25.80
C SER A 3 2.29 -17.50 -25.95
N GLY A 4 2.52 -17.08 -27.19
CA GLY A 4 2.95 -15.72 -27.44
C GLY A 4 4.39 -15.47 -27.03
N SER A 5 4.61 -14.37 -26.32
CA SER A 5 5.95 -14.03 -25.85
C SER A 5 5.93 -13.62 -24.38
N SER A 6 6.74 -14.30 -23.57
CA SER A 6 6.82 -13.99 -22.15
C SER A 6 8.27 -13.99 -21.67
N GLY A 7 8.47 -13.70 -20.39
CA GLY A 7 9.81 -13.67 -19.84
C GLY A 7 10.08 -14.81 -18.88
N ILE A 8 11.21 -14.74 -18.17
CA ILE A 8 11.57 -15.77 -17.21
C ILE A 8 12.39 -15.18 -16.07
N PRO A 9 12.36 -15.84 -14.89
CA PRO A 9 13.11 -15.38 -13.72
C PRO A 9 14.62 -15.56 -13.88
N ARG A 10 15.19 -14.87 -14.86
CA ARG A 10 16.62 -14.97 -15.13
C ARG A 10 17.27 -13.58 -15.13
N VAL A 11 18.58 -13.55 -14.92
CA VAL A 11 19.32 -12.30 -14.90
C VAL A 11 18.73 -11.33 -13.87
N PHE A 12 18.15 -11.88 -12.81
CA PHE A 12 17.55 -11.07 -11.76
C PHE A 12 18.51 -10.91 -10.58
N GLN A 13 18.55 -9.71 -10.02
CA GLN A 13 19.42 -9.44 -8.88
C GLN A 13 19.23 -8.01 -8.39
N ASN A 14 19.06 -7.08 -9.32
CA ASN A 14 18.86 -5.67 -8.98
C ASN A 14 17.37 -5.35 -8.81
N ARG A 15 16.70 -6.15 -8.00
CA ARG A 15 15.27 -5.95 -7.75
C ARG A 15 14.91 -6.37 -6.33
N PHE A 16 14.44 -5.41 -5.54
CA PHE A 16 14.05 -5.67 -4.16
C PHE A 16 12.94 -6.71 -4.10
N SER A 17 13.28 -7.91 -3.65
CA SER A 17 12.31 -8.99 -3.53
C SER A 17 12.71 -9.95 -2.42
N THR A 18 11.93 -9.95 -1.34
CA THR A 18 12.19 -10.83 -0.21
C THR A 18 11.01 -10.84 0.76
N GLN A 19 11.06 -11.74 1.74
CA GLN A 19 9.99 -11.84 2.73
C GLN A 19 10.34 -11.06 4.00
N TYR A 20 9.43 -10.17 4.40
CA TYR A 20 9.63 -9.36 5.58
C TYR A 20 8.48 -9.52 6.57
N ARG A 21 8.79 -9.52 7.86
CA ARG A 21 7.79 -9.67 8.89
C ARG A 21 6.84 -8.46 8.92
N CYS A 22 5.57 -8.72 9.22
CA CYS A 22 4.58 -7.66 9.27
C CYS A 22 4.04 -7.50 10.70
N PHE A 23 4.20 -6.30 11.25
CA PHE A 23 3.73 -6.01 12.61
C PHE A 23 2.85 -4.77 12.62
N SER A 24 2.32 -4.45 13.79
CA SER A 24 1.46 -3.28 13.95
C SER A 24 2.28 -2.05 14.35
N VAL A 25 1.77 -0.87 14.00
CA VAL A 25 2.46 0.37 14.32
C VAL A 25 2.45 0.64 15.83
N SER A 26 1.43 0.12 16.50
CA SER A 26 1.30 0.30 17.96
C SER A 26 2.53 -0.23 18.68
N MET A 27 3.19 -1.23 18.08
CA MET A 27 4.38 -1.82 18.68
C MET A 27 5.47 -0.77 18.86
N LEU A 28 5.50 0.21 17.96
CA LEU A 28 6.50 1.27 18.02
C LEU A 28 6.10 2.33 19.04
N ALA A 29 7.10 3.03 19.57
CA ALA A 29 6.86 4.07 20.56
C ALA A 29 6.62 5.43 19.89
N GLY A 30 6.17 6.39 20.68
CA GLY A 30 5.90 7.72 20.14
C GLY A 30 5.71 8.76 21.24
N PRO A 31 5.85 10.05 20.91
CA PRO A 31 5.68 11.13 21.88
C PRO A 31 4.37 11.03 22.65
N ASN A 32 3.31 10.67 21.94
CA ASN A 32 1.99 10.53 22.56
C ASN A 32 1.10 9.61 21.75
N ASP A 33 0.61 10.10 20.61
CA ASP A 33 -0.26 9.31 19.74
C ASP A 33 -0.34 9.94 18.35
N ARG A 34 -0.36 9.09 17.33
CA ARG A 34 -0.44 9.55 15.95
C ARG A 34 -1.41 8.69 15.14
N SER A 35 -2.59 9.23 14.87
CA SER A 35 -3.61 8.52 14.11
C SER A 35 -3.59 8.96 12.64
N ASP A 36 -2.40 9.23 12.12
CA ASP A 36 -2.25 9.65 10.74
C ASP A 36 -1.58 8.57 9.91
N VAL A 37 -0.72 7.79 10.55
CA VAL A 37 -0.01 6.71 9.87
C VAL A 37 -0.91 5.51 9.64
N GLU A 38 -1.89 5.34 10.53
CA GLU A 38 -2.84 4.22 10.42
C GLU A 38 -4.11 4.65 9.70
N LYS A 39 -4.04 5.74 8.94
CA LYS A 39 -5.19 6.23 8.20
C LYS A 39 -4.93 6.22 6.70
N GLY A 40 -3.69 6.55 6.32
CA GLY A 40 -3.33 6.57 4.91
C GLY A 40 -2.56 5.33 4.50
N GLY A 41 -1.76 5.46 3.45
CA GLY A 41 -0.97 4.34 2.97
C GLY A 41 0.52 4.57 3.13
N LYS A 42 1.05 4.20 4.30
CA LYS A 42 2.47 4.36 4.59
C LYS A 42 2.95 3.29 5.54
N ILE A 43 4.22 2.92 5.42
CA ILE A 43 4.80 1.89 6.29
C ILE A 43 6.21 2.29 6.73
N ILE A 44 6.80 1.47 7.60
CA ILE A 44 8.14 1.74 8.10
C ILE A 44 9.03 0.50 7.97
N MET A 45 10.02 0.59 7.08
CA MET A 45 10.94 -0.52 6.85
C MET A 45 12.30 -0.23 7.48
N PRO A 46 13.11 -1.28 7.70
CA PRO A 46 14.45 -1.13 8.30
C PRO A 46 15.30 -0.10 7.57
N PRO A 47 16.26 0.51 8.27
CA PRO A 47 17.15 1.53 7.68
C PRO A 47 17.82 1.03 6.41
N SER A 48 18.15 -0.25 6.37
CA SER A 48 18.78 -0.85 5.21
C SER A 48 17.92 -0.69 3.96
N ALA A 49 16.60 -0.66 4.16
CA ALA A 49 15.67 -0.52 3.06
C ALA A 49 15.93 0.76 2.28
N LEU A 50 16.09 1.86 3.00
CA LEU A 50 16.35 3.16 2.37
C LEU A 50 17.65 3.13 1.58
N ASP A 51 18.68 2.52 2.15
CA ASP A 51 19.98 2.42 1.50
C ASP A 51 19.93 1.48 0.31
N GLN A 52 19.18 0.38 0.47
CA GLN A 52 19.04 -0.61 -0.59
C GLN A 52 18.19 -0.06 -1.74
N LEU A 53 17.25 0.80 -1.39
CA LEU A 53 16.36 1.41 -2.39
C LEU A 53 17.16 2.26 -3.37
N SER A 54 18.16 2.96 -2.85
CA SER A 54 19.00 3.83 -3.69
C SER A 54 20.21 3.07 -4.23
N ARG A 55 20.20 1.75 -4.07
CA ARG A 55 21.30 0.92 -4.55
C ARG A 55 20.84 0.03 -5.70
N LEU A 56 19.56 -0.28 -5.74
CA LEU A 56 18.99 -1.12 -6.79
C LEU A 56 18.44 -0.29 -7.95
N ASN A 57 18.89 0.96 -8.04
CA ASN A 57 18.43 1.85 -9.11
C ASN A 57 16.93 2.06 -9.04
N ILE A 58 16.40 2.19 -7.82
CA ILE A 58 14.97 2.39 -7.63
C ILE A 58 14.64 3.87 -7.50
N THR A 59 13.68 4.34 -8.30
CA THR A 59 13.27 5.73 -8.28
C THR A 59 11.83 5.86 -7.82
N TYR A 60 11.47 7.05 -7.34
CA TYR A 60 10.11 7.31 -6.87
C TYR A 60 9.12 7.25 -8.03
N PRO A 61 7.90 6.72 -7.79
CA PRO A 61 7.49 6.20 -6.47
C PRO A 61 8.09 4.83 -6.18
N MET A 62 8.13 4.47 -4.90
CA MET A 62 8.68 3.18 -4.48
C MET A 62 7.58 2.28 -3.93
N LEU A 63 6.53 2.08 -4.72
CA LEU A 63 5.41 1.23 -4.32
C LEU A 63 5.80 -0.24 -4.40
N PHE A 64 5.72 -0.93 -3.26
CA PHE A 64 6.05 -2.35 -3.21
C PHE A 64 4.85 -3.22 -3.59
N LYS A 65 5.10 -4.50 -3.81
CA LYS A 65 4.05 -5.43 -4.18
C LYS A 65 3.94 -6.57 -3.17
N LEU A 66 2.95 -6.48 -2.29
CA LEU A 66 2.74 -7.51 -1.27
C LEU A 66 1.89 -8.65 -1.82
N THR A 67 2.55 -9.78 -2.10
CA THR A 67 1.85 -10.95 -2.63
C THR A 67 1.68 -12.01 -1.54
N ASN A 68 0.48 -12.09 -0.99
CA ASN A 68 0.18 -13.07 0.05
C ASN A 68 -0.03 -14.45 -0.54
N LYS A 69 0.76 -15.42 -0.07
CA LYS A 69 0.66 -16.79 -0.55
C LYS A 69 -0.16 -17.64 0.41
N ASN A 70 -1.14 -17.02 1.06
CA ASN A 70 -2.01 -17.73 2.00
C ASN A 70 -3.47 -17.46 1.70
N SER A 71 -3.80 -16.19 1.48
CA SER A 71 -5.18 -15.80 1.18
C SER A 71 -5.31 -15.28 -0.25
N ASP A 72 -4.30 -15.54 -1.08
CA ASP A 72 -4.31 -15.10 -2.47
C ASP A 72 -4.57 -13.59 -2.56
N ARG A 73 -4.10 -12.85 -1.56
CA ARG A 73 -4.29 -11.41 -1.53
C ARG A 73 -3.18 -10.69 -2.30
N MET A 74 -3.50 -9.53 -2.85
CA MET A 74 -2.52 -8.76 -3.61
C MET A 74 -2.80 -7.26 -3.48
N THR A 75 -1.96 -6.56 -2.73
CA THR A 75 -2.11 -5.13 -2.53
C THR A 75 -0.80 -4.40 -2.79
N HIS A 76 -0.90 -3.08 -2.97
CA HIS A 76 0.28 -2.26 -3.23
C HIS A 76 0.43 -1.16 -2.18
N CYS A 77 1.37 -1.34 -1.26
CA CYS A 77 1.61 -0.37 -0.20
C CYS A 77 2.77 0.55 -0.56
N GLY A 78 3.02 1.53 0.29
CA GLY A 78 4.10 2.47 0.04
C GLY A 78 4.90 2.78 1.30
N VAL A 79 6.21 2.87 1.17
CA VAL A 79 7.09 3.16 2.29
C VAL A 79 7.15 4.66 2.56
N LEU A 80 7.36 5.03 3.83
CA LEU A 80 7.44 6.43 4.21
C LEU A 80 8.59 6.66 5.18
N GLU A 81 8.55 5.97 6.32
CA GLU A 81 9.58 6.10 7.33
C GLU A 81 10.66 5.04 7.13
N PHE A 82 11.84 5.30 7.73
CA PHE A 82 12.96 4.36 7.61
C PHE A 82 13.73 4.29 8.92
N VAL A 83 13.11 3.72 9.94
CA VAL A 83 13.74 3.58 11.25
C VAL A 83 13.21 2.36 11.99
N ALA A 84 12.84 1.33 11.24
CA ALA A 84 12.32 0.11 11.82
C ALA A 84 13.45 -0.81 12.27
N ASP A 85 13.08 -1.97 12.82
CA ASP A 85 14.07 -2.94 13.28
C ASP A 85 14.36 -3.98 12.22
N GLU A 86 15.53 -4.62 12.30
CA GLU A 86 15.91 -5.64 11.34
C GLU A 86 14.93 -6.80 11.36
N GLY A 87 14.31 -7.08 10.22
CA GLY A 87 13.36 -8.16 10.12
C GLY A 87 12.03 -7.82 10.76
N ILE A 88 11.70 -6.53 10.79
CA ILE A 88 10.44 -6.07 11.38
C ILE A 88 9.90 -4.86 10.64
N CYS A 89 8.82 -5.06 9.89
CA CYS A 89 8.21 -3.98 9.14
C CYS A 89 6.87 -3.58 9.75
N TYR A 90 6.67 -2.27 9.91
CA TYR A 90 5.43 -1.76 10.49
C TYR A 90 4.39 -1.48 9.41
N LEU A 91 3.16 -1.90 9.65
CA LEU A 91 2.08 -1.71 8.69
C LEU A 91 0.81 -1.26 9.40
N PRO A 92 -0.04 -0.47 8.71
CA PRO A 92 -1.30 0.04 9.28
C PRO A 92 -2.17 -1.09 9.83
N HIS A 93 -3.38 -0.75 10.23
CA HIS A 93 -4.32 -1.73 10.77
C HIS A 93 -5.27 -2.24 9.69
N TRP A 94 -5.75 -1.32 8.86
CA TRP A 94 -6.67 -1.67 7.79
C TRP A 94 -6.02 -2.66 6.81
N MET A 95 -4.76 -2.39 6.45
CA MET A 95 -4.03 -3.25 5.53
C MET A 95 -3.72 -4.60 6.18
N MET A 96 -3.39 -4.56 7.46
CA MET A 96 -3.06 -5.79 8.19
C MET A 96 -4.27 -6.70 8.29
N GLN A 97 -5.46 -6.11 8.34
CA GLN A 97 -6.70 -6.87 8.43
C GLN A 97 -7.17 -7.31 7.05
N ASN A 98 -7.04 -6.42 6.08
CA ASN A 98 -7.47 -6.71 4.71
C ASN A 98 -6.71 -7.92 4.16
N LEU A 99 -5.45 -8.05 4.56
CA LEU A 99 -4.61 -9.16 4.11
C LEU A 99 -4.74 -10.36 5.04
N LEU A 100 -5.34 -10.15 6.21
CA LEU A 100 -5.50 -11.23 7.19
C LEU A 100 -4.16 -11.76 7.65
N LEU A 101 -3.19 -10.87 7.83
CA LEU A 101 -1.86 -11.24 8.27
C LEU A 101 -1.81 -11.41 9.79
N GLU A 102 -0.65 -11.77 10.30
CA GLU A 102 -0.47 -11.95 11.75
C GLU A 102 0.84 -11.33 12.21
N GLU A 103 1.11 -11.44 13.50
CA GLU A 103 2.34 -10.89 14.08
C GLU A 103 3.55 -11.67 13.61
N GLY A 104 4.54 -10.96 13.08
CA GLY A 104 5.75 -11.60 12.60
C GLY A 104 5.51 -12.45 11.36
N GLY A 105 4.51 -12.06 10.58
CA GLY A 105 4.19 -12.80 9.37
C GLY A 105 5.04 -12.36 8.18
N LEU A 106 5.60 -13.32 7.48
CA LEU A 106 6.44 -13.04 6.32
C LEU A 106 5.58 -12.86 5.06
N VAL A 107 5.76 -11.72 4.40
CA VAL A 107 5.00 -11.43 3.18
C VAL A 107 5.94 -11.17 2.01
N GLN A 108 5.59 -11.73 0.86
CA GLN A 108 6.41 -11.55 -0.35
C GLN A 108 6.38 -10.10 -0.81
N VAL A 109 7.57 -9.48 -0.85
CA VAL A 109 7.68 -8.09 -1.27
C VAL A 109 8.35 -7.99 -2.64
N GLU A 110 8.04 -6.93 -3.37
CA GLU A 110 8.62 -6.72 -4.70
C GLU A 110 8.58 -5.24 -5.08
N SER A 111 9.42 -4.86 -6.03
CA SER A 111 9.49 -3.48 -6.49
C SER A 111 8.95 -3.34 -7.90
N VAL A 112 7.85 -2.59 -8.04
CA VAL A 112 7.24 -2.38 -9.35
C VAL A 112 6.93 -0.91 -9.58
N ASN A 113 6.80 -0.53 -10.85
CA ASN A 113 6.51 0.85 -11.22
C ASN A 113 5.11 0.98 -11.82
N LEU A 114 4.21 1.64 -11.09
CA LEU A 114 2.84 1.83 -11.56
C LEU A 114 2.61 3.27 -11.99
N GLN A 115 1.47 3.52 -12.62
CA GLN A 115 1.13 4.86 -13.09
C GLN A 115 -0.23 5.29 -12.56
N VAL A 116 -0.54 6.57 -12.70
CA VAL A 116 -1.81 7.11 -12.24
C VAL A 116 -2.99 6.39 -12.90
N ALA A 117 -4.15 6.48 -12.25
CA ALA A 117 -5.36 5.83 -12.77
C ALA A 117 -6.23 6.83 -13.53
N THR A 118 -7.01 6.33 -14.48
CA THR A 118 -7.89 7.17 -15.27
C THR A 118 -9.35 6.89 -14.94
N TYR A 119 -9.65 5.66 -14.56
CA TYR A 119 -11.00 5.26 -14.22
C TYR A 119 -11.00 4.26 -13.06
N SER A 120 -11.39 4.73 -11.88
CA SER A 120 -11.42 3.86 -10.70
C SER A 120 -12.86 3.64 -10.24
N LYS A 121 -13.16 2.42 -9.83
CA LYS A 121 -14.50 2.07 -9.36
C LYS A 121 -14.46 1.59 -7.91
N PHE A 122 -15.29 2.22 -7.07
CA PHE A 122 -15.35 1.86 -5.65
C PHE A 122 -16.74 1.33 -5.29
N GLN A 123 -16.80 0.51 -4.25
CA GLN A 123 -18.07 -0.04 -3.79
C GLN A 123 -18.18 0.02 -2.26
N PRO A 124 -18.83 1.08 -1.74
CA PRO A 124 -19.00 1.25 -0.30
C PRO A 124 -19.54 0.01 0.39
N GLN A 125 -18.70 -0.64 1.18
CA GLN A 125 -19.08 -1.85 1.90
C GLN A 125 -20.21 -1.57 2.87
N SER A 126 -20.21 -0.37 3.47
CA SER A 126 -21.23 0.01 4.43
C SER A 126 -22.18 1.05 3.81
N PRO A 127 -23.46 1.03 4.23
CA PRO A 127 -24.46 1.96 3.72
C PRO A 127 -24.27 3.38 4.25
N ASP A 128 -23.53 3.50 5.35
CA ASP A 128 -23.26 4.79 5.97
C ASP A 128 -22.65 5.76 4.96
N PHE A 129 -21.80 5.23 4.08
CA PHE A 129 -21.14 6.04 3.07
C PHE A 129 -22.15 6.53 2.02
N LEU A 130 -22.99 5.62 1.55
CA LEU A 130 -24.00 5.95 0.56
C LEU A 130 -24.95 7.03 1.08
N ASP A 131 -25.20 7.00 2.38
CA ASP A 131 -26.09 7.98 3.01
C ASP A 131 -25.52 9.39 2.89
N ILE A 132 -24.20 9.48 2.80
CA ILE A 132 -23.54 10.79 2.68
C ILE A 132 -23.97 11.50 1.41
N THR A 133 -24.35 12.77 1.56
CA THR A 133 -24.79 13.57 0.42
C THR A 133 -23.66 13.74 -0.60
N ASN A 134 -22.45 13.99 -0.09
CA ASN A 134 -21.29 14.17 -0.95
C ASN A 134 -20.28 13.04 -0.77
N PRO A 135 -20.55 11.87 -1.37
CA PRO A 135 -19.66 10.70 -1.27
C PRO A 135 -18.37 10.89 -2.05
N LYS A 136 -18.43 11.67 -3.12
CA LYS A 136 -17.26 11.93 -3.95
C LYS A 136 -16.21 12.73 -3.17
N ALA A 137 -16.67 13.56 -2.25
CA ALA A 137 -15.78 14.38 -1.44
C ALA A 137 -15.09 13.55 -0.36
N VAL A 138 -15.89 12.79 0.38
CA VAL A 138 -15.36 11.94 1.44
C VAL A 138 -14.43 10.87 0.88
N LEU A 139 -14.68 10.45 -0.34
CA LEU A 139 -13.85 9.43 -0.99
C LEU A 139 -12.57 10.04 -1.55
N GLU A 140 -12.70 11.26 -2.08
CA GLU A 140 -11.56 11.96 -2.65
C GLU A 140 -10.71 12.61 -1.56
N ASN A 141 -11.35 13.01 -0.47
CA ASN A 141 -10.67 13.64 0.65
C ASN A 141 -9.73 12.66 1.34
N ALA A 142 -10.10 11.38 1.32
CA ALA A 142 -9.29 10.34 1.95
C ALA A 142 -8.26 9.79 0.98
N LEU A 143 -8.57 9.82 -0.31
CA LEU A 143 -7.67 9.32 -1.34
C LEU A 143 -6.34 10.06 -1.29
N ARG A 144 -6.38 11.32 -0.87
CA ARG A 144 -5.17 12.14 -0.78
C ARG A 144 -4.15 11.51 0.15
N ASN A 145 -4.65 10.82 1.18
CA ASN A 145 -3.77 10.17 2.16
C ASN A 145 -3.15 8.91 1.56
N PHE A 146 -3.89 8.25 0.66
CA PHE A 146 -3.41 7.03 0.03
C PHE A 146 -2.47 7.36 -1.14
N ALA A 147 -1.48 6.49 -1.36
CA ALA A 147 -0.52 6.69 -2.44
C ALA A 147 -0.78 5.70 -3.57
N CYS A 148 -1.31 4.54 -3.23
CA CYS A 148 -1.60 3.51 -4.22
C CYS A 148 -2.96 2.87 -3.96
N LEU A 149 -3.46 2.15 -4.96
CA LEU A 149 -4.77 1.49 -4.83
C LEU A 149 -4.73 0.11 -5.50
N THR A 150 -5.82 -0.64 -5.33
CA THR A 150 -5.91 -1.97 -5.91
C THR A 150 -7.37 -2.37 -6.13
N THR A 151 -7.63 -3.09 -7.21
CA THR A 151 -8.98 -3.54 -7.53
C THR A 151 -9.35 -4.79 -6.74
N GLY A 152 -10.17 -4.62 -5.71
CA GLY A 152 -10.57 -5.74 -4.89
C GLY A 152 -9.93 -5.73 -3.52
N ASP A 153 -9.77 -4.54 -2.96
CA ASP A 153 -9.16 -4.39 -1.63
C ASP A 153 -10.01 -3.49 -0.74
N VAL A 154 -10.02 -3.79 0.55
CA VAL A 154 -10.79 -3.00 1.51
C VAL A 154 -9.90 -2.01 2.24
N ILE A 155 -10.06 -0.73 1.92
CA ILE A 155 -9.27 0.32 2.56
C ILE A 155 -10.12 1.17 3.50
N ALA A 156 -9.75 1.20 4.77
CA ALA A 156 -10.48 1.97 5.76
C ALA A 156 -10.14 3.45 5.68
N ILE A 157 -11.15 4.29 5.81
CA ILE A 157 -10.96 5.74 5.74
C ILE A 157 -11.54 6.43 6.96
N ASN A 158 -10.81 7.39 7.51
CA ASN A 158 -11.25 8.13 8.69
C ASN A 158 -10.83 9.59 8.61
N TYR A 159 -11.66 10.48 9.14
CA TYR A 159 -11.36 11.91 9.13
C TYR A 159 -12.15 12.63 10.21
N ASN A 160 -13.44 12.34 10.30
CA ASN A 160 -14.31 12.96 11.30
C ASN A 160 -14.71 11.95 12.37
N GLU A 161 -13.74 11.17 12.84
CA GLU A 161 -13.99 10.16 13.86
C GLU A 161 -15.00 9.14 13.38
N LYS A 162 -15.00 8.88 12.07
CA LYS A 162 -15.93 7.91 11.48
C LYS A 162 -15.21 7.04 10.45
N ILE A 163 -14.84 5.83 10.87
CA ILE A 163 -14.16 4.91 9.98
C ILE A 163 -15.12 4.27 8.99
N TYR A 164 -15.20 4.83 7.79
CA TYR A 164 -16.09 4.32 6.75
C TYR A 164 -15.44 3.16 6.01
N GLU A 165 -16.16 2.05 5.91
CA GLU A 165 -15.66 0.87 5.20
C GLU A 165 -15.84 1.00 3.70
N LEU A 166 -14.79 0.72 2.95
CA LEU A 166 -14.82 0.81 1.50
C LEU A 166 -14.04 -0.33 0.86
N ARG A 167 -14.41 -0.69 -0.36
CA ARG A 167 -13.74 -1.76 -1.09
C ARG A 167 -13.77 -1.52 -2.59
N VAL A 168 -12.60 -1.29 -3.17
CA VAL A 168 -12.49 -1.04 -4.60
C VAL A 168 -13.04 -2.22 -5.41
N MET A 169 -13.54 -1.92 -6.61
CA MET A 169 -14.09 -2.95 -7.48
C MET A 169 -13.30 -3.05 -8.78
N GLU A 170 -12.97 -1.90 -9.36
CA GLU A 170 -12.22 -1.86 -10.61
C GLU A 170 -11.29 -0.66 -10.64
N THR A 171 -10.24 -0.73 -11.47
CA THR A 171 -9.28 0.35 -11.59
C THR A 171 -8.54 0.27 -12.92
N LYS A 172 -8.32 1.42 -13.54
CA LYS A 172 -7.62 1.48 -14.82
C LYS A 172 -6.34 2.31 -14.71
N PRO A 173 -5.33 2.01 -15.57
CA PRO A 173 -5.42 0.96 -16.58
C PRO A 173 -5.26 -0.44 -15.98
N ASP A 174 -4.53 -0.52 -14.87
CA ASP A 174 -4.31 -1.79 -14.20
C ASP A 174 -4.88 -1.78 -12.79
N LYS A 175 -4.85 -2.93 -12.13
CA LYS A 175 -5.37 -3.04 -10.77
C LYS A 175 -4.66 -2.08 -9.83
N ALA A 176 -3.34 -2.04 -9.92
CA ALA A 176 -2.54 -1.15 -9.08
C ALA A 176 -2.16 0.11 -9.82
N VAL A 177 -2.56 1.26 -9.27
CA VAL A 177 -2.25 2.54 -9.88
C VAL A 177 -1.66 3.51 -8.87
N SER A 178 -0.56 4.17 -9.25
CA SER A 178 0.10 5.12 -8.36
C SER A 178 -0.59 6.48 -8.43
N ILE A 179 -1.50 6.72 -7.49
CA ILE A 179 -2.23 7.98 -7.44
C ILE A 179 -1.42 9.06 -6.74
N ILE A 180 -0.52 9.68 -7.49
CA ILE A 180 0.33 10.74 -6.94
C ILE A 180 0.03 12.09 -7.59
N GLU A 181 -1.00 12.76 -7.09
CA GLU A 181 -1.39 14.06 -7.63
C GLU A 181 -1.80 13.94 -9.08
N CYS A 182 -3.07 13.59 -9.31
CA CYS A 182 -3.58 13.44 -10.66
C CYS A 182 -5.11 13.41 -10.66
N ASP A 183 -5.72 14.03 -11.66
CA ASP A 183 -7.17 14.07 -11.78
C ASP A 183 -7.69 12.85 -12.55
N MET A 184 -8.47 12.02 -11.87
CA MET A 184 -9.03 10.82 -12.49
C MET A 184 -10.54 10.80 -12.34
N ASN A 185 -11.17 9.77 -12.92
CA ASN A 185 -12.61 9.63 -12.85
C ASN A 185 -13.01 8.58 -11.80
N VAL A 186 -13.78 9.01 -10.81
CA VAL A 186 -14.22 8.11 -9.75
C VAL A 186 -15.64 7.61 -10.01
N ASP A 187 -15.82 6.30 -9.93
CA ASP A 187 -17.13 5.70 -10.15
C ASP A 187 -17.72 5.18 -8.85
N PHE A 188 -18.99 4.75 -8.90
CA PHE A 188 -19.67 4.24 -7.73
C PHE A 188 -20.55 3.05 -8.09
N ASP A 189 -20.48 1.99 -7.29
CA ASP A 189 -21.28 0.80 -7.54
C ASP A 189 -22.23 0.54 -6.38
N ALA A 190 -23.47 1.01 -6.52
CA ALA A 190 -24.48 0.83 -5.48
C ALA A 190 -25.59 -0.10 -5.95
N GLY A 1 22.12 -25.55 -22.07
CA GLY A 1 22.56 -24.79 -23.27
C GLY A 1 23.72 -25.46 -23.98
N SER A 2 23.57 -25.67 -25.28
CA SER A 2 24.60 -26.31 -26.08
C SER A 2 25.47 -25.27 -26.78
N SER A 3 24.87 -24.15 -27.15
CA SER A 3 25.58 -23.08 -27.83
C SER A 3 25.67 -21.83 -26.94
N GLY A 4 24.53 -21.19 -26.73
CA GLY A 4 24.48 -20.01 -25.90
C GLY A 4 24.30 -18.73 -26.71
N SER A 5 23.65 -18.86 -27.86
CA SER A 5 23.41 -17.71 -28.73
C SER A 5 21.92 -17.60 -29.08
N SER A 6 21.31 -18.72 -29.43
CA SER A 6 19.90 -18.75 -29.78
C SER A 6 19.12 -19.67 -28.86
N GLY A 7 18.22 -19.10 -28.07
CA GLY A 7 17.42 -19.89 -27.15
C GLY A 7 16.43 -19.05 -26.36
N ILE A 8 16.48 -19.17 -25.05
CA ILE A 8 15.59 -18.41 -24.17
C ILE A 8 16.36 -17.64 -23.12
N PRO A 9 17.01 -16.53 -23.52
CA PRO A 9 17.79 -15.70 -22.60
C PRO A 9 16.99 -15.28 -21.36
N ARG A 10 17.35 -15.85 -20.22
CA ARG A 10 16.66 -15.55 -18.97
C ARG A 10 17.47 -14.55 -18.14
N VAL A 11 17.23 -13.26 -18.36
CA VAL A 11 17.93 -12.21 -17.63
C VAL A 11 17.18 -11.83 -16.37
N PHE A 12 17.92 -11.61 -15.28
CA PHE A 12 17.32 -11.22 -14.01
C PHE A 12 17.57 -9.75 -13.71
N GLN A 13 16.86 -9.23 -12.70
CA GLN A 13 17.01 -7.83 -12.32
C GLN A 13 17.36 -7.71 -10.84
N ASN A 14 18.03 -6.61 -10.49
CA ASN A 14 18.43 -6.38 -9.10
C ASN A 14 17.41 -5.50 -8.38
N ARG A 15 16.14 -5.77 -8.62
CA ARG A 15 15.06 -5.01 -7.98
C ARG A 15 14.77 -5.53 -6.59
N PHE A 16 14.31 -4.64 -5.70
CA PHE A 16 13.98 -5.02 -4.34
C PHE A 16 12.89 -6.08 -4.31
N SER A 17 13.29 -7.32 -4.03
CA SER A 17 12.36 -8.43 -3.97
C SER A 17 12.71 -9.39 -2.83
N THR A 18 11.82 -9.47 -1.84
CA THR A 18 12.04 -10.34 -0.70
C THR A 18 10.84 -10.31 0.25
N GLN A 19 10.83 -11.22 1.22
CA GLN A 19 9.75 -11.30 2.19
C GLN A 19 10.11 -10.56 3.47
N TYR A 20 9.10 -10.15 4.22
CA TYR A 20 9.31 -9.43 5.48
C TYR A 20 8.17 -9.70 6.45
N ARG A 21 8.49 -9.70 7.74
CA ARG A 21 7.49 -9.94 8.78
C ARG A 21 6.57 -8.74 8.94
N CYS A 22 5.27 -8.98 8.80
CA CYS A 22 4.28 -7.91 8.93
C CYS A 22 3.77 -7.81 10.37
N PHE A 23 3.84 -6.61 10.93
CA PHE A 23 3.39 -6.37 12.30
C PHE A 23 2.56 -5.10 12.38
N SER A 24 1.52 -5.12 13.22
CA SER A 24 0.65 -3.97 13.40
C SER A 24 1.44 -2.76 13.89
N VAL A 25 0.80 -1.60 13.88
CA VAL A 25 1.45 -0.37 14.33
C VAL A 25 1.10 -0.07 15.79
N SER A 26 0.67 -1.08 16.52
CA SER A 26 0.32 -0.92 17.93
C SER A 26 1.53 -1.13 18.82
N MET A 27 2.44 -1.99 18.38
CA MET A 27 3.65 -2.28 19.14
C MET A 27 4.48 -1.01 19.36
N LEU A 28 4.54 -0.18 18.34
CA LEU A 28 5.29 1.07 18.42
C LEU A 28 4.70 2.00 19.48
N ALA A 29 5.15 1.82 20.72
CA ALA A 29 4.66 2.64 21.83
C ALA A 29 5.20 4.06 21.74
N GLY A 30 4.92 4.86 22.77
CA GLY A 30 5.39 6.23 22.79
C GLY A 30 4.51 7.13 23.65
N PRO A 31 5.07 8.22 24.19
CA PRO A 31 4.32 9.16 25.03
C PRO A 31 3.29 9.95 24.24
N ASN A 32 3.56 10.14 22.95
CA ASN A 32 2.65 10.88 22.08
C ASN A 32 1.98 9.95 21.08
N ASP A 33 2.77 9.09 20.44
CA ASP A 33 2.24 8.14 19.47
C ASP A 33 1.61 8.88 18.28
N ARG A 34 2.14 8.62 17.09
CA ARG A 34 1.64 9.25 15.88
C ARG A 34 0.32 8.61 15.43
N SER A 35 -0.58 9.44 14.92
CA SER A 35 -1.88 8.94 14.46
C SER A 35 -2.06 9.22 12.97
N ASP A 36 -0.97 9.15 12.22
CA ASP A 36 -1.01 9.40 10.78
C ASP A 36 -0.76 8.10 10.01
N VAL A 37 0.04 7.22 10.59
CA VAL A 37 0.36 5.94 9.96
C VAL A 37 -0.90 5.13 9.69
N GLU A 38 -1.85 5.21 10.61
CA GLU A 38 -3.12 4.48 10.48
C GLU A 38 -3.98 5.07 9.37
N LYS A 39 -3.94 6.39 9.24
CA LYS A 39 -4.71 7.09 8.23
C LYS A 39 -3.88 7.35 6.98
N GLY A 40 -3.77 6.32 6.12
CA GLY A 40 -3.00 6.46 4.91
C GLY A 40 -2.04 5.30 4.69
N GLY A 41 -1.89 4.88 3.44
CA GLY A 41 -1.00 3.78 3.13
C GLY A 41 0.45 4.10 3.40
N LYS A 42 0.83 4.05 4.68
CA LYS A 42 2.20 4.34 5.08
C LYS A 42 2.73 3.26 6.02
N ILE A 43 3.78 2.57 5.58
CA ILE A 43 4.38 1.51 6.39
C ILE A 43 5.78 1.90 6.84
N ILE A 44 6.35 1.10 7.74
CA ILE A 44 7.69 1.36 8.26
C ILE A 44 8.63 0.20 7.95
N MET A 45 9.70 0.50 7.21
CA MET A 45 10.68 -0.51 6.84
C MET A 45 12.02 -0.26 7.52
N PRO A 46 12.82 -1.31 7.72
CA PRO A 46 14.13 -1.19 8.37
C PRO A 46 15.02 -0.13 7.70
N PRO A 47 15.95 0.46 8.46
CA PRO A 47 16.86 1.49 7.94
C PRO A 47 17.58 1.03 6.67
N SER A 48 17.79 -0.28 6.56
CA SER A 48 18.48 -0.85 5.40
C SER A 48 17.67 -0.63 4.13
N ALA A 49 16.36 -0.56 4.28
CA ALA A 49 15.47 -0.35 3.14
C ALA A 49 15.82 0.94 2.39
N LEU A 50 16.21 1.96 3.14
CA LEU A 50 16.57 3.24 2.55
C LEU A 50 17.89 3.15 1.79
N ASP A 51 18.88 2.51 2.42
CA ASP A 51 20.20 2.34 1.81
C ASP A 51 20.13 1.38 0.63
N GLN A 52 19.22 0.42 0.70
CA GLN A 52 19.05 -0.56 -0.37
C GLN A 52 18.36 0.07 -1.58
N LEU A 53 17.25 0.74 -1.34
CA LEU A 53 16.49 1.37 -2.41
C LEU A 53 17.31 2.48 -3.06
N SER A 54 18.11 3.17 -2.25
CA SER A 54 18.95 4.25 -2.75
C SER A 54 20.18 3.71 -3.47
N ARG A 55 20.64 2.53 -3.05
CA ARG A 55 21.80 1.91 -3.65
C ARG A 55 21.44 1.21 -4.95
N LEU A 56 20.16 0.91 -5.14
CA LEU A 56 19.70 0.25 -6.35
C LEU A 56 19.20 1.26 -7.38
N ASN A 57 19.62 2.51 -7.22
CA ASN A 57 19.22 3.57 -8.15
C ASN A 57 17.70 3.65 -8.27
N ILE A 58 17.01 3.34 -7.17
CA ILE A 58 15.55 3.39 -7.17
C ILE A 58 15.05 4.74 -6.69
N THR A 59 14.41 5.48 -7.60
CA THR A 59 13.88 6.80 -7.28
C THR A 59 12.38 6.73 -6.99
N TYR A 60 11.83 7.83 -6.49
CA TYR A 60 10.41 7.89 -6.17
C TYR A 60 9.56 7.77 -7.44
N PRO A 61 8.41 7.09 -7.37
CA PRO A 61 7.92 6.45 -6.14
C PRO A 61 8.65 5.14 -5.84
N MET A 62 8.42 4.62 -4.64
CA MET A 62 9.05 3.37 -4.23
C MET A 62 8.02 2.41 -3.65
N LEU A 63 6.84 2.38 -4.26
CA LEU A 63 5.77 1.51 -3.81
C LEU A 63 6.17 0.04 -3.95
N PHE A 64 5.85 -0.76 -2.93
CA PHE A 64 6.17 -2.18 -2.94
C PHE A 64 4.94 -3.01 -3.32
N LYS A 65 5.18 -4.25 -3.75
CA LYS A 65 4.10 -5.14 -4.14
C LYS A 65 3.94 -6.27 -3.13
N LEU A 66 3.19 -6.00 -2.06
CA LEU A 66 2.96 -6.99 -1.03
C LEU A 66 2.06 -8.12 -1.54
N THR A 67 2.63 -8.99 -2.37
CA THR A 67 1.88 -10.11 -2.92
C THR A 67 1.70 -11.21 -1.88
N ASN A 68 0.49 -11.30 -1.33
CA ASN A 68 0.17 -12.31 -0.33
C ASN A 68 0.11 -13.70 -0.97
N LYS A 69 1.00 -14.58 -0.51
CA LYS A 69 1.04 -15.94 -1.04
C LYS A 69 0.30 -16.90 -0.12
N ASN A 70 -0.77 -16.42 0.51
CA ASN A 70 -1.58 -17.22 1.41
C ASN A 70 -3.06 -17.08 1.10
N SER A 71 -3.51 -15.85 0.90
CA SER A 71 -4.91 -15.58 0.59
C SER A 71 -5.07 -15.06 -0.84
N ASP A 72 -4.04 -15.23 -1.65
CA ASP A 72 -4.07 -14.78 -3.05
C ASP A 72 -4.46 -13.31 -3.13
N ARG A 73 -3.94 -12.51 -2.20
CA ARG A 73 -4.23 -11.08 -2.18
C ARG A 73 -3.09 -10.28 -2.81
N MET A 74 -3.38 -9.03 -3.16
CA MET A 74 -2.38 -8.16 -3.78
C MET A 74 -2.64 -6.70 -3.44
N THR A 75 -1.72 -6.11 -2.69
CA THR A 75 -1.86 -4.71 -2.28
C THR A 75 -0.54 -3.97 -2.46
N HIS A 76 -0.63 -2.71 -2.91
CA HIS A 76 0.55 -1.89 -3.13
C HIS A 76 0.67 -0.80 -2.07
N CYS A 77 1.75 -0.83 -1.30
CA CYS A 77 1.97 0.15 -0.25
C CYS A 77 3.36 0.77 -0.37
N GLY A 78 3.47 2.05 -0.02
CA GLY A 78 4.75 2.73 -0.09
C GLY A 78 5.34 3.00 1.27
N VAL A 79 6.64 2.81 1.40
CA VAL A 79 7.33 3.04 2.67
C VAL A 79 7.19 4.49 3.12
N LEU A 80 7.15 4.69 4.43
CA LEU A 80 7.02 6.03 4.99
C LEU A 80 8.29 6.43 5.74
N GLU A 81 8.57 5.75 6.84
CA GLU A 81 9.75 6.03 7.65
C GLU A 81 10.73 4.87 7.61
N PHE A 82 11.92 5.09 8.18
CA PHE A 82 12.94 4.05 8.22
C PHE A 82 13.55 3.94 9.61
N VAL A 83 12.75 3.49 10.57
CA VAL A 83 13.21 3.34 11.94
C VAL A 83 12.70 2.04 12.55
N ALA A 84 12.55 1.02 11.71
CA ALA A 84 12.07 -0.29 12.15
C ALA A 84 13.23 -1.24 12.41
N ASP A 85 12.91 -2.45 12.85
CA ASP A 85 13.93 -3.45 13.14
C ASP A 85 14.11 -4.39 11.95
N GLU A 86 15.29 -5.01 11.87
CA GLU A 86 15.58 -5.94 10.79
C GLU A 86 14.62 -7.12 10.80
N GLY A 87 13.94 -7.34 9.68
CA GLY A 87 13.00 -8.43 9.57
C GLY A 87 11.71 -8.15 10.31
N ILE A 88 11.35 -6.86 10.41
CA ILE A 88 10.13 -6.46 11.09
C ILE A 88 9.52 -5.22 10.45
N CYS A 89 8.69 -5.44 9.44
CA CYS A 89 8.04 -4.33 8.75
C CYS A 89 6.66 -4.05 9.33
N TYR A 90 6.47 -2.83 9.83
CA TYR A 90 5.20 -2.44 10.42
C TYR A 90 4.22 -1.96 9.35
N LEU A 91 2.94 -2.22 9.57
CA LEU A 91 1.91 -1.82 8.62
C LEU A 91 0.63 -1.40 9.35
N PRO A 92 -0.24 -0.64 8.67
CA PRO A 92 -1.50 -0.16 9.25
C PRO A 92 -2.32 -1.29 9.85
N HIS A 93 -3.52 -0.97 10.31
CA HIS A 93 -4.42 -1.95 10.91
C HIS A 93 -5.45 -2.43 9.89
N TRP A 94 -5.84 -1.54 8.99
CA TRP A 94 -6.83 -1.87 7.97
C TRP A 94 -6.24 -2.80 6.92
N MET A 95 -4.97 -2.57 6.57
CA MET A 95 -4.30 -3.39 5.58
C MET A 95 -4.14 -4.82 6.08
N MET A 96 -3.91 -4.98 7.37
CA MET A 96 -3.75 -6.30 7.97
C MET A 96 -5.01 -7.14 7.79
N GLN A 97 -6.16 -6.55 8.12
CA GLN A 97 -7.44 -7.25 8.00
C GLN A 97 -7.70 -7.63 6.55
N ASN A 98 -7.43 -6.70 5.63
CA ASN A 98 -7.64 -6.95 4.22
C ASN A 98 -6.82 -8.14 3.73
N LEU A 99 -5.53 -8.12 4.05
CA LEU A 99 -4.63 -9.20 3.65
C LEU A 99 -4.83 -10.43 4.52
N LEU A 100 -5.42 -10.24 5.70
CA LEU A 100 -5.66 -11.34 6.62
C LEU A 100 -4.36 -11.97 7.08
N LEU A 101 -3.38 -11.13 7.42
CA LEU A 101 -2.08 -11.60 7.86
C LEU A 101 -2.08 -11.85 9.37
N GLU A 102 -0.93 -12.20 9.91
CA GLU A 102 -0.80 -12.48 11.34
C GLU A 102 0.33 -11.65 11.95
N GLU A 103 0.44 -11.70 13.28
CA GLU A 103 1.48 -10.95 13.98
C GLU A 103 2.85 -11.56 13.71
N GLY A 104 3.42 -11.25 12.56
CA GLY A 104 4.72 -11.78 12.20
C GLY A 104 4.68 -12.68 10.98
N GLY A 105 3.83 -12.33 10.03
CA GLY A 105 3.70 -13.12 8.82
C GLY A 105 4.62 -12.64 7.71
N LEU A 106 5.05 -13.56 6.85
CA LEU A 106 5.94 -13.21 5.75
C LEU A 106 5.13 -12.90 4.48
N VAL A 107 5.36 -11.72 3.93
CA VAL A 107 4.67 -11.28 2.73
C VAL A 107 5.65 -10.96 1.61
N GLN A 108 5.38 -11.48 0.41
CA GLN A 108 6.24 -11.25 -0.74
C GLN A 108 6.24 -9.77 -1.12
N VAL A 109 7.38 -9.12 -0.91
CA VAL A 109 7.52 -7.71 -1.23
C VAL A 109 8.36 -7.51 -2.49
N GLU A 110 7.83 -6.73 -3.43
CA GLU A 110 8.52 -6.47 -4.68
C GLU A 110 8.24 -5.05 -5.18
N SER A 111 9.29 -4.24 -5.28
CA SER A 111 9.15 -2.87 -5.73
C SER A 111 8.80 -2.81 -7.22
N VAL A 112 7.69 -2.16 -7.53
CA VAL A 112 7.23 -2.04 -8.91
C VAL A 112 6.84 -0.60 -9.24
N ASN A 113 6.64 -0.33 -10.52
CA ASN A 113 6.25 1.01 -10.96
C ASN A 113 5.05 0.94 -11.91
N LEU A 114 3.93 1.53 -11.48
CA LEU A 114 2.72 1.54 -12.28
C LEU A 114 2.34 2.96 -12.69
N GLN A 115 1.25 3.09 -13.44
CA GLN A 115 0.79 4.39 -13.89
C GLN A 115 -0.49 4.81 -13.16
N VAL A 116 -0.95 6.03 -13.41
CA VAL A 116 -2.16 6.53 -12.78
C VAL A 116 -3.38 5.74 -13.22
N ALA A 117 -4.51 6.02 -12.59
CA ALA A 117 -5.76 5.32 -12.91
C ALA A 117 -6.70 6.24 -13.70
N THR A 118 -7.57 5.63 -14.51
CA THR A 118 -8.52 6.38 -15.31
C THR A 118 -9.95 6.12 -14.85
N TYR A 119 -10.22 4.88 -14.45
CA TYR A 119 -11.54 4.50 -13.98
C TYR A 119 -11.45 3.73 -12.66
N SER A 120 -11.66 4.44 -11.55
CA SER A 120 -11.61 3.82 -10.24
C SER A 120 -13.02 3.56 -9.69
N LYS A 121 -13.39 2.30 -9.63
CA LYS A 121 -14.71 1.91 -9.13
C LYS A 121 -14.64 1.49 -7.67
N PHE A 122 -15.37 2.20 -6.82
CA PHE A 122 -15.38 1.90 -5.38
C PHE A 122 -16.77 1.42 -4.95
N GLN A 123 -16.79 0.53 -3.97
CA GLN A 123 -18.05 -0.01 -3.46
C GLN A 123 -18.15 0.18 -1.94
N PRO A 124 -18.71 1.30 -1.49
CA PRO A 124 -18.85 1.60 -0.06
C PRO A 124 -19.54 0.46 0.69
N GLN A 125 -18.74 -0.33 1.40
CA GLN A 125 -19.26 -1.46 2.17
C GLN A 125 -20.28 -0.98 3.20
N SER A 126 -20.08 0.23 3.70
CA SER A 126 -20.99 0.80 4.71
C SER A 126 -21.82 1.94 4.11
N PRO A 127 -23.08 2.09 4.56
CA PRO A 127 -23.97 3.14 4.06
C PRO A 127 -23.59 4.52 4.60
N ASP A 128 -22.77 4.55 5.65
CA ASP A 128 -22.34 5.82 6.24
C ASP A 128 -21.70 6.72 5.21
N PHE A 129 -21.02 6.12 4.23
CA PHE A 129 -20.35 6.88 3.19
C PHE A 129 -21.36 7.37 2.15
N LEU A 130 -22.32 6.51 1.81
CA LEU A 130 -23.34 6.86 0.83
C LEU A 130 -24.22 7.99 1.34
N ASP A 131 -24.39 8.07 2.66
CA ASP A 131 -25.20 9.10 3.28
C ASP A 131 -24.62 10.49 3.00
N ILE A 132 -23.32 10.54 2.75
CA ILE A 132 -22.64 11.80 2.48
C ILE A 132 -23.23 12.47 1.24
N THR A 133 -23.41 13.78 1.32
CA THR A 133 -23.97 14.55 0.20
C THR A 133 -23.02 14.54 -1.00
N ASN A 134 -21.72 14.53 -0.72
CA ASN A 134 -20.72 14.52 -1.77
C ASN A 134 -19.70 13.39 -1.56
N PRO A 135 -20.12 12.13 -1.77
CA PRO A 135 -19.24 10.98 -1.59
C PRO A 135 -17.97 11.07 -2.44
N LYS A 136 -18.09 11.68 -3.61
CA LYS A 136 -16.95 11.84 -4.51
C LYS A 136 -15.84 12.63 -3.84
N ALA A 137 -16.19 13.75 -3.22
CA ALA A 137 -15.21 14.60 -2.54
C ALA A 137 -14.57 13.87 -1.37
N VAL A 138 -15.40 13.19 -0.57
CA VAL A 138 -14.90 12.45 0.58
C VAL A 138 -13.94 11.35 0.15
N LEU A 139 -14.24 10.69 -0.96
CA LEU A 139 -13.40 9.62 -1.48
C LEU A 139 -12.09 10.18 -2.03
N GLU A 140 -12.19 11.28 -2.75
CA GLU A 140 -11.01 11.92 -3.35
C GLU A 140 -10.10 12.49 -2.26
N ASN A 141 -10.70 12.93 -1.16
CA ASN A 141 -9.94 13.49 -0.05
C ASN A 141 -9.10 12.42 0.65
N ALA A 142 -9.61 11.20 0.65
CA ALA A 142 -8.90 10.08 1.27
C ALA A 142 -7.80 9.56 0.37
N LEU A 143 -8.05 9.52 -0.93
CA LEU A 143 -7.08 9.04 -1.90
C LEU A 143 -5.81 9.90 -1.87
N ARG A 144 -5.97 11.16 -1.48
CA ARG A 144 -4.83 12.08 -1.40
C ARG A 144 -3.73 11.53 -0.52
N ASN A 145 -4.11 10.75 0.49
CA ASN A 145 -3.14 10.15 1.41
C ASN A 145 -2.55 8.87 0.82
N PHE A 146 -3.41 7.99 0.33
CA PHE A 146 -2.95 6.74 -0.25
C PHE A 146 -2.04 6.99 -1.45
N ALA A 147 -1.16 6.05 -1.72
CA ALA A 147 -0.21 6.16 -2.83
C ALA A 147 -0.60 5.23 -3.97
N CYS A 148 -1.23 4.11 -3.63
CA CYS A 148 -1.66 3.13 -4.63
C CYS A 148 -2.94 2.44 -4.20
N LEU A 149 -3.56 1.72 -5.14
CA LEU A 149 -4.81 1.01 -4.87
C LEU A 149 -4.84 -0.34 -5.59
N THR A 150 -5.83 -1.15 -5.25
CA THR A 150 -5.98 -2.46 -5.87
C THR A 150 -7.43 -2.92 -5.85
N THR A 151 -7.89 -3.48 -6.97
CA THR A 151 -9.26 -3.95 -7.07
C THR A 151 -9.55 -5.04 -6.05
N GLY A 152 -10.53 -4.81 -5.19
CA GLY A 152 -10.89 -5.77 -4.17
C GLY A 152 -10.14 -5.55 -2.87
N ASP A 153 -9.78 -4.30 -2.61
CA ASP A 153 -9.07 -3.95 -1.39
C ASP A 153 -9.98 -3.24 -0.40
N VAL A 154 -10.03 -3.75 0.83
CA VAL A 154 -10.87 -3.16 1.87
C VAL A 154 -10.11 -2.10 2.65
N ILE A 155 -10.20 -0.85 2.20
CA ILE A 155 -9.52 0.26 2.84
C ILE A 155 -10.38 0.85 3.96
N ALA A 156 -9.73 1.47 4.94
CA ALA A 156 -10.42 2.09 6.06
C ALA A 156 -9.97 3.52 6.27
N ILE A 157 -10.79 4.47 5.82
CA ILE A 157 -10.46 5.89 5.97
C ILE A 157 -11.02 6.45 7.27
N ASN A 158 -10.31 7.40 7.86
CA ASN A 158 -10.74 8.03 9.11
C ASN A 158 -10.46 9.52 9.09
N TYR A 159 -11.33 10.29 9.74
CA TYR A 159 -11.18 11.74 9.79
C TYR A 159 -12.27 12.36 10.66
N ASN A 160 -13.49 11.83 10.56
CA ASN A 160 -14.62 12.34 11.33
C ASN A 160 -14.86 11.48 12.56
N GLU A 161 -13.78 11.05 13.21
CA GLU A 161 -13.88 10.23 14.40
C GLU A 161 -14.67 8.95 14.13
N LYS A 162 -14.62 8.49 12.88
CA LYS A 162 -15.33 7.28 12.48
C LYS A 162 -14.69 6.66 11.24
N ILE A 163 -14.07 5.50 11.42
CA ILE A 163 -13.42 4.80 10.31
C ILE A 163 -14.45 4.27 9.33
N TYR A 164 -14.72 5.05 8.29
CA TYR A 164 -15.69 4.65 7.26
C TYR A 164 -15.24 3.38 6.56
N GLU A 165 -16.21 2.54 6.18
CA GLU A 165 -15.92 1.29 5.50
C GLU A 165 -16.01 1.46 3.99
N LEU A 166 -15.01 0.95 3.28
CA LEU A 166 -14.98 1.04 1.83
C LEU A 166 -14.18 -0.10 1.23
N ARG A 167 -14.43 -0.41 -0.04
CA ARG A 167 -13.73 -1.48 -0.74
C ARG A 167 -13.75 -1.26 -2.24
N VAL A 168 -12.63 -1.54 -2.90
CA VAL A 168 -12.53 -1.38 -4.34
C VAL A 168 -13.12 -2.57 -5.07
N MET A 169 -13.70 -2.33 -6.24
CA MET A 169 -14.30 -3.39 -7.04
C MET A 169 -13.58 -3.54 -8.38
N GLU A 170 -13.22 -2.42 -8.99
CA GLU A 170 -12.52 -2.44 -10.26
C GLU A 170 -11.72 -1.16 -10.47
N THR A 171 -10.63 -1.26 -11.23
CA THR A 171 -9.78 -0.11 -11.49
C THR A 171 -9.09 -0.25 -12.85
N LYS A 172 -8.82 0.88 -13.49
CA LYS A 172 -8.17 0.89 -14.79
C LYS A 172 -6.87 1.71 -14.75
N PRO A 173 -5.90 1.39 -15.62
CA PRO A 173 -6.02 0.29 -16.59
C PRO A 173 -5.85 -1.08 -15.96
N ASP A 174 -5.10 -1.13 -14.86
CA ASP A 174 -4.86 -2.38 -14.16
C ASP A 174 -5.28 -2.26 -12.69
N LYS A 175 -5.33 -3.39 -12.00
CA LYS A 175 -5.71 -3.42 -10.59
C LYS A 175 -4.81 -2.50 -9.76
N ALA A 176 -3.50 -2.64 -9.95
CA ALA A 176 -2.53 -1.83 -9.23
C ALA A 176 -2.16 -0.58 -10.01
N VAL A 177 -2.59 0.57 -9.54
CA VAL A 177 -2.30 1.83 -10.20
C VAL A 177 -1.70 2.85 -9.23
N SER A 178 -0.84 3.72 -9.74
CA SER A 178 -0.20 4.74 -8.92
C SER A 178 -0.95 6.07 -9.02
N ILE A 179 -1.84 6.31 -8.06
CA ILE A 179 -2.62 7.54 -8.03
C ILE A 179 -1.86 8.65 -7.31
N ILE A 180 -0.98 9.33 -8.03
CA ILE A 180 -0.19 10.42 -7.46
C ILE A 180 -0.57 11.75 -8.08
N GLU A 181 -1.55 12.42 -7.48
CA GLU A 181 -2.02 13.71 -7.97
C GLU A 181 -2.57 13.59 -9.39
N CYS A 182 -3.54 12.69 -9.56
CA CYS A 182 -4.15 12.48 -10.86
C CYS A 182 -5.68 12.38 -10.73
N ASP A 183 -6.38 12.92 -11.72
CA ASP A 183 -7.83 12.89 -11.72
C ASP A 183 -8.36 11.77 -12.61
N MET A 184 -9.34 11.02 -12.09
CA MET A 184 -9.93 9.91 -12.83
C MET A 184 -11.44 9.87 -12.65
N ASN A 185 -12.12 9.12 -13.51
CA ASN A 185 -13.57 8.99 -13.43
C ASN A 185 -13.97 8.01 -12.33
N VAL A 186 -13.89 8.46 -11.09
CA VAL A 186 -14.24 7.61 -9.95
C VAL A 186 -15.72 7.23 -9.99
N ASP A 187 -15.99 5.93 -9.92
CA ASP A 187 -17.36 5.43 -9.96
C ASP A 187 -17.73 4.79 -8.63
N PHE A 188 -19.04 4.63 -8.39
CA PHE A 188 -19.52 4.03 -7.17
C PHE A 188 -20.42 2.83 -7.46
N ASP A 189 -20.12 1.70 -6.82
CA ASP A 189 -20.90 0.48 -7.02
C ASP A 189 -22.04 0.40 -6.00
N ALA A 190 -23.22 0.87 -6.40
CA ALA A 190 -24.38 0.84 -5.53
C ALA A 190 -25.62 0.38 -6.30
N GLY A 1 47.15 -16.10 -4.18
CA GLY A 1 45.75 -16.21 -4.71
C GLY A 1 44.73 -15.67 -3.73
N SER A 2 43.86 -14.79 -4.22
CA SER A 2 42.82 -14.19 -3.39
C SER A 2 41.57 -15.06 -3.36
N SER A 3 40.92 -15.18 -4.51
CA SER A 3 39.71 -15.98 -4.63
C SER A 3 40.01 -17.45 -4.40
N GLY A 4 39.56 -17.98 -3.27
CA GLY A 4 39.80 -19.38 -2.95
C GLY A 4 39.10 -19.82 -1.69
N SER A 5 37.90 -20.38 -1.84
CA SER A 5 37.12 -20.84 -0.69
C SER A 5 36.82 -19.68 0.26
N SER A 6 36.00 -19.96 1.27
CA SER A 6 35.63 -18.94 2.25
C SER A 6 34.90 -17.79 1.58
N GLY A 7 34.06 -18.11 0.61
CA GLY A 7 33.31 -17.08 -0.10
C GLY A 7 31.90 -17.52 -0.42
N ILE A 8 30.97 -16.56 -0.41
CA ILE A 8 29.57 -16.86 -0.71
C ILE A 8 28.89 -15.67 -1.39
N PRO A 9 29.20 -15.44 -2.68
CA PRO A 9 28.62 -14.33 -3.44
C PRO A 9 27.13 -14.55 -3.74
N ARG A 10 26.39 -13.45 -3.82
CA ARG A 10 24.96 -13.51 -4.09
C ARG A 10 24.56 -12.47 -5.13
N VAL A 11 23.60 -12.83 -5.97
CA VAL A 11 23.11 -11.91 -7.00
C VAL A 11 22.11 -10.92 -6.45
N PHE A 12 22.54 -9.67 -6.30
CA PHE A 12 21.67 -8.62 -5.77
C PHE A 12 22.16 -7.24 -6.22
N GLN A 13 21.86 -6.89 -7.47
CA GLN A 13 22.26 -5.61 -8.01
C GLN A 13 21.04 -4.74 -8.34
N ASN A 14 19.99 -5.38 -8.84
CA ASN A 14 18.76 -4.68 -9.19
C ASN A 14 17.54 -5.47 -8.77
N ARG A 15 16.38 -4.82 -8.78
CA ARG A 15 15.13 -5.46 -8.40
C ARG A 15 15.18 -5.94 -6.95
N PHE A 16 14.36 -5.33 -6.11
CA PHE A 16 14.31 -5.69 -4.70
C PHE A 16 13.33 -6.83 -4.46
N SER A 17 13.79 -7.86 -3.76
CA SER A 17 12.96 -9.02 -3.46
C SER A 17 13.44 -9.72 -2.19
N THR A 18 12.54 -9.88 -1.22
CA THR A 18 12.87 -10.53 0.04
C THR A 18 11.62 -10.68 0.91
N GLN A 19 11.80 -11.28 2.08
CA GLN A 19 10.70 -11.48 3.01
C GLN A 19 10.80 -10.54 4.20
N TYR A 20 9.67 -10.26 4.83
CA TYR A 20 9.64 -9.36 5.98
C TYR A 20 8.43 -9.66 6.87
N ARG A 21 8.55 -9.37 8.16
CA ARG A 21 7.48 -9.59 9.11
C ARG A 21 6.47 -8.45 9.08
N CYS A 22 5.18 -8.79 9.05
CA CYS A 22 4.13 -7.79 9.03
C CYS A 22 3.49 -7.63 10.41
N PHE A 23 3.42 -6.39 10.88
CA PHE A 23 2.84 -6.10 12.18
C PHE A 23 1.96 -4.85 12.13
N SER A 24 1.30 -4.55 13.23
CA SER A 24 0.44 -3.38 13.31
C SER A 24 1.23 -2.13 13.69
N VAL A 25 0.53 -1.00 13.78
CA VAL A 25 1.18 0.26 14.14
C VAL A 25 1.06 0.54 15.64
N SER A 26 0.80 -0.51 16.41
CA SER A 26 0.67 -0.36 17.87
C SER A 26 1.97 -0.69 18.58
N MET A 27 2.86 -1.41 17.88
CA MET A 27 4.15 -1.80 18.46
C MET A 27 5.23 -0.80 18.08
N LEU A 28 4.83 0.41 17.70
CA LEU A 28 5.78 1.45 17.32
C LEU A 28 6.10 2.35 18.51
N ALA A 29 5.07 2.94 19.09
CA ALA A 29 5.23 3.84 20.23
C ALA A 29 6.14 5.02 19.89
N GLY A 30 6.44 5.83 20.89
CA GLY A 30 7.30 6.98 20.67
C GLY A 30 6.92 8.16 21.55
N PRO A 31 7.71 9.25 21.52
CA PRO A 31 7.44 10.44 22.34
C PRO A 31 6.20 11.20 21.86
N ASN A 32 5.98 11.20 20.55
CA ASN A 32 4.83 11.89 19.98
C ASN A 32 4.04 10.96 19.08
N ASP A 33 2.76 10.79 19.39
CA ASP A 33 1.89 9.91 18.61
C ASP A 33 0.93 10.74 17.75
N ARG A 34 0.54 10.18 16.61
CA ARG A 34 -0.38 10.86 15.71
C ARG A 34 -1.27 9.86 14.97
N SER A 35 -2.43 10.32 14.54
CA SER A 35 -3.37 9.46 13.81
C SER A 35 -3.24 9.66 12.31
N ASP A 36 -2.05 10.05 11.86
CA ASP A 36 -1.80 10.27 10.45
C ASP A 36 -1.05 9.08 9.83
N VAL A 37 -0.96 7.99 10.57
CA VAL A 37 -0.27 6.80 10.09
C VAL A 37 -1.25 5.71 9.67
N GLU A 38 -2.37 5.64 10.39
CA GLU A 38 -3.39 4.64 10.10
C GLU A 38 -4.28 5.10 8.94
N LYS A 39 -4.46 6.42 8.82
CA LYS A 39 -5.27 6.98 7.76
C LYS A 39 -4.47 7.13 6.47
N GLY A 40 -4.52 6.10 5.63
CA GLY A 40 -3.79 6.13 4.37
C GLY A 40 -3.07 4.84 4.09
N GLY A 41 -2.40 4.77 2.94
CA GLY A 41 -1.68 3.57 2.58
C GLY A 41 -0.17 3.71 2.77
N LYS A 42 0.20 4.50 3.77
CA LYS A 42 1.62 4.73 4.08
C LYS A 42 2.13 3.69 5.06
N ILE A 43 3.32 3.14 4.78
CA ILE A 43 3.93 2.13 5.64
C ILE A 43 5.36 2.50 6.00
N ILE A 44 5.91 1.79 6.97
CA ILE A 44 7.28 2.05 7.41
C ILE A 44 8.16 0.80 7.24
N MET A 45 9.39 1.02 6.82
CA MET A 45 10.33 -0.08 6.61
C MET A 45 11.68 0.23 7.25
N PRO A 46 12.49 -0.81 7.54
CA PRO A 46 13.82 -0.64 8.14
C PRO A 46 14.69 0.34 7.37
N PRO A 47 15.74 0.87 8.01
CA PRO A 47 16.66 1.82 7.37
C PRO A 47 17.49 1.17 6.27
N SER A 48 17.71 -0.14 6.38
CA SER A 48 18.49 -0.87 5.40
C SER A 48 17.88 -0.75 4.01
N ALA A 49 16.55 -0.76 3.94
CA ALA A 49 15.84 -0.64 2.68
C ALA A 49 16.19 0.66 1.97
N LEU A 50 16.43 1.70 2.76
CA LEU A 50 16.77 3.02 2.20
C LEU A 50 18.07 2.95 1.41
N ASP A 51 19.11 2.40 2.03
CA ASP A 51 20.42 2.28 1.38
C ASP A 51 20.37 1.22 0.28
N GLN A 52 19.53 0.21 0.46
CA GLN A 52 19.40 -0.86 -0.52
C GLN A 52 18.66 -0.37 -1.76
N LEU A 53 17.58 0.37 -1.55
CA LEU A 53 16.78 0.90 -2.65
C LEU A 53 17.64 1.77 -3.58
N SER A 54 18.33 2.74 -3.00
CA SER A 54 19.18 3.64 -3.77
C SER A 54 20.34 2.87 -4.40
N ARG A 55 20.77 1.80 -3.74
CA ARG A 55 21.88 1.00 -4.24
C ARG A 55 21.42 0.10 -5.39
N LEU A 56 20.14 -0.23 -5.41
CA LEU A 56 19.58 -1.08 -6.45
C LEU A 56 18.99 -0.25 -7.58
N ASN A 57 19.41 1.01 -7.68
CA ASN A 57 18.92 1.91 -8.73
C ASN A 57 17.40 2.05 -8.66
N ILE A 58 16.86 2.03 -7.44
CA ILE A 58 15.43 2.16 -7.25
C ILE A 58 15.06 3.57 -6.79
N THR A 59 14.27 4.27 -7.61
CA THR A 59 13.85 5.63 -7.30
C THR A 59 12.35 5.68 -7.08
N TYR A 60 11.86 6.85 -6.67
CA TYR A 60 10.43 7.04 -6.42
C TYR A 60 9.65 6.99 -7.73
N PRO A 61 8.42 6.43 -7.71
CA PRO A 61 7.81 5.86 -6.51
C PRO A 61 8.39 4.49 -6.16
N MET A 62 8.23 4.08 -4.90
CA MET A 62 8.74 2.80 -4.44
C MET A 62 7.62 1.97 -3.81
N LEU A 63 6.58 1.69 -4.58
CA LEU A 63 5.45 0.91 -4.09
C LEU A 63 5.81 -0.57 -4.00
N PHE A 64 5.83 -1.09 -2.78
CA PHE A 64 6.17 -2.50 -2.56
C PHE A 64 4.95 -3.39 -2.81
N LYS A 65 5.15 -4.47 -3.56
CA LYS A 65 4.08 -5.40 -3.87
C LYS A 65 3.91 -6.44 -2.75
N LEU A 66 3.02 -6.15 -1.81
CA LEU A 66 2.77 -7.05 -0.70
C LEU A 66 1.87 -8.21 -1.14
N THR A 67 2.46 -9.17 -1.85
CA THR A 67 1.71 -10.33 -2.32
C THR A 67 1.74 -11.45 -1.29
N ASN A 68 0.65 -11.63 -0.57
CA ASN A 68 0.54 -12.67 0.44
C ASN A 68 0.57 -14.05 -0.20
N LYS A 69 1.47 -14.91 0.27
CA LYS A 69 1.59 -16.26 -0.25
C LYS A 69 0.86 -17.26 0.65
N ASN A 70 -0.22 -16.81 1.27
CA ASN A 70 -1.01 -17.66 2.16
C ASN A 70 -2.46 -17.72 1.72
N SER A 71 -3.02 -16.56 1.36
CA SER A 71 -4.40 -16.49 0.91
C SER A 71 -4.49 -15.86 -0.47
N ASP A 72 -3.41 -15.92 -1.23
CA ASP A 72 -3.37 -15.36 -2.57
C ASP A 72 -3.78 -13.88 -2.56
N ARG A 73 -3.48 -13.21 -1.47
CA ARG A 73 -3.82 -11.79 -1.33
C ARG A 73 -2.77 -10.91 -2.02
N MET A 74 -3.18 -9.69 -2.37
CA MET A 74 -2.28 -8.76 -3.03
C MET A 74 -2.71 -7.32 -2.77
N THR A 75 -1.76 -6.48 -2.39
CA THR A 75 -2.03 -5.07 -2.11
C THR A 75 -0.76 -4.23 -2.17
N HIS A 76 -0.69 -3.34 -3.15
CA HIS A 76 0.47 -2.48 -3.32
C HIS A 76 0.44 -1.31 -2.34
N CYS A 77 1.48 -1.19 -1.53
CA CYS A 77 1.56 -0.11 -0.55
C CYS A 77 2.75 0.80 -0.84
N GLY A 78 2.62 2.07 -0.47
CA GLY A 78 3.70 3.02 -0.70
C GLY A 78 4.46 3.35 0.57
N VAL A 79 5.78 3.25 0.50
CA VAL A 79 6.63 3.55 1.65
C VAL A 79 6.62 5.04 1.98
N LEU A 80 6.73 5.36 3.26
CA LEU A 80 6.73 6.75 3.71
C LEU A 80 7.92 7.02 4.63
N GLU A 81 7.97 6.30 5.75
CA GLU A 81 9.04 6.45 6.72
C GLU A 81 9.96 5.23 6.73
N PHE A 82 11.24 5.47 6.97
CA PHE A 82 12.22 4.39 7.01
C PHE A 82 12.78 4.20 8.42
N VAL A 83 11.88 4.11 9.39
CA VAL A 83 12.28 3.92 10.79
C VAL A 83 11.53 2.76 11.42
N ALA A 84 11.98 1.55 11.14
CA ALA A 84 11.36 0.34 11.68
C ALA A 84 12.41 -0.61 12.25
N ASP A 85 11.94 -1.67 12.90
CA ASP A 85 12.84 -2.66 13.48
C ASP A 85 13.42 -3.57 12.42
N GLU A 86 14.50 -4.27 12.76
CA GLU A 86 15.16 -5.18 11.83
C GLU A 86 14.26 -6.37 11.49
N GLY A 87 13.77 -6.40 10.26
CA GLY A 87 12.89 -7.48 9.84
C GLY A 87 11.50 -7.37 10.44
N ILE A 88 11.03 -6.14 10.59
CA ILE A 88 9.70 -5.91 11.15
C ILE A 88 9.03 -4.71 10.48
N CYS A 89 8.27 -4.98 9.42
CA CYS A 89 7.57 -3.93 8.69
C CYS A 89 6.28 -3.53 9.41
N TYR A 90 6.05 -2.22 9.53
CA TYR A 90 4.86 -1.71 10.19
C TYR A 90 3.81 -1.31 9.17
N LEU A 91 2.60 -1.82 9.34
CA LEU A 91 1.49 -1.51 8.43
C LEU A 91 0.25 -1.09 9.20
N PRO A 92 -0.66 -0.35 8.55
CA PRO A 92 -1.91 0.12 9.19
C PRO A 92 -2.69 -1.02 9.81
N HIS A 93 -3.90 -0.71 10.28
CA HIS A 93 -4.76 -1.71 10.91
C HIS A 93 -5.66 -2.38 9.88
N TRP A 94 -6.15 -1.59 8.93
CA TRP A 94 -7.02 -2.11 7.89
C TRP A 94 -6.24 -3.02 6.92
N MET A 95 -5.04 -2.59 6.55
CA MET A 95 -4.21 -3.35 5.65
C MET A 95 -3.86 -4.71 6.23
N MET A 96 -3.77 -4.77 7.56
CA MET A 96 -3.45 -6.02 8.25
C MET A 96 -4.65 -6.95 8.26
N GLN A 97 -5.85 -6.37 8.30
CA GLN A 97 -7.08 -7.15 8.31
C GLN A 97 -7.45 -7.61 6.91
N ASN A 98 -7.22 -6.75 5.93
CA ASN A 98 -7.52 -7.05 4.54
C ASN A 98 -6.60 -8.14 4.01
N LEU A 99 -5.32 -8.01 4.29
CA LEU A 99 -4.33 -9.00 3.85
C LEU A 99 -4.52 -10.33 4.57
N LEU A 100 -5.12 -10.28 5.75
CA LEU A 100 -5.36 -11.49 6.54
C LEU A 100 -4.04 -12.09 7.01
N LEU A 101 -3.17 -11.26 7.57
CA LEU A 101 -1.87 -11.71 8.06
C LEU A 101 -1.93 -11.99 9.55
N GLU A 102 -0.79 -12.34 10.14
CA GLU A 102 -0.71 -12.64 11.56
C GLU A 102 0.51 -11.96 12.18
N GLU A 103 0.63 -12.07 13.50
CA GLU A 103 1.74 -11.48 14.22
C GLU A 103 3.08 -12.04 13.74
N GLY A 104 3.68 -11.37 12.76
CA GLY A 104 4.94 -11.81 12.22
C GLY A 104 4.78 -12.57 10.90
N GLY A 105 3.72 -12.23 10.16
CA GLY A 105 3.48 -12.88 8.90
C GLY A 105 4.49 -12.48 7.83
N LEU A 106 5.07 -13.48 7.17
CA LEU A 106 6.05 -13.23 6.13
C LEU A 106 5.37 -13.04 4.77
N VAL A 107 5.68 -11.93 4.10
CA VAL A 107 5.11 -11.62 2.81
C VAL A 107 6.19 -11.27 1.79
N GLN A 108 5.88 -11.45 0.52
CA GLN A 108 6.83 -11.14 -0.55
C GLN A 108 6.86 -9.64 -0.84
N VAL A 109 8.06 -9.06 -0.77
CA VAL A 109 8.23 -7.63 -1.02
C VAL A 109 8.99 -7.39 -2.31
N GLU A 110 8.28 -6.97 -3.35
CA GLU A 110 8.89 -6.69 -4.65
C GLU A 110 8.57 -5.28 -5.11
N SER A 111 9.61 -4.58 -5.58
CA SER A 111 9.43 -3.20 -6.06
C SER A 111 8.91 -3.19 -7.50
N VAL A 112 7.65 -2.79 -7.66
CA VAL A 112 7.03 -2.74 -8.97
C VAL A 112 6.78 -1.29 -9.39
N ASN A 113 6.68 -1.07 -10.70
CA ASN A 113 6.43 0.28 -11.22
C ASN A 113 5.02 0.39 -11.77
N LEU A 114 4.22 1.26 -11.18
CA LEU A 114 2.85 1.46 -11.61
C LEU A 114 2.63 2.89 -12.11
N GLN A 115 1.61 3.08 -12.94
CA GLN A 115 1.30 4.40 -13.48
C GLN A 115 0.01 4.94 -12.88
N VAL A 116 -0.26 6.21 -13.15
CA VAL A 116 -1.47 6.86 -12.62
C VAL A 116 -2.72 6.23 -13.21
N ALA A 117 -3.74 6.07 -12.38
CA ALA A 117 -5.00 5.48 -12.82
C ALA A 117 -5.86 6.50 -13.55
N THR A 118 -6.65 6.03 -14.50
CA THR A 118 -7.54 6.89 -15.27
C THR A 118 -8.99 6.71 -14.86
N TYR A 119 -9.37 5.46 -14.57
CA TYR A 119 -10.73 5.15 -14.16
C TYR A 119 -10.74 4.35 -12.87
N SER A 120 -11.45 4.83 -11.87
CA SER A 120 -11.55 4.16 -10.58
C SER A 120 -12.99 4.00 -10.14
N LYS A 121 -13.30 2.85 -9.57
CA LYS A 121 -14.65 2.56 -9.09
C LYS A 121 -14.63 2.03 -7.67
N PHE A 122 -15.39 2.68 -6.78
CA PHE A 122 -15.45 2.26 -5.38
C PHE A 122 -16.84 1.75 -5.03
N GLN A 123 -16.89 0.78 -4.11
CA GLN A 123 -18.15 0.19 -3.69
C GLN A 123 -18.24 0.15 -2.16
N PRO A 124 -18.82 1.19 -1.54
CA PRO A 124 -18.96 1.27 -0.08
C PRO A 124 -19.56 0.00 0.51
N GLN A 125 -18.79 -0.69 1.34
CA GLN A 125 -19.25 -1.92 1.97
C GLN A 125 -20.26 -1.61 3.08
N SER A 126 -20.10 -0.47 3.73
CA SER A 126 -20.99 -0.05 4.79
C SER A 126 -21.92 1.07 4.34
N PRO A 127 -23.16 1.10 4.85
CA PRO A 127 -24.14 2.13 4.49
C PRO A 127 -23.80 3.51 5.08
N ASP A 128 -22.89 3.52 6.06
CA ASP A 128 -22.48 4.76 6.71
C ASP A 128 -21.95 5.76 5.69
N PHE A 129 -21.19 5.26 4.71
CA PHE A 129 -20.62 6.12 3.68
C PHE A 129 -21.70 6.60 2.72
N LEU A 130 -22.65 5.72 2.40
CA LEU A 130 -23.74 6.05 1.49
C LEU A 130 -24.63 7.13 2.08
N ASP A 131 -24.75 7.13 3.40
CA ASP A 131 -25.57 8.12 4.10
C ASP A 131 -25.04 9.53 3.87
N ILE A 132 -23.75 9.64 3.59
CA ILE A 132 -23.12 10.94 3.35
C ILE A 132 -23.67 11.58 2.07
N THR A 133 -23.97 12.87 2.15
CA THR A 133 -24.50 13.59 1.00
C THR A 133 -23.44 13.72 -0.09
N ASN A 134 -22.19 13.91 0.31
CA ASN A 134 -21.10 14.05 -0.63
C ASN A 134 -20.06 12.95 -0.43
N PRO A 135 -20.37 11.72 -0.87
CA PRO A 135 -19.45 10.58 -0.73
C PRO A 135 -18.24 10.69 -1.65
N LYS A 136 -18.44 11.34 -2.79
CA LYS A 136 -17.35 11.50 -3.76
C LYS A 136 -16.26 12.41 -3.20
N ALA A 137 -16.67 13.43 -2.45
CA ALA A 137 -15.73 14.38 -1.86
C ALA A 137 -14.93 13.71 -0.74
N VAL A 138 -15.61 12.96 0.11
CA VAL A 138 -14.97 12.28 1.23
C VAL A 138 -13.96 11.25 0.73
N LEU A 139 -14.35 10.48 -0.27
CA LEU A 139 -13.48 9.46 -0.84
C LEU A 139 -12.33 10.09 -1.61
N GLU A 140 -12.58 11.26 -2.19
CA GLU A 140 -11.55 11.97 -2.95
C GLU A 140 -10.53 12.61 -2.01
N ASN A 141 -10.98 13.00 -0.83
CA ASN A 141 -10.10 13.62 0.16
C ASN A 141 -9.25 12.56 0.88
N ALA A 142 -9.84 11.39 1.09
CA ALA A 142 -9.14 10.30 1.76
C ALA A 142 -8.09 9.69 0.86
N LEU A 143 -8.38 9.61 -0.44
CA LEU A 143 -7.46 9.05 -1.41
C LEU A 143 -6.14 9.82 -1.41
N ARG A 144 -6.19 11.09 -1.02
CA ARG A 144 -5.00 11.92 -0.98
C ARG A 144 -3.90 11.29 -0.14
N ASN A 145 -4.30 10.53 0.88
CA ASN A 145 -3.35 9.86 1.76
C ASN A 145 -2.85 8.56 1.14
N PHE A 146 -3.72 7.92 0.35
CA PHE A 146 -3.36 6.66 -0.30
C PHE A 146 -2.35 6.90 -1.42
N ALA A 147 -1.38 5.99 -1.54
CA ALA A 147 -0.35 6.09 -2.56
C ALA A 147 -0.65 5.17 -3.74
N CYS A 148 -1.32 4.06 -3.46
CA CYS A 148 -1.67 3.10 -4.50
C CYS A 148 -2.99 2.39 -4.17
N LEU A 149 -3.62 1.85 -5.21
CA LEU A 149 -4.89 1.15 -5.03
C LEU A 149 -4.89 -0.17 -5.79
N THR A 150 -5.65 -1.14 -5.28
CA THR A 150 -5.74 -2.45 -5.91
C THR A 150 -7.19 -2.85 -6.14
N THR A 151 -7.44 -3.61 -7.20
CA THR A 151 -8.79 -4.06 -7.52
C THR A 151 -9.21 -5.21 -6.60
N GLY A 152 -10.03 -4.87 -5.61
CA GLY A 152 -10.50 -5.88 -4.67
C GLY A 152 -9.78 -5.81 -3.33
N ASP A 153 -9.69 -4.61 -2.77
CA ASP A 153 -9.02 -4.41 -1.50
C ASP A 153 -9.85 -3.52 -0.58
N VAL A 154 -10.32 -4.08 0.52
CA VAL A 154 -11.13 -3.34 1.48
C VAL A 154 -10.29 -2.35 2.26
N ILE A 155 -10.33 -1.08 1.84
CA ILE A 155 -9.57 -0.03 2.49
C ILE A 155 -10.42 0.74 3.49
N ALA A 156 -9.82 1.13 4.60
CA ALA A 156 -10.53 1.88 5.64
C ALA A 156 -10.09 3.34 5.66
N ILE A 157 -11.01 4.22 6.07
CA ILE A 157 -10.71 5.65 6.14
C ILE A 157 -11.35 6.28 7.37
N ASN A 158 -10.61 7.18 8.02
CA ASN A 158 -11.11 7.86 9.20
C ASN A 158 -10.97 9.37 9.06
N TYR A 159 -11.79 10.10 9.82
CA TYR A 159 -11.77 11.55 9.77
C TYR A 159 -12.76 12.15 10.78
N ASN A 160 -13.98 11.61 10.80
CA ASN A 160 -15.00 12.08 11.70
C ASN A 160 -15.18 11.12 12.88
N GLU A 161 -14.07 10.64 13.41
CA GLU A 161 -14.09 9.71 14.53
C GLU A 161 -14.83 8.43 14.16
N LYS A 162 -14.76 8.05 12.89
CA LYS A 162 -15.42 6.85 12.40
C LYS A 162 -14.68 6.27 11.20
N ILE A 163 -14.33 5.00 11.28
CA ILE A 163 -13.63 4.32 10.20
C ILE A 163 -14.60 3.76 9.17
N TYR A 164 -14.76 4.46 8.06
CA TYR A 164 -15.66 4.03 7.00
C TYR A 164 -15.02 2.93 6.14
N GLU A 165 -15.69 1.79 6.05
CA GLU A 165 -15.19 0.68 5.26
C GLU A 165 -15.61 0.79 3.80
N LEU A 166 -14.66 0.63 2.90
CA LEU A 166 -14.94 0.71 1.47
C LEU A 166 -14.10 -0.30 0.70
N ARG A 167 -14.65 -0.81 -0.40
CA ARG A 167 -13.94 -1.78 -1.23
C ARG A 167 -13.92 -1.34 -2.68
N VAL A 168 -12.73 -1.31 -3.27
CA VAL A 168 -12.57 -0.91 -4.66
C VAL A 168 -13.16 -1.95 -5.61
N MET A 169 -13.96 -1.48 -6.57
CA MET A 169 -14.58 -2.38 -7.54
C MET A 169 -13.66 -2.61 -8.74
N GLU A 170 -13.25 -1.52 -9.38
CA GLU A 170 -12.37 -1.60 -10.53
C GLU A 170 -11.39 -0.43 -10.57
N THR A 171 -10.30 -0.58 -11.30
CA THR A 171 -9.29 0.46 -11.42
C THR A 171 -8.43 0.25 -12.67
N LYS A 172 -8.46 1.22 -13.57
CA LYS A 172 -7.68 1.15 -14.79
C LYS A 172 -6.37 1.91 -14.66
N PRO A 173 -5.35 1.54 -15.45
CA PRO A 173 -5.44 0.45 -16.44
C PRO A 173 -5.37 -0.92 -15.80
N ASP A 174 -4.45 -1.08 -14.85
CA ASP A 174 -4.27 -2.36 -14.16
C ASP A 174 -4.79 -2.27 -12.73
N LYS A 175 -4.79 -3.41 -12.04
CA LYS A 175 -5.26 -3.46 -10.66
C LYS A 175 -4.45 -2.52 -9.77
N ALA A 176 -3.13 -2.60 -9.87
CA ALA A 176 -2.25 -1.75 -9.09
C ALA A 176 -1.88 -0.48 -9.84
N VAL A 177 -2.35 0.65 -9.34
CA VAL A 177 -2.07 1.94 -9.98
C VAL A 177 -1.54 2.95 -8.97
N SER A 178 -0.55 3.73 -9.37
CA SER A 178 0.04 4.73 -8.50
C SER A 178 -0.66 6.09 -8.68
N ILE A 179 -1.59 6.39 -7.77
CA ILE A 179 -2.33 7.63 -7.83
C ILE A 179 -1.64 8.73 -7.02
N ILE A 180 -0.62 9.34 -7.61
CA ILE A 180 0.14 10.39 -6.95
C ILE A 180 -0.17 11.75 -7.56
N GLU A 181 -1.26 12.37 -7.12
CA GLU A 181 -1.66 13.68 -7.64
C GLU A 181 -1.93 13.61 -9.14
N CYS A 182 -3.10 13.10 -9.51
CA CYS A 182 -3.48 12.98 -10.91
C CYS A 182 -4.99 13.00 -11.07
N ASP A 183 -5.46 13.54 -12.19
CA ASP A 183 -6.88 13.63 -12.47
C ASP A 183 -7.40 12.34 -13.08
N MET A 184 -8.38 11.72 -12.43
CA MET A 184 -8.96 10.47 -12.91
C MET A 184 -10.45 10.42 -12.62
N ASN A 185 -11.18 9.66 -13.43
CA ASN A 185 -12.63 9.52 -13.26
C ASN A 185 -12.95 8.62 -12.07
N VAL A 186 -13.64 9.17 -11.09
CA VAL A 186 -14.02 8.41 -9.89
C VAL A 186 -15.50 8.05 -9.92
N ASP A 187 -15.78 6.76 -10.12
CA ASP A 187 -17.16 6.29 -10.16
C ASP A 187 -17.59 5.75 -8.79
N PHE A 188 -18.89 5.49 -8.65
CA PHE A 188 -19.43 4.98 -7.40
C PHE A 188 -20.53 3.94 -7.66
N ASP A 189 -20.23 2.68 -7.37
CA ASP A 189 -21.18 1.60 -7.57
C ASP A 189 -21.65 1.03 -6.24
N ALA A 190 -22.88 1.36 -5.85
CA ALA A 190 -23.43 0.87 -4.59
C ALA A 190 -24.83 0.32 -4.80
N GLY A 1 39.08 7.98 -12.98
CA GLY A 1 38.42 9.11 -13.69
C GLY A 1 37.33 9.76 -12.86
N SER A 2 37.24 11.08 -12.93
CA SER A 2 36.23 11.82 -12.18
C SER A 2 35.25 12.51 -13.13
N SER A 3 34.35 13.31 -12.56
CA SER A 3 33.36 14.03 -13.35
C SER A 3 32.48 13.06 -14.13
N GLY A 4 31.24 12.89 -13.68
CA GLY A 4 30.32 11.99 -14.36
C GLY A 4 30.48 10.56 -13.89
N SER A 5 30.77 9.67 -14.84
CA SER A 5 30.94 8.25 -14.52
C SER A 5 32.24 8.02 -13.77
N SER A 6 32.49 6.77 -13.39
CA SER A 6 33.70 6.41 -12.66
C SER A 6 33.88 4.89 -12.61
N GLY A 7 35.01 4.42 -13.14
CA GLY A 7 35.28 3.00 -13.14
C GLY A 7 34.32 2.23 -14.05
N ILE A 8 34.06 0.97 -13.68
CA ILE A 8 33.17 0.13 -14.45
C ILE A 8 32.29 -0.73 -13.54
N PRO A 9 31.09 -0.22 -13.19
CA PRO A 9 30.16 -0.94 -12.32
C PRO A 9 29.58 -2.19 -12.99
N ARG A 10 29.69 -3.32 -12.30
CA ARG A 10 29.19 -4.59 -12.83
C ARG A 10 27.90 -5.00 -12.10
N VAL A 11 26.80 -5.02 -12.83
CA VAL A 11 25.51 -5.40 -12.26
C VAL A 11 24.72 -6.29 -13.22
N PHE A 12 23.92 -7.18 -12.65
CA PHE A 12 23.11 -8.10 -13.46
C PHE A 12 21.66 -8.11 -12.96
N GLN A 13 21.49 -8.23 -11.65
CA GLN A 13 20.16 -8.26 -11.05
C GLN A 13 19.73 -6.87 -10.62
N ASN A 14 18.46 -6.55 -10.85
CA ASN A 14 17.93 -5.24 -10.46
C ASN A 14 16.62 -5.40 -9.68
N ARG A 15 16.01 -4.27 -9.32
CA ARG A 15 14.76 -4.29 -8.58
C ARG A 15 14.95 -4.93 -7.21
N PHE A 16 13.95 -4.76 -6.34
CA PHE A 16 14.00 -5.33 -5.00
C PHE A 16 13.10 -6.54 -4.88
N SER A 17 13.55 -7.55 -4.15
CA SER A 17 12.78 -8.78 -3.96
C SER A 17 13.27 -9.54 -2.73
N THR A 18 12.38 -9.71 -1.75
CA THR A 18 12.71 -10.42 -0.53
C THR A 18 11.50 -10.55 0.38
N GLN A 19 11.56 -11.49 1.32
CA GLN A 19 10.47 -11.71 2.26
C GLN A 19 10.63 -10.85 3.51
N TYR A 20 9.51 -10.37 4.03
CA TYR A 20 9.53 -9.54 5.23
C TYR A 20 8.32 -9.81 6.10
N ARG A 21 8.54 -9.91 7.40
CA ARG A 21 7.47 -10.17 8.35
C ARG A 21 6.57 -8.96 8.51
N CYS A 22 5.33 -9.18 8.96
CA CYS A 22 4.37 -8.10 9.14
C CYS A 22 3.92 -8.02 10.60
N PHE A 23 3.97 -6.82 11.16
CA PHE A 23 3.56 -6.60 12.54
C PHE A 23 2.70 -5.35 12.67
N SER A 24 2.05 -5.20 13.83
CA SER A 24 1.19 -4.05 14.07
C SER A 24 2.02 -2.82 14.45
N VAL A 25 1.64 -1.67 13.91
CA VAL A 25 2.34 -0.42 14.18
C VAL A 25 2.25 -0.05 15.65
N SER A 26 1.27 -0.63 16.35
CA SER A 26 1.08 -0.35 17.77
C SER A 26 2.22 -0.90 18.61
N MET A 27 3.06 -1.74 18.00
CA MET A 27 4.20 -2.33 18.70
C MET A 27 5.46 -1.48 18.54
N LEU A 28 5.28 -0.21 18.19
CA LEU A 28 6.41 0.69 18.00
C LEU A 28 6.08 2.08 18.53
N ALA A 29 6.08 2.22 19.86
CA ALA A 29 5.78 3.50 20.50
C ALA A 29 7.05 4.32 20.70
N GLY A 30 6.93 5.41 21.44
CA GLY A 30 8.07 6.27 21.70
C GLY A 30 7.68 7.57 22.38
N PRO A 31 8.50 8.62 22.24
CA PRO A 31 8.22 9.92 22.86
C PRO A 31 6.83 10.44 22.52
N ASN A 32 6.34 10.06 21.34
CA ASN A 32 5.01 10.48 20.90
C ASN A 32 4.25 9.31 20.27
N ASP A 33 2.95 9.51 20.06
CA ASP A 33 2.11 8.47 19.45
C ASP A 33 1.85 8.78 17.98
N ARG A 34 1.35 9.98 17.72
CA ARG A 34 1.05 10.39 16.35
C ARG A 34 0.01 9.46 15.72
N SER A 35 -1.20 9.99 15.53
CA SER A 35 -2.28 9.20 14.94
C SER A 35 -2.39 9.48 13.44
N ASP A 36 -1.30 9.94 12.84
CA ASP A 36 -1.29 10.24 11.41
C ASP A 36 -0.85 9.03 10.60
N VAL A 37 -0.02 8.18 11.21
CA VAL A 37 0.48 6.98 10.56
C VAL A 37 -0.68 6.07 10.14
N GLU A 38 -1.71 6.02 10.97
CA GLU A 38 -2.88 5.19 10.69
C GLU A 38 -3.71 5.78 9.55
N LYS A 39 -3.80 7.11 9.51
CA LYS A 39 -4.56 7.79 8.47
C LYS A 39 -3.71 7.99 7.22
N GLY A 40 -3.57 6.93 6.43
CA GLY A 40 -2.78 7.02 5.21
C GLY A 40 -2.30 5.67 4.74
N GLY A 41 -1.59 5.65 3.61
CA GLY A 41 -1.08 4.40 3.09
C GLY A 41 0.42 4.28 3.22
N LYS A 42 0.96 4.75 4.35
CA LYS A 42 2.39 4.70 4.60
C LYS A 42 2.71 3.62 5.63
N ILE A 43 3.93 3.08 5.56
CA ILE A 43 4.36 2.05 6.48
C ILE A 43 5.81 2.27 6.92
N ILE A 44 6.31 1.38 7.78
CA ILE A 44 7.68 1.48 8.27
C ILE A 44 8.47 0.22 7.95
N MET A 45 9.71 0.40 7.48
CA MET A 45 10.57 -0.73 7.14
C MET A 45 11.99 -0.48 7.63
N PRO A 46 12.80 -1.56 7.73
CA PRO A 46 14.19 -1.46 8.20
C PRO A 46 14.99 -0.41 7.42
N PRO A 47 15.94 0.26 8.09
CA PRO A 47 16.77 1.29 7.44
C PRO A 47 17.47 0.76 6.18
N SER A 48 17.70 -0.54 6.15
CA SER A 48 18.37 -1.17 5.00
C SER A 48 17.58 -0.92 3.72
N ALA A 49 16.26 -0.97 3.81
CA ALA A 49 15.39 -0.75 2.66
C ALA A 49 15.61 0.65 2.09
N LEU A 50 15.94 1.60 2.95
CA LEU A 50 16.17 2.98 2.51
C LEU A 50 17.37 3.07 1.59
N ASP A 51 18.50 2.51 2.03
CA ASP A 51 19.72 2.52 1.22
C ASP A 51 19.61 1.57 0.04
N GLN A 52 18.82 0.51 0.21
CA GLN A 52 18.64 -0.47 -0.86
C GLN A 52 18.05 0.18 -2.10
N LEU A 53 16.97 0.92 -1.92
CA LEU A 53 16.31 1.60 -3.04
C LEU A 53 17.28 2.51 -3.78
N SER A 54 18.16 3.17 -3.03
CA SER A 54 19.14 4.07 -3.62
C SER A 54 20.27 3.28 -4.28
N ARG A 55 20.52 2.08 -3.78
CA ARG A 55 21.57 1.23 -4.33
C ARG A 55 21.09 0.50 -5.57
N LEU A 56 19.78 0.29 -5.68
CA LEU A 56 19.20 -0.40 -6.82
C LEU A 56 18.72 0.59 -7.88
N ASN A 57 19.24 1.81 -7.83
CA ASN A 57 18.87 2.84 -8.79
C ASN A 57 17.35 3.03 -8.84
N ILE A 58 16.73 3.08 -7.66
CA ILE A 58 15.29 3.26 -7.57
C ILE A 58 14.93 4.66 -7.09
N THR A 59 14.02 5.31 -7.81
CA THR A 59 13.59 6.67 -7.45
C THR A 59 12.13 6.67 -7.02
N TYR A 60 11.68 7.81 -6.48
CA TYR A 60 10.30 7.95 -6.03
C TYR A 60 9.33 7.74 -7.19
N PRO A 61 8.19 7.06 -6.95
CA PRO A 61 7.85 6.50 -5.64
C PRO A 61 8.62 5.22 -5.33
N MET A 62 8.51 4.74 -4.10
CA MET A 62 9.20 3.54 -3.67
C MET A 62 8.23 2.53 -3.07
N LEU A 63 7.06 2.39 -3.70
CA LEU A 63 6.03 1.48 -3.23
C LEU A 63 6.48 0.03 -3.42
N PHE A 64 5.79 -0.89 -2.74
CA PHE A 64 6.11 -2.31 -2.84
C PHE A 64 4.86 -3.13 -3.12
N LYS A 65 5.04 -4.29 -3.75
CA LYS A 65 3.92 -5.17 -4.07
C LYS A 65 3.82 -6.31 -3.05
N LEU A 66 3.03 -6.08 -2.01
CA LEU A 66 2.84 -7.08 -0.96
C LEU A 66 1.93 -8.21 -1.45
N THR A 67 2.48 -9.12 -2.23
CA THR A 67 1.72 -10.25 -2.76
C THR A 67 1.60 -11.36 -1.72
N ASN A 68 0.46 -11.41 -1.04
CA ASN A 68 0.23 -12.43 -0.02
C ASN A 68 0.02 -13.80 -0.66
N LYS A 69 0.89 -14.74 -0.30
CA LYS A 69 0.81 -16.10 -0.84
C LYS A 69 0.09 -17.03 0.14
N ASN A 70 -0.84 -16.47 0.90
CA ASN A 70 -1.58 -17.26 1.89
C ASN A 70 -3.05 -17.35 1.49
N SER A 71 -3.59 -16.25 0.94
CA SER A 71 -4.98 -16.22 0.52
C SER A 71 -5.11 -15.64 -0.88
N ASP A 72 -4.03 -15.73 -1.67
CA ASP A 72 -4.04 -15.21 -3.03
C ASP A 72 -4.45 -13.74 -3.07
N ARG A 73 -3.98 -12.97 -2.08
CA ARG A 73 -4.29 -11.56 -2.00
C ARG A 73 -3.21 -10.71 -2.66
N MET A 74 -3.46 -9.42 -2.78
CA MET A 74 -2.51 -8.50 -3.40
C MET A 74 -2.76 -7.06 -2.94
N THR A 75 -1.73 -6.43 -2.40
CA THR A 75 -1.84 -5.05 -1.93
C THR A 75 -0.58 -4.26 -2.27
N HIS A 76 -0.73 -2.95 -2.37
CA HIS A 76 0.39 -2.07 -2.69
C HIS A 76 0.49 -0.92 -1.69
N CYS A 77 1.51 -0.97 -0.84
CA CYS A 77 1.72 0.07 0.17
C CYS A 77 3.04 0.80 -0.08
N GLY A 78 3.07 2.07 0.32
CA GLY A 78 4.28 2.87 0.13
C GLY A 78 5.03 3.08 1.42
N VAL A 79 6.36 2.96 1.36
CA VAL A 79 7.19 3.15 2.54
C VAL A 79 7.49 4.63 2.78
N LEU A 80 7.37 5.06 4.03
CA LEU A 80 7.63 6.45 4.39
C LEU A 80 8.79 6.55 5.37
N GLU A 81 8.66 5.89 6.51
CA GLU A 81 9.69 5.91 7.54
C GLU A 81 10.61 4.70 7.40
N PHE A 82 11.86 4.85 7.81
CA PHE A 82 12.84 3.78 7.73
C PHE A 82 13.61 3.65 9.04
N VAL A 83 12.90 3.33 10.11
CA VAL A 83 13.50 3.18 11.43
C VAL A 83 12.96 1.95 12.15
N ALA A 84 12.65 0.91 11.37
CA ALA A 84 12.12 -0.33 11.92
C ALA A 84 13.23 -1.35 12.13
N ASP A 85 12.99 -2.32 13.02
CA ASP A 85 13.97 -3.36 13.30
C ASP A 85 14.16 -4.27 12.10
N GLU A 86 15.29 -4.99 12.08
CA GLU A 86 15.59 -5.91 10.99
C GLU A 86 14.61 -7.08 10.98
N GLY A 87 14.13 -7.43 9.79
CA GLY A 87 13.20 -8.54 9.68
C GLY A 87 11.87 -8.26 10.36
N ILE A 88 11.51 -6.99 10.43
CA ILE A 88 10.26 -6.59 11.08
C ILE A 88 9.67 -5.36 10.41
N CYS A 89 8.53 -5.54 9.75
CA CYS A 89 7.87 -4.43 9.07
C CYS A 89 6.51 -4.13 9.71
N TYR A 90 6.28 -2.85 10.02
CA TYR A 90 5.02 -2.44 10.63
C TYR A 90 4.00 -2.03 9.58
N LEU A 91 2.74 -2.35 9.83
CA LEU A 91 1.66 -2.01 8.90
C LEU A 91 0.43 -1.53 9.65
N PRO A 92 -0.34 -0.61 9.04
CA PRO A 92 -1.56 -0.07 9.66
C PRO A 92 -2.51 -1.16 10.11
N HIS A 93 -3.54 -0.77 10.87
CA HIS A 93 -4.53 -1.72 11.37
C HIS A 93 -5.38 -2.26 10.23
N TRP A 94 -5.73 -1.39 9.28
CA TRP A 94 -6.54 -1.78 8.14
C TRP A 94 -5.74 -2.64 7.17
N MET A 95 -4.44 -2.39 7.10
CA MET A 95 -3.56 -3.14 6.21
C MET A 95 -3.29 -4.54 6.75
N MET A 96 -3.28 -4.65 8.08
CA MET A 96 -3.04 -5.93 8.74
C MET A 96 -4.27 -6.82 8.66
N GLN A 97 -5.44 -6.22 8.82
CA GLN A 97 -6.69 -6.96 8.78
C GLN A 97 -7.08 -7.30 7.34
N ASN A 98 -6.83 -6.36 6.43
CA ASN A 98 -7.14 -6.56 5.03
C ASN A 98 -6.39 -7.76 4.46
N LEU A 99 -5.08 -7.76 4.63
CA LEU A 99 -4.24 -8.85 4.15
C LEU A 99 -4.46 -10.12 4.97
N LEU A 100 -4.96 -9.95 6.19
CA LEU A 100 -5.21 -11.08 7.08
C LEU A 100 -3.91 -11.76 7.50
N LEU A 101 -2.93 -10.94 7.88
CA LEU A 101 -1.64 -11.46 8.31
C LEU A 101 -1.57 -11.56 9.83
N GLU A 102 -0.80 -12.52 10.32
CA GLU A 102 -0.64 -12.73 11.76
C GLU A 102 0.70 -12.20 12.24
N GLU A 103 0.96 -12.34 13.54
CA GLU A 103 2.20 -11.87 14.12
C GLU A 103 3.40 -12.57 13.49
N GLY A 104 4.21 -11.80 12.77
CA GLY A 104 5.38 -12.37 12.11
C GLY A 104 5.04 -13.02 10.79
N GLY A 105 4.19 -12.37 10.01
CA GLY A 105 3.81 -12.90 8.72
C GLY A 105 4.71 -12.43 7.60
N LEU A 106 5.51 -13.33 7.06
CA LEU A 106 6.43 -13.00 5.97
C LEU A 106 5.68 -12.81 4.66
N VAL A 107 5.98 -11.72 3.97
CA VAL A 107 5.33 -11.42 2.70
C VAL A 107 6.34 -10.92 1.67
N GLN A 108 5.98 -11.03 0.40
CA GLN A 108 6.85 -10.59 -0.69
C GLN A 108 6.87 -9.07 -0.79
N VAL A 109 8.06 -8.49 -0.67
CA VAL A 109 8.21 -7.04 -0.75
C VAL A 109 9.08 -6.64 -1.94
N GLU A 110 8.46 -6.49 -3.10
CA GLU A 110 9.18 -6.11 -4.31
C GLU A 110 8.87 -4.66 -4.70
N SER A 111 9.91 -3.92 -5.04
CA SER A 111 9.76 -2.52 -5.43
C SER A 111 9.18 -2.41 -6.84
N VAL A 112 7.89 -2.12 -6.93
CA VAL A 112 7.22 -1.99 -8.22
C VAL A 112 6.75 -0.56 -8.45
N ASN A 113 6.72 -0.14 -9.71
CA ASN A 113 6.28 1.20 -10.07
C ASN A 113 5.10 1.16 -11.02
N LEU A 114 3.97 1.69 -10.58
CA LEU A 114 2.76 1.70 -11.40
C LEU A 114 2.46 3.12 -11.90
N GLN A 115 1.45 3.24 -12.75
CA GLN A 115 1.07 4.54 -13.29
C GLN A 115 -0.26 5.01 -12.70
N VAL A 116 -0.56 6.29 -12.86
CA VAL A 116 -1.80 6.86 -12.34
C VAL A 116 -3.01 6.25 -13.04
N ALA A 117 -4.02 5.90 -12.25
CA ALA A 117 -5.24 5.31 -12.79
C ALA A 117 -6.13 6.38 -13.40
N THR A 118 -6.95 5.98 -14.38
CA THR A 118 -7.86 6.90 -15.05
C THR A 118 -9.30 6.61 -14.67
N TYR A 119 -9.60 5.34 -14.41
CA TYR A 119 -10.95 4.93 -14.04
C TYR A 119 -10.92 3.97 -12.85
N SER A 120 -11.31 4.46 -11.69
CA SER A 120 -11.34 3.65 -10.48
C SER A 120 -12.72 3.62 -9.86
N LYS A 121 -13.35 2.44 -9.87
CA LYS A 121 -14.69 2.27 -9.31
C LYS A 121 -14.62 1.85 -7.86
N PHE A 122 -15.53 2.36 -7.04
CA PHE A 122 -15.58 2.03 -5.63
C PHE A 122 -16.99 1.62 -5.21
N GLN A 123 -17.07 0.75 -4.20
CA GLN A 123 -18.35 0.28 -3.71
C GLN A 123 -18.41 0.37 -2.18
N PRO A 124 -18.99 1.46 -1.64
CA PRO A 124 -19.10 1.66 -0.19
C PRO A 124 -19.69 0.44 0.51
N GLN A 125 -18.85 -0.25 1.28
CA GLN A 125 -19.28 -1.44 2.01
C GLN A 125 -20.41 -1.10 2.98
N SER A 126 -20.38 0.13 3.50
CA SER A 126 -21.40 0.57 4.45
C SER A 126 -22.26 1.69 3.84
N PRO A 127 -23.55 1.74 4.21
CA PRO A 127 -24.47 2.76 3.69
C PRO A 127 -24.20 4.14 4.30
N ASP A 128 -23.49 4.16 5.41
CA ASP A 128 -23.17 5.41 6.09
C ASP A 128 -22.47 6.39 5.14
N PHE A 129 -21.59 5.86 4.31
CA PHE A 129 -20.86 6.69 3.35
C PHE A 129 -21.81 7.27 2.30
N LEU A 130 -22.67 6.42 1.75
CA LEU A 130 -23.62 6.84 0.74
C LEU A 130 -24.56 7.92 1.29
N ASP A 131 -24.82 7.86 2.59
CA ASP A 131 -25.69 8.83 3.24
C ASP A 131 -25.13 10.25 3.11
N ILE A 132 -23.81 10.33 2.95
CA ILE A 132 -23.15 11.63 2.81
C ILE A 132 -23.64 12.37 1.57
N THR A 133 -23.89 13.67 1.71
CA THR A 133 -24.36 14.49 0.61
C THR A 133 -23.37 14.44 -0.56
N ASN A 134 -22.09 14.48 -0.24
CA ASN A 134 -21.04 14.44 -1.26
C ASN A 134 -20.06 13.30 -1.00
N PRO A 135 -20.43 12.07 -1.40
CA PRO A 135 -19.57 10.90 -1.20
C PRO A 135 -18.36 10.90 -2.12
N LYS A 136 -18.50 11.54 -3.28
CA LYS A 136 -17.41 11.62 -4.24
C LYS A 136 -16.27 12.46 -3.70
N ALA A 137 -16.61 13.61 -3.11
CA ALA A 137 -15.60 14.51 -2.55
C ALA A 137 -14.88 13.85 -1.38
N VAL A 138 -15.64 13.13 -0.55
CA VAL A 138 -15.07 12.46 0.61
C VAL A 138 -14.08 11.38 0.19
N LEU A 139 -14.46 10.59 -0.81
CA LEU A 139 -13.61 9.52 -1.30
C LEU A 139 -12.38 10.08 -2.01
N GLU A 140 -12.59 11.12 -2.82
CA GLU A 140 -11.49 11.75 -3.55
C GLU A 140 -10.48 12.36 -2.58
N ASN A 141 -10.98 12.90 -1.48
CA ASN A 141 -10.12 13.52 -0.47
C ASN A 141 -9.27 12.46 0.24
N ALA A 142 -9.82 11.25 0.34
CA ALA A 142 -9.11 10.16 1.00
C ALA A 142 -7.93 9.68 0.17
N LEU A 143 -8.09 9.74 -1.16
CA LEU A 143 -7.03 9.32 -2.07
C LEU A 143 -5.76 10.13 -1.87
N ARG A 144 -5.92 11.35 -1.36
CA ARG A 144 -4.78 12.23 -1.12
C ARG A 144 -3.74 11.55 -0.24
N ASN A 145 -4.21 10.67 0.65
CA ASN A 145 -3.32 9.96 1.56
C ASN A 145 -2.83 8.66 0.92
N PHE A 146 -3.72 7.98 0.21
CA PHE A 146 -3.37 6.73 -0.45
C PHE A 146 -2.40 6.97 -1.60
N ALA A 147 -1.48 6.02 -1.80
CA ALA A 147 -0.49 6.13 -2.86
C ALA A 147 -0.76 5.11 -3.97
N CYS A 148 -1.43 4.02 -3.63
CA CYS A 148 -1.75 2.98 -4.60
C CYS A 148 -3.14 2.43 -4.36
N LEU A 149 -3.66 1.71 -5.35
CA LEU A 149 -4.99 1.11 -5.25
C LEU A 149 -5.04 -0.24 -5.94
N THR A 150 -5.54 -1.25 -5.24
CA THR A 150 -5.65 -2.60 -5.79
C THR A 150 -7.09 -3.07 -5.83
N THR A 151 -7.44 -3.83 -6.86
CA THR A 151 -8.79 -4.35 -7.01
C THR A 151 -9.09 -5.43 -5.97
N GLY A 152 -10.15 -5.21 -5.19
CA GLY A 152 -10.53 -6.17 -4.17
C GLY A 152 -9.85 -5.88 -2.84
N ASP A 153 -9.53 -4.62 -2.60
CA ASP A 153 -8.89 -4.21 -1.36
C ASP A 153 -9.85 -3.43 -0.47
N VAL A 154 -9.89 -3.79 0.81
CA VAL A 154 -10.78 -3.12 1.75
C VAL A 154 -10.07 -1.95 2.43
N ILE A 155 -10.17 -0.77 1.82
CA ILE A 155 -9.54 0.42 2.37
C ILE A 155 -10.43 1.09 3.41
N ALA A 156 -9.85 1.43 4.55
CA ALA A 156 -10.59 2.08 5.63
C ALA A 156 -10.20 3.55 5.76
N ILE A 157 -11.18 4.40 6.01
CA ILE A 157 -10.95 5.83 6.16
C ILE A 157 -11.48 6.33 7.50
N ASN A 158 -11.06 7.54 7.89
CA ASN A 158 -11.50 8.13 9.14
C ASN A 158 -11.34 9.65 9.10
N TYR A 159 -12.20 10.35 9.84
CA TYR A 159 -12.16 11.80 9.88
C TYR A 159 -13.12 12.35 10.93
N ASN A 160 -14.36 11.85 10.90
CA ASN A 160 -15.37 12.30 11.84
C ASN A 160 -15.49 11.32 13.01
N GLU A 161 -14.35 10.84 13.50
CA GLU A 161 -14.33 9.90 14.61
C GLU A 161 -15.10 8.63 14.26
N LYS A 162 -15.13 8.29 12.98
CA LYS A 162 -15.83 7.10 12.53
C LYS A 162 -15.09 6.44 11.36
N ILE A 163 -14.83 5.14 11.49
CA ILE A 163 -14.14 4.40 10.46
C ILE A 163 -15.10 3.86 9.41
N TYR A 164 -15.12 4.49 8.24
CA TYR A 164 -16.00 4.07 7.16
C TYR A 164 -15.39 2.91 6.38
N GLU A 165 -16.22 1.92 6.04
CA GLU A 165 -15.76 0.76 5.30
C GLU A 165 -15.89 0.98 3.80
N LEU A 166 -14.77 0.88 3.09
CA LEU A 166 -14.76 1.07 1.65
C LEU A 166 -13.99 -0.05 0.96
N ARG A 167 -14.49 -0.48 -0.20
CA ARG A 167 -13.84 -1.55 -0.95
C ARG A 167 -13.82 -1.23 -2.45
N VAL A 168 -12.64 -1.34 -3.05
CA VAL A 168 -12.49 -1.05 -4.47
C VAL A 168 -13.02 -2.20 -5.32
N MET A 169 -13.82 -1.86 -6.33
CA MET A 169 -14.40 -2.86 -7.22
C MET A 169 -13.54 -3.05 -8.46
N GLU A 170 -13.49 -2.03 -9.31
CA GLU A 170 -12.71 -2.08 -10.54
C GLU A 170 -11.72 -0.93 -10.60
N THR A 171 -10.61 -1.15 -11.32
CA THR A 171 -9.59 -0.12 -11.46
C THR A 171 -8.91 -0.22 -12.82
N LYS A 172 -8.44 0.92 -13.33
CA LYS A 172 -7.77 0.96 -14.62
C LYS A 172 -6.45 1.71 -14.53
N PRO A 173 -5.49 1.41 -15.43
CA PRO A 173 -5.66 0.39 -16.47
C PRO A 173 -5.54 -1.03 -15.92
N ASP A 174 -4.72 -1.20 -14.90
CA ASP A 174 -4.51 -2.50 -14.29
C ASP A 174 -5.06 -2.52 -12.87
N LYS A 175 -5.09 -3.71 -12.26
CA LYS A 175 -5.59 -3.87 -10.90
C LYS A 175 -4.83 -2.98 -9.93
N ALA A 176 -3.51 -2.90 -10.12
CA ALA A 176 -2.66 -2.08 -9.26
C ALA A 176 -2.27 -0.78 -9.96
N VAL A 177 -2.56 0.34 -9.31
CA VAL A 177 -2.25 1.65 -9.86
C VAL A 177 -1.69 2.58 -8.79
N SER A 178 -0.89 3.55 -9.22
CA SER A 178 -0.28 4.51 -8.29
C SER A 178 -0.99 5.86 -8.38
N ILE A 179 -1.90 6.11 -7.46
CA ILE A 179 -2.65 7.35 -7.42
C ILE A 179 -1.91 8.42 -6.60
N ILE A 180 -0.96 9.10 -7.24
CA ILE A 180 -0.20 10.13 -6.55
C ILE A 180 -0.53 11.51 -7.10
N GLU A 181 -1.65 12.08 -6.65
CA GLU A 181 -2.08 13.40 -7.09
C GLU A 181 -2.29 13.42 -8.60
N CYS A 182 -3.51 13.12 -9.03
CA CYS A 182 -3.84 13.11 -10.45
C CYS A 182 -5.36 13.24 -10.66
N ASP A 183 -5.74 13.72 -11.84
CA ASP A 183 -7.15 13.89 -12.16
C ASP A 183 -7.69 12.67 -12.91
N MET A 184 -8.44 11.83 -12.20
CA MET A 184 -9.01 10.63 -12.80
C MET A 184 -10.51 10.57 -12.57
N ASN A 185 -11.17 9.62 -13.22
CA ASN A 185 -12.62 9.45 -13.08
C ASN A 185 -12.94 8.42 -12.01
N VAL A 186 -13.56 8.88 -10.93
CA VAL A 186 -13.93 8.00 -9.83
C VAL A 186 -15.39 7.57 -9.94
N ASP A 187 -15.61 6.32 -10.31
CA ASP A 187 -16.97 5.80 -10.45
C ASP A 187 -17.49 5.25 -9.13
N PHE A 188 -18.80 5.13 -9.00
CA PHE A 188 -19.41 4.63 -7.78
C PHE A 188 -20.48 3.59 -8.10
N ASP A 189 -20.44 2.47 -7.39
CA ASP A 189 -21.41 1.40 -7.61
C ASP A 189 -22.19 1.10 -6.32
N ALA A 190 -23.39 1.67 -6.22
CA ALA A 190 -24.23 1.48 -5.05
C ALA A 190 -25.13 0.26 -5.22
N GLY A 1 22.25 -30.28 10.17
CA GLY A 1 23.05 -30.12 8.93
C GLY A 1 22.53 -30.94 7.76
N SER A 2 23.10 -30.72 6.58
CA SER A 2 22.68 -31.44 5.39
C SER A 2 23.63 -31.19 4.23
N SER A 3 24.04 -29.93 4.07
CA SER A 3 24.96 -29.56 3.00
C SER A 3 24.36 -29.88 1.64
N GLY A 4 23.04 -29.71 1.52
CA GLY A 4 22.36 -29.98 0.27
C GLY A 4 22.21 -28.75 -0.59
N SER A 5 23.29 -27.97 -0.69
CA SER A 5 23.27 -26.75 -1.49
C SER A 5 22.23 -25.76 -0.96
N SER A 6 22.23 -24.55 -1.50
CA SER A 6 21.29 -23.52 -1.08
C SER A 6 21.12 -22.47 -2.17
N GLY A 7 21.11 -22.92 -3.42
CA GLY A 7 20.95 -22.00 -4.53
C GLY A 7 22.25 -21.78 -5.30
N ILE A 8 22.26 -20.76 -6.15
CA ILE A 8 23.44 -20.46 -6.95
C ILE A 8 24.12 -19.17 -6.45
N PRO A 9 25.45 -19.09 -6.54
CA PRO A 9 26.20 -17.92 -6.10
C PRO A 9 26.02 -16.73 -7.05
N ARG A 10 25.57 -15.61 -6.49
CA ARG A 10 25.36 -14.40 -7.27
C ARG A 10 26.04 -13.20 -6.62
N VAL A 11 26.98 -12.60 -7.34
CA VAL A 11 27.71 -11.44 -6.84
C VAL A 11 27.11 -10.15 -7.39
N PHE A 12 25.80 -10.15 -7.62
CA PHE A 12 25.12 -8.98 -8.14
C PHE A 12 23.61 -9.13 -8.00
N GLN A 13 22.96 -8.12 -7.43
CA GLN A 13 21.52 -8.14 -7.24
C GLN A 13 20.88 -6.82 -7.68
N ASN A 14 19.63 -6.88 -8.11
CA ASN A 14 18.92 -5.70 -8.56
C ASN A 14 17.46 -5.75 -8.15
N ARG A 15 16.80 -4.60 -8.10
CA ARG A 15 15.40 -4.52 -7.71
C ARG A 15 15.19 -5.06 -6.30
N PHE A 16 14.08 -4.66 -5.68
CA PHE A 16 13.77 -5.11 -4.33
C PHE A 16 13.02 -6.44 -4.36
N SER A 17 13.55 -7.43 -3.66
CA SER A 17 12.94 -8.75 -3.60
C SER A 17 13.35 -9.48 -2.34
N THR A 18 12.40 -9.66 -1.42
CA THR A 18 12.67 -10.36 -0.17
C THR A 18 11.39 -10.49 0.66
N GLN A 19 11.46 -11.29 1.71
CA GLN A 19 10.32 -11.51 2.59
C GLN A 19 10.46 -10.73 3.89
N TYR A 20 9.34 -10.27 4.44
CA TYR A 20 9.35 -9.51 5.68
C TYR A 20 8.09 -9.79 6.50
N ARG A 21 8.23 -9.76 7.82
CA ARG A 21 7.11 -10.00 8.71
C ARG A 21 6.30 -8.73 8.93
N CYS A 22 4.98 -8.85 8.81
CA CYS A 22 4.10 -7.70 8.99
C CYS A 22 3.76 -7.51 10.48
N PHE A 23 3.68 -6.25 10.90
CA PHE A 23 3.36 -5.94 12.29
C PHE A 23 2.56 -4.65 12.39
N SER A 24 1.72 -4.56 13.40
CA SER A 24 0.89 -3.36 13.60
C SER A 24 1.76 -2.15 13.92
N VAL A 25 1.15 -0.97 13.89
CA VAL A 25 1.86 0.26 14.19
C VAL A 25 1.69 0.68 15.64
N SER A 26 1.32 -0.27 16.48
CA SER A 26 1.12 0.00 17.91
C SER A 26 2.38 -0.36 18.71
N MET A 27 3.18 -1.29 18.18
CA MET A 27 4.40 -1.72 18.85
C MET A 27 5.30 -0.53 19.15
N LEU A 28 5.57 0.28 18.14
CA LEU A 28 6.42 1.45 18.31
C LEU A 28 5.69 2.55 19.08
N ALA A 29 6.43 3.25 19.93
CA ALA A 29 5.84 4.33 20.72
C ALA A 29 6.31 5.69 20.22
N GLY A 30 5.50 6.72 20.48
CA GLY A 30 5.85 8.06 20.04
C GLY A 30 5.19 9.14 20.89
N PRO A 31 5.77 10.35 20.93
CA PRO A 31 5.23 11.46 21.73
C PRO A 31 3.94 12.01 21.13
N ASN A 32 3.86 12.03 19.81
CA ASN A 32 2.68 12.53 19.11
C ASN A 32 1.81 11.38 18.61
N ASP A 33 2.44 10.26 18.29
CA ASP A 33 1.74 9.08 17.80
C ASP A 33 1.21 9.31 16.39
N ARG A 34 0.32 10.29 16.23
CA ARG A 34 -0.26 10.62 14.93
C ARG A 34 -1.14 9.47 14.43
N SER A 35 -2.33 9.82 13.96
CA SER A 35 -3.28 8.83 13.45
C SER A 35 -3.32 8.84 11.93
N ASP A 36 -2.84 9.93 11.33
CA ASP A 36 -2.83 10.06 9.87
C ASP A 36 -2.17 8.84 9.22
N VAL A 37 -1.14 8.30 9.88
CA VAL A 37 -0.43 7.15 9.36
C VAL A 37 -1.32 5.91 9.36
N GLU A 38 -2.26 5.86 10.31
CA GLU A 38 -3.18 4.73 10.42
C GLU A 38 -4.28 4.82 9.36
N LYS A 39 -4.63 6.04 8.98
CA LYS A 39 -5.67 6.27 7.97
C LYS A 39 -5.05 6.50 6.60
N GLY A 40 -3.93 5.84 6.34
CA GLY A 40 -3.27 5.99 5.06
C GLY A 40 -2.64 4.71 4.57
N GLY A 41 -2.16 4.70 3.33
CA GLY A 41 -1.55 3.52 2.76
C GLY A 41 -0.04 3.55 2.86
N LYS A 42 0.48 4.24 3.88
CA LYS A 42 1.91 4.34 4.09
C LYS A 42 2.39 3.33 5.12
N ILE A 43 3.64 2.90 4.99
CA ILE A 43 4.21 1.93 5.91
C ILE A 43 5.60 2.36 6.37
N ILE A 44 6.10 1.72 7.42
CA ILE A 44 7.42 2.04 7.96
C ILE A 44 8.37 0.86 7.83
N MET A 45 9.17 0.87 6.77
CA MET A 45 10.13 -0.20 6.52
C MET A 45 11.46 0.10 7.21
N PRO A 46 12.26 -0.95 7.47
CA PRO A 46 13.57 -0.79 8.12
C PRO A 46 14.45 0.25 7.44
N PRO A 47 15.41 0.82 8.17
CA PRO A 47 16.31 1.85 7.63
C PRO A 47 17.26 1.29 6.58
N SER A 48 17.55 -0.01 6.67
CA SER A 48 18.44 -0.66 5.72
C SER A 48 17.86 -0.60 4.31
N ALA A 49 16.54 -0.61 4.20
CA ALA A 49 15.86 -0.55 2.91
C ALA A 49 16.09 0.79 2.24
N LEU A 50 16.22 1.85 3.04
CA LEU A 50 16.45 3.19 2.52
C LEU A 50 17.76 3.26 1.75
N ASP A 51 18.76 2.51 2.21
CA ASP A 51 20.06 2.48 1.56
C ASP A 51 20.10 1.46 0.43
N GLN A 52 19.32 0.39 0.60
CA GLN A 52 19.27 -0.68 -0.41
C GLN A 52 18.62 -0.18 -1.70
N LEU A 53 17.48 0.51 -1.56
CA LEU A 53 16.77 1.04 -2.71
C LEU A 53 17.66 1.97 -3.53
N SER A 54 18.34 2.88 -2.85
CA SER A 54 19.22 3.83 -3.52
C SER A 54 20.40 3.11 -4.19
N ARG A 55 20.72 1.92 -3.70
CA ARG A 55 21.81 1.14 -4.25
C ARG A 55 21.32 0.14 -5.30
N LEU A 56 20.13 0.39 -5.84
CA LEU A 56 19.55 -0.49 -6.85
C LEU A 56 18.94 0.31 -8.00
N ASN A 57 19.36 1.56 -8.14
CA ASN A 57 18.86 2.44 -9.20
C ASN A 57 17.34 2.53 -9.15
N ILE A 58 16.79 2.49 -7.93
CA ILE A 58 15.35 2.58 -7.75
C ILE A 58 14.94 3.97 -7.28
N THR A 59 14.29 4.73 -8.16
CA THR A 59 13.85 6.08 -7.84
C THR A 59 12.35 6.12 -7.60
N TYR A 60 11.88 7.19 -6.96
CA TYR A 60 10.46 7.34 -6.67
C TYR A 60 9.63 7.34 -7.96
N PRO A 61 8.42 6.77 -7.93
CA PRO A 61 7.85 6.14 -6.74
C PRO A 61 8.45 4.77 -6.45
N MET A 62 8.13 4.21 -5.30
CA MET A 62 8.63 2.89 -4.90
C MET A 62 7.54 2.06 -4.26
N LEU A 63 6.66 1.49 -5.08
CA LEU A 63 5.57 0.66 -4.60
C LEU A 63 6.00 -0.80 -4.50
N PHE A 64 5.60 -1.46 -3.42
CA PHE A 64 5.93 -2.86 -3.21
C PHE A 64 4.70 -3.74 -3.34
N LYS A 65 4.90 -4.93 -3.91
CA LYS A 65 3.79 -5.86 -4.11
C LYS A 65 3.73 -6.87 -2.96
N LEU A 66 2.81 -6.62 -2.03
CA LEU A 66 2.65 -7.50 -0.87
C LEU A 66 1.72 -8.67 -1.21
N THR A 67 2.27 -9.66 -1.91
CA THR A 67 1.50 -10.83 -2.30
C THR A 67 1.34 -11.79 -1.12
N ASN A 68 0.11 -11.92 -0.63
CA ASN A 68 -0.19 -12.79 0.50
C ASN A 68 -0.17 -14.26 0.07
N LYS A 69 0.79 -15.01 0.58
CA LYS A 69 0.90 -16.43 0.23
C LYS A 69 0.08 -17.28 1.19
N ASN A 70 -1.20 -16.96 1.31
CA ASN A 70 -2.10 -17.70 2.21
C ASN A 70 -3.51 -17.77 1.62
N SER A 71 -4.06 -16.61 1.27
CA SER A 71 -5.40 -16.55 0.70
C SER A 71 -5.37 -15.91 -0.68
N ASP A 72 -4.23 -16.01 -1.35
CA ASP A 72 -4.07 -15.44 -2.70
C ASP A 72 -4.43 -13.96 -2.70
N ARG A 73 -4.21 -13.29 -1.58
CA ARG A 73 -4.49 -11.87 -1.46
C ARG A 73 -3.37 -11.02 -2.05
N MET A 74 -3.72 -9.89 -2.64
CA MET A 74 -2.74 -9.00 -3.24
C MET A 74 -2.99 -7.55 -2.82
N THR A 75 -1.91 -6.83 -2.56
CA THR A 75 -2.00 -5.43 -2.15
C THR A 75 -0.71 -4.68 -2.46
N HIS A 76 -0.85 -3.41 -2.87
CA HIS A 76 0.31 -2.59 -3.19
C HIS A 76 0.36 -1.35 -2.31
N CYS A 77 1.39 -1.26 -1.48
CA CYS A 77 1.55 -0.12 -0.57
C CYS A 77 2.78 0.69 -0.95
N GLY A 78 2.94 1.83 -0.30
CA GLY A 78 4.09 2.69 -0.58
C GLY A 78 4.84 3.08 0.68
N VAL A 79 6.14 2.80 0.70
CA VAL A 79 6.98 3.12 1.85
C VAL A 79 7.05 4.64 2.07
N LEU A 80 7.04 5.04 3.33
CA LEU A 80 7.11 6.45 3.68
C LEU A 80 8.10 6.69 4.81
N GLU A 81 7.92 5.98 5.92
CA GLU A 81 8.80 6.12 7.08
C GLU A 81 9.90 5.06 7.04
N PHE A 82 11.04 5.39 7.63
CA PHE A 82 12.18 4.47 7.67
C PHE A 82 12.79 4.43 9.06
N VAL A 83 12.10 3.77 9.99
CA VAL A 83 12.58 3.66 11.36
C VAL A 83 12.09 2.36 12.00
N ALA A 84 12.02 1.30 11.20
CA ALA A 84 11.57 0.00 11.69
C ALA A 84 12.76 -0.84 12.17
N ASP A 85 12.46 -2.04 12.66
CA ASP A 85 13.50 -2.94 13.16
C ASP A 85 13.96 -3.88 12.06
N GLU A 86 15.09 -4.55 12.30
CA GLU A 86 15.65 -5.48 11.33
C GLU A 86 14.72 -6.68 11.13
N GLY A 87 13.82 -6.57 10.17
CA GLY A 87 12.89 -7.65 9.89
C GLY A 87 11.54 -7.45 10.58
N ILE A 88 11.20 -6.19 10.83
CA ILE A 88 9.94 -5.85 11.47
C ILE A 88 9.25 -4.68 10.78
N CYS A 89 8.59 -4.96 9.67
CA CYS A 89 7.90 -3.92 8.91
C CYS A 89 6.56 -3.57 9.56
N TYR A 90 6.29 -2.27 9.66
CA TYR A 90 5.05 -1.80 10.28
C TYR A 90 4.06 -1.35 9.20
N LEU A 91 2.83 -1.82 9.31
CA LEU A 91 1.79 -1.46 8.35
C LEU A 91 0.51 -1.06 9.06
N PRO A 92 -0.40 -0.36 8.36
CA PRO A 92 -1.68 0.08 8.93
C PRO A 92 -2.46 -1.07 9.57
N HIS A 93 -3.69 -0.78 9.99
CA HIS A 93 -4.54 -1.78 10.61
C HIS A 93 -5.46 -2.43 9.58
N TRP A 94 -6.08 -1.61 8.74
CA TRP A 94 -6.99 -2.12 7.71
C TRP A 94 -6.24 -3.05 6.75
N MET A 95 -5.01 -2.69 6.42
CA MET A 95 -4.20 -3.49 5.51
C MET A 95 -3.94 -4.88 6.10
N MET A 96 -3.84 -4.95 7.42
CA MET A 96 -3.59 -6.21 8.10
C MET A 96 -4.82 -7.12 8.03
N GLN A 97 -5.97 -6.59 8.43
CA GLN A 97 -7.21 -7.36 8.41
C GLN A 97 -7.58 -7.76 6.98
N ASN A 98 -7.33 -6.86 6.03
CA ASN A 98 -7.63 -7.13 4.64
C ASN A 98 -6.85 -8.33 4.13
N LEU A 99 -5.59 -8.44 4.55
CA LEU A 99 -4.74 -9.55 4.14
C LEU A 99 -4.94 -10.76 5.05
N LEU A 100 -5.58 -10.54 6.20
CA LEU A 100 -5.84 -11.62 7.15
C LEU A 100 -4.52 -12.21 7.65
N LEU A 101 -3.50 -11.37 7.76
CA LEU A 101 -2.19 -11.81 8.22
C LEU A 101 -2.15 -11.86 9.75
N GLU A 102 -1.16 -12.56 10.29
CA GLU A 102 -1.01 -12.68 11.74
C GLU A 102 0.21 -11.88 12.22
N GLU A 103 0.37 -11.81 13.53
CA GLU A 103 1.50 -11.08 14.13
C GLU A 103 2.82 -11.68 13.67
N GLY A 104 3.57 -10.91 12.88
CA GLY A 104 4.85 -11.38 12.38
C GLY A 104 4.72 -12.31 11.21
N GLY A 105 3.83 -11.97 10.28
CA GLY A 105 3.62 -12.80 9.11
C GLY A 105 4.51 -12.40 7.95
N LEU A 106 5.36 -13.32 7.50
CA LEU A 106 6.26 -13.06 6.39
C LEU A 106 5.48 -12.83 5.09
N VAL A 107 5.80 -11.73 4.41
CA VAL A 107 5.12 -11.40 3.16
C VAL A 107 6.13 -11.12 2.05
N GLN A 108 5.75 -11.42 0.82
CA GLN A 108 6.62 -11.19 -0.33
C GLN A 108 6.69 -9.72 -0.69
N VAL A 109 7.90 -9.18 -0.73
CA VAL A 109 8.10 -7.77 -1.06
C VAL A 109 8.79 -7.62 -2.41
N GLU A 110 8.15 -6.90 -3.31
CA GLU A 110 8.70 -6.67 -4.65
C GLU A 110 8.37 -5.27 -5.15
N SER A 111 9.41 -4.50 -5.47
CA SER A 111 9.22 -3.14 -5.96
C SER A 111 8.68 -3.14 -7.39
N VAL A 112 7.61 -2.39 -7.62
CA VAL A 112 7.01 -2.32 -8.94
C VAL A 112 6.63 -0.88 -9.28
N ASN A 113 6.85 -0.49 -10.53
CA ASN A 113 6.53 0.86 -10.99
C ASN A 113 5.23 0.87 -11.77
N LEU A 114 4.19 1.45 -11.19
CA LEU A 114 2.88 1.52 -11.83
C LEU A 114 2.63 2.93 -12.36
N GLN A 115 1.54 3.07 -13.13
CA GLN A 115 1.19 4.37 -13.69
C GLN A 115 -0.14 4.87 -13.13
N VAL A 116 -0.42 6.14 -13.33
CA VAL A 116 -1.66 6.75 -12.85
C VAL A 116 -2.88 6.07 -13.46
N ALA A 117 -3.94 5.94 -12.68
CA ALA A 117 -5.17 5.32 -13.15
C ALA A 117 -6.08 6.34 -13.80
N THR A 118 -6.93 5.87 -14.72
CA THR A 118 -7.86 6.74 -15.43
C THR A 118 -9.28 6.53 -14.92
N TYR A 119 -9.59 5.31 -14.50
CA TYR A 119 -10.92 4.98 -14.00
C TYR A 119 -10.82 4.18 -12.70
N SER A 120 -11.27 4.79 -11.61
CA SER A 120 -11.23 4.14 -10.31
C SER A 120 -12.62 4.10 -9.69
N LYS A 121 -13.09 2.90 -9.38
CA LYS A 121 -14.42 2.73 -8.78
C LYS A 121 -14.30 2.22 -7.34
N PHE A 122 -15.23 2.65 -6.50
CA PHE A 122 -15.23 2.23 -5.10
C PHE A 122 -16.58 1.64 -4.71
N GLN A 123 -16.54 0.63 -3.84
CA GLN A 123 -17.76 -0.04 -3.40
C GLN A 123 -17.83 -0.07 -1.87
N PRO A 124 -18.44 0.96 -1.26
CA PRO A 124 -18.57 1.04 0.20
C PRO A 124 -19.18 -0.22 0.80
N GLN A 125 -18.38 -0.95 1.55
CA GLN A 125 -18.83 -2.18 2.19
C GLN A 125 -19.91 -1.89 3.23
N SER A 126 -19.82 -0.73 3.86
CA SER A 126 -20.79 -0.34 4.88
C SER A 126 -21.73 0.74 4.35
N PRO A 127 -23.00 0.74 4.79
CA PRO A 127 -24.00 1.72 4.36
C PRO A 127 -23.76 3.09 4.98
N ASP A 128 -22.97 3.14 6.04
CA ASP A 128 -22.68 4.40 6.72
C ASP A 128 -22.12 5.43 5.74
N PHE A 129 -21.20 5.00 4.89
CA PHE A 129 -20.59 5.89 3.90
C PHE A 129 -21.58 6.26 2.82
N LEU A 130 -22.32 5.27 2.33
CA LEU A 130 -23.31 5.50 1.29
C LEU A 130 -24.37 6.49 1.75
N ASP A 131 -24.66 6.47 3.05
CA ASP A 131 -25.65 7.38 3.62
C ASP A 131 -25.22 8.84 3.49
N ILE A 132 -23.90 9.05 3.36
CA ILE A 132 -23.37 10.39 3.22
C ILE A 132 -23.92 11.08 1.99
N THR A 133 -24.24 12.37 2.10
CA THR A 133 -24.78 13.14 0.98
C THR A 133 -23.81 13.13 -0.19
N ASN A 134 -22.53 13.35 0.10
CA ASN A 134 -21.51 13.38 -0.94
C ASN A 134 -20.33 12.47 -0.57
N PRO A 135 -20.42 11.17 -0.91
CA PRO A 135 -19.37 10.21 -0.61
C PRO A 135 -18.12 10.44 -1.47
N LYS A 136 -18.31 10.98 -2.66
CA LYS A 136 -17.20 11.25 -3.56
C LYS A 136 -16.27 12.32 -2.99
N ALA A 137 -16.85 13.28 -2.29
CA ALA A 137 -16.08 14.36 -1.69
C ALA A 137 -15.22 13.83 -0.54
N VAL A 138 -15.80 12.97 0.28
CA VAL A 138 -15.09 12.39 1.42
C VAL A 138 -14.09 11.35 0.97
N LEU A 139 -14.44 10.59 -0.07
CA LEU A 139 -13.56 9.56 -0.60
C LEU A 139 -12.38 10.18 -1.34
N GLU A 140 -12.63 11.27 -2.04
CA GLU A 140 -11.59 11.95 -2.80
C GLU A 140 -10.63 12.69 -1.86
N ASN A 141 -11.16 13.15 -0.73
CA ASN A 141 -10.35 13.86 0.25
C ASN A 141 -9.39 12.91 0.97
N ALA A 142 -9.84 11.67 1.16
CA ALA A 142 -9.03 10.66 1.83
C ALA A 142 -8.02 10.04 0.87
N LEU A 143 -8.38 9.99 -0.41
CA LEU A 143 -7.52 9.41 -1.44
C LEU A 143 -6.17 10.12 -1.47
N ARG A 144 -6.15 11.38 -1.05
CA ARG A 144 -4.93 12.17 -1.04
C ARG A 144 -3.83 11.47 -0.24
N ASN A 145 -4.24 10.68 0.76
CA ASN A 145 -3.29 9.96 1.59
C ASN A 145 -2.82 8.69 0.89
N PHE A 146 -3.72 8.06 0.15
CA PHE A 146 -3.39 6.83 -0.57
C PHE A 146 -2.51 7.13 -1.79
N ALA A 147 -1.45 6.36 -1.94
CA ALA A 147 -0.53 6.53 -3.06
C ALA A 147 -0.75 5.47 -4.13
N CYS A 148 -1.25 4.31 -3.71
CA CYS A 148 -1.51 3.21 -4.63
C CYS A 148 -2.97 2.78 -4.57
N LEU A 149 -3.42 2.09 -5.61
CA LEU A 149 -4.81 1.62 -5.68
C LEU A 149 -4.87 0.24 -6.35
N THR A 150 -5.25 -0.76 -5.57
CA THR A 150 -5.37 -2.12 -6.08
C THR A 150 -6.80 -2.62 -5.99
N THR A 151 -7.27 -3.27 -7.06
CA THR A 151 -8.62 -3.80 -7.10
C THR A 151 -8.82 -4.89 -6.05
N GLY A 152 -9.88 -4.76 -5.25
CA GLY A 152 -10.16 -5.74 -4.22
C GLY A 152 -9.37 -5.48 -2.95
N ASP A 153 -9.38 -4.22 -2.50
CA ASP A 153 -8.66 -3.84 -1.28
C ASP A 153 -9.59 -3.11 -0.31
N VAL A 154 -9.89 -3.75 0.80
CA VAL A 154 -10.77 -3.16 1.81
C VAL A 154 -10.04 -2.10 2.61
N ILE A 155 -9.98 -0.88 2.08
CA ILE A 155 -9.32 0.23 2.75
C ILE A 155 -10.22 0.86 3.81
N ALA A 156 -9.60 1.41 4.85
CA ALA A 156 -10.35 2.04 5.93
C ALA A 156 -10.08 3.54 5.98
N ILE A 157 -11.11 4.34 5.77
CA ILE A 157 -10.99 5.79 5.79
C ILE A 157 -11.66 6.38 7.03
N ASN A 158 -11.07 7.45 7.55
CA ASN A 158 -11.61 8.13 8.72
C ASN A 158 -11.32 9.63 8.68
N TYR A 159 -12.29 10.42 9.12
CA TYR A 159 -12.13 11.87 9.13
C TYR A 159 -12.93 12.50 10.26
N ASN A 160 -14.20 12.13 10.36
CA ASN A 160 -15.07 12.65 11.40
C ASN A 160 -15.23 11.65 12.54
N GLU A 161 -14.11 11.13 13.02
CA GLU A 161 -14.12 10.15 14.10
C GLU A 161 -14.93 8.92 13.72
N LYS A 162 -14.95 8.60 12.43
CA LYS A 162 -15.69 7.45 11.94
C LYS A 162 -14.90 6.73 10.85
N ILE A 163 -14.33 5.57 11.21
CA ILE A 163 -13.55 4.79 10.27
C ILE A 163 -14.46 4.00 9.33
N TYR A 164 -14.83 4.63 8.22
CA TYR A 164 -15.69 3.98 7.23
C TYR A 164 -14.96 2.86 6.52
N GLU A 165 -15.72 1.93 5.94
CA GLU A 165 -15.13 0.80 5.22
C GLU A 165 -15.47 0.87 3.74
N LEU A 166 -14.47 0.62 2.90
CA LEU A 166 -14.65 0.64 1.45
C LEU A 166 -13.70 -0.32 0.76
N ARG A 167 -14.02 -0.69 -0.47
CA ARG A 167 -13.19 -1.61 -1.24
C ARG A 167 -13.20 -1.24 -2.72
N VAL A 168 -12.00 -1.16 -3.31
CA VAL A 168 -11.87 -0.81 -4.72
C VAL A 168 -12.61 -1.82 -5.60
N MET A 169 -13.53 -1.33 -6.42
CA MET A 169 -14.30 -2.19 -7.31
C MET A 169 -13.53 -2.46 -8.60
N GLU A 170 -13.24 -1.41 -9.35
CA GLU A 170 -12.51 -1.54 -10.61
C GLU A 170 -11.46 -0.44 -10.74
N THR A 171 -10.36 -0.75 -11.41
CA THR A 171 -9.28 0.21 -11.62
C THR A 171 -8.62 -0.01 -12.97
N LYS A 172 -8.30 1.08 -13.66
CA LYS A 172 -7.66 1.01 -14.97
C LYS A 172 -6.33 1.77 -14.96
N PRO A 173 -5.39 1.39 -15.85
CA PRO A 173 -5.59 0.29 -16.80
C PRO A 173 -5.47 -1.08 -16.15
N ASP A 174 -4.53 -1.21 -15.22
CA ASP A 174 -4.31 -2.46 -14.52
C ASP A 174 -4.80 -2.37 -13.07
N LYS A 175 -4.82 -3.51 -12.38
CA LYS A 175 -5.27 -3.54 -10.99
C LYS A 175 -4.41 -2.63 -10.13
N ALA A 176 -3.10 -2.74 -10.26
CA ALA A 176 -2.18 -1.93 -9.49
C ALA A 176 -1.79 -0.65 -10.25
N VAL A 177 -2.03 0.50 -9.63
CA VAL A 177 -1.71 1.78 -10.25
C VAL A 177 -1.22 2.78 -9.21
N SER A 178 -0.41 3.74 -9.66
CA SER A 178 0.13 4.75 -8.77
C SER A 178 -0.55 6.10 -9.02
N ILE A 179 -1.42 6.49 -8.09
CA ILE A 179 -2.13 7.77 -8.21
C ILE A 179 -1.38 8.88 -7.51
N ILE A 180 -0.44 9.51 -8.23
CA ILE A 180 0.35 10.60 -7.68
C ILE A 180 0.08 11.91 -8.43
N GLU A 181 -1.01 12.58 -8.07
CA GLU A 181 -1.38 13.83 -8.70
C GLU A 181 -1.62 13.64 -10.20
N CYS A 182 -2.85 13.33 -10.56
CA CYS A 182 -3.21 13.12 -11.96
C CYS A 182 -4.72 13.20 -12.15
N ASP A 183 -5.13 13.57 -13.36
CA ASP A 183 -6.55 13.70 -13.68
C ASP A 183 -7.15 12.33 -13.99
N MET A 184 -8.14 11.92 -13.20
CA MET A 184 -8.80 10.64 -13.39
C MET A 184 -10.28 10.72 -12.99
N ASN A 185 -11.03 9.69 -13.32
CA ASN A 185 -12.45 9.63 -12.99
C ASN A 185 -12.70 8.73 -11.79
N VAL A 186 -13.75 9.03 -11.03
CA VAL A 186 -14.09 8.24 -9.86
C VAL A 186 -15.57 7.89 -9.84
N ASP A 187 -15.88 6.62 -10.12
CA ASP A 187 -17.25 6.15 -10.14
C ASP A 187 -17.61 5.43 -8.84
N PHE A 188 -18.90 5.35 -8.56
CA PHE A 188 -19.37 4.68 -7.34
C PHE A 188 -20.42 3.63 -7.67
N ASP A 189 -20.46 2.57 -6.87
CA ASP A 189 -21.42 1.48 -7.08
C ASP A 189 -21.98 0.99 -5.75
N ALA A 190 -23.15 1.50 -5.38
CA ALA A 190 -23.79 1.11 -4.14
C ALA A 190 -24.12 -0.38 -4.13
N GLY A 1 31.56 -29.27 -26.42
CA GLY A 1 30.62 -28.12 -26.56
C GLY A 1 30.83 -27.07 -25.49
N SER A 2 30.75 -25.81 -25.87
CA SER A 2 30.93 -24.70 -24.93
C SER A 2 29.72 -23.76 -24.96
N SER A 3 28.84 -23.92 -23.98
CA SER A 3 27.65 -23.09 -23.88
C SER A 3 27.85 -21.94 -22.90
N GLY A 4 27.39 -20.75 -23.26
CA GLY A 4 27.53 -19.60 -22.39
C GLY A 4 26.20 -19.05 -21.93
N SER A 5 25.47 -18.40 -22.83
CA SER A 5 24.17 -17.84 -22.51
C SER A 5 23.04 -18.67 -23.11
N SER A 6 22.29 -19.35 -22.26
CA SER A 6 21.19 -20.18 -22.71
C SER A 6 20.27 -20.55 -21.55
N GLY A 7 18.99 -20.22 -21.69
CA GLY A 7 18.02 -20.51 -20.64
C GLY A 7 18.07 -19.51 -19.51
N ILE A 8 16.91 -18.98 -19.15
CA ILE A 8 16.82 -18.00 -18.07
C ILE A 8 17.58 -16.72 -18.43
N PRO A 9 16.91 -15.77 -19.10
CA PRO A 9 17.53 -14.50 -19.49
C PRO A 9 17.83 -13.60 -18.30
N ARG A 10 18.83 -12.75 -18.44
CA ARG A 10 19.22 -11.84 -17.37
C ARG A 10 19.52 -10.44 -17.92
N VAL A 11 18.59 -9.52 -17.70
CA VAL A 11 18.75 -8.15 -18.18
C VAL A 11 19.19 -7.22 -17.05
N PHE A 12 20.02 -7.75 -16.16
CA PHE A 12 20.53 -6.97 -15.03
C PHE A 12 19.38 -6.52 -14.13
N GLN A 13 18.34 -7.34 -14.05
CA GLN A 13 17.18 -7.03 -13.23
C GLN A 13 17.35 -7.58 -11.81
N ASN A 14 17.27 -6.69 -10.82
CA ASN A 14 17.41 -7.09 -9.43
C ASN A 14 16.25 -6.58 -8.59
N ARG A 15 16.17 -5.26 -8.45
CA ARG A 15 15.09 -4.64 -7.67
C ARG A 15 15.10 -5.15 -6.23
N PHE A 16 14.21 -4.61 -5.41
CA PHE A 16 14.11 -5.01 -4.01
C PHE A 16 13.03 -6.08 -3.83
N SER A 17 13.46 -7.33 -3.68
CA SER A 17 12.55 -8.44 -3.50
C SER A 17 13.00 -9.36 -2.37
N THR A 18 12.13 -9.53 -1.38
CA THR A 18 12.44 -10.38 -0.24
C THR A 18 11.26 -10.48 0.72
N GLN A 19 11.29 -11.47 1.60
CA GLN A 19 10.22 -11.67 2.57
C GLN A 19 10.45 -10.81 3.82
N TYR A 20 9.36 -10.47 4.50
CA TYR A 20 9.45 -9.65 5.71
C TYR A 20 8.24 -9.91 6.61
N ARG A 21 8.40 -9.63 7.89
CA ARG A 21 7.34 -9.81 8.86
C ARG A 21 6.38 -8.62 8.86
N CYS A 22 5.11 -8.88 9.17
CA CYS A 22 4.09 -7.83 9.20
C CYS A 22 3.62 -7.58 10.63
N PHE A 23 3.81 -6.36 11.11
CA PHE A 23 3.39 -5.99 12.46
C PHE A 23 2.53 -4.73 12.44
N SER A 24 1.81 -4.49 13.53
CA SER A 24 0.95 -3.32 13.63
C SER A 24 1.76 -2.09 14.01
N VAL A 25 1.21 -0.92 13.71
CA VAL A 25 1.88 0.35 14.01
C VAL A 25 1.83 0.64 15.51
N SER A 26 0.78 0.17 16.16
CA SER A 26 0.61 0.38 17.61
C SER A 26 1.72 -0.32 18.39
N MET A 27 2.27 -1.38 17.81
CA MET A 27 3.33 -2.14 18.46
C MET A 27 4.52 -1.24 18.81
N LEU A 28 4.64 -0.12 18.10
CA LEU A 28 5.73 0.82 18.33
C LEU A 28 5.82 1.20 19.82
N ALA A 29 6.86 0.71 20.48
CA ALA A 29 7.06 1.00 21.90
C ALA A 29 7.38 2.47 22.12
N GLY A 30 7.83 3.15 21.08
CA GLY A 30 8.17 4.57 21.19
C GLY A 30 7.05 5.39 21.80
N PRO A 31 7.37 6.54 22.43
CA PRO A 31 6.36 7.41 23.05
C PRO A 31 5.45 8.06 22.02
N ASN A 32 4.15 7.82 22.17
CA ASN A 32 3.16 8.39 21.25
C ASN A 32 3.42 7.93 19.82
N ASP A 33 2.51 8.27 18.92
CA ASP A 33 2.63 7.91 17.52
C ASP A 33 1.87 8.88 16.63
N ARG A 34 2.09 8.76 15.33
CA ARG A 34 1.41 9.63 14.36
C ARG A 34 -0.02 9.16 14.10
N SER A 35 -0.82 10.04 13.53
CA SER A 35 -2.22 9.72 13.23
C SER A 35 -2.42 9.43 11.74
N ASP A 36 -1.41 9.75 10.93
CA ASP A 36 -1.48 9.53 9.50
C ASP A 36 -0.86 8.18 9.11
N VAL A 37 -0.75 7.28 10.09
CA VAL A 37 -0.17 5.97 9.84
C VAL A 37 -1.26 4.93 9.58
N GLU A 38 -2.39 5.09 10.25
CA GLU A 38 -3.52 4.18 10.10
C GLU A 38 -4.50 4.69 9.05
N LYS A 39 -4.59 6.02 8.94
CA LYS A 39 -5.50 6.64 7.98
C LYS A 39 -4.75 7.04 6.72
N GLY A 40 -4.78 6.18 5.71
CA GLY A 40 -4.10 6.46 4.46
C GLY A 40 -3.25 5.30 3.99
N GLY A 41 -2.13 5.62 3.35
CA GLY A 41 -1.24 4.59 2.86
C GLY A 41 0.22 4.89 3.15
N LYS A 42 0.65 4.62 4.38
CA LYS A 42 2.03 4.87 4.77
C LYS A 42 2.53 3.77 5.70
N ILE A 43 3.66 3.18 5.35
CA ILE A 43 4.26 2.12 6.16
C ILE A 43 5.64 2.51 6.67
N ILE A 44 6.19 1.69 7.56
CA ILE A 44 7.50 1.95 8.13
C ILE A 44 8.40 0.74 8.02
N MET A 45 9.37 0.81 7.12
CA MET A 45 10.31 -0.30 6.91
C MET A 45 11.68 0.04 7.49
N PRO A 46 12.50 -1.00 7.74
CA PRO A 46 13.85 -0.81 8.30
C PRO A 46 14.67 0.19 7.50
N PRO A 47 15.75 0.73 8.11
CA PRO A 47 16.62 1.71 7.45
C PRO A 47 17.45 1.08 6.34
N SER A 48 17.71 -0.22 6.44
CA SER A 48 18.48 -0.93 5.44
C SER A 48 17.83 -0.83 4.06
N ALA A 49 16.50 -0.74 4.05
CA ALA A 49 15.76 -0.64 2.81
C ALA A 49 16.04 0.67 2.09
N LEU A 50 16.21 1.74 2.88
CA LEU A 50 16.49 3.06 2.33
C LEU A 50 17.85 3.08 1.63
N ASP A 51 18.82 2.39 2.21
CA ASP A 51 20.17 2.33 1.65
C ASP A 51 20.22 1.36 0.47
N GLN A 52 19.38 0.33 0.52
CA GLN A 52 19.33 -0.67 -0.55
C GLN A 52 18.75 -0.06 -1.82
N LEU A 53 17.59 0.57 -1.70
CA LEU A 53 16.93 1.19 -2.85
C LEU A 53 17.83 2.25 -3.49
N SER A 54 18.62 2.93 -2.65
CA SER A 54 19.53 3.96 -3.13
C SER A 54 20.58 3.37 -4.06
N ARG A 55 20.94 2.12 -3.82
CA ARG A 55 21.95 1.44 -4.64
C ARG A 55 21.29 0.60 -5.73
N LEU A 56 20.04 0.91 -6.05
CA LEU A 56 19.32 0.16 -7.08
C LEU A 56 18.70 1.11 -8.10
N ASN A 57 19.20 2.34 -8.16
CA ASN A 57 18.70 3.34 -9.10
C ASN A 57 17.19 3.50 -8.97
N ILE A 58 16.67 3.27 -7.77
CA ILE A 58 15.25 3.40 -7.52
C ILE A 58 14.91 4.73 -6.87
N THR A 59 14.02 5.48 -7.51
CA THR A 59 13.60 6.79 -7.01
C THR A 59 12.10 6.81 -6.71
N TYR A 60 11.65 7.87 -6.03
CA TYR A 60 10.25 8.00 -5.70
C TYR A 60 9.38 8.05 -6.97
N PRO A 61 8.17 7.46 -6.92
CA PRO A 61 7.63 6.79 -5.72
C PRO A 61 8.25 5.41 -5.51
N MET A 62 8.35 5.00 -4.25
CA MET A 62 8.90 3.69 -3.91
C MET A 62 7.85 2.80 -3.27
N LEU A 63 6.95 2.28 -4.09
CA LEU A 63 5.88 1.41 -3.60
C LEU A 63 6.34 -0.04 -3.58
N PHE A 64 5.64 -0.87 -2.80
CA PHE A 64 5.98 -2.28 -2.71
C PHE A 64 4.75 -3.15 -2.96
N LYS A 65 4.97 -4.33 -3.53
CA LYS A 65 3.89 -5.26 -3.84
C LYS A 65 3.85 -6.40 -2.83
N LEU A 66 3.04 -6.24 -1.79
CA LEU A 66 2.92 -7.27 -0.76
C LEU A 66 2.01 -8.40 -1.23
N THR A 67 2.57 -9.31 -2.02
CA THR A 67 1.80 -10.44 -2.55
C THR A 67 1.84 -11.61 -1.57
N ASN A 68 0.82 -11.72 -0.74
CA ASN A 68 0.74 -12.80 0.24
C ASN A 68 0.69 -14.16 -0.46
N LYS A 69 1.64 -15.03 -0.12
CA LYS A 69 1.70 -16.36 -0.71
C LYS A 69 1.06 -17.40 0.21
N ASN A 70 0.05 -16.98 0.96
CA ASN A 70 -0.65 -17.87 1.88
C ASN A 70 -2.15 -17.77 1.71
N SER A 71 -2.65 -16.53 1.64
CA SER A 71 -4.09 -16.30 1.49
C SER A 71 -4.41 -15.78 0.09
N ASP A 72 -3.48 -15.95 -0.85
CA ASP A 72 -3.67 -15.51 -2.22
C ASP A 72 -4.04 -14.02 -2.27
N ARG A 73 -3.45 -13.24 -1.38
CA ARG A 73 -3.72 -11.81 -1.33
C ARG A 73 -2.68 -11.02 -2.10
N MET A 74 -3.08 -9.85 -2.61
CA MET A 74 -2.17 -9.00 -3.38
C MET A 74 -2.52 -7.53 -3.20
N THR A 75 -1.55 -6.75 -2.75
CA THR A 75 -1.77 -5.32 -2.53
C THR A 75 -0.48 -4.53 -2.75
N HIS A 76 -0.62 -3.23 -2.98
CA HIS A 76 0.53 -2.37 -3.22
C HIS A 76 0.55 -1.19 -2.26
N CYS A 77 1.46 -1.22 -1.29
CA CYS A 77 1.57 -0.17 -0.30
C CYS A 77 2.77 0.74 -0.60
N GLY A 78 2.76 1.93 -0.03
CA GLY A 78 3.84 2.87 -0.24
C GLY A 78 4.63 3.16 1.02
N VAL A 79 5.93 3.31 0.88
CA VAL A 79 6.80 3.59 2.02
C VAL A 79 6.73 5.07 2.42
N LEU A 80 6.81 5.32 3.72
CA LEU A 80 6.75 6.69 4.22
C LEU A 80 8.06 7.06 4.93
N GLU A 81 8.36 6.35 6.01
CA GLU A 81 9.57 6.61 6.78
C GLU A 81 10.44 5.36 6.85
N PHE A 82 11.58 5.46 7.54
CA PHE A 82 12.50 4.34 7.68
C PHE A 82 13.08 4.30 9.09
N VAL A 83 12.30 3.77 10.03
CA VAL A 83 12.75 3.66 11.41
C VAL A 83 12.28 2.36 12.05
N ALA A 84 12.18 1.32 11.22
CA ALA A 84 11.74 0.01 11.71
C ALA A 84 12.93 -0.84 12.16
N ASP A 85 12.63 -1.98 12.75
CA ASP A 85 13.68 -2.88 13.23
C ASP A 85 13.98 -3.96 12.20
N GLU A 86 15.13 -4.61 12.35
CA GLU A 86 15.55 -5.66 11.42
C GLU A 86 14.54 -6.81 11.45
N GLY A 87 14.04 -7.18 10.26
CA GLY A 87 13.09 -8.26 10.16
C GLY A 87 11.78 -7.95 10.86
N ILE A 88 11.43 -6.67 10.90
CA ILE A 88 10.19 -6.23 11.54
C ILE A 88 9.62 -5.00 10.87
N CYS A 89 8.64 -5.20 9.99
CA CYS A 89 8.00 -4.10 9.28
C CYS A 89 6.65 -3.76 9.88
N TYR A 90 6.39 -2.47 10.07
CA TYR A 90 5.14 -2.01 10.64
C TYR A 90 4.17 -1.54 9.55
N LEU A 91 2.94 -2.02 9.61
CA LEU A 91 1.93 -1.67 8.63
C LEU A 91 0.63 -1.23 9.32
N PRO A 92 -0.21 -0.46 8.62
CA PRO A 92 -1.48 0.02 9.17
C PRO A 92 -2.34 -1.11 9.71
N HIS A 93 -3.56 -0.78 10.12
CA HIS A 93 -4.48 -1.78 10.66
C HIS A 93 -5.48 -2.24 9.60
N TRP A 94 -5.89 -1.31 8.74
CA TRP A 94 -6.83 -1.62 7.68
C TRP A 94 -6.23 -2.59 6.69
N MET A 95 -4.92 -2.53 6.50
CA MET A 95 -4.21 -3.41 5.58
C MET A 95 -4.07 -4.80 6.17
N MET A 96 -3.89 -4.87 7.48
CA MET A 96 -3.73 -6.14 8.17
C MET A 96 -4.96 -7.02 7.97
N GLN A 97 -6.14 -6.41 7.98
CA GLN A 97 -7.39 -7.13 7.80
C GLN A 97 -7.61 -7.48 6.32
N ASN A 98 -7.14 -6.61 5.44
CA ASN A 98 -7.28 -6.82 4.01
C ASN A 98 -6.42 -8.00 3.54
N LEU A 99 -5.23 -8.11 4.13
CA LEU A 99 -4.32 -9.20 3.77
C LEU A 99 -4.53 -10.42 4.67
N LEU A 100 -5.14 -10.19 5.84
CA LEU A 100 -5.40 -11.28 6.78
C LEU A 100 -4.10 -11.93 7.23
N LEU A 101 -3.28 -11.16 7.94
CA LEU A 101 -2.00 -11.66 8.45
C LEU A 101 -1.96 -11.61 9.97
N GLU A 102 -0.82 -11.99 10.54
CA GLU A 102 -0.65 -11.99 11.99
C GLU A 102 0.59 -11.19 12.39
N GLU A 103 0.78 -11.03 13.69
CA GLU A 103 1.93 -10.29 14.20
C GLU A 103 3.23 -11.00 13.86
N GLY A 104 3.75 -10.74 12.68
CA GLY A 104 4.99 -11.35 12.25
C GLY A 104 4.79 -12.30 11.07
N GLY A 105 3.92 -11.91 10.14
CA GLY A 105 3.66 -12.74 8.98
C GLY A 105 4.62 -12.46 7.85
N LEU A 106 5.14 -13.52 7.23
CA LEU A 106 6.07 -13.38 6.12
C LEU A 106 5.34 -13.14 4.81
N VAL A 107 5.66 -12.04 4.14
CA VAL A 107 5.04 -11.69 2.88
C VAL A 107 6.08 -11.39 1.81
N GLN A 108 5.82 -11.85 0.59
CA GLN A 108 6.74 -11.63 -0.52
C GLN A 108 6.76 -10.16 -0.93
N VAL A 109 7.80 -9.45 -0.50
CA VAL A 109 7.94 -8.04 -0.83
C VAL A 109 8.64 -7.85 -2.17
N GLU A 110 8.19 -6.84 -2.92
CA GLU A 110 8.78 -6.56 -4.23
C GLU A 110 8.62 -5.08 -4.58
N SER A 111 9.23 -4.67 -5.68
CA SER A 111 9.16 -3.28 -6.13
C SER A 111 8.78 -3.21 -7.61
N VAL A 112 7.56 -2.76 -7.88
CA VAL A 112 7.07 -2.63 -9.24
C VAL A 112 6.76 -1.19 -9.59
N ASN A 113 6.74 -0.87 -10.89
CA ASN A 113 6.45 0.47 -11.34
C ASN A 113 5.09 0.53 -12.05
N LEU A 114 4.14 1.20 -11.42
CA LEU A 114 2.79 1.32 -11.99
C LEU A 114 2.53 2.76 -12.43
N GLN A 115 1.33 3.00 -12.97
CA GLN A 115 0.95 4.33 -13.44
C GLN A 115 -0.39 4.75 -12.83
N VAL A 116 -0.73 6.02 -12.98
CA VAL A 116 -1.98 6.55 -12.45
C VAL A 116 -3.18 5.82 -13.06
N ALA A 117 -4.31 5.88 -12.37
CA ALA A 117 -5.53 5.23 -12.84
C ALA A 117 -6.44 6.23 -13.54
N THR A 118 -7.22 5.74 -14.49
CA THR A 118 -8.15 6.59 -15.23
C THR A 118 -9.58 6.32 -14.82
N TYR A 119 -9.87 5.09 -14.43
CA TYR A 119 -11.22 4.70 -14.01
C TYR A 119 -11.17 3.92 -12.70
N SER A 120 -11.26 4.64 -11.59
CA SER A 120 -11.24 4.02 -10.27
C SER A 120 -12.64 3.95 -9.67
N LYS A 121 -13.23 2.76 -9.67
CA LYS A 121 -14.57 2.57 -9.13
C LYS A 121 -14.51 2.10 -7.68
N PHE A 122 -15.49 2.52 -6.89
CA PHE A 122 -15.55 2.14 -5.49
C PHE A 122 -16.96 1.70 -5.10
N GLN A 123 -17.04 0.83 -4.09
CA GLN A 123 -18.34 0.34 -3.63
C GLN A 123 -18.39 0.30 -2.10
N PRO A 124 -18.90 1.36 -1.46
CA PRO A 124 -19.00 1.44 -0.01
C PRO A 124 -19.70 0.22 0.59
N GLN A 125 -18.99 -0.48 1.48
CA GLN A 125 -19.54 -1.66 2.12
C GLN A 125 -20.58 -1.29 3.17
N SER A 126 -20.39 -0.13 3.80
CA SER A 126 -21.31 0.34 4.82
C SER A 126 -22.15 1.51 4.31
N PRO A 127 -23.41 1.62 4.77
CA PRO A 127 -24.31 2.70 4.36
C PRO A 127 -23.92 4.05 4.95
N ASP A 128 -23.07 4.03 5.97
CA ASP A 128 -22.61 5.26 6.62
C ASP A 128 -22.02 6.23 5.61
N PHE A 129 -21.25 5.69 4.66
CA PHE A 129 -20.61 6.51 3.64
C PHE A 129 -21.65 7.05 2.65
N LEU A 130 -22.55 6.17 2.20
CA LEU A 130 -23.58 6.56 1.26
C LEU A 130 -24.48 7.65 1.85
N ASP A 131 -24.64 7.63 3.17
CA ASP A 131 -25.46 8.61 3.86
C ASP A 131 -24.86 10.01 3.73
N ILE A 132 -23.55 10.08 3.53
CA ILE A 132 -22.87 11.36 3.38
C ILE A 132 -23.38 12.12 2.16
N THR A 133 -23.67 13.40 2.35
CA THR A 133 -24.16 14.24 1.28
C THR A 133 -23.14 14.33 0.14
N ASN A 134 -21.86 14.32 0.51
CA ASN A 134 -20.79 14.40 -0.47
C ASN A 134 -19.88 13.17 -0.39
N PRO A 135 -20.31 12.05 -0.99
CA PRO A 135 -19.53 10.81 -0.98
C PRO A 135 -18.29 10.89 -1.86
N LYS A 136 -18.36 11.69 -2.91
CA LYS A 136 -17.24 11.87 -3.82
C LYS A 136 -16.15 12.73 -3.19
N ALA A 137 -16.55 13.64 -2.32
CA ALA A 137 -15.61 14.52 -1.64
C ALA A 137 -14.79 13.76 -0.61
N VAL A 138 -15.47 12.97 0.22
CA VAL A 138 -14.81 12.19 1.26
C VAL A 138 -13.85 11.18 0.64
N LEU A 139 -14.27 10.55 -0.45
CA LEU A 139 -13.46 9.56 -1.14
C LEU A 139 -12.20 10.20 -1.72
N GLU A 140 -12.38 11.33 -2.40
CA GLU A 140 -11.26 12.03 -3.01
C GLU A 140 -10.37 12.67 -1.95
N ASN A 141 -10.98 13.07 -0.84
CA ASN A 141 -10.25 13.69 0.26
C ASN A 141 -9.29 12.71 0.92
N ALA A 142 -9.64 11.42 0.86
CA ALA A 142 -8.82 10.38 1.46
C ALA A 142 -7.92 9.72 0.41
N LEU A 143 -8.35 9.75 -0.85
CA LEU A 143 -7.58 9.15 -1.93
C LEU A 143 -6.18 9.74 -2.01
N ARG A 144 -6.09 11.06 -1.79
CA ARG A 144 -4.81 11.75 -1.84
C ARG A 144 -3.82 11.15 -0.83
N ASN A 145 -4.36 10.59 0.25
CA ASN A 145 -3.54 10.00 1.30
C ASN A 145 -2.95 8.68 0.82
N PHE A 146 -3.68 7.99 -0.05
CA PHE A 146 -3.23 6.70 -0.57
C PHE A 146 -2.19 6.90 -1.67
N ALA A 147 -1.36 5.89 -1.88
CA ALA A 147 -0.32 5.94 -2.90
C ALA A 147 -0.62 5.01 -4.06
N CYS A 148 -1.31 3.91 -3.75
CA CYS A 148 -1.67 2.93 -4.78
C CYS A 148 -3.03 2.32 -4.47
N LEU A 149 -3.55 1.54 -5.43
CA LEU A 149 -4.85 0.90 -5.27
C LEU A 149 -4.81 -0.54 -5.80
N THR A 150 -5.91 -1.25 -5.62
CA THR A 150 -6.01 -2.64 -6.09
C THR A 150 -7.45 -3.06 -6.24
N THR A 151 -7.73 -3.88 -7.25
CA THR A 151 -9.08 -4.36 -7.51
C THR A 151 -9.50 -5.40 -6.47
N GLY A 152 -10.61 -5.13 -5.79
CA GLY A 152 -11.09 -6.05 -4.78
C GLY A 152 -10.32 -5.93 -3.47
N ASP A 153 -10.32 -4.73 -2.90
CA ASP A 153 -9.62 -4.49 -1.65
C ASP A 153 -10.46 -3.63 -0.71
N VAL A 154 -10.60 -4.08 0.54
CA VAL A 154 -11.38 -3.35 1.54
C VAL A 154 -10.50 -2.37 2.30
N ILE A 155 -10.54 -1.11 1.90
CA ILE A 155 -9.74 -0.07 2.55
C ILE A 155 -10.55 0.64 3.63
N ALA A 156 -9.85 1.18 4.62
CA ALA A 156 -10.51 1.88 5.72
C ALA A 156 -10.04 3.33 5.80
N ILE A 157 -10.94 4.21 6.24
CA ILE A 157 -10.62 5.63 6.36
C ILE A 157 -11.26 6.24 7.60
N ASN A 158 -10.47 7.00 8.36
CA ASN A 158 -10.96 7.63 9.57
C ASN A 158 -10.52 9.09 9.63
N TYR A 159 -11.41 9.95 10.13
CA TYR A 159 -11.11 11.37 10.24
C TYR A 159 -11.92 12.00 11.38
N ASN A 160 -13.22 11.71 11.41
CA ASN A 160 -14.10 12.24 12.45
C ASN A 160 -14.32 11.22 13.55
N GLU A 161 -13.25 10.57 13.99
CA GLU A 161 -13.34 9.56 15.04
C GLU A 161 -14.23 8.41 14.62
N LYS A 162 -14.20 8.09 13.33
CA LYS A 162 -15.00 7.00 12.78
C LYS A 162 -14.35 6.38 11.55
N ILE A 163 -14.24 5.06 11.54
CA ILE A 163 -13.63 4.35 10.43
C ILE A 163 -14.68 3.87 9.44
N TYR A 164 -14.67 4.45 8.23
CA TYR A 164 -15.63 4.08 7.20
C TYR A 164 -15.13 2.87 6.41
N GLU A 165 -16.06 2.15 5.78
CA GLU A 165 -15.71 0.98 5.00
C GLU A 165 -15.88 1.26 3.50
N LEU A 166 -14.91 0.79 2.71
CA LEU A 166 -14.95 0.99 1.27
C LEU A 166 -14.15 -0.10 0.56
N ARG A 167 -14.73 -0.64 -0.52
CA ARG A 167 -14.07 -1.69 -1.28
C ARG A 167 -14.01 -1.33 -2.76
N VAL A 168 -12.83 -1.46 -3.36
CA VAL A 168 -12.65 -1.14 -4.77
C VAL A 168 -13.31 -2.18 -5.66
N MET A 169 -14.24 -1.73 -6.49
CA MET A 169 -14.95 -2.63 -7.40
C MET A 169 -14.11 -2.91 -8.65
N GLU A 170 -13.68 -1.85 -9.31
CA GLU A 170 -12.87 -1.98 -10.52
C GLU A 170 -11.88 -0.83 -10.65
N THR A 171 -10.79 -1.06 -11.37
CA THR A 171 -9.77 -0.04 -11.58
C THR A 171 -9.09 -0.22 -12.92
N LYS A 172 -8.48 0.85 -13.41
CA LYS A 172 -7.78 0.83 -14.69
C LYS A 172 -6.49 1.64 -14.63
N PRO A 173 -5.53 1.34 -15.53
CA PRO A 173 -5.67 0.28 -16.54
C PRO A 173 -5.49 -1.11 -15.96
N ASP A 174 -4.50 -1.26 -15.08
CA ASP A 174 -4.23 -2.54 -14.44
C ASP A 174 -4.82 -2.60 -13.04
N LYS A 175 -4.78 -3.77 -12.42
CA LYS A 175 -5.31 -3.95 -11.08
C LYS A 175 -4.62 -3.02 -10.08
N ALA A 176 -3.30 -2.93 -10.19
CA ALA A 176 -2.52 -2.07 -9.30
C ALA A 176 -2.10 -0.79 -10.01
N VAL A 177 -2.55 0.35 -9.49
CA VAL A 177 -2.22 1.64 -10.06
C VAL A 177 -1.64 2.59 -9.01
N SER A 178 -0.86 3.56 -9.47
CA SER A 178 -0.25 4.53 -8.57
C SER A 178 -0.94 5.88 -8.69
N ILE A 179 -1.89 6.14 -7.80
CA ILE A 179 -2.63 7.40 -7.80
C ILE A 179 -1.92 8.45 -6.97
N ILE A 180 -0.97 9.15 -7.57
CA ILE A 180 -0.21 10.19 -6.89
C ILE A 180 -0.45 11.55 -7.51
N GLU A 181 -1.51 12.22 -7.06
CA GLU A 181 -1.85 13.55 -7.59
C GLU A 181 -2.15 13.48 -9.08
N CYS A 182 -3.37 13.07 -9.41
CA CYS A 182 -3.79 12.95 -10.80
C CYS A 182 -5.31 12.96 -10.92
N ASP A 183 -5.80 13.46 -12.05
CA ASP A 183 -7.25 13.52 -12.29
C ASP A 183 -7.73 12.30 -13.07
N MET A 184 -8.73 11.61 -12.54
CA MET A 184 -9.28 10.44 -13.19
C MET A 184 -10.81 10.46 -13.17
N ASN A 185 -11.43 9.50 -13.86
CA ASN A 185 -12.88 9.42 -13.93
C ASN A 185 -13.42 8.54 -12.80
N VAL A 186 -13.51 9.10 -11.60
CA VAL A 186 -14.02 8.37 -10.45
C VAL A 186 -15.51 8.11 -10.58
N ASP A 187 -15.93 6.90 -10.20
CA ASP A 187 -17.34 6.52 -10.28
C ASP A 187 -17.76 5.76 -9.02
N PHE A 188 -19.06 5.51 -8.90
CA PHE A 188 -19.60 4.79 -7.75
C PHE A 188 -20.58 3.71 -8.19
N ASP A 189 -20.43 2.52 -7.62
CA ASP A 189 -21.31 1.40 -7.96
C ASP A 189 -22.09 0.94 -6.74
N ALA A 190 -23.26 1.51 -6.54
CA ALA A 190 -24.11 1.16 -5.40
C ALA A 190 -25.05 0.01 -5.76
#